data_5JU6
#
_entry.id   5JU6
#
_cell.length_a   137.292
_cell.length_b   148.629
_cell.length_c   196.388
_cell.angle_alpha   90.000
_cell.angle_beta   90.000
_cell.angle_gamma   90.000
#
_symmetry.space_group_name_H-M   'P 21 21 21'
#
loop_
_entity.id
_entity.type
_entity.pdbx_description
1 polymer Beta-glucosidase
2 branched alpha-D-mannopyranose-(1-2)-alpha-D-mannopyranose-(1-3)-beta-D-mannopyranose-(1-4)-2-acetamido-2-deoxy-beta-D-glucopyranose-(1-4)-2-acetamido-2-deoxy-beta-D-glucopyranose
3 branched alpha-D-mannopyranose-(1-2)-alpha-D-mannopyranose-(1-2)-alpha-D-mannopyranose-(1-3)-[alpha-D-mannopyranose-(1-6)]beta-D-mannopyranose-(1-4)-2-acetamido-2-deoxy-beta-D-glucopyranose-(1-4)-2-acetamido-2-deoxy-beta-D-glucopyranose
4 branched alpha-D-mannopyranose-(1-3)-beta-D-mannopyranose-(1-4)-2-acetamido-2-deoxy-beta-D-glucopyranose-(1-4)-2-acetamido-2-deoxy-beta-D-glucopyranose
5 branched alpha-D-mannopyranose-(1-2)-alpha-D-mannopyranose-(1-6)-[alpha-D-mannopyranose-(1-3)]alpha-D-mannopyranose-(1-6)-[alpha-D-mannopyranose-(1-2)-alpha-D-mannopyranose-(1-3)]beta-D-mannopyranose-(1-4)-2-acetamido-2-deoxy-beta-D-glucopyranose-(1-4)-2-acetamido-2-deoxy-beta-D-glucopyranose
6 branched alpha-D-mannopyranose-(1-6)-beta-D-mannopyranose-(1-4)-2-acetamido-2-deoxy-beta-D-glucopyranose-(1-4)-2-acetamido-2-deoxy-beta-D-glucopyranose
7 branched alpha-D-mannopyranose-(1-2)-alpha-D-mannopyranose-(1-2)-alpha-D-mannopyranose-(1-3)-[alpha-D-mannopyranose-(1-2)-alpha-D-mannopyranose-(1-6)-alpha-D-mannopyranose-(1-6)]beta-D-mannopyranose-(1-4)-2-acetamido-2-deoxy-beta-D-glucopyranose-(1-4)-2-acetamido-2-deoxy-beta-D-glucopyranose
8 branched 2-acetamido-2-deoxy-beta-D-glucopyranose-(1-4)-2-acetamido-2-deoxy-beta-D-glucopyranose
9 branched alpha-D-mannopyranose-(1-2)-alpha-D-mannopyranose-(1-3)-[alpha-D-mannopyranose-(1-2)-alpha-D-mannopyranose-(1-6)]alpha-D-mannopyranose-(1-6)-[alpha-D-mannopyranose-(1-2)-alpha-D-mannopyranose-(1-3)]beta-D-mannopyranose-(1-4)-2-acetamido-2-deoxy-beta-D-glucopyranose-(1-4)-2-acetamido-2-deoxy-beta-D-glucopyranose
10 branched beta-D-mannopyranose-(1-3)-[alpha-D-mannopyranose-(1-6)]beta-D-mannopyranose-(1-4)-2-acetamido-2-deoxy-beta-D-glucopyranose-(1-4)-2-acetamido-2-deoxy-beta-D-glucopyranose
11 branched alpha-D-mannopyranose-(1-2)-alpha-D-mannopyranose-(1-2)-alpha-D-mannopyranose-(1-3)-[alpha-D-mannopyranose-(1-2)-alpha-D-mannopyranose-(1-6)-[alpha-D-mannopyranose-(1-3)]alpha-D-mannopyranose-(1-6)]beta-D-mannopyranose-(1-4)-2-acetamido-2-deoxy-beta-D-glucopyranose-(1-4)-2-acetamido-2-deoxy-beta-D-glucopyranose
12 branched alpha-D-mannopyranose-(1-2)-alpha-D-mannopyranose-(1-2)-alpha-D-mannopyranose-(1-3)-[alpha-D-mannopyranose-(1-2)-alpha-D-mannopyranose-(1-3)-alpha-D-mannopyranose-(1-6)]beta-D-mannopyranose-(1-4)-2-acetamido-2-deoxy-beta-D-glucopyranose-(1-4)-2-acetamido-2-deoxy-beta-D-glucopyranose
13 branched alpha-D-glucopyranose-(1-3)-alpha-D-mannopyranose-(1-2)-alpha-D-mannopyranose-(1-2)-alpha-D-mannopyranose-(1-3)-[alpha-D-mannopyranose-(1-6)]beta-D-mannopyranose-(1-4)-2-acetamido-2-deoxy-beta-D-glucopyranose-(1-4)-2-acetamido-2-deoxy-beta-D-glucopyranose
14 branched alpha-D-mannopyranose-(1-3)-[alpha-D-mannopyranose-(1-6)]beta-D-mannopyranose-(1-4)-2-acetamido-2-deoxy-beta-D-glucopyranose-(1-4)-2-acetamido-2-deoxy-beta-D-glucopyranose
15 branched beta-D-mannopyranose-(1-4)-2-acetamido-2-deoxy-beta-D-glucopyranose-(1-4)-2-acetamido-2-deoxy-beta-D-glucopyranose
16 branched alpha-D-mannopyranose-(1-2)-alpha-D-mannopyranose-(1-6)-alpha-D-mannopyranose-(1-6)-[alpha-D-mannopyranose-(1-2)-alpha-D-mannopyranose-(1-3)]beta-D-mannopyranose-(1-4)-2-acetamido-2-deoxy-beta-D-glucopyranose-(1-4)-2-acetamido-2-deoxy-beta-D-glucopyranose
17 branched alpha-D-mannopyranose-(1-2)-alpha-D-mannopyranose-(1-3)-[alpha-D-mannopyranose-(1-6)]beta-D-mannopyranose-(1-4)-2-acetamido-2-deoxy-beta-D-glucopyranose-(1-4)-2-acetamido-2-deoxy-beta-D-glucopyranose
18 non-polymer 2-acetamido-2-deoxy-beta-D-glucopyranose
19 non-polymer beta-D-glucopyranose
20 non-polymer alpha-D-mannopyranose
21 water water
#
_entity_poly.entity_id   1
_entity_poly.type   'polypeptide(L)'
_entity_poly.pdbx_seq_one_letter_code
;MRNGLLKVAALAAASAVNGENLAYSPPFYPSPWANGQGDWAEAYQKAVQFVSQLTLAEKVNLTTGTGWEQDRCVGQVGSI
PRLGFPGLCMQDSPLGVRDTDYNSAFPAGVNVAATWDRNLAYRRGVAMGEEHRGKGVDVQLGPVAGPLGRSPDAGRNWEG
FAPDPVLTGNMMASTIQGIQDAGVIACAKHFILYEQEHFRQGAQDGYDISDSISANADDKTMHELYLWPFADAVRAGVGS
VMCSYNQVNNSYACSNSYTMNKLLKSELGFQGFVMTDWGGHHSGVGSALAGLDMSMPGDIAFDSGTSFWGTNLTVAVLNG
SIPEWRVDDMAVRIMSAYYKVGRDRYSVPINFDSWTLDTYGPEHYAVGQGQTKINEHVDVRGNHAEIIHEIGAASAVLLK
NKGGLPLTGTERFVGVFGKDAGSNPWGVNGCSDRGCDNGTLAMGWGSGTANFPYLVTPEQAIQREVLSRNGTFTGITDNG
ALAEMAAAASQADTCLVFANADSGEGYITVDGNEGDRKNLTLWQGADQVIHNVSANCNNTVVVLHTVGPVLIDDWYDHPN
VTAILWAGLPGQESGNSLVDVLYGRVNPGKTPFTWGRARDDYGAPLIVKPNNGKGAPQQDFTEGIFIDYRRFDKYNITPI
YEFGFGLSYTTFEFSQLNVQPINAPPYTPASGFTKAAQSFGQPSNASDNLYPSDIERVPLYIYPWLNSTDLKASANDPDY
GLPTEKYVPPNATNGDPQPIDPAGGAPGGNPSLYEPVARVTTIITNTGKVTGDEVPQLYVSLGGPDDAPKVLRGFDRITL
APGQQYLWTTTLTRRDISNWDPVTQNWVVTNYTKTIYVGNSSRNLPLQAPLKPYPGI
;
_entity_poly.pdbx_strand_id   A,B,C,D
#
loop_
_chem_comp.id
_chem_comp.type
_chem_comp.name
_chem_comp.formula
BGC D-saccharide, beta linking beta-D-glucopyranose 'C6 H12 O6'
BMA D-saccharide, beta linking beta-D-mannopyranose 'C6 H12 O6'
GLC D-saccharide, alpha linking alpha-D-glucopyranose 'C6 H12 O6'
MAN D-saccharide, alpha linking alpha-D-mannopyranose 'C6 H12 O6'
NAG D-saccharide, beta linking 2-acetamido-2-deoxy-beta-D-glucopyranose 'C8 H15 N O6'
#
# COMPACT_ATOMS: atom_id res chain seq x y z
N ASN A 21 62.64 -17.51 17.84
CA ASN A 21 62.16 -16.09 17.79
C ASN A 21 60.86 -15.92 16.96
N LEU A 22 60.80 -16.52 15.76
CA LEU A 22 59.67 -16.34 14.79
C LEU A 22 58.66 -17.50 14.81
N ALA A 23 57.37 -17.17 14.99
CA ALA A 23 56.28 -18.16 15.10
C ALA A 23 56.28 -19.20 13.98
N TYR A 24 56.05 -20.44 14.36
CA TYR A 24 56.18 -21.58 13.48
C TYR A 24 54.85 -22.39 13.40
N SER A 25 54.48 -22.83 12.21
CA SER A 25 53.26 -23.64 12.01
C SER A 25 53.69 -25.09 11.78
N PRO A 26 53.45 -25.96 12.79
CA PRO A 26 53.91 -27.35 12.65
C PRO A 26 53.21 -28.10 11.55
N PRO A 27 53.85 -29.14 11.04
CA PRO A 27 53.28 -29.88 9.94
C PRO A 27 52.22 -30.89 10.45
N PHE A 28 51.24 -31.20 9.62
CA PHE A 28 50.31 -32.30 9.88
C PHE A 28 49.99 -32.90 8.52
N TYR A 29 50.31 -34.19 8.39
CA TYR A 29 50.13 -34.93 7.13
C TYR A 29 49.81 -36.37 7.43
N PRO A 30 49.20 -37.06 6.49
CA PRO A 30 48.70 -36.65 5.18
C PRO A 30 47.40 -35.82 5.22
N SER A 31 46.94 -35.37 4.07
CA SER A 31 45.73 -34.58 3.96
C SER A 31 44.46 -35.47 4.04
N PRO A 32 43.66 -35.33 5.12
CA PRO A 32 42.55 -36.30 5.28
C PRO A 32 41.66 -36.36 4.04
N TRP A 33 41.45 -37.57 3.60
CA TRP A 33 40.55 -37.92 2.53
C TRP A 33 39.11 -38.04 3.04
N ALA A 34 38.17 -37.74 2.16
CA ALA A 34 36.75 -37.76 2.47
C ALA A 34 36.30 -39.15 2.81
N ASN A 35 35.45 -39.25 3.82
CA ASN A 35 35.11 -40.55 4.41
C ASN A 35 33.72 -41.12 4.09
N GLY A 36 32.86 -40.41 3.33
CA GLY A 36 31.49 -40.94 3.05
C GLY A 36 30.58 -41.27 4.26
N GLN A 37 30.81 -40.64 5.39
CA GLN A 37 29.97 -40.95 6.57
C GLN A 37 28.88 -39.93 6.89
N GLY A 38 27.83 -40.40 7.55
CA GLY A 38 26.82 -39.54 8.21
C GLY A 38 25.99 -38.91 7.13
N ASP A 39 25.80 -37.58 7.25
CA ASP A 39 24.96 -36.79 6.34
C ASP A 39 25.60 -36.60 4.97
N TRP A 40 26.86 -36.98 4.81
CA TRP A 40 27.56 -36.85 3.53
C TRP A 40 27.58 -38.13 2.68
N ALA A 41 26.91 -39.19 3.15
CA ALA A 41 27.06 -40.51 2.54
C ALA A 41 26.50 -40.53 1.11
N GLU A 42 25.29 -40.00 0.88
CA GLU A 42 24.69 -40.00 -0.48
C GLU A 42 25.50 -39.13 -1.47
N ALA A 43 25.98 -38.00 -0.99
CA ALA A 43 26.69 -37.06 -1.82
C ALA A 43 28.07 -37.58 -2.14
N TYR A 44 28.70 -38.22 -1.18
CA TYR A 44 29.98 -38.85 -1.44
C TYR A 44 29.89 -39.94 -2.50
N GLN A 45 28.87 -40.78 -2.39
CA GLN A 45 28.66 -41.86 -3.36
C GLN A 45 28.47 -41.33 -4.80
N LYS A 46 27.67 -40.27 -4.96
CA LYS A 46 27.49 -39.65 -6.28
C LYS A 46 28.78 -39.02 -6.77
N ALA A 47 29.52 -38.36 -5.87
CA ALA A 47 30.81 -37.78 -6.24
C ALA A 47 31.79 -38.85 -6.76
N VAL A 48 31.85 -39.97 -6.02
CA VAL A 48 32.75 -41.06 -6.41
C VAL A 48 32.41 -41.65 -7.78
N GLN A 49 31.12 -41.82 -8.03
CA GLN A 49 30.63 -42.40 -9.24
C GLN A 49 30.93 -41.47 -10.41
N PHE A 50 30.86 -40.15 -10.15
CA PHE A 50 31.20 -39.15 -11.14
C PHE A 50 32.72 -39.12 -11.42
N VAL A 51 33.51 -38.96 -10.37
CA VAL A 51 34.99 -38.81 -10.50
C VAL A 51 35.64 -40.10 -11.00
N SER A 52 35.02 -41.24 -10.67
CA SER A 52 35.49 -42.57 -11.19
C SER A 52 35.52 -42.65 -12.68
N GLN A 53 34.67 -41.90 -13.34
CA GLN A 53 34.65 -41.89 -14.78
C GLN A 53 35.69 -40.98 -15.40
N LEU A 54 36.42 -40.20 -14.60
CA LEU A 54 37.19 -39.11 -15.15
C LEU A 54 38.62 -39.47 -15.53
N THR A 55 39.16 -38.76 -16.52
CA THR A 55 40.60 -38.82 -16.86
C THR A 55 41.32 -37.90 -15.88
N LEU A 56 42.64 -38.01 -15.81
CA LEU A 56 43.44 -37.06 -15.02
C LEU A 56 43.21 -35.59 -15.42
N ALA A 57 43.18 -35.32 -16.71
CA ALA A 57 43.02 -33.95 -17.20
C ALA A 57 41.67 -33.33 -16.80
N GLU A 58 40.58 -34.09 -16.96
CA GLU A 58 39.26 -33.68 -16.48
C GLU A 58 39.21 -33.43 -14.93
N LYS A 59 39.82 -34.33 -14.16
CA LYS A 59 39.95 -34.11 -12.73
C LYS A 59 40.70 -32.81 -12.45
N VAL A 60 41.78 -32.53 -13.17
CA VAL A 60 42.56 -31.30 -12.90
C VAL A 60 41.73 -30.04 -13.21
N ASN A 61 40.82 -30.17 -14.17
CA ASN A 61 39.91 -29.06 -14.49
C ASN A 61 39.01 -28.67 -13.36
N LEU A 62 38.52 -29.62 -12.58
CA LEU A 62 37.69 -29.27 -11.41
C LEU A 62 38.50 -28.47 -10.37
N THR A 63 39.79 -28.66 -10.33
CA THR A 63 40.61 -28.02 -9.29
C THR A 63 41.11 -26.62 -9.57
N THR A 64 41.14 -26.24 -10.84
CA THR A 64 41.96 -25.09 -11.23
C THR A 64 41.08 -24.15 -11.97
N GLY A 65 41.09 -22.90 -11.56
CA GLY A 65 40.34 -21.89 -12.28
C GLY A 65 40.97 -21.61 -13.63
N THR A 66 40.21 -21.01 -14.56
CA THR A 66 40.69 -20.88 -15.92
C THR A 66 41.49 -19.58 -16.17
N GLY A 67 41.79 -18.79 -15.12
CA GLY A 67 42.52 -17.54 -15.23
C GLY A 67 41.61 -16.34 -14.95
N TRP A 68 42.20 -15.25 -14.44
CA TRP A 68 41.45 -14.00 -14.14
C TRP A 68 40.70 -13.46 -15.37
N GLU A 69 39.40 -13.22 -15.20
CA GLU A 69 38.56 -12.66 -16.28
C GLU A 69 38.58 -13.49 -17.58
N GLN A 70 38.74 -14.80 -17.46
CA GLN A 70 38.76 -15.66 -18.66
C GLN A 70 37.44 -16.28 -18.99
N ASP A 71 36.50 -16.28 -18.06
CA ASP A 71 35.17 -16.75 -18.41
C ASP A 71 34.16 -15.74 -17.84
N ARG A 72 33.05 -16.20 -17.31
CA ARG A 72 31.93 -15.34 -17.01
C ARG A 72 31.83 -15.00 -15.56
N CYS A 73 32.14 -15.94 -14.66
CA CYS A 73 32.04 -15.68 -13.23
C CYS A 73 33.36 -15.20 -12.63
N VAL A 74 33.29 -14.61 -11.45
CA VAL A 74 34.46 -14.11 -10.74
C VAL A 74 35.53 -15.19 -10.58
N GLY A 75 35.07 -16.40 -10.28
CA GLY A 75 35.87 -17.60 -10.38
C GLY A 75 35.19 -18.65 -11.22
N GLN A 76 35.95 -19.35 -12.04
CA GLN A 76 35.41 -20.40 -12.87
C GLN A 76 36.46 -21.48 -13.21
N VAL A 77 36.10 -22.71 -12.91
CA VAL A 77 36.96 -23.83 -13.24
C VAL A 77 36.50 -24.28 -14.61
N GLY A 78 37.32 -25.08 -15.27
CA GLY A 78 37.01 -25.59 -16.59
C GLY A 78 35.89 -26.59 -16.64
N SER A 79 35.48 -26.90 -17.85
CA SER A 79 34.42 -27.87 -18.09
C SER A 79 34.92 -29.31 -18.23
N ILE A 80 33.98 -30.24 -18.30
CA ILE A 80 34.21 -31.62 -18.65
C ILE A 80 33.23 -31.98 -19.76
N PRO A 81 33.55 -31.54 -21.01
CA PRO A 81 32.60 -31.68 -22.15
C PRO A 81 32.28 -33.09 -22.53
N ARG A 82 33.15 -34.04 -22.22
CA ARG A 82 32.87 -35.41 -22.55
C ARG A 82 31.61 -35.91 -21.83
N LEU A 83 31.35 -35.43 -20.60
CA LEU A 83 30.16 -35.82 -19.82
C LEU A 83 29.07 -34.74 -19.75
N GLY A 84 29.20 -33.69 -20.56
CA GLY A 84 28.22 -32.62 -20.57
C GLY A 84 28.17 -31.81 -19.30
N PHE A 85 29.33 -31.62 -18.68
CA PHE A 85 29.46 -30.89 -17.46
C PHE A 85 30.05 -29.52 -17.71
N PRO A 86 29.35 -28.42 -17.35
CA PRO A 86 29.83 -27.08 -17.75
C PRO A 86 30.92 -26.45 -16.89
N GLY A 87 31.29 -27.13 -15.82
CA GLY A 87 32.26 -26.57 -14.89
C GLY A 87 31.46 -25.98 -13.76
N LEU A 88 32.14 -25.19 -12.93
CA LEU A 88 31.52 -24.54 -11.80
C LEU A 88 31.83 -23.06 -11.85
N CYS A 89 30.85 -22.28 -11.39
CA CYS A 89 30.87 -20.83 -11.32
C CYS A 89 30.86 -20.41 -9.87
N MET A 90 31.93 -19.75 -9.42
CA MET A 90 32.05 -19.15 -8.12
C MET A 90 31.72 -17.62 -8.23
N GLN A 91 30.70 -17.12 -7.54
CA GLN A 91 30.35 -15.69 -7.56
C GLN A 91 30.22 -15.08 -6.14
N ASP A 92 30.91 -13.97 -5.94
CA ASP A 92 30.57 -13.08 -4.87
C ASP A 92 29.08 -12.70 -4.83
N SER A 93 28.50 -12.33 -3.69
CA SER A 93 29.19 -11.99 -2.47
C SER A 93 28.38 -12.55 -1.28
N PRO A 94 28.74 -12.18 -0.06
CA PRO A 94 27.90 -12.58 1.08
C PRO A 94 26.53 -11.94 1.21
N LEU A 95 26.28 -10.87 0.47
CA LEU A 95 25.02 -10.12 0.55
C LEU A 95 24.29 -9.98 -0.79
N GLY A 96 24.59 -10.84 -1.75
CA GLY A 96 23.85 -10.86 -2.99
C GLY A 96 24.79 -11.30 -4.11
N VAL A 97 24.29 -11.24 -5.35
CA VAL A 97 25.08 -11.59 -6.55
C VAL A 97 25.84 -10.35 -7.01
N ARG A 98 27.14 -10.41 -6.92
CA ARG A 98 28.02 -9.30 -7.31
C ARG A 98 28.09 -9.12 -8.85
N ASP A 99 28.30 -7.87 -9.31
CA ASP A 99 28.60 -7.53 -10.74
C ASP A 99 27.57 -8.05 -11.75
N THR A 100 26.31 -7.95 -11.41
CA THR A 100 25.31 -8.17 -12.43
C THR A 100 24.16 -7.17 -12.24
N ASP A 101 23.01 -7.57 -12.76
CA ASP A 101 21.84 -6.73 -12.89
C ASP A 101 20.57 -7.54 -12.58
N TYR A 102 19.52 -6.78 -12.27
CA TYR A 102 18.25 -7.34 -11.88
C TYR A 102 18.41 -8.33 -10.71
N ASN A 103 19.23 -7.91 -9.72
CA ASN A 103 19.40 -8.59 -8.45
C ASN A 103 19.10 -7.66 -7.28
N SER A 104 19.02 -8.23 -6.08
CA SER A 104 18.65 -7.53 -4.86
C SER A 104 19.92 -7.25 -4.10
N ALA A 105 19.89 -6.22 -3.27
CA ALA A 105 21.03 -5.87 -2.46
C ALA A 105 20.58 -6.01 -1.01
N PHE A 106 21.05 -7.06 -0.37
CA PHE A 106 20.57 -7.46 0.97
C PHE A 106 21.33 -6.68 2.00
N PRO A 107 20.80 -6.63 3.26
CA PRO A 107 21.59 -6.03 4.35
C PRO A 107 22.87 -6.78 4.66
N ALA A 108 23.81 -6.07 5.26
CA ALA A 108 25.09 -6.62 5.57
C ALA A 108 25.01 -7.60 6.75
N GLY A 109 25.97 -8.53 6.79
CA GLY A 109 26.02 -9.52 7.85
C GLY A 109 25.93 -8.88 9.21
N VAL A 110 26.59 -7.75 9.41
CA VAL A 110 26.49 -7.12 10.74
C VAL A 110 25.06 -6.79 11.19
N ASN A 111 24.20 -6.46 10.24
CA ASN A 111 22.78 -6.25 10.50
C ASN A 111 22.06 -7.55 10.82
N VAL A 112 22.41 -8.61 10.13
CA VAL A 112 21.83 -9.91 10.43
C VAL A 112 22.15 -10.25 11.89
N ALA A 113 23.39 -10.05 12.28
CA ALA A 113 23.81 -10.27 13.67
C ALA A 113 23.00 -9.45 14.65
N ALA A 114 22.74 -8.21 14.29
CA ALA A 114 21.97 -7.31 15.13
C ALA A 114 20.50 -7.71 15.27
N THR A 115 19.95 -8.49 14.34
CA THR A 115 18.61 -9.02 14.56
C THR A 115 18.55 -10.03 15.73
N TRP A 116 19.64 -10.79 15.95
CA TRP A 116 19.65 -11.93 16.86
C TRP A 116 18.55 -12.97 16.53
N ASP A 117 18.15 -13.03 15.26
CA ASP A 117 17.05 -13.90 14.80
C ASP A 117 17.57 -14.88 13.76
N ARG A 118 17.76 -16.12 14.17
CA ARG A 118 18.20 -17.17 13.30
C ARG A 118 17.27 -17.35 12.13
N ASN A 119 15.97 -17.24 12.34
CA ASN A 119 15.08 -17.56 11.23
C ASN A 119 15.16 -16.46 10.12
N LEU A 120 15.40 -15.20 10.50
CA LEU A 120 15.63 -14.15 9.48
C LEU A 120 16.94 -14.39 8.73
N ALA A 121 17.96 -14.87 9.43
CA ALA A 121 19.23 -15.21 8.82
C ALA A 121 18.98 -16.32 7.81
N TYR A 122 18.23 -17.34 8.25
CA TYR A 122 17.86 -18.42 7.35
C TYR A 122 17.15 -17.90 6.11
N ARG A 123 16.19 -17.02 6.28
CA ARG A 123 15.37 -16.56 5.17
C ARG A 123 16.17 -15.71 4.17
N ARG A 124 17.16 -14.97 4.69
CA ARG A 124 18.04 -14.23 3.82
C ARG A 124 18.91 -15.15 3.02
N GLY A 125 19.41 -16.19 3.64
CA GLY A 125 20.11 -17.20 2.94
C GLY A 125 19.33 -17.84 1.83
N VAL A 126 18.14 -18.37 2.10
CA VAL A 126 17.31 -18.90 1.03
C VAL A 126 17.21 -17.88 -0.12
N ALA A 127 16.93 -16.61 0.23
CA ALA A 127 16.74 -15.58 -0.77
C ALA A 127 18.01 -15.33 -1.60
N MET A 128 19.17 -15.26 -0.96
CA MET A 128 20.41 -15.08 -1.70
C MET A 128 20.71 -16.26 -2.59
N GLY A 129 20.59 -17.46 -2.06
CA GLY A 129 20.80 -18.67 -2.86
C GLY A 129 19.86 -18.70 -4.04
N GLU A 130 18.63 -18.23 -3.85
CA GLU A 130 17.70 -18.23 -4.96
C GLU A 130 18.22 -17.31 -6.13
N GLU A 131 18.84 -16.18 -5.79
CA GLU A 131 19.33 -15.25 -6.83
C GLU A 131 20.59 -15.80 -7.53
N HIS A 132 21.53 -16.25 -6.73
CA HIS A 132 22.61 -17.06 -7.27
C HIS A 132 22.13 -18.20 -8.15
N ARG A 133 21.18 -18.97 -7.70
CA ARG A 133 20.65 -20.06 -8.51
C ARG A 133 20.14 -19.58 -9.85
N GLY A 134 19.34 -18.51 -9.88
CA GLY A 134 18.69 -18.06 -11.10
C GLY A 134 19.66 -17.41 -12.07
N LYS A 135 20.80 -16.92 -11.58
CA LYS A 135 21.94 -16.50 -12.43
C LYS A 135 22.87 -17.64 -12.95
N GLY A 136 22.64 -18.87 -12.53
CA GLY A 136 23.46 -19.99 -12.93
C GLY A 136 24.70 -20.23 -12.11
N VAL A 137 24.77 -19.63 -10.93
CA VAL A 137 25.94 -19.68 -10.04
C VAL A 137 25.90 -21.01 -9.26
N ASP A 138 27.05 -21.66 -9.13
CA ASP A 138 27.24 -22.91 -8.34
C ASP A 138 27.66 -22.67 -6.91
N VAL A 139 28.58 -21.74 -6.68
CA VAL A 139 29.04 -21.42 -5.32
C VAL A 139 28.91 -19.92 -5.01
N GLN A 140 28.23 -19.60 -3.89
CA GLN A 140 28.14 -18.24 -3.43
C GLN A 140 29.28 -18.04 -2.41
N LEU A 141 30.12 -17.05 -2.64
CA LEU A 141 31.30 -16.81 -1.81
C LEU A 141 30.98 -16.09 -0.52
N GLY A 142 30.30 -16.81 0.35
CA GLY A 142 30.01 -16.38 1.72
C GLY A 142 29.11 -17.43 2.36
N PRO A 143 28.81 -17.29 3.65
CA PRO A 143 29.05 -16.15 4.50
C PRO A 143 30.44 -16.04 5.14
N VAL A 144 30.66 -14.93 5.84
CA VAL A 144 31.93 -14.62 6.53
C VAL A 144 31.94 -14.85 8.07
N ALA A 145 32.71 -15.85 8.52
CA ALA A 145 33.16 -16.00 9.90
C ALA A 145 34.58 -15.43 10.24
N GLY A 146 35.37 -15.10 9.21
CA GLY A 146 36.70 -14.48 9.39
C GLY A 146 36.89 -13.38 8.34
N PRO A 147 36.95 -12.10 8.77
CA PRO A 147 37.14 -11.61 10.14
C PRO A 147 36.00 -11.91 11.08
N LEU A 148 36.33 -12.23 12.34
CA LEU A 148 35.39 -12.34 13.44
C LEU A 148 35.09 -10.98 14.07
N GLY A 149 36.15 -10.20 14.25
CA GLY A 149 36.02 -8.83 14.74
C GLY A 149 37.08 -8.46 15.75
N ARG A 150 38.31 -8.92 15.53
CA ARG A 150 39.35 -8.73 16.52
C ARG A 150 39.47 -7.25 16.84
N SER A 151 39.61 -6.45 15.77
CA SER A 151 39.77 -4.98 15.87
C SER A 151 38.55 -4.24 15.28
N PRO A 152 37.96 -3.29 16.05
CA PRO A 152 36.73 -2.64 15.58
C PRO A 152 36.89 -1.86 14.24
N ASP A 153 38.11 -1.42 13.97
CA ASP A 153 38.45 -0.62 12.82
C ASP A 153 38.91 -1.45 11.58
N ALA A 154 38.94 -2.75 11.66
CA ALA A 154 39.32 -3.52 10.49
C ALA A 154 38.22 -3.39 9.43
N GLY A 155 38.65 -3.36 8.19
CA GLY A 155 37.80 -2.89 7.14
C GLY A 155 36.65 -3.78 6.70
N ARG A 156 36.67 -5.05 7.05
CA ARG A 156 35.71 -5.99 6.50
C ARG A 156 34.79 -6.61 7.47
N ASN A 157 34.87 -6.17 8.74
CA ASN A 157 34.03 -6.73 9.84
C ASN A 157 32.56 -6.66 9.56
N TRP A 158 32.08 -5.58 8.89
CA TRP A 158 30.66 -5.52 8.47
C TRP A 158 30.18 -6.69 7.57
N GLU A 159 31.08 -7.36 6.86
CA GLU A 159 30.70 -8.49 6.01
C GLU A 159 30.40 -9.66 6.82
N GLY A 160 31.08 -9.77 7.95
CA GLY A 160 30.85 -10.85 8.89
C GLY A 160 29.68 -10.54 9.81
N PHE A 161 29.70 -11.11 11.00
CA PHE A 161 28.59 -11.01 11.89
C PHE A 161 28.94 -10.24 13.17
N ALA A 162 29.75 -10.80 14.03
CA ALA A 162 29.94 -10.22 15.36
C ALA A 162 31.21 -10.73 15.99
N PRO A 163 31.80 -9.97 16.94
CA PRO A 163 33.06 -10.39 17.57
C PRO A 163 32.81 -11.40 18.69
N ASP A 164 32.04 -12.44 18.39
CA ASP A 164 31.65 -13.41 19.37
C ASP A 164 31.36 -14.70 18.64
N PRO A 165 32.03 -15.78 19.08
CA PRO A 165 31.99 -16.99 18.29
C PRO A 165 30.59 -17.65 18.26
N VAL A 166 29.82 -17.53 19.35
CA VAL A 166 28.51 -18.16 19.45
C VAL A 166 27.47 -17.46 18.57
N LEU A 167 27.45 -16.13 18.63
CA LEU A 167 26.51 -15.34 17.87
C LEU A 167 26.77 -15.50 16.38
N THR A 168 28.06 -15.39 16.03
CA THR A 168 28.51 -15.57 14.64
C THR A 168 28.33 -16.99 14.17
N GLY A 169 28.61 -17.94 15.04
CA GLY A 169 28.49 -19.30 14.67
C GLY A 169 27.06 -19.69 14.33
N ASN A 170 26.14 -19.25 15.17
CA ASN A 170 24.72 -19.52 14.92
C ASN A 170 24.22 -18.86 13.62
N MET A 171 24.64 -17.63 13.37
CA MET A 171 24.29 -16.92 12.14
C MET A 171 24.92 -17.54 10.90
N MET A 172 26.19 -17.98 10.99
CA MET A 172 26.81 -18.78 9.89
C MET A 172 25.96 -20.01 9.53
N ALA A 173 25.61 -20.81 10.54
CA ALA A 173 24.87 -22.04 10.30
C ALA A 173 23.55 -21.75 9.64
N SER A 174 22.76 -20.85 10.24
CA SER A 174 21.45 -20.45 9.71
C SER A 174 21.57 -19.95 8.29
N THR A 175 22.55 -19.07 8.06
CA THR A 175 22.79 -18.55 6.69
C THR A 175 23.19 -19.61 5.70
N ILE A 176 24.14 -20.45 6.08
CA ILE A 176 24.56 -21.53 5.18
C ILE A 176 23.39 -22.46 4.82
N GLN A 177 22.55 -22.76 5.80
CA GLN A 177 21.44 -23.69 5.53
C GLN A 177 20.46 -23.13 4.51
N GLY A 178 20.15 -21.84 4.67
CA GLY A 178 19.32 -21.15 3.77
C GLY A 178 19.88 -21.24 2.38
N ILE A 179 21.13 -20.81 2.22
CA ILE A 179 21.76 -20.79 0.93
C ILE A 179 21.66 -22.14 0.29
N GLN A 180 22.10 -23.17 1.02
CA GLN A 180 22.23 -24.48 0.46
C GLN A 180 20.91 -25.19 0.27
N ASP A 181 19.90 -24.81 1.06
CA ASP A 181 18.53 -25.27 0.84
C ASP A 181 17.98 -24.67 -0.43
N ALA A 182 18.54 -23.55 -0.86
CA ALA A 182 18.11 -22.99 -2.13
C ALA A 182 18.92 -23.52 -3.29
N GLY A 183 19.77 -24.52 -3.08
CA GLY A 183 20.39 -25.24 -4.21
C GLY A 183 21.71 -24.67 -4.67
N VAL A 184 22.41 -23.98 -3.78
CA VAL A 184 23.68 -23.31 -4.12
C VAL A 184 24.63 -23.70 -3.02
N ILE A 185 25.86 -24.06 -3.37
CA ILE A 185 26.91 -24.38 -2.41
C ILE A 185 27.31 -23.11 -1.71
N ALA A 186 27.40 -23.14 -0.39
CA ALA A 186 27.91 -22.00 0.35
C ALA A 186 29.41 -22.12 0.50
N CYS A 187 30.03 -21.02 0.92
CA CYS A 187 31.50 -20.96 1.09
C CYS A 187 31.84 -20.10 2.28
N ALA A 188 32.17 -20.76 3.39
CA ALA A 188 32.55 -20.10 4.62
C ALA A 188 33.95 -19.54 4.46
N LYS A 189 34.09 -18.23 4.69
CA LYS A 189 35.36 -17.56 4.55
C LYS A 189 35.58 -16.60 5.67
N HIS A 190 36.79 -16.13 5.94
CA HIS A 190 38.05 -16.47 5.29
C HIS A 190 38.87 -17.23 6.35
N PHE A 191 39.29 -18.45 5.99
CA PHE A 191 39.89 -19.39 6.94
C PHE A 191 41.43 -19.23 6.92
N ILE A 192 42.08 -18.62 7.90
CA ILE A 192 41.55 -18.12 9.16
C ILE A 192 42.55 -17.07 9.75
N LEU A 193 42.08 -16.35 10.77
CA LEU A 193 42.80 -15.28 11.45
C LEU A 193 43.05 -14.11 10.53
N TYR A 194 42.10 -13.90 9.60
CA TYR A 194 42.11 -12.78 8.65
C TYR A 194 41.33 -11.63 9.26
N GLU A 195 42.00 -10.84 10.06
CA GLU A 195 41.40 -9.87 10.95
C GLU A 195 41.84 -8.45 10.70
N GLN A 196 42.50 -8.20 9.56
CA GLN A 196 42.72 -6.82 9.12
C GLN A 196 43.14 -6.82 7.68
N GLU A 197 42.93 -5.70 7.02
CA GLU A 197 43.31 -5.52 5.62
C GLU A 197 44.75 -5.11 5.38
N HIS A 198 45.34 -4.30 6.26
CA HIS A 198 46.71 -3.81 5.94
C HIS A 198 47.68 -4.99 5.91
N PHE A 199 48.38 -5.09 4.79
CA PHE A 199 49.45 -6.07 4.54
C PHE A 199 48.93 -7.47 4.31
N ARG A 200 47.68 -7.62 3.89
CA ARG A 200 47.09 -8.92 3.65
C ARG A 200 47.67 -9.61 2.43
N GLN A 201 48.16 -8.84 1.46
CA GLN A 201 48.92 -9.40 0.33
C GLN A 201 50.33 -8.80 0.29
N GLY A 202 50.85 -8.50 1.47
CA GLY A 202 52.21 -7.99 1.63
C GLY A 202 52.34 -6.53 1.30
N ALA A 203 53.21 -6.23 0.35
CA ALA A 203 53.66 -4.83 0.09
C ALA A 203 52.54 -3.91 -0.35
N GLN A 204 52.56 -2.75 0.29
CA GLN A 204 51.62 -1.67 0.05
C GLN A 204 52.25 -0.40 0.67
N ASP A 205 51.72 0.78 0.32
CA ASP A 205 52.16 2.09 0.91
C ASP A 205 53.65 2.41 0.78
N GLY A 206 54.27 1.91 -0.28
CA GLY A 206 55.69 2.07 -0.47
C GLY A 206 56.60 1.20 0.38
N TYR A 207 56.05 0.45 1.35
CA TYR A 207 56.88 -0.45 2.17
C TYR A 207 57.15 -1.68 1.34
N ASP A 208 58.40 -2.17 1.36
CA ASP A 208 58.72 -3.43 0.64
C ASP A 208 58.87 -4.55 1.68
N ILE A 209 57.91 -5.47 1.64
CA ILE A 209 57.91 -6.59 2.55
C ILE A 209 57.75 -7.80 1.69
N SER A 210 58.36 -8.90 2.11
CA SER A 210 58.52 -10.06 1.24
C SER A 210 57.23 -10.86 1.18
N ASP A 211 56.40 -10.71 2.21
CA ASP A 211 55.28 -11.62 2.41
C ASP A 211 54.17 -10.95 3.21
N SER A 212 52.96 -11.45 2.98
CA SER A 212 51.77 -11.07 3.75
C SER A 212 51.96 -11.15 5.27
N ILE A 213 51.27 -10.26 5.96
CA ILE A 213 51.14 -10.30 7.40
C ILE A 213 50.86 -11.72 7.92
N SER A 214 51.34 -11.99 9.11
CA SER A 214 51.22 -13.26 9.74
C SER A 214 50.51 -13.09 11.07
N ALA A 215 49.32 -13.71 11.13
CA ALA A 215 48.58 -13.84 12.34
C ALA A 215 49.10 -15.01 13.20
N ASN A 216 49.46 -14.71 14.44
CA ASN A 216 50.10 -15.70 15.32
C ASN A 216 49.23 -15.91 16.55
N ALA A 217 48.53 -17.01 16.63
CA ALA A 217 47.71 -17.22 17.80
C ALA A 217 48.02 -18.57 18.41
N ASP A 218 47.72 -18.69 19.69
CA ASP A 218 47.93 -19.92 20.37
C ASP A 218 46.74 -20.87 20.18
N ASP A 219 46.95 -22.12 20.54
CA ASP A 219 46.06 -23.18 20.19
C ASP A 219 44.71 -23.04 20.91
N LYS A 220 44.72 -22.55 22.14
CA LYS A 220 43.48 -22.29 22.90
C LYS A 220 42.69 -21.10 22.31
N THR A 221 43.40 -20.01 22.06
CA THR A 221 42.76 -18.87 21.46
C THR A 221 42.14 -19.23 20.13
N MET A 222 42.85 -19.98 19.30
CA MET A 222 42.31 -20.45 18.05
C MET A 222 41.00 -21.22 18.26
N HIS A 223 41.01 -22.13 19.22
CA HIS A 223 39.89 -23.04 19.50
C HIS A 223 38.65 -22.39 20.17
N GLU A 224 38.88 -21.58 21.20
CA GLU A 224 37.77 -20.97 21.93
C GLU A 224 37.15 -19.75 21.25
N LEU A 225 37.76 -19.24 20.17
CA LEU A 225 37.31 -17.99 19.51
C LEU A 225 37.21 -18.16 18.00
N TYR A 226 38.32 -18.11 17.28
CA TYR A 226 38.26 -17.96 15.81
C TYR A 226 37.74 -19.18 15.04
N LEU A 227 38.07 -20.39 15.49
CA LEU A 227 37.73 -21.59 14.77
C LEU A 227 36.27 -22.07 15.07
N TRP A 228 35.78 -21.73 16.26
CA TRP A 228 34.44 -22.15 16.73
C TRP A 228 33.31 -21.85 15.71
N PRO A 229 33.20 -20.61 15.22
CA PRO A 229 32.17 -20.41 14.18
C PRO A 229 32.42 -21.19 12.88
N PHE A 230 33.65 -21.54 12.58
CA PHE A 230 33.87 -22.48 11.50
C PHE A 230 33.36 -23.89 11.76
N ALA A 231 33.45 -24.33 13.01
CA ALA A 231 32.94 -25.65 13.35
C ALA A 231 31.44 -25.68 13.14
N ASP A 232 30.76 -24.60 13.55
CA ASP A 232 29.30 -24.44 13.32
C ASP A 232 28.98 -24.48 11.83
N ALA A 233 29.77 -23.76 11.03
CA ALA A 233 29.62 -23.77 9.57
C ALA A 233 29.73 -25.18 9.04
N VAL A 234 30.77 -25.88 9.45
CA VAL A 234 31.01 -27.22 8.95
C VAL A 234 29.91 -28.16 9.42
N ARG A 235 29.55 -28.06 10.70
CA ARG A 235 28.46 -28.85 11.27
C ARG A 235 27.11 -28.61 10.59
N ALA A 236 26.96 -27.41 10.03
CA ALA A 236 25.75 -27.10 9.30
C ALA A 236 25.71 -27.61 7.89
N GLY A 237 26.77 -28.23 7.40
CA GLY A 237 26.76 -28.80 6.05
C GLY A 237 27.45 -27.98 5.01
N VAL A 238 28.23 -26.98 5.44
CA VAL A 238 28.82 -26.05 4.46
C VAL A 238 29.63 -26.84 3.44
N GLY A 239 29.43 -26.55 2.16
CA GLY A 239 30.07 -27.28 1.07
C GLY A 239 31.51 -26.90 0.74
N SER A 240 31.89 -25.65 1.07
CA SER A 240 33.25 -25.17 0.81
C SER A 240 33.73 -24.16 1.80
N VAL A 241 35.06 -23.98 1.86
CA VAL A 241 35.70 -23.06 2.77
C VAL A 241 36.76 -22.34 1.95
N MET A 242 36.90 -21.04 2.13
CA MET A 242 37.90 -20.28 1.43
C MET A 242 38.95 -19.93 2.45
N CYS A 243 40.20 -20.30 2.13
CA CYS A 243 41.36 -19.99 2.95
C CYS A 243 41.82 -18.55 2.66
N SER A 244 42.51 -17.92 3.60
CA SER A 244 42.71 -16.48 3.53
C SER A 244 44.03 -16.02 2.87
N TYR A 245 44.19 -14.72 2.75
CA TYR A 245 45.40 -14.09 2.19
C TYR A 245 46.60 -14.07 3.12
N ASN A 246 46.33 -13.87 4.40
CA ASN A 246 47.35 -13.80 5.44
C ASN A 246 47.99 -15.15 5.70
N GLN A 247 49.13 -15.07 6.34
CA GLN A 247 49.82 -16.17 6.94
C GLN A 247 49.35 -16.43 8.39
N VAL A 248 49.54 -17.68 8.82
CA VAL A 248 49.25 -18.13 10.15
C VAL A 248 50.51 -18.81 10.66
N ASN A 249 51.06 -18.28 11.74
CA ASN A 249 52.41 -18.63 12.20
C ASN A 249 53.39 -18.83 11.01
N ASN A 250 53.42 -17.85 10.12
CA ASN A 250 54.31 -17.83 8.97
C ASN A 250 54.26 -18.98 8.01
N SER A 251 53.05 -19.52 7.83
CA SER A 251 52.74 -20.34 6.66
C SER A 251 51.42 -19.73 6.12
N TYR A 252 51.41 -19.38 4.83
CA TYR A 252 50.22 -18.86 4.16
C TYR A 252 49.02 -19.75 4.44
N ALA A 253 47.88 -19.16 4.78
CA ALA A 253 46.64 -19.95 5.05
C ALA A 253 46.30 -20.93 3.93
N CYS A 254 46.54 -20.57 2.67
CA CYS A 254 46.22 -21.55 1.61
C CYS A 254 47.34 -22.57 1.36
N SER A 255 48.39 -22.48 2.19
CA SER A 255 49.49 -23.43 2.19
C SER A 255 49.70 -24.11 3.59
N ASN A 256 48.77 -23.86 4.53
CA ASN A 256 48.99 -24.17 5.94
C ASN A 256 48.42 -25.54 6.25
N SER A 257 49.29 -26.53 6.48
CA SER A 257 48.82 -27.89 6.74
C SER A 257 48.14 -28.02 8.10
N TYR A 258 48.59 -27.25 9.08
CA TYR A 258 47.93 -27.30 10.38
C TYR A 258 46.48 -26.82 10.35
N THR A 259 46.21 -25.64 9.76
CA THR A 259 44.83 -25.16 9.68
C THR A 259 43.96 -26.03 8.73
N MET A 260 44.42 -26.37 7.53
CA MET A 260 43.59 -27.13 6.56
C MET A 260 43.55 -28.65 6.78
N ASN A 261 44.67 -29.27 7.09
CA ASN A 261 44.66 -30.70 7.37
C ASN A 261 44.23 -31.01 8.78
N LYS A 262 44.83 -30.38 9.77
CA LYS A 262 44.58 -30.76 11.13
C LYS A 262 43.29 -30.14 11.62
N LEU A 263 43.20 -28.82 11.60
CA LEU A 263 42.05 -28.12 12.18
C LEU A 263 40.76 -28.35 11.39
N LEU A 264 40.81 -28.14 10.07
CA LEU A 264 39.55 -28.20 9.31
C LEU A 264 39.14 -29.63 8.93
N LYS A 265 40.07 -30.41 8.40
CA LYS A 265 39.75 -31.69 7.85
C LYS A 265 39.83 -32.84 8.85
N SER A 266 40.76 -32.80 9.80
CA SER A 266 40.87 -33.85 10.82
C SER A 266 39.97 -33.61 12.05
N GLU A 267 40.22 -32.53 12.77
CA GLU A 267 39.44 -32.21 13.98
C GLU A 267 37.98 -31.84 13.65
N LEU A 268 37.71 -30.90 12.72
CA LEU A 268 36.33 -30.52 12.40
C LEU A 268 35.57 -31.47 11.44
N GLY A 269 36.27 -32.48 10.93
CA GLY A 269 35.70 -33.44 10.03
C GLY A 269 35.16 -32.90 8.73
N PHE A 270 35.70 -31.79 8.21
CA PHE A 270 35.12 -31.19 7.02
C PHE A 270 35.20 -32.09 5.79
N GLN A 271 34.09 -32.25 5.09
CA GLN A 271 33.97 -33.19 3.99
C GLN A 271 33.85 -32.54 2.60
N GLY A 272 33.66 -31.21 2.57
CA GLY A 272 33.68 -30.42 1.34
C GLY A 272 35.10 -30.04 0.94
N PHE A 273 35.17 -29.02 0.08
CA PHE A 273 36.41 -28.52 -0.54
C PHE A 273 36.86 -27.13 -0.05
N VAL A 274 38.18 -26.91 -0.07
CA VAL A 274 38.81 -25.63 0.28
C VAL A 274 39.33 -24.91 -0.98
N MET A 275 38.84 -23.68 -1.24
CA MET A 275 39.33 -22.87 -2.34
C MET A 275 40.24 -21.75 -1.83
N THR A 276 41.09 -21.26 -2.71
CA THR A 276 41.92 -20.09 -2.36
C THR A 276 41.11 -18.82 -2.47
N ASP A 277 41.43 -17.87 -1.61
CA ASP A 277 41.14 -16.48 -1.94
C ASP A 277 41.91 -16.09 -3.24
N TRP A 278 41.49 -15.01 -3.89
CA TRP A 278 41.89 -14.71 -5.29
C TRP A 278 43.34 -14.17 -5.33
N GLY A 279 44.31 -15.02 -5.70
CA GLY A 279 45.74 -14.69 -5.48
C GLY A 279 46.31 -15.18 -4.14
N GLY A 280 45.55 -15.98 -3.41
CA GLY A 280 45.99 -16.53 -2.12
C GLY A 280 46.80 -17.81 -2.28
N HIS A 281 46.88 -18.32 -3.50
CA HIS A 281 47.58 -19.54 -3.80
C HIS A 281 49.07 -19.28 -3.95
N HIS A 282 49.93 -20.04 -3.28
CA HIS A 282 51.39 -19.81 -3.32
C HIS A 282 52.32 -20.98 -3.73
N SER A 283 51.77 -22.15 -4.01
CA SER A 283 52.58 -23.31 -4.40
C SER A 283 51.69 -24.36 -4.97
N GLY A 284 52.28 -25.22 -5.78
CA GLY A 284 51.57 -26.29 -6.43
C GLY A 284 51.52 -27.48 -5.48
N VAL A 285 52.68 -28.07 -5.24
CA VAL A 285 52.75 -29.37 -4.56
C VAL A 285 52.48 -29.18 -3.08
N GLY A 286 53.20 -28.24 -2.49
CA GLY A 286 53.03 -27.94 -1.08
C GLY A 286 51.55 -27.77 -0.73
N SER A 287 50.86 -26.91 -1.47
CA SER A 287 49.50 -26.53 -1.16
C SER A 287 48.60 -27.75 -1.34
N ALA A 288 48.81 -28.52 -2.40
CA ALA A 288 47.96 -29.67 -2.63
C ALA A 288 48.06 -30.70 -1.49
N LEU A 289 49.29 -30.89 -1.00
CA LEU A 289 49.54 -31.88 0.04
C LEU A 289 49.17 -31.33 1.41
N ALA A 290 49.14 -30.00 1.55
CA ALA A 290 48.73 -29.35 2.79
C ALA A 290 47.25 -29.12 2.89
N GLY A 291 46.47 -29.72 1.99
CA GLY A 291 45.06 -29.72 2.10
C GLY A 291 44.16 -28.82 1.26
N LEU A 292 44.72 -28.17 0.25
CA LEU A 292 43.95 -27.29 -0.63
C LEU A 292 43.28 -28.10 -1.76
N ASP A 293 42.12 -27.65 -2.23
CA ASP A 293 41.34 -28.40 -3.21
C ASP A 293 41.07 -27.62 -4.51
N MET A 294 40.91 -26.30 -4.43
CA MET A 294 40.59 -25.52 -5.60
C MET A 294 41.42 -24.25 -5.66
N SER A 295 42.03 -24.01 -6.82
CA SER A 295 42.83 -22.79 -7.07
C SER A 295 42.04 -21.69 -7.82
N MET A 296 41.83 -20.55 -7.15
CA MET A 296 41.03 -19.41 -7.69
C MET A 296 41.86 -18.16 -7.75
N PRO A 297 41.78 -17.43 -8.85
CA PRO A 297 41.10 -17.66 -10.12
C PRO A 297 41.80 -18.68 -11.05
N GLY A 298 42.91 -19.28 -10.58
CA GLY A 298 43.55 -20.44 -11.20
C GLY A 298 44.98 -20.15 -11.64
N ASP A 299 45.35 -18.86 -11.71
CA ASP A 299 46.69 -18.47 -12.11
C ASP A 299 47.49 -17.99 -10.92
N ILE A 300 48.81 -17.87 -11.14
CA ILE A 300 49.73 -17.47 -10.08
C ILE A 300 49.53 -16.01 -9.75
N ALA A 301 49.37 -15.21 -10.78
CA ALA A 301 48.98 -13.80 -10.68
C ALA A 301 47.95 -13.54 -11.77
N PHE A 302 47.25 -12.42 -11.65
CA PHE A 302 46.12 -12.17 -12.55
C PHE A 302 46.67 -12.12 -14.01
N ASP A 303 46.19 -13.04 -14.84
CA ASP A 303 46.59 -13.06 -16.25
C ASP A 303 48.10 -13.22 -16.50
N SER A 304 48.74 -14.05 -15.68
CA SER A 304 50.14 -14.36 -15.82
C SER A 304 50.35 -15.45 -16.87
N GLY A 305 49.29 -16.17 -17.25
CA GLY A 305 49.41 -17.33 -18.11
C GLY A 305 50.06 -18.56 -17.43
N THR A 306 50.30 -18.45 -16.11
CA THR A 306 50.94 -19.49 -15.32
C THR A 306 50.05 -19.94 -14.16
N SER A 307 50.12 -21.23 -13.82
CA SER A 307 49.41 -21.80 -12.66
C SER A 307 50.30 -22.75 -11.89
N PHE A 308 50.23 -22.67 -10.57
CA PHE A 308 50.73 -23.69 -9.70
C PHE A 308 50.03 -25.04 -9.95
N TRP A 309 48.80 -25.04 -10.44
CA TRP A 309 48.08 -26.29 -10.79
C TRP A 309 47.87 -26.32 -12.28
N GLY A 310 46.73 -26.79 -12.76
CA GLY A 310 46.56 -26.90 -14.21
C GLY A 310 47.61 -27.84 -14.74
N THR A 311 48.28 -27.50 -15.86
CA THR A 311 49.40 -28.28 -16.37
C THR A 311 50.31 -28.85 -15.26
N ASN A 312 50.73 -28.01 -14.33
CA ASN A 312 51.62 -28.41 -13.24
C ASN A 312 51.09 -29.53 -12.33
N LEU A 313 49.78 -29.56 -12.09
CA LEU A 313 49.17 -30.59 -11.27
C LEU A 313 49.05 -31.87 -12.07
N THR A 314 48.68 -31.77 -13.33
CA THR A 314 48.80 -32.93 -14.25
C THR A 314 50.20 -33.57 -14.22
N VAL A 315 51.25 -32.74 -14.32
CA VAL A 315 52.64 -33.21 -14.26
C VAL A 315 53.00 -33.78 -12.90
N ALA A 316 52.68 -33.05 -11.83
CA ALA A 316 52.95 -33.49 -10.45
C ALA A 316 52.34 -34.90 -10.07
N VAL A 317 51.17 -35.22 -10.61
CA VAL A 317 50.64 -36.56 -10.50
C VAL A 317 51.43 -37.52 -11.43
N LEU A 318 51.57 -37.14 -12.70
CA LEU A 318 52.27 -38.01 -13.68
C LEU A 318 53.68 -38.45 -13.25
N ASN A 319 54.41 -37.54 -12.59
CA ASN A 319 55.80 -37.72 -12.17
C ASN A 319 55.95 -38.24 -10.74
N GLY A 320 54.81 -38.57 -10.10
CA GLY A 320 54.79 -39.19 -8.78
C GLY A 320 54.93 -38.29 -7.56
N SER A 321 54.98 -36.97 -7.74
CA SER A 321 55.20 -36.02 -6.63
C SER A 321 53.94 -35.82 -5.74
N ILE A 322 52.76 -36.08 -6.32
CA ILE A 322 51.51 -36.00 -5.62
C ILE A 322 50.78 -37.29 -5.89
N PRO A 323 50.37 -38.02 -4.86
CA PRO A 323 49.62 -39.26 -5.12
C PRO A 323 48.30 -39.06 -5.82
N GLU A 324 47.93 -40.00 -6.66
CA GLU A 324 46.63 -40.00 -7.32
C GLU A 324 45.46 -39.82 -6.35
N TRP A 325 45.56 -40.41 -5.15
CA TRP A 325 44.45 -40.36 -4.19
C TRP A 325 44.10 -38.95 -3.75
N ARG A 326 45.10 -38.07 -3.80
CA ARG A 326 44.94 -36.73 -3.31
C ARG A 326 44.21 -35.85 -4.30
N VAL A 327 44.59 -35.93 -5.61
CA VAL A 327 43.89 -35.22 -6.68
C VAL A 327 42.49 -35.84 -6.95
N ASP A 328 42.37 -37.14 -6.77
CA ASP A 328 41.02 -37.72 -6.66
C ASP A 328 40.17 -37.19 -5.46
N ASP A 329 40.77 -36.92 -4.31
CA ASP A 329 40.02 -36.43 -3.14
C ASP A 329 39.64 -34.96 -3.31
N MET A 330 40.45 -34.21 -4.07
CA MET A 330 40.12 -32.82 -4.31
C MET A 330 38.83 -32.85 -5.14
N ALA A 331 38.83 -33.61 -6.22
CA ALA A 331 37.69 -33.75 -7.13
C ALA A 331 36.49 -34.36 -6.44
N VAL A 332 36.72 -35.36 -5.60
CA VAL A 332 35.61 -35.98 -4.90
C VAL A 332 34.98 -34.99 -3.88
N ARG A 333 35.81 -34.18 -3.24
CA ARG A 333 35.29 -33.16 -2.33
C ARG A 333 34.50 -32.04 -3.03
N ILE A 334 34.95 -31.69 -4.22
CA ILE A 334 34.32 -30.67 -5.02
C ILE A 334 32.93 -31.16 -5.48
N MET A 335 32.89 -32.35 -6.05
CA MET A 335 31.62 -32.93 -6.48
C MET A 335 30.74 -33.36 -5.36
N SER A 336 31.30 -33.61 -4.19
CA SER A 336 30.47 -33.94 -3.02
C SER A 336 29.63 -32.71 -2.69
N ALA A 337 30.27 -31.53 -2.64
CA ALA A 337 29.56 -30.28 -2.35
C ALA A 337 28.43 -30.05 -3.34
N TYR A 338 28.76 -30.25 -4.60
CA TYR A 338 27.85 -30.13 -5.72
C TYR A 338 26.62 -31.02 -5.51
N TYR A 339 26.84 -32.30 -5.28
CA TYR A 339 25.71 -33.21 -5.07
C TYR A 339 24.93 -32.97 -3.78
N LYS A 340 25.61 -32.51 -2.75
CA LYS A 340 25.06 -32.40 -1.39
C LYS A 340 23.93 -31.42 -1.36
N VAL A 341 24.09 -30.30 -2.08
CA VAL A 341 23.09 -29.27 -2.13
C VAL A 341 22.17 -29.37 -3.32
N GLY A 342 22.39 -30.33 -4.19
CA GLY A 342 21.42 -30.58 -5.25
C GLY A 342 21.65 -29.87 -6.57
N ARG A 343 22.90 -29.48 -6.86
CA ARG A 343 23.23 -28.82 -8.14
C ARG A 343 22.79 -29.59 -9.38
N ASP A 344 22.86 -30.90 -9.37
CA ASP A 344 22.31 -31.69 -10.47
C ASP A 344 20.82 -31.53 -10.66
N ARG A 345 20.09 -31.03 -9.67
CA ARG A 345 18.65 -30.80 -9.82
C ARG A 345 18.25 -29.44 -10.39
N TYR A 346 19.08 -28.41 -10.21
CA TYR A 346 18.76 -27.04 -10.63
C TYR A 346 19.56 -26.63 -11.88
N SER A 347 19.01 -26.95 -13.07
CA SER A 347 19.68 -26.62 -14.38
C SER A 347 19.38 -25.20 -14.86
N VAL A 348 20.29 -24.30 -14.49
CA VAL A 348 20.29 -22.92 -14.99
C VAL A 348 21.72 -22.71 -15.44
N PRO A 349 21.96 -22.61 -16.78
CA PRO A 349 23.24 -22.17 -17.33
C PRO A 349 23.60 -20.76 -16.96
N ILE A 350 24.90 -20.48 -16.97
CA ILE A 350 25.38 -19.18 -16.57
C ILE A 350 24.76 -18.18 -17.54
N ASN A 351 24.04 -17.20 -17.01
CA ASN A 351 23.29 -16.26 -17.87
C ASN A 351 23.71 -14.80 -17.72
N PHE A 352 24.92 -14.58 -17.18
CA PHE A 352 25.44 -13.25 -16.86
C PHE A 352 26.96 -13.20 -17.07
N ASP A 353 27.56 -12.03 -16.90
CA ASP A 353 29.02 -11.87 -17.09
C ASP A 353 29.44 -10.88 -16.05
N SER A 354 30.46 -11.20 -15.24
CA SER A 354 30.91 -10.34 -14.10
C SER A 354 31.71 -9.10 -14.46
N TRP A 355 32.10 -8.95 -15.74
CA TRP A 355 33.13 -7.97 -16.16
C TRP A 355 32.53 -6.76 -16.82
N THR A 356 31.35 -6.95 -17.41
CA THR A 356 30.58 -5.91 -18.09
C THR A 356 29.08 -6.23 -18.05
N LEU A 357 28.23 -5.21 -18.16
CA LEU A 357 26.78 -5.45 -18.27
C LEU A 357 26.30 -5.48 -19.73
N ASP A 358 27.21 -5.37 -20.70
CA ASP A 358 26.77 -5.43 -22.10
C ASP A 358 26.11 -6.77 -22.44
N THR A 359 25.09 -6.72 -23.29
CA THR A 359 24.45 -7.94 -23.74
C THR A 359 25.45 -8.83 -24.50
N TYR A 360 26.29 -8.22 -25.34
CA TYR A 360 27.27 -8.91 -26.16
C TYR A 360 28.67 -8.52 -25.78
N GLY A 361 29.57 -9.49 -25.87
CA GLY A 361 30.94 -9.21 -25.50
C GLY A 361 31.79 -10.46 -25.63
N PRO A 362 33.05 -10.35 -25.21
CA PRO A 362 33.97 -11.47 -25.31
C PRO A 362 33.78 -12.44 -24.16
N GLU A 363 33.71 -13.74 -24.45
CA GLU A 363 33.76 -14.78 -23.41
C GLU A 363 35.04 -14.68 -22.61
N HIS A 364 36.14 -14.43 -23.31
CA HIS A 364 37.43 -14.42 -22.67
C HIS A 364 37.80 -12.98 -22.42
N TYR A 365 37.16 -12.39 -21.44
CA TYR A 365 37.28 -10.96 -21.24
C TYR A 365 38.73 -10.47 -21.13
N ALA A 366 39.61 -11.26 -20.51
CA ALA A 366 40.95 -10.76 -20.19
C ALA A 366 41.81 -10.48 -21.43
N VAL A 367 41.49 -11.16 -22.53
CA VAL A 367 42.27 -11.05 -23.76
C VAL A 367 41.40 -10.63 -24.95
N GLY A 368 40.23 -10.07 -24.63
CA GLY A 368 39.29 -9.60 -25.62
C GLY A 368 38.84 -10.62 -26.66
N GLN A 369 38.80 -11.92 -26.34
CA GLN A 369 38.43 -12.91 -27.38
C GLN A 369 37.14 -13.62 -27.17
N GLY A 370 36.67 -14.27 -28.24
CA GLY A 370 35.45 -15.07 -28.25
C GLY A 370 34.17 -14.27 -28.02
N GLN A 371 33.84 -13.37 -28.94
CA GLN A 371 32.59 -12.62 -28.91
C GLN A 371 31.31 -13.50 -28.93
N THR A 372 30.38 -13.23 -28.00
CA THR A 372 29.10 -13.94 -27.86
C THR A 372 28.07 -13.19 -26.95
N LYS A 373 26.88 -13.77 -26.82
CA LYS A 373 25.84 -13.26 -25.93
C LYS A 373 26.20 -13.64 -24.47
N ILE A 374 26.65 -12.64 -23.70
CA ILE A 374 27.19 -12.89 -22.37
C ILE A 374 26.35 -12.40 -21.19
N ASN A 375 25.30 -11.60 -21.43
CA ASN A 375 24.32 -11.21 -20.39
C ASN A 375 22.90 -11.41 -20.93
N GLU A 376 22.08 -12.23 -20.25
CA GLU A 376 20.67 -12.37 -20.64
C GLU A 376 19.74 -11.42 -19.82
N HIS A 377 20.28 -10.71 -18.84
CA HIS A 377 19.54 -9.75 -18.07
C HIS A 377 18.34 -10.40 -17.37
N VAL A 378 18.55 -11.54 -16.75
CA VAL A 378 17.49 -12.29 -16.11
C VAL A 378 17.20 -11.65 -14.77
N ASP A 379 15.91 -11.47 -14.47
CA ASP A 379 15.49 -10.85 -13.22
C ASP A 379 15.22 -11.90 -12.15
N VAL A 380 16.10 -11.94 -11.15
CA VAL A 380 16.08 -12.97 -10.11
C VAL A 380 15.58 -12.46 -8.73
N ARG A 381 15.13 -11.22 -8.66
CA ARG A 381 14.75 -10.56 -7.43
C ARG A 381 13.49 -11.09 -6.74
N GLY A 382 12.56 -11.66 -7.52
CA GLY A 382 11.30 -12.20 -7.01
C GLY A 382 10.65 -11.32 -5.97
N ASN A 383 10.28 -11.90 -4.82
CA ASN A 383 9.74 -11.11 -3.72
C ASN A 383 10.78 -10.90 -2.62
N HIS A 384 12.07 -10.88 -2.97
CA HIS A 384 13.12 -10.84 -1.94
C HIS A 384 13.24 -9.51 -1.24
N ALA A 385 12.65 -8.46 -1.83
CA ALA A 385 12.54 -7.16 -1.16
C ALA A 385 11.88 -7.27 0.27
N GLU A 386 10.94 -8.21 0.44
CA GLU A 386 10.24 -8.39 1.71
C GLU A 386 11.20 -8.84 2.81
N ILE A 387 12.11 -9.81 2.58
CA ILE A 387 13.03 -10.21 3.66
C ILE A 387 14.09 -9.14 3.94
N ILE A 388 14.47 -8.38 2.91
CA ILE A 388 15.42 -7.25 3.05
C ILE A 388 14.85 -6.13 3.90
N HIS A 389 13.62 -5.78 3.60
CA HIS A 389 12.86 -4.84 4.39
C HIS A 389 12.81 -5.32 5.85
N GLU A 390 12.39 -6.56 6.11
CA GLU A 390 12.24 -7.04 7.50
C GLU A 390 13.57 -7.01 8.29
N ILE A 391 14.61 -7.54 7.65
CA ILE A 391 15.90 -7.60 8.31
C ILE A 391 16.36 -6.17 8.58
N GLY A 392 16.22 -5.27 7.61
CA GLY A 392 16.56 -3.86 7.79
C GLY A 392 16.00 -3.29 9.08
N ALA A 393 14.76 -3.65 9.36
CA ALA A 393 13.99 -3.04 10.42
C ALA A 393 14.30 -3.67 11.73
N ALA A 394 14.17 -4.98 11.79
CA ALA A 394 14.52 -5.74 12.96
C ALA A 394 15.97 -5.60 13.42
N SER A 395 16.87 -5.17 12.54
CA SER A 395 18.30 -5.13 12.84
C SER A 395 18.72 -3.81 13.39
N ALA A 396 17.84 -2.83 13.31
CA ALA A 396 18.13 -1.54 13.91
C ALA A 396 18.14 -1.64 15.45
N VAL A 397 18.97 -0.82 16.08
CA VAL A 397 19.25 -0.93 17.47
C VAL A 397 19.01 0.43 18.11
N LEU A 398 18.13 0.44 19.12
CA LEU A 398 17.75 1.67 19.80
C LEU A 398 18.61 1.76 21.01
N LEU A 399 19.68 2.52 20.89
CA LEU A 399 20.67 2.65 21.94
C LEU A 399 20.27 3.60 23.03
N LYS A 400 19.51 4.64 22.67
CA LYS A 400 19.09 5.71 23.60
C LYS A 400 17.68 6.11 23.26
N ASN A 401 16.87 6.39 24.29
CA ASN A 401 15.49 6.84 24.06
C ASN A 401 14.90 7.49 25.30
N LYS A 402 14.77 8.82 25.21
CA LYS A 402 14.11 9.67 26.22
C LYS A 402 12.77 10.20 25.73
N GLY A 403 11.98 9.39 25.03
CA GLY A 403 10.72 9.84 24.47
C GLY A 403 10.78 10.19 22.99
N GLY A 404 11.97 10.43 22.45
CA GLY A 404 12.13 10.76 21.01
C GLY A 404 11.52 9.78 20.02
N LEU A 405 11.58 8.49 20.34
CA LEU A 405 10.91 7.46 19.54
C LEU A 405 9.93 6.65 20.39
N PRO A 406 8.89 6.06 19.77
CA PRO A 406 8.51 6.22 18.37
C PRO A 406 7.84 7.58 18.02
N LEU A 407 7.92 7.94 16.75
CA LEU A 407 7.24 9.12 16.23
C LEU A 407 5.77 8.76 16.10
N THR A 408 4.91 9.78 16.21
CA THR A 408 3.46 9.56 16.20
C THR A 408 2.88 9.43 14.82
N GLY A 409 3.50 10.10 13.86
CA GLY A 409 2.92 10.20 12.50
C GLY A 409 2.29 11.55 12.21
N THR A 410 2.03 12.36 13.26
CA THR A 410 1.33 13.64 13.14
C THR A 410 2.20 14.82 13.62
N GLU A 411 3.54 14.68 13.60
CA GLU A 411 4.48 15.81 13.79
C GLU A 411 4.14 16.86 12.70
N ARG A 412 4.12 18.14 13.05
CA ARG A 412 3.62 19.16 12.12
C ARG A 412 4.69 19.56 11.12
N PHE A 413 5.93 19.66 11.59
CA PHE A 413 7.08 19.95 10.79
C PHE A 413 8.25 19.00 11.16
N VAL A 414 8.75 18.22 10.18
CA VAL A 414 9.86 17.27 10.39
C VAL A 414 11.08 17.66 9.61
N GLY A 415 12.17 17.93 10.31
CA GLY A 415 13.48 18.16 9.69
C GLY A 415 14.28 16.86 9.58
N VAL A 416 14.88 16.64 8.40
CA VAL A 416 15.83 15.57 8.13
C VAL A 416 17.15 16.25 7.76
N PHE A 417 18.19 15.99 8.56
CA PHE A 417 19.52 16.63 8.44
C PHE A 417 20.67 15.63 8.20
N GLY A 418 21.49 15.92 7.20
CA GLY A 418 22.78 15.26 7.04
C GLY A 418 22.85 14.55 5.72
N LYS A 419 24.03 14.60 5.12
CA LYS A 419 24.31 13.93 3.84
C LYS A 419 23.94 12.43 3.85
N ASP A 420 24.14 11.79 5.01
CA ASP A 420 23.80 10.36 5.15
C ASP A 420 22.29 10.13 4.98
N ALA A 421 21.46 11.19 4.94
CA ALA A 421 20.02 11.04 4.71
C ALA A 421 19.64 10.78 3.27
N GLY A 422 20.46 11.25 2.33
CA GLY A 422 20.13 11.35 0.89
C GLY A 422 20.89 10.37 0.03
N SER A 423 20.88 10.60 -1.28
CA SER A 423 21.42 9.63 -2.22
C SER A 423 22.79 10.03 -2.71
N ASN A 424 23.48 9.06 -3.31
CA ASN A 424 24.71 9.28 -4.09
C ASN A 424 24.35 10.04 -5.37
N PRO A 425 24.92 11.25 -5.56
CA PRO A 425 24.73 12.01 -6.80
C PRO A 425 25.30 11.33 -8.09
N TRP A 426 26.18 10.34 -7.93
CA TRP A 426 26.71 9.58 -9.07
C TRP A 426 25.82 8.38 -9.46
N GLY A 427 24.64 8.26 -8.87
CA GLY A 427 23.80 7.08 -9.12
C GLY A 427 24.03 6.04 -8.02
N VAL A 428 23.04 5.21 -7.79
CA VAL A 428 23.16 4.21 -6.73
C VAL A 428 24.38 3.28 -6.89
N ASN A 429 24.73 2.91 -8.14
CA ASN A 429 25.90 2.09 -8.43
C ASN A 429 27.00 2.93 -9.09
N GLY A 430 27.14 4.18 -8.71
CA GLY A 430 28.03 5.06 -9.42
C GLY A 430 29.51 4.90 -9.16
N CYS A 431 29.89 4.41 -7.99
CA CYS A 431 31.33 4.28 -7.64
C CYS A 431 31.61 2.79 -7.64
N SER A 432 32.64 2.34 -8.35
CA SER A 432 32.87 0.89 -8.48
C SER A 432 33.18 0.28 -7.11
N ASP A 433 32.57 -0.90 -6.89
CA ASP A 433 32.66 -1.68 -5.66
C ASP A 433 32.23 -0.87 -4.45
N ARG A 434 31.32 0.08 -4.68
CA ARG A 434 30.81 0.99 -3.67
C ARG A 434 31.95 1.74 -2.93
N GLY A 435 33.02 2.05 -3.67
CA GLY A 435 34.18 2.75 -3.13
C GLY A 435 33.99 4.25 -3.02
N CYS A 436 32.98 4.67 -2.25
CA CYS A 436 32.72 6.06 -1.93
C CYS A 436 31.74 6.20 -0.77
N ASP A 437 31.59 7.42 -0.28
CA ASP A 437 30.66 7.74 0.77
C ASP A 437 30.01 9.08 0.53
N ASN A 438 29.20 9.08 -0.51
CA ASN A 438 28.65 10.26 -1.10
C ASN A 438 27.20 10.49 -0.69
N GLY A 439 26.62 9.52 0.00
CA GLY A 439 25.34 9.78 0.66
C GLY A 439 24.99 8.88 1.81
N THR A 440 23.81 8.25 1.71
CA THR A 440 23.39 7.31 2.70
C THR A 440 24.23 6.06 2.52
N LEU A 441 24.49 5.37 3.63
CA LEU A 441 25.38 4.23 3.60
C LEU A 441 24.58 2.95 3.85
N ALA A 442 24.43 2.10 2.83
CA ALA A 442 23.69 0.83 2.97
C ALA A 442 24.55 -0.41 2.74
N MET A 443 25.83 -0.23 2.41
CA MET A 443 26.74 -1.28 2.09
C MET A 443 28.16 -0.67 2.13
N GLY A 444 29.13 -1.39 2.70
CA GLY A 444 30.56 -0.98 2.61
C GLY A 444 31.10 -1.22 1.20
N TRP A 445 32.42 -1.06 1.00
CA TRP A 445 33.06 -1.29 -0.28
C TRP A 445 33.87 -2.57 -0.36
N GLY A 446 34.16 -2.97 -1.60
CA GLY A 446 35.05 -4.08 -1.90
C GLY A 446 34.39 -5.21 -2.69
N SER A 447 34.93 -6.42 -2.53
CA SER A 447 34.35 -7.62 -3.14
C SER A 447 33.01 -8.00 -2.51
N GLY A 448 32.77 -7.59 -1.26
CA GLY A 448 31.57 -7.98 -0.52
C GLY A 448 30.29 -7.24 -0.82
N THR A 449 30.04 -6.97 -2.10
CA THR A 449 29.06 -6.02 -2.50
C THR A 449 28.17 -6.64 -3.57
N ALA A 450 27.18 -5.86 -3.96
CA ALA A 450 26.32 -6.13 -5.09
C ALA A 450 25.90 -4.79 -5.64
N ASN A 451 25.51 -4.78 -6.92
CA ASN A 451 24.83 -3.62 -7.52
C ASN A 451 23.38 -3.54 -7.05
N PHE A 452 22.94 -2.34 -6.69
CA PHE A 452 21.54 -2.10 -6.27
C PHE A 452 20.55 -2.00 -7.44
N PRO A 453 19.32 -2.49 -7.29
CA PRO A 453 18.33 -2.15 -8.28
C PRO A 453 17.75 -0.76 -8.06
N TYR A 454 17.90 -0.24 -6.86
CA TYR A 454 17.56 1.10 -6.49
C TYR A 454 18.03 1.22 -5.05
N LEU A 455 17.98 2.40 -4.52
CA LEU A 455 18.14 2.52 -3.09
C LEU A 455 17.14 3.57 -2.62
N VAL A 456 16.25 3.17 -1.72
CA VAL A 456 15.28 4.07 -1.10
C VAL A 456 15.99 4.68 0.05
N THR A 457 16.12 6.01 0.03
CA THR A 457 16.90 6.69 1.04
C THR A 457 16.08 7.00 2.26
N PRO A 458 16.73 7.29 3.36
CA PRO A 458 15.94 7.80 4.49
C PRO A 458 15.18 9.09 4.12
N GLU A 459 15.78 9.98 3.31
CA GLU A 459 15.10 11.21 2.92
C GLU A 459 13.79 10.89 2.17
N GLN A 460 13.89 10.02 1.16
CA GLN A 460 12.75 9.67 0.31
C GLN A 460 11.63 9.09 1.15
N ALA A 461 11.94 8.09 1.97
CA ALA A 461 10.91 7.40 2.71
C ALA A 461 10.32 8.23 3.84
N ILE A 462 11.14 9.01 4.52
CA ILE A 462 10.58 9.81 5.60
C ILE A 462 9.66 10.90 5.01
N GLN A 463 10.07 11.51 3.91
CA GLN A 463 9.25 12.52 3.32
C GLN A 463 7.89 11.91 2.93
N ARG A 464 7.89 10.72 2.37
CA ARG A 464 6.64 10.08 1.98
C ARG A 464 5.71 9.84 3.20
N GLU A 465 6.30 9.43 4.31
CA GLU A 465 5.53 9.11 5.49
C GLU A 465 5.02 10.36 6.17
N VAL A 466 5.88 11.35 6.36
CA VAL A 466 5.44 12.59 6.93
C VAL A 466 4.31 13.19 6.09
N LEU A 467 4.48 13.27 4.76
CA LEU A 467 3.44 13.79 3.88
C LEU A 467 2.19 12.93 3.80
N SER A 468 2.32 11.63 4.00
CA SER A 468 1.10 10.78 4.06
C SER A 468 0.13 11.22 5.15
N ARG A 469 0.65 11.80 6.21
CA ARG A 469 -0.16 12.35 7.29
C ARG A 469 -0.19 13.90 7.34
N ASN A 470 -0.02 14.54 6.17
CA ASN A 470 0.02 16.00 6.09
C ASN A 470 0.92 16.74 7.04
N GLY A 471 2.06 16.14 7.37
CA GLY A 471 3.12 16.89 8.06
C GLY A 471 3.88 17.72 7.03
N THR A 472 4.58 18.77 7.46
CA THR A 472 5.48 19.45 6.53
C THR A 472 6.91 18.96 6.81
N PHE A 473 7.80 19.23 5.85
CA PHE A 473 9.09 18.58 5.70
C PHE A 473 10.14 19.48 5.03
N THR A 474 11.38 19.36 5.51
CA THR A 474 12.56 19.84 4.81
C THR A 474 13.71 18.84 5.05
N GLY A 475 14.46 18.60 3.97
CA GLY A 475 15.64 17.74 3.95
C GLY A 475 16.88 18.55 3.59
N ILE A 476 17.78 18.71 4.56
CA ILE A 476 19.07 19.41 4.36
C ILE A 476 20.28 18.44 4.39
N THR A 477 20.79 18.09 3.21
CA THR A 477 21.83 17.11 3.05
C THR A 477 23.23 17.70 2.78
N ASP A 478 23.40 19.02 2.80
CA ASP A 478 24.78 19.61 2.67
C ASP A 478 25.25 19.84 4.10
N ASN A 479 26.22 19.05 4.51
CA ASN A 479 26.75 19.10 5.89
C ASN A 479 27.54 20.38 6.15
N GLY A 480 27.83 21.13 5.08
CA GLY A 480 28.41 22.47 5.18
C GLY A 480 27.39 23.56 5.52
N ALA A 481 26.11 23.31 5.25
CA ALA A 481 25.11 24.37 5.37
C ALA A 481 24.58 24.52 6.78
N LEU A 482 25.46 24.90 7.69
CA LEU A 482 25.13 24.92 9.11
C LEU A 482 24.12 25.99 9.56
N ALA A 483 24.24 27.21 9.05
CA ALA A 483 23.19 28.26 9.21
C ALA A 483 21.79 27.78 8.79
N GLU A 484 21.71 27.14 7.62
CA GLU A 484 20.39 26.65 7.11
C GLU A 484 19.84 25.59 8.04
N MET A 485 20.72 24.70 8.53
CA MET A 485 20.33 23.65 9.44
C MET A 485 19.88 24.22 10.76
N ALA A 486 20.71 25.06 11.38
CA ALA A 486 20.31 25.74 12.62
C ALA A 486 18.92 26.38 12.50
N ALA A 487 18.69 27.13 11.41
CA ALA A 487 17.42 27.86 11.24
C ALA A 487 16.23 26.90 11.17
N ALA A 488 16.35 25.88 10.32
CA ALA A 488 15.29 24.87 10.17
C ALA A 488 15.12 24.02 11.42
N ALA A 489 16.22 23.75 12.13
CA ALA A 489 16.16 23.05 13.43
C ALA A 489 15.49 23.86 14.53
N SER A 490 15.61 25.18 14.45
CA SER A 490 14.91 26.10 15.38
C SER A 490 13.41 25.98 15.31
N GLN A 491 12.90 25.59 14.12
CA GLN A 491 11.49 25.62 13.77
C GLN A 491 10.81 24.27 13.73
N ALA A 492 11.57 23.18 13.68
CA ALA A 492 10.99 21.87 13.49
C ALA A 492 10.55 21.28 14.80
N ASP A 493 9.56 20.37 14.74
CA ASP A 493 9.10 19.54 15.88
C ASP A 493 10.03 18.35 16.26
N THR A 494 10.60 17.74 15.24
CA THR A 494 11.49 16.63 15.43
C THR A 494 12.56 16.75 14.36
N CYS A 495 13.82 16.78 14.80
CA CYS A 495 14.93 16.80 13.90
C CYS A 495 15.55 15.38 13.80
N LEU A 496 15.53 14.78 12.62
CA LEU A 496 16.19 13.50 12.35
C LEU A 496 17.56 13.72 11.68
N VAL A 497 18.65 13.44 12.39
CA VAL A 497 20.03 13.68 11.95
C VAL A 497 20.68 12.38 11.56
N PHE A 498 21.36 12.35 10.43
CA PHE A 498 21.99 11.15 9.92
C PHE A 498 23.48 11.30 9.77
N ALA A 499 24.19 10.30 10.29
CA ALA A 499 25.66 10.23 10.23
C ALA A 499 26.13 8.79 9.90
N ASN A 500 27.26 8.64 9.21
CA ASN A 500 27.75 7.33 8.90
C ASN A 500 29.24 7.20 9.08
N ALA A 501 29.69 5.96 8.96
CA ALA A 501 31.12 5.58 9.00
C ALA A 501 31.28 4.39 8.08
N ASP A 502 32.27 4.44 7.19
CA ASP A 502 32.40 3.45 6.10
C ASP A 502 33.74 2.69 6.22
N SER A 503 33.84 1.54 5.56
CA SER A 503 35.10 0.79 5.46
C SER A 503 34.93 -0.30 4.44
N GLY A 504 36.03 -0.96 4.06
CA GLY A 504 35.99 -2.04 3.09
C GLY A 504 37.26 -2.81 2.84
N GLU A 505 37.28 -3.52 1.72
CA GLU A 505 38.41 -4.32 1.35
C GLU A 505 39.58 -3.38 0.95
N GLY A 506 40.81 -3.79 1.29
CA GLY A 506 42.01 -2.91 1.19
C GLY A 506 42.59 -2.52 -0.18
N TYR A 507 42.10 -3.12 -1.25
CA TYR A 507 42.51 -2.73 -2.60
C TYR A 507 41.88 -1.40 -3.03
N ILE A 508 40.98 -0.86 -2.20
CA ILE A 508 40.33 0.42 -2.43
C ILE A 508 40.57 1.31 -1.22
N THR A 509 40.94 2.56 -1.48
CA THR A 509 41.21 3.55 -0.43
C THR A 509 40.25 4.73 -0.58
N VAL A 510 39.57 5.11 0.49
CA VAL A 510 38.64 6.23 0.42
C VAL A 510 39.09 7.18 1.50
N ASP A 511 39.41 8.41 1.10
CA ASP A 511 39.89 9.47 2.01
C ASP A 511 40.88 8.98 3.07
N GLY A 512 41.92 8.26 2.63
CA GLY A 512 43.02 7.83 3.48
C GLY A 512 42.74 6.57 4.31
N ASN A 513 41.58 5.94 4.06
CA ASN A 513 41.17 4.68 4.69
C ASN A 513 41.42 3.54 3.70
N GLU A 514 42.46 2.76 3.98
CA GLU A 514 42.89 1.72 3.08
C GLU A 514 42.22 0.44 3.52
N GLY A 515 40.95 0.35 3.21
CA GLY A 515 40.09 -0.73 3.68
C GLY A 515 39.79 -0.53 5.14
N ASP A 516 40.75 -0.85 6.00
CA ASP A 516 40.67 -0.49 7.42
C ASP A 516 40.32 0.99 7.55
N ARG A 517 39.60 1.33 8.62
CA ARG A 517 39.24 2.71 8.91
C ARG A 517 40.46 3.31 9.61
N LYS A 518 40.81 4.56 9.24
CA LYS A 518 41.95 5.25 9.87
C LYS A 518 41.59 5.89 11.22
N ASN A 519 40.31 5.88 11.57
CA ASN A 519 39.84 6.27 12.89
C ASN A 519 38.48 5.62 13.16
N LEU A 520 37.95 5.84 14.36
CA LEU A 520 36.62 5.33 14.76
C LEU A 520 35.56 6.43 14.91
N THR A 521 35.65 7.46 14.10
CA THR A 521 34.79 8.63 14.31
C THR A 521 33.93 8.76 13.09
N LEU A 522 33.04 9.73 13.12
CA LEU A 522 32.04 9.89 12.07
C LEU A 522 32.58 10.46 10.76
N TRP A 523 31.96 10.09 9.65
CA TRP A 523 32.37 10.55 8.30
C TRP A 523 31.55 11.75 7.82
N GLN A 524 31.93 12.28 6.65
CA GLN A 524 31.18 13.33 5.93
C GLN A 524 30.99 14.70 6.64
N GLY A 525 31.68 14.93 7.78
CA GLY A 525 31.52 16.13 8.58
C GLY A 525 30.24 16.12 9.40
N ALA A 526 29.82 14.94 9.84
CA ALA A 526 28.55 14.75 10.52
C ALA A 526 28.65 15.14 11.96
N ASP A 527 29.85 15.15 12.55
CA ASP A 527 29.96 15.50 13.98
C ASP A 527 29.41 16.92 14.19
N GLN A 528 29.89 17.86 13.38
CA GLN A 528 29.46 19.26 13.47
C GLN A 528 27.95 19.38 13.23
N VAL A 529 27.42 18.60 12.29
CA VAL A 529 25.99 18.61 11.99
C VAL A 529 25.18 18.19 13.23
N ILE A 530 25.58 17.10 13.87
CA ILE A 530 24.99 16.70 15.15
C ILE A 530 25.02 17.82 16.20
N HIS A 531 26.18 18.44 16.39
CA HIS A 531 26.33 19.56 17.32
C HIS A 531 25.39 20.76 17.05
N ASN A 532 25.36 21.30 15.84
CA ASN A 532 24.47 22.45 15.55
C ASN A 532 22.97 22.12 15.62
N VAL A 533 22.58 20.92 15.26
CA VAL A 533 21.16 20.57 15.32
C VAL A 533 20.73 20.34 16.78
N SER A 534 21.53 19.61 17.54
CA SER A 534 21.30 19.42 18.95
C SER A 534 21.08 20.74 19.67
N ALA A 535 21.95 21.70 19.39
CA ALA A 535 21.92 23.04 20.00
C ALA A 535 20.63 23.83 19.73
N ASN A 536 19.95 23.52 18.63
CA ASN A 536 18.78 24.28 18.20
C ASN A 536 17.49 23.49 18.25
N CYS A 537 17.59 22.19 18.50
CA CYS A 537 16.44 21.34 18.45
C CYS A 537 16.44 20.47 19.68
N ASN A 538 15.43 20.63 20.52
CA ASN A 538 15.31 19.84 21.77
C ASN A 538 14.64 18.47 21.61
N ASN A 539 14.43 18.05 20.36
CA ASN A 539 13.89 16.72 20.04
C ASN A 539 14.65 16.23 18.80
N THR A 540 15.97 16.11 18.97
CA THR A 540 16.88 15.54 17.99
C THR A 540 17.04 14.02 18.13
N VAL A 541 16.78 13.36 17.01
CA VAL A 541 16.90 11.92 16.93
C VAL A 541 18.01 11.64 16.00
N VAL A 542 19.04 10.92 16.45
CA VAL A 542 20.17 10.64 15.59
C VAL A 542 20.14 9.19 15.11
N VAL A 543 20.41 9.00 13.82
CA VAL A 543 20.46 7.70 13.20
C VAL A 543 21.84 7.42 12.61
N LEU A 544 22.44 6.29 12.98
CA LEU A 544 23.77 5.90 12.54
C LEU A 544 23.77 4.71 11.57
N HIS A 545 24.34 4.94 10.40
CA HIS A 545 24.62 3.88 9.45
C HIS A 545 26.15 3.64 9.53
N THR A 546 26.59 2.79 10.44
CA THR A 546 28.01 2.52 10.61
C THR A 546 28.33 1.04 10.41
N VAL A 547 29.48 0.82 9.77
CA VAL A 547 30.05 -0.52 9.54
C VAL A 547 30.38 -1.22 10.85
N GLY A 548 30.56 -0.44 11.88
CA GLY A 548 30.73 -0.96 13.21
C GLY A 548 30.68 0.20 14.18
N PRO A 549 31.32 0.05 15.33
CA PRO A 549 31.13 1.08 16.35
C PRO A 549 31.88 2.32 15.97
N VAL A 550 31.38 3.46 16.44
CA VAL A 550 32.07 4.73 16.35
C VAL A 550 32.12 5.31 17.75
N LEU A 551 33.11 6.16 17.99
CA LEU A 551 33.24 6.83 19.29
C LEU A 551 32.21 7.96 19.34
N ILE A 552 31.29 7.90 20.30
CA ILE A 552 30.20 8.87 20.37
C ILE A 552 30.22 9.66 21.65
N ASP A 553 31.29 9.58 22.44
CA ASP A 553 31.31 10.19 23.77
C ASP A 553 30.98 11.70 23.81
N ASP A 554 31.31 12.43 22.74
CA ASP A 554 31.12 13.90 22.71
C ASP A 554 29.69 14.41 22.41
N TRP A 555 28.77 13.55 21.98
CA TRP A 555 27.39 13.99 21.72
C TRP A 555 26.24 13.16 22.26
N TYR A 556 26.49 11.92 22.69
CA TYR A 556 25.42 10.94 22.93
C TYR A 556 24.55 11.28 24.17
N ASP A 557 25.15 11.96 25.11
CA ASP A 557 24.51 12.29 26.39
C ASP A 557 24.04 13.76 26.42
N HIS A 558 24.05 14.40 25.25
CA HIS A 558 23.54 15.77 25.08
C HIS A 558 22.05 15.69 25.40
N PRO A 559 21.54 16.54 26.33
CA PRO A 559 20.13 16.42 26.73
C PRO A 559 19.09 16.61 25.62
N ASN A 560 19.44 17.30 24.55
CA ASN A 560 18.60 17.45 23.36
C ASN A 560 18.56 16.27 22.36
N VAL A 561 19.50 15.33 22.49
CA VAL A 561 19.43 14.12 21.71
C VAL A 561 18.47 13.20 22.50
N THR A 562 17.25 13.11 22.03
CA THR A 562 16.20 12.34 22.67
C THR A 562 16.10 10.88 22.23
N ALA A 563 16.84 10.50 21.20
CA ALA A 563 17.01 9.12 20.83
C ALA A 563 18.20 8.96 19.87
N ILE A 564 18.82 7.78 19.93
CA ILE A 564 19.88 7.37 19.05
C ILE A 564 19.51 5.98 18.52
N LEU A 565 19.57 5.81 17.20
CA LEU A 565 19.22 4.53 16.56
C LEU A 565 20.33 4.11 15.60
N TRP A 566 20.96 2.95 15.81
CA TRP A 566 21.89 2.36 14.83
C TRP A 566 21.12 1.53 13.82
N ALA A 567 21.31 1.83 12.55
CA ALA A 567 20.61 1.18 11.46
C ALA A 567 21.57 0.40 10.55
N GLY A 568 22.88 0.39 10.86
CA GLY A 568 23.87 -0.37 10.08
C GLY A 568 23.83 -0.13 8.61
N LEU A 569 23.91 -1.23 7.84
CA LEU A 569 24.00 -1.28 6.40
C LEU A 569 22.80 -2.10 5.84
N PRO A 570 21.65 -1.43 5.59
CA PRO A 570 20.44 -2.19 5.41
C PRO A 570 20.11 -2.61 4.00
N GLY A 571 21.01 -2.40 3.06
CA GLY A 571 20.69 -2.74 1.69
C GLY A 571 19.64 -1.82 1.11
N GLN A 572 18.94 -2.37 0.11
CA GLN A 572 18.25 -1.59 -0.89
C GLN A 572 17.02 -0.90 -0.40
N GLU A 573 16.45 -1.36 0.72
CA GLU A 573 15.19 -0.82 1.24
C GLU A 573 15.43 0.06 2.43
N SER A 574 16.65 0.60 2.52
CA SER A 574 17.14 1.28 3.70
C SER A 574 16.07 2.11 4.35
N GLY A 575 15.53 3.09 3.64
CA GLY A 575 14.62 4.05 4.24
C GLY A 575 13.24 3.46 4.53
N ASN A 576 12.81 2.46 3.75
CA ASN A 576 11.50 1.82 4.03
C ASN A 576 11.57 1.02 5.32
N SER A 577 12.68 0.35 5.53
CA SER A 577 12.82 -0.46 6.71
C SER A 577 13.03 0.48 7.88
N LEU A 578 13.67 1.63 7.64
CA LEU A 578 13.88 2.65 8.71
C LEU A 578 12.59 3.24 9.23
N VAL A 579 11.70 3.66 8.34
CA VAL A 579 10.45 4.24 8.81
C VAL A 579 9.60 3.28 9.65
N ASP A 580 9.65 1.97 9.35
CA ASP A 580 8.95 0.99 10.19
C ASP A 580 9.44 1.00 11.66
N VAL A 581 10.73 1.23 11.88
CA VAL A 581 11.24 1.29 13.24
C VAL A 581 10.90 2.62 13.84
N LEU A 582 11.21 3.69 13.11
CA LEU A 582 10.92 5.05 13.63
C LEU A 582 9.51 5.29 14.15
N TYR A 583 8.51 4.74 13.46
CA TYR A 583 7.08 4.96 13.80
C TYR A 583 6.48 3.80 14.63
N GLY A 584 7.35 2.92 15.11
CA GLY A 584 7.00 1.86 16.05
C GLY A 584 6.30 0.65 15.52
N ARG A 585 6.31 0.48 14.21
CA ARG A 585 5.67 -0.67 13.60
C ARG A 585 6.45 -1.96 13.70
N VAL A 586 7.78 -1.87 13.89
CA VAL A 586 8.70 -3.02 13.97
C VAL A 586 9.61 -2.67 15.12
N ASN A 587 9.99 -3.68 15.89
CA ASN A 587 10.80 -3.48 17.12
C ASN A 587 12.31 -3.70 16.85
N PRO A 588 13.18 -2.98 17.57
CA PRO A 588 14.59 -3.02 17.31
C PRO A 588 15.31 -4.24 17.95
N GLY A 589 16.49 -4.54 17.44
CA GLY A 589 17.31 -5.60 17.96
C GLY A 589 18.21 -5.14 19.09
N LYS A 590 19.43 -5.67 19.06
CA LYS A 590 20.49 -5.42 20.06
C LYS A 590 21.84 -5.29 19.35
N THR A 591 22.75 -4.49 19.91
CA THR A 591 24.06 -4.28 19.26
C THR A 591 24.78 -5.59 19.34
N PRO A 592 25.40 -6.01 18.22
CA PRO A 592 26.22 -7.18 18.22
C PRO A 592 27.70 -6.84 18.40
N PHE A 593 27.99 -5.61 18.83
CA PHE A 593 29.31 -5.26 19.27
C PHE A 593 29.28 -4.14 20.37
N THR A 594 30.42 -3.97 21.04
CA THR A 594 30.55 -3.01 22.13
C THR A 594 30.71 -1.58 21.58
N TRP A 595 30.06 -0.60 22.20
CA TRP A 595 30.29 0.82 21.90
C TRP A 595 31.04 1.34 23.08
N GLY A 596 32.33 1.47 22.90
CA GLY A 596 33.22 1.93 23.95
C GLY A 596 33.43 3.41 23.94
N ARG A 597 34.07 3.89 24.98
CA ARG A 597 34.28 5.33 25.13
C ARG A 597 35.47 5.80 24.30
N ALA A 598 36.49 4.96 24.23
CA ALA A 598 37.73 5.31 23.55
C ALA A 598 38.26 4.09 22.80
N ARG A 599 39.05 4.34 21.76
CA ARG A 599 39.61 3.31 20.89
C ARG A 599 40.44 2.31 21.64
N ASP A 600 41.37 2.81 22.44
CA ASP A 600 42.23 1.98 23.29
C ASP A 600 41.44 0.97 24.12
N ASP A 601 40.21 1.31 24.49
CA ASP A 601 39.36 0.33 25.19
C ASP A 601 39.16 -0.99 24.44
N TYR A 602 39.20 -0.97 23.11
CA TYR A 602 39.04 -2.19 22.32
C TYR A 602 40.29 -3.07 22.28
N GLY A 603 41.46 -2.49 22.50
CA GLY A 603 42.71 -3.23 22.36
C GLY A 603 42.93 -3.62 20.92
N ALA A 604 43.82 -4.57 20.71
CA ALA A 604 44.08 -5.05 19.34
C ALA A 604 44.19 -3.91 18.31
N PRO A 605 45.23 -3.06 18.44
CA PRO A 605 45.46 -2.01 17.47
C PRO A 605 45.85 -2.60 16.15
N LEU A 606 45.61 -1.86 15.08
CA LEU A 606 45.92 -2.33 13.73
C LEU A 606 47.42 -2.18 13.47
N ILE A 607 47.99 -3.15 12.78
CA ILE A 607 49.36 -3.03 12.32
C ILE A 607 49.33 -2.29 10.98
N VAL A 608 49.63 -0.99 11.02
CA VAL A 608 49.69 -0.14 9.79
C VAL A 608 51.10 0.24 9.36
N LYS A 609 52.12 -0.10 10.15
CA LYS A 609 53.53 0.02 9.79
C LYS A 609 54.20 -1.36 9.98
N PRO A 610 55.09 -1.76 9.04
CA PRO A 610 55.92 -2.98 9.23
C PRO A 610 56.61 -2.99 10.59
N ASN A 611 56.54 -4.13 11.27
CA ASN A 611 57.14 -4.33 12.59
C ASN A 611 58.12 -5.51 12.58
N ASN A 612 58.57 -5.89 11.38
CA ASN A 612 59.54 -7.01 11.17
C ASN A 612 60.54 -6.72 10.05
N GLY A 613 61.00 -5.48 9.99
CA GLY A 613 61.93 -5.06 8.95
C GLY A 613 61.35 -5.15 7.54
N LYS A 614 61.94 -6.02 6.73
CA LYS A 614 61.48 -6.26 5.37
C LYS A 614 60.84 -7.63 5.25
N GLY A 615 60.68 -8.34 6.37
CA GLY A 615 59.96 -9.62 6.40
C GLY A 615 58.45 -9.43 6.62
N ALA A 616 57.71 -10.53 6.61
CA ALA A 616 56.27 -10.51 6.90
C ALA A 616 56.03 -9.83 8.25
N PRO A 617 55.13 -8.84 8.29
CA PRO A 617 54.80 -8.25 9.61
C PRO A 617 54.18 -9.28 10.54
N GLN A 618 54.24 -9.03 11.85
CA GLN A 618 53.90 -10.05 12.81
C GLN A 618 52.79 -9.58 13.74
N GLN A 619 51.63 -10.19 13.54
CA GLN A 619 50.45 -9.86 14.29
C GLN A 619 50.25 -10.94 15.32
N ASP A 620 50.70 -10.68 16.54
CA ASP A 620 50.54 -11.57 17.69
C ASP A 620 49.22 -11.33 18.42
N PHE A 621 48.41 -12.38 18.51
CA PHE A 621 47.15 -12.34 19.20
C PHE A 621 47.46 -12.59 20.69
N THR A 622 48.27 -11.70 21.25
CA THR A 622 48.58 -11.68 22.68
C THR A 622 47.34 -11.56 23.61
N GLU A 623 46.32 -10.86 23.15
CA GLU A 623 45.07 -10.71 23.90
C GLU A 623 44.32 -12.05 24.20
N GLY A 624 44.60 -13.08 23.37
CA GLY A 624 43.93 -14.36 23.49
C GLY A 624 42.46 -14.25 23.14
N ILE A 625 41.61 -14.81 23.99
CA ILE A 625 40.18 -14.71 23.73
C ILE A 625 39.65 -13.30 23.99
N PHE A 626 40.47 -12.45 24.61
CA PHE A 626 40.00 -11.16 25.11
C PHE A 626 39.91 -10.04 24.06
N ILE A 627 38.83 -10.14 23.28
CA ILE A 627 38.38 -9.12 22.31
C ILE A 627 36.96 -8.69 22.67
N ASP A 628 36.55 -7.55 22.11
CA ASP A 628 35.25 -6.93 22.33
C ASP A 628 34.81 -7.15 23.77
N TYR A 629 33.63 -7.71 24.06
CA TYR A 629 33.13 -7.61 25.44
C TYR A 629 33.90 -8.43 26.48
N ARG A 630 34.61 -9.44 26.04
CA ARG A 630 35.41 -10.23 26.96
C ARG A 630 36.52 -9.38 27.50
N ARG A 631 37.13 -8.55 26.67
CA ARG A 631 38.14 -7.58 27.13
C ARG A 631 37.59 -6.55 28.12
N PHE A 632 36.45 -5.95 27.78
CA PHE A 632 35.81 -4.90 28.58
C PHE A 632 35.43 -5.47 29.94
N ASP A 633 34.81 -6.66 29.92
CA ASP A 633 34.53 -7.38 31.14
C ASP A 633 35.80 -7.70 31.99
N LYS A 634 36.86 -8.20 31.36
CA LYS A 634 38.06 -8.62 32.10
C LYS A 634 38.74 -7.46 32.82
N TYR A 635 38.96 -6.36 32.11
CA TYR A 635 39.64 -5.18 32.66
C TYR A 635 38.72 -4.15 33.34
N ASN A 636 37.44 -4.47 33.54
CA ASN A 636 36.47 -3.56 34.19
C ASN A 636 36.35 -2.19 33.46
N ILE A 637 36.42 -2.20 32.13
CA ILE A 637 36.23 -1.01 31.31
C ILE A 637 34.72 -0.88 31.08
N THR A 638 34.17 0.32 31.32
CA THR A 638 32.74 0.51 31.23
C THR A 638 32.46 1.02 29.84
N PRO A 639 31.70 0.25 29.05
CA PRO A 639 31.40 0.78 27.72
C PRO A 639 30.24 1.78 27.83
N ILE A 640 30.03 2.58 26.81
CA ILE A 640 28.82 3.40 26.71
C ILE A 640 27.58 2.50 26.54
N TYR A 641 27.68 1.56 25.61
CA TYR A 641 26.67 0.55 25.32
C TYR A 641 27.39 -0.80 25.16
N GLU A 642 26.90 -1.79 25.87
CA GLU A 642 27.59 -3.03 25.98
C GLU A 642 27.11 -3.94 24.89
N PHE A 643 27.91 -4.94 24.55
CA PHE A 643 27.44 -6.04 23.69
C PHE A 643 26.13 -6.63 24.17
N GLY A 644 25.26 -6.90 23.22
CA GLY A 644 23.94 -7.45 23.49
C GLY A 644 22.90 -6.44 23.98
N PHE A 645 23.27 -5.16 24.05
CA PHE A 645 22.33 -4.15 24.55
C PHE A 645 21.44 -3.52 23.48
N GLY A 646 20.24 -3.20 23.92
CA GLY A 646 19.29 -2.47 23.07
C GLY A 646 18.02 -2.19 23.84
N LEU A 647 17.39 -1.04 23.56
CA LEU A 647 16.17 -0.69 24.24
C LEU A 647 15.01 -1.26 23.44
N SER A 648 13.89 -1.41 24.13
CA SER A 648 12.61 -1.75 23.52
C SER A 648 11.62 -0.62 23.72
N TYR A 649 10.52 -0.70 22.99
CA TYR A 649 9.43 0.24 23.12
C TYR A 649 8.51 -0.14 24.26
N THR A 650 8.85 -1.22 24.97
CA THR A 650 8.21 -1.66 26.20
C THR A 650 9.25 -2.12 27.23
N THR A 651 8.82 -2.72 28.33
CA THR A 651 9.75 -3.32 29.28
C THR A 651 9.52 -4.83 29.49
N PHE A 652 10.63 -5.51 29.79
CA PHE A 652 10.64 -6.95 30.10
C PHE A 652 11.29 -7.27 31.45
N GLU A 653 10.79 -8.33 32.08
CA GLU A 653 11.36 -8.82 33.33
C GLU A 653 11.62 -10.31 33.24
N PHE A 654 12.68 -10.72 33.93
CA PHE A 654 13.20 -12.11 33.87
C PHE A 654 12.98 -12.72 35.22
N SER A 655 12.34 -13.88 35.28
CA SER A 655 12.10 -14.54 36.57
C SER A 655 12.22 -16.06 36.49
N GLN A 656 12.33 -16.69 37.67
CA GLN A 656 12.33 -18.14 37.86
C GLN A 656 13.44 -18.80 37.03
N LEU A 657 14.70 -18.44 37.28
CA LEU A 657 15.80 -19.15 36.63
C LEU A 657 15.87 -20.56 37.22
N ASN A 658 16.00 -21.55 36.34
CA ASN A 658 16.19 -22.94 36.72
C ASN A 658 17.20 -23.67 35.81
N VAL A 659 18.31 -24.14 36.38
CA VAL A 659 19.32 -24.83 35.64
C VAL A 659 19.30 -26.29 36.06
N GLN A 660 18.86 -27.17 35.16
CA GLN A 660 18.59 -28.57 35.47
C GLN A 660 19.71 -29.44 34.84
N PRO A 661 20.61 -30.03 35.66
CA PRO A 661 21.63 -30.89 35.05
C PRO A 661 21.03 -32.12 34.35
N ILE A 662 21.61 -32.45 33.21
CA ILE A 662 21.24 -33.66 32.50
C ILE A 662 22.36 -34.66 32.78
N ASN A 663 21.96 -35.91 32.88
CA ASN A 663 22.88 -37.00 33.15
C ASN A 663 23.56 -37.38 31.83
N ALA A 664 24.52 -36.58 31.44
CA ALA A 664 25.21 -36.79 30.20
C ALA A 664 26.07 -38.05 30.33
N PRO A 665 26.08 -38.93 29.30
CA PRO A 665 27.13 -39.98 29.31
C PRO A 665 28.48 -39.28 29.31
N PRO A 666 29.50 -39.80 30.03
CA PRO A 666 30.82 -39.11 30.10
C PRO A 666 31.44 -38.89 28.73
N TYR A 667 32.33 -37.91 28.64
CA TYR A 667 32.98 -37.58 27.36
C TYR A 667 33.86 -38.73 26.84
N THR A 668 33.55 -39.20 25.63
CA THR A 668 34.29 -40.24 24.92
C THR A 668 35.18 -39.65 23.84
N PRO A 669 36.48 -39.42 24.13
CA PRO A 669 37.41 -39.09 23.02
C PRO A 669 37.28 -40.08 21.87
N ALA A 670 37.33 -39.59 20.64
CA ALA A 670 37.32 -40.47 19.49
C ALA A 670 38.64 -41.27 19.37
N SER A 671 38.52 -42.42 18.73
CA SER A 671 39.64 -43.34 18.53
C SER A 671 39.36 -44.14 17.26
N GLY A 672 40.25 -45.07 16.93
CA GLY A 672 40.12 -45.82 15.71
C GLY A 672 40.83 -45.14 14.55
N PHE A 673 40.54 -45.61 13.34
CA PHE A 673 41.33 -45.30 12.16
C PHE A 673 40.44 -45.04 10.98
N THR A 674 40.93 -44.16 10.09
CA THR A 674 40.30 -43.97 8.79
C THR A 674 40.44 -45.20 7.89
N LYS A 675 39.63 -45.29 6.84
CA LYS A 675 39.93 -46.18 5.72
C LYS A 675 41.25 -45.76 5.09
N ALA A 676 41.82 -46.65 4.30
CA ALA A 676 42.98 -46.28 3.51
C ALA A 676 42.55 -45.38 2.37
N ALA A 677 43.39 -44.44 1.99
CA ALA A 677 43.13 -43.65 0.77
C ALA A 677 42.93 -44.51 -0.48
N GLN A 678 41.99 -44.09 -1.33
CA GLN A 678 41.67 -44.78 -2.59
C GLN A 678 41.99 -43.96 -3.84
N SER A 679 42.37 -44.69 -4.91
CA SER A 679 42.42 -44.12 -6.26
C SER A 679 41.20 -44.62 -7.02
N PHE A 680 40.49 -43.73 -7.71
CA PHE A 680 39.23 -44.12 -8.34
C PHE A 680 39.32 -44.64 -9.79
N GLY A 681 40.20 -44.03 -10.59
CA GLY A 681 40.63 -44.62 -11.90
C GLY A 681 41.96 -45.39 -11.87
N GLN A 682 42.39 -45.79 -13.09
CA GLN A 682 43.73 -46.35 -13.35
C GLN A 682 44.73 -45.19 -13.57
N PRO A 683 46.04 -45.42 -13.33
CA PRO A 683 47.04 -44.36 -13.56
C PRO A 683 47.15 -43.85 -15.04
N SER A 684 47.35 -42.55 -15.19
CA SER A 684 47.28 -41.90 -16.48
C SER A 684 48.67 -41.95 -17.07
N ASN A 685 48.77 -41.84 -18.38
CA ASN A 685 50.05 -41.67 -19.07
C ASN A 685 50.10 -40.29 -19.73
N ALA A 686 51.24 -39.61 -19.58
CA ALA A 686 51.54 -38.33 -20.25
C ALA A 686 51.07 -38.26 -21.72
N SER A 687 51.24 -39.36 -22.42
CA SER A 687 50.73 -39.50 -23.78
C SER A 687 49.21 -39.15 -23.92
N ASP A 688 48.37 -39.41 -22.90
CA ASP A 688 46.93 -39.06 -22.93
C ASP A 688 46.60 -37.67 -22.37
N ASN A 689 47.60 -36.85 -22.06
CA ASN A 689 47.41 -35.53 -21.47
C ASN A 689 47.98 -34.37 -22.28
N LEU A 690 48.13 -34.58 -23.58
CA LEU A 690 48.56 -33.54 -24.52
C LEU A 690 47.37 -32.65 -24.92
N TYR A 691 47.66 -31.43 -25.34
CA TYR A 691 46.62 -30.59 -25.88
C TYR A 691 45.98 -31.32 -27.05
N PRO A 692 44.64 -31.50 -27.04
CA PRO A 692 44.03 -32.07 -28.23
C PRO A 692 44.20 -31.11 -29.40
N SER A 693 44.39 -31.65 -30.62
CA SER A 693 44.66 -30.81 -31.83
C SER A 693 43.52 -29.79 -32.13
N ASP A 694 42.25 -30.21 -31.97
CA ASP A 694 41.08 -29.35 -32.23
C ASP A 694 40.82 -28.17 -31.23
N ILE A 695 41.70 -27.98 -30.25
CA ILE A 695 41.60 -26.91 -29.25
C ILE A 695 42.38 -25.71 -29.79
N GLU A 696 41.70 -24.56 -29.91
CA GLU A 696 42.36 -23.25 -30.09
C GLU A 696 42.74 -22.70 -28.72
N ARG A 697 44.03 -22.65 -28.48
CA ARG A 697 44.56 -22.24 -27.20
C ARG A 697 44.43 -20.74 -26.98
N VAL A 698 43.64 -20.36 -25.99
CA VAL A 698 43.41 -18.98 -25.70
C VAL A 698 44.62 -18.44 -24.91
N PRO A 699 45.13 -17.27 -25.31
CA PRO A 699 46.25 -16.70 -24.57
C PRO A 699 45.92 -16.43 -23.11
N LEU A 700 46.79 -16.90 -22.24
CA LEU A 700 46.75 -16.67 -20.81
C LEU A 700 45.66 -17.48 -20.15
N TYR A 701 45.06 -18.39 -20.92
CA TYR A 701 44.03 -19.25 -20.42
C TYR A 701 44.70 -20.45 -19.73
N ILE A 702 44.17 -20.86 -18.56
CA ILE A 702 44.71 -21.99 -17.80
C ILE A 702 44.03 -23.31 -18.15
N TYR A 703 44.85 -24.22 -18.67
CA TYR A 703 44.43 -25.50 -19.18
C TYR A 703 45.12 -26.62 -18.33
N PRO A 704 44.58 -27.86 -18.36
CA PRO A 704 45.23 -29.01 -17.63
C PRO A 704 46.36 -29.71 -18.41
N TRP A 705 46.50 -29.39 -19.69
CA TRP A 705 47.30 -30.19 -20.61
C TRP A 705 48.81 -29.84 -20.66
N LEU A 706 49.54 -30.76 -21.25
CA LEU A 706 50.97 -30.73 -21.39
C LEU A 706 51.36 -30.43 -22.88
N ASN A 707 52.31 -29.53 -23.07
CA ASN A 707 52.94 -29.30 -24.38
C ASN A 707 53.46 -30.61 -25.03
N SER A 708 54.04 -31.49 -24.23
CA SER A 708 54.61 -32.73 -24.71
C SER A 708 54.69 -33.79 -23.60
N THR A 709 55.09 -35.00 -23.96
CA THR A 709 55.38 -36.05 -23.00
C THR A 709 56.63 -35.76 -22.12
N ASP A 710 57.42 -34.74 -22.43
CA ASP A 710 58.54 -34.36 -21.56
C ASP A 710 57.99 -33.51 -20.40
N LEU A 711 58.05 -34.07 -19.19
CA LEU A 711 57.29 -33.51 -18.11
C LEU A 711 57.93 -32.23 -17.58
N LYS A 712 59.26 -32.24 -17.55
CA LYS A 712 60.04 -31.07 -17.12
C LYS A 712 59.78 -29.85 -17.99
N ALA A 713 59.79 -30.09 -19.29
CA ALA A 713 59.67 -29.03 -20.27
C ALA A 713 58.24 -28.48 -20.27
N SER A 714 57.25 -29.37 -20.18
CA SER A 714 55.85 -28.95 -20.06
C SER A 714 55.50 -28.20 -18.74
N ALA A 715 56.25 -28.41 -17.66
CA ALA A 715 56.00 -27.64 -16.43
C ALA A 715 56.68 -26.29 -16.42
N ASN A 716 57.85 -26.19 -17.05
CA ASN A 716 58.55 -24.93 -17.15
C ASN A 716 58.83 -24.23 -15.80
N ASP A 717 59.22 -25.02 -14.80
CA ASP A 717 59.40 -24.58 -13.42
C ASP A 717 60.89 -24.49 -13.14
N PRO A 718 61.42 -23.32 -12.80
CA PRO A 718 62.89 -23.23 -12.56
C PRO A 718 63.47 -24.24 -11.57
N ASP A 719 62.67 -24.62 -10.56
CA ASP A 719 63.07 -25.55 -9.47
C ASP A 719 62.66 -27.04 -9.67
N TYR A 720 62.21 -27.39 -10.88
CA TYR A 720 61.68 -28.74 -11.19
C TYR A 720 62.71 -29.82 -10.94
N GLY A 721 62.30 -30.87 -10.23
CA GLY A 721 63.02 -32.16 -10.27
C GLY A 721 63.45 -32.79 -8.97
N LEU A 722 63.28 -32.09 -7.84
CA LEU A 722 63.71 -32.64 -6.55
C LEU A 722 62.85 -33.84 -6.16
N PRO A 723 63.47 -34.78 -5.42
CA PRO A 723 62.63 -35.81 -4.82
C PRO A 723 61.86 -35.23 -3.60
N THR A 724 60.63 -35.71 -3.44
CA THR A 724 59.73 -35.26 -2.42
C THR A 724 60.35 -34.99 -1.03
N GLU A 725 61.20 -35.90 -0.56
CA GLU A 725 61.85 -35.81 0.76
C GLU A 725 62.57 -34.48 0.99
N LYS A 726 63.17 -33.94 -0.08
CA LYS A 726 63.92 -32.69 -0.04
C LYS A 726 63.13 -31.37 0.04
N TYR A 727 61.84 -31.36 -0.32
CA TYR A 727 61.08 -30.08 -0.25
C TYR A 727 59.68 -30.18 0.38
N VAL A 728 59.34 -31.37 0.89
CA VAL A 728 57.99 -31.70 1.38
C VAL A 728 58.13 -32.41 2.74
N PRO A 729 57.28 -32.04 3.73
CA PRO A 729 57.49 -32.64 5.07
C PRO A 729 57.12 -34.15 5.13
N PRO A 730 57.54 -34.85 6.22
CA PRO A 730 57.25 -36.28 6.41
C PRO A 730 55.76 -36.62 6.34
N ASN A 731 55.46 -37.81 5.84
CA ASN A 731 54.09 -38.36 5.73
C ASN A 731 53.09 -37.64 4.86
N ALA A 732 53.55 -36.68 4.03
CA ALA A 732 52.68 -35.96 3.07
C ALA A 732 52.07 -36.87 2.04
N THR A 733 52.71 -38.01 1.80
CA THR A 733 52.27 -38.95 0.78
C THR A 733 51.78 -40.26 1.40
N ASN A 734 51.54 -40.27 2.70
CA ASN A 734 51.10 -41.48 3.38
C ASN A 734 49.61 -41.71 3.10
N GLY A 735 49.30 -42.74 2.34
CA GLY A 735 47.91 -43.11 2.03
C GLY A 735 47.28 -44.17 2.94
N ASP A 736 47.97 -44.56 3.99
CA ASP A 736 47.50 -45.63 4.84
C ASP A 736 46.57 -45.12 5.91
N PRO A 737 45.82 -46.03 6.55
CA PRO A 737 44.81 -45.58 7.51
C PRO A 737 45.38 -44.67 8.58
N GLN A 738 44.70 -43.56 8.87
CA GLN A 738 45.17 -42.62 9.87
C GLN A 738 44.39 -42.63 11.21
N PRO A 739 45.07 -42.24 12.30
CA PRO A 739 44.36 -41.98 13.53
C PRO A 739 43.31 -40.89 13.35
N ILE A 740 42.08 -41.26 13.71
CA ILE A 740 40.97 -40.33 13.91
C ILE A 740 41.33 -39.39 15.05
N ASP A 741 41.07 -38.10 14.88
CA ASP A 741 41.46 -37.07 15.88
C ASP A 741 40.59 -37.30 17.12
N PRO A 742 41.18 -37.33 18.34
CA PRO A 742 40.33 -37.55 19.54
C PRO A 742 39.19 -36.50 19.79
N ALA A 743 39.39 -35.28 19.22
CA ALA A 743 38.42 -34.17 19.27
C ALA A 743 37.59 -34.09 18.00
N GLY A 744 37.76 -35.06 17.11
CA GLY A 744 37.05 -35.14 15.82
C GLY A 744 36.13 -36.35 15.82
N GLY A 745 35.74 -36.80 14.64
CA GLY A 745 34.86 -37.96 14.49
C GLY A 745 33.66 -37.71 13.60
N ALA A 746 33.27 -36.45 13.48
CA ALA A 746 32.13 -36.01 12.65
C ALA A 746 32.28 -34.52 12.29
N PRO A 747 31.49 -34.06 11.29
CA PRO A 747 31.56 -32.64 10.92
C PRO A 747 31.16 -31.73 12.08
N GLY A 748 32.08 -30.88 12.52
CA GLY A 748 31.92 -30.03 13.66
C GLY A 748 32.63 -30.50 14.91
N GLY A 749 33.22 -31.70 14.84
CA GLY A 749 33.93 -32.25 15.98
C GLY A 749 33.19 -33.45 16.51
N ASN A 750 33.86 -34.10 17.45
CA ASN A 750 33.39 -35.31 18.15
C ASN A 750 31.94 -35.15 18.58
N PRO A 751 31.01 -36.02 18.10
CA PRO A 751 29.61 -35.95 18.53
C PRO A 751 29.41 -35.88 20.06
N SER A 752 30.27 -36.52 20.81
CA SER A 752 30.18 -36.49 22.26
C SER A 752 30.30 -35.06 22.81
N LEU A 753 30.90 -34.12 22.05
CA LEU A 753 30.89 -32.68 22.44
C LEU A 753 29.54 -32.03 22.42
N TYR A 754 28.66 -32.52 21.59
CA TYR A 754 27.34 -31.93 21.46
C TYR A 754 26.23 -32.63 22.32
N GLU A 755 26.61 -33.52 23.22
CA GLU A 755 25.71 -34.13 24.19
C GLU A 755 25.16 -33.05 25.15
N PRO A 756 23.84 -33.02 25.37
CA PRO A 756 23.26 -32.07 26.33
C PRO A 756 23.73 -32.32 27.77
N VAL A 757 24.08 -31.25 28.48
CA VAL A 757 24.49 -31.35 29.86
C VAL A 757 23.55 -30.56 30.82
N ALA A 758 22.69 -29.72 30.28
CA ALA A 758 21.89 -28.89 31.12
C ALA A 758 20.75 -28.29 30.34
N ARG A 759 19.66 -28.08 31.06
CA ARG A 759 18.44 -27.51 30.54
C ARG A 759 18.20 -26.29 31.38
N VAL A 760 18.15 -25.16 30.72
CA VAL A 760 17.95 -23.89 31.34
C VAL A 760 16.59 -23.36 30.88
N THR A 761 15.72 -23.14 31.86
CA THR A 761 14.47 -22.46 31.66
C THR A 761 14.44 -21.16 32.50
N THR A 762 13.79 -20.12 31.94
CA THR A 762 13.55 -18.85 32.60
C THR A 762 12.27 -18.24 32.04
N ILE A 763 11.54 -17.51 32.89
CA ILE A 763 10.33 -16.80 32.47
C ILE A 763 10.64 -15.36 32.04
N ILE A 764 10.23 -15.01 30.81
CA ILE A 764 10.26 -13.62 30.33
C ILE A 764 8.83 -13.09 30.22
N THR A 765 8.62 -11.89 30.79
CA THR A 765 7.32 -11.23 30.88
C THR A 765 7.42 -9.81 30.34
N ASN A 766 6.49 -9.47 29.44
CA ASN A 766 6.27 -8.07 28.99
C ASN A 766 5.46 -7.32 30.07
N THR A 767 6.20 -6.59 30.92
CA THR A 767 5.64 -5.79 31.99
C THR A 767 5.21 -4.37 31.56
N GLY A 768 5.31 -4.04 30.27
CA GLY A 768 4.88 -2.74 29.77
C GLY A 768 3.53 -2.75 29.04
N LYS A 769 3.30 -1.68 28.28
CA LYS A 769 1.98 -1.37 27.72
C LYS A 769 1.86 -1.78 26.26
N VAL A 770 2.98 -1.85 25.54
CA VAL A 770 2.91 -2.18 24.12
C VAL A 770 3.60 -3.52 23.89
N THR A 771 3.14 -4.22 22.87
CA THR A 771 3.82 -5.38 22.32
C THR A 771 5.27 -5.05 21.92
N GLY A 772 6.18 -6.01 22.10
CA GLY A 772 7.56 -5.78 21.72
C GLY A 772 8.37 -7.04 21.58
N ASP A 773 9.62 -6.87 21.16
CA ASP A 773 10.54 -7.98 21.05
C ASP A 773 11.59 -7.93 22.14
N GLU A 774 11.90 -9.09 22.72
CA GLU A 774 13.07 -9.22 23.57
C GLU A 774 14.05 -10.20 22.90
N VAL A 775 15.36 -9.94 23.11
CA VAL A 775 16.41 -10.93 22.87
C VAL A 775 17.01 -11.43 24.20
N PRO A 776 16.40 -12.47 24.79
CA PRO A 776 17.04 -13.10 25.95
C PRO A 776 18.36 -13.71 25.62
N GLN A 777 19.27 -13.59 26.56
CA GLN A 777 20.64 -14.01 26.38
C GLN A 777 21.09 -14.85 27.57
N LEU A 778 21.79 -15.94 27.24
CA LEU A 778 22.35 -16.88 28.22
C LEU A 778 23.87 -16.77 28.20
N TYR A 779 24.47 -16.41 29.32
CA TYR A 779 25.93 -16.32 29.38
C TYR A 779 26.48 -17.33 30.37
N VAL A 780 27.65 -17.90 30.05
CA VAL A 780 28.29 -18.83 30.97
C VAL A 780 29.62 -18.30 31.47
N SER A 781 29.78 -18.35 32.79
CA SER A 781 31.09 -18.18 33.43
C SER A 781 31.75 -19.56 33.57
N LEU A 782 32.82 -19.82 32.80
CA LEU A 782 33.50 -21.12 32.89
C LEU A 782 34.29 -21.28 34.21
N GLY A 783 34.71 -20.18 34.82
CA GLY A 783 35.11 -20.17 36.23
C GLY A 783 36.58 -20.15 36.61
N GLY A 784 37.44 -20.50 35.65
CA GLY A 784 38.86 -20.53 35.88
C GLY A 784 39.46 -19.14 35.89
N PRO A 785 40.71 -19.03 36.41
CA PRO A 785 41.36 -17.75 36.56
C PRO A 785 41.59 -17.06 35.24
N ASP A 786 41.78 -17.81 34.15
CA ASP A 786 42.13 -17.22 32.86
C ASP A 786 40.95 -17.19 31.86
N ASP A 787 39.79 -17.68 32.27
CA ASP A 787 38.56 -17.54 31.52
C ASP A 787 38.03 -16.09 31.50
N ALA A 788 37.25 -15.77 30.47
CA ALA A 788 36.47 -14.54 30.47
C ALA A 788 35.44 -14.65 31.61
N PRO A 789 35.07 -13.51 32.25
CA PRO A 789 34.06 -13.58 33.33
C PRO A 789 32.71 -14.16 32.87
N LYS A 790 32.36 -13.99 31.60
CA LYS A 790 31.16 -14.64 30.97
C LYS A 790 31.25 -14.64 29.45
N VAL A 791 30.85 -15.74 28.84
CA VAL A 791 30.80 -15.86 27.39
C VAL A 791 29.38 -16.23 27.00
N LEU A 792 28.93 -15.65 25.89
CA LEU A 792 27.62 -15.98 25.33
C LEU A 792 27.58 -17.45 24.95
N ARG A 793 26.49 -18.10 25.29
CA ARG A 793 26.24 -19.47 24.90
C ARG A 793 24.81 -19.71 24.43
N GLY A 794 23.92 -18.71 24.51
CA GLY A 794 22.58 -18.92 23.99
C GLY A 794 21.82 -17.63 23.84
N PHE A 795 20.87 -17.62 22.92
CA PHE A 795 20.03 -16.49 22.68
C PHE A 795 18.81 -16.93 21.90
N ASP A 796 17.80 -16.07 21.87
CA ASP A 796 16.64 -16.25 21.00
C ASP A 796 16.03 -14.83 20.82
N ARG A 797 15.00 -14.73 19.98
CA ARG A 797 14.25 -13.51 19.80
C ARG A 797 12.78 -13.88 19.88
N ILE A 798 12.09 -13.28 20.85
CA ILE A 798 10.67 -13.53 21.11
C ILE A 798 9.84 -12.24 21.01
N THR A 799 8.57 -12.38 20.60
CA THR A 799 7.60 -11.27 20.59
C THR A 799 6.58 -11.54 21.68
N LEU A 800 6.43 -10.60 22.61
CA LEU A 800 5.40 -10.68 23.66
C LEU A 800 4.40 -9.50 23.70
N ALA A 801 3.11 -9.83 23.68
CA ALA A 801 2.03 -8.84 23.96
C ALA A 801 2.13 -8.38 25.41
N PRO A 802 1.47 -7.26 25.77
CA PRO A 802 1.51 -6.78 27.15
C PRO A 802 0.95 -7.79 28.17
N GLY A 803 1.68 -7.95 29.28
CA GLY A 803 1.40 -8.94 30.29
C GLY A 803 1.73 -10.39 29.94
N GLN A 804 2.15 -10.68 28.69
CA GLN A 804 2.30 -12.07 28.27
C GLN A 804 3.55 -12.62 28.91
N GLN A 805 3.49 -13.88 29.32
CA GLN A 805 4.64 -14.56 29.91
C GLN A 805 5.10 -15.62 28.92
N TYR A 806 6.42 -15.82 28.84
CA TYR A 806 7.03 -16.89 28.05
C TYR A 806 8.15 -17.63 28.80
N LEU A 807 8.06 -18.95 28.82
CA LEU A 807 9.12 -19.83 29.29
C LEU A 807 10.16 -20.10 28.17
N TRP A 808 11.35 -19.51 28.33
CA TRP A 808 12.45 -19.71 27.40
C TRP A 808 13.23 -20.95 27.82
N THR A 809 13.36 -21.92 26.91
CA THR A 809 14.11 -23.13 27.21
C THR A 809 15.30 -23.18 26.24
N THR A 810 16.51 -23.25 26.81
CA THR A 810 17.78 -23.49 26.12
C THR A 810 18.42 -24.80 26.65
N THR A 811 18.94 -25.64 25.77
CA THR A 811 19.68 -26.83 26.19
C THR A 811 21.17 -26.59 25.94
N LEU A 812 22.00 -26.57 27.00
CA LEU A 812 23.43 -26.35 26.88
C LEU A 812 24.16 -27.66 26.56
N THR A 813 25.04 -27.65 25.55
CA THR A 813 25.88 -28.81 25.26
C THR A 813 27.17 -28.82 26.06
N ARG A 814 27.83 -29.98 26.02
CA ARG A 814 29.12 -30.16 26.65
C ARG A 814 30.14 -29.16 26.15
N ARG A 815 30.22 -28.98 24.83
CA ARG A 815 31.11 -27.97 24.23
C ARG A 815 30.88 -26.61 24.86
N ASP A 816 29.63 -26.30 25.16
CA ASP A 816 29.25 -25.01 25.81
C ASP A 816 29.91 -24.78 27.16
N ILE A 817 30.25 -25.86 27.85
CA ILE A 817 30.86 -25.68 29.18
C ILE A 817 32.31 -26.16 29.22
N SER A 818 32.91 -26.35 28.05
CA SER A 818 34.26 -26.90 27.97
C SER A 818 35.26 -25.80 27.75
N ASN A 819 36.53 -26.13 27.96
CA ASN A 819 37.69 -25.36 27.49
C ASN A 819 38.59 -26.23 26.59
N TRP A 820 39.38 -25.58 25.74
CA TRP A 820 40.33 -26.29 24.88
C TRP A 820 41.59 -26.49 25.68
N ASP A 821 42.05 -27.74 25.77
CA ASP A 821 43.25 -28.08 26.54
C ASP A 821 44.36 -28.43 25.55
N PRO A 822 45.37 -27.51 25.41
CA PRO A 822 46.46 -27.85 24.50
C PRO A 822 47.24 -29.14 24.89
N VAL A 823 47.28 -29.50 26.17
CA VAL A 823 48.05 -30.68 26.63
C VAL A 823 47.49 -31.95 26.04
N THR A 824 46.19 -32.15 26.23
CA THR A 824 45.55 -33.35 25.78
C THR A 824 44.97 -33.21 24.42
N GLN A 825 45.02 -32.01 23.84
CA GLN A 825 44.57 -31.80 22.43
C GLN A 825 43.10 -32.25 22.33
N ASN A 826 42.33 -31.79 23.33
CA ASN A 826 40.88 -32.05 23.32
C ASN A 826 40.15 -31.02 24.16
N TRP A 827 38.83 -31.06 24.06
CA TRP A 827 37.91 -30.27 24.90
C TRP A 827 37.66 -30.90 26.26
N VAL A 828 37.76 -30.11 27.32
CA VAL A 828 37.67 -30.61 28.71
C VAL A 828 36.72 -29.71 29.55
N VAL A 829 35.86 -30.31 30.35
CA VAL A 829 35.05 -29.58 31.34
C VAL A 829 35.99 -29.38 32.53
N THR A 830 36.47 -28.17 32.83
CA THR A 830 37.35 -28.00 33.99
C THR A 830 36.59 -28.22 35.33
N ASN A 831 37.36 -28.40 36.41
CA ASN A 831 36.78 -28.64 37.73
C ASN A 831 36.11 -27.38 38.30
N TYR A 832 36.47 -26.20 37.77
CA TYR A 832 35.95 -24.91 38.27
C TYR A 832 34.48 -24.86 38.02
N THR A 833 33.74 -24.31 38.99
CA THR A 833 32.28 -24.29 38.92
C THR A 833 31.83 -23.24 37.87
N LYS A 834 30.78 -23.62 37.14
CA LYS A 834 30.25 -22.83 36.05
C LYS A 834 29.06 -22.11 36.59
N THR A 835 28.87 -20.88 36.13
CA THR A 835 27.71 -20.06 36.53
C THR A 835 26.96 -19.63 35.26
N ILE A 836 25.66 -19.90 35.25
CA ILE A 836 24.79 -19.53 34.15
C ILE A 836 24.19 -18.20 34.52
N TYR A 837 24.20 -17.25 33.58
CA TYR A 837 23.58 -15.94 33.74
C TYR A 837 22.57 -15.74 32.62
N VAL A 838 21.44 -15.16 32.97
CA VAL A 838 20.33 -15.02 32.08
C VAL A 838 19.81 -13.59 32.15
N GLY A 839 19.46 -13.03 30.98
CA GLY A 839 19.05 -11.62 30.91
C GLY A 839 19.00 -11.11 29.50
N ASN A 840 19.19 -9.82 29.31
CA ASN A 840 18.99 -9.23 27.97
C ASN A 840 20.11 -8.34 27.43
N SER A 841 21.27 -8.43 28.05
CA SER A 841 22.47 -7.85 27.50
C SER A 841 23.63 -8.55 28.21
N SER A 842 24.85 -8.28 27.77
CA SER A 842 26.05 -8.82 28.40
C SER A 842 26.31 -8.25 29.77
N ARG A 843 25.62 -7.18 30.15
CA ARG A 843 25.71 -6.67 31.54
C ARG A 843 24.41 -6.60 32.34
N ASN A 844 23.26 -6.79 31.71
CA ASN A 844 22.01 -6.79 32.44
C ASN A 844 21.50 -8.24 32.60
N LEU A 845 22.04 -8.90 33.63
CA LEU A 845 21.88 -10.32 33.90
C LEU A 845 21.42 -10.52 35.37
N PRO A 846 20.17 -10.18 35.65
CA PRO A 846 19.65 -10.24 37.00
C PRO A 846 19.52 -11.63 37.61
N LEU A 847 19.57 -12.69 36.81
CA LEU A 847 19.45 -14.01 37.36
C LEU A 847 20.68 -14.87 37.07
N GLN A 848 21.16 -15.61 38.07
CA GLN A 848 22.28 -16.52 37.92
C GLN A 848 22.14 -17.72 38.81
N ALA A 849 22.74 -18.81 38.37
CA ALA A 849 22.70 -20.08 39.12
C ALA A 849 23.89 -20.90 38.73
N PRO A 850 24.53 -21.60 39.70
CA PRO A 850 25.61 -22.51 39.35
C PRO A 850 25.14 -23.69 38.52
N LEU A 851 26.02 -24.24 37.70
CA LEU A 851 25.72 -25.50 37.03
C LEU A 851 26.17 -26.60 37.96
N LYS A 852 25.19 -27.32 38.52
CA LYS A 852 25.47 -28.40 39.46
C LYS A 852 25.72 -29.69 38.69
N PRO A 853 26.53 -30.60 39.29
CA PRO A 853 26.66 -31.95 38.71
C PRO A 853 25.35 -32.72 38.93
N TYR A 854 25.04 -33.65 38.01
CA TYR A 854 23.82 -34.44 38.12
C TYR A 854 23.85 -35.30 39.38
N PRO A 855 22.91 -35.09 40.35
CA PRO A 855 22.93 -35.68 41.70
C PRO A 855 23.83 -36.91 41.95
N ASN B 21 12.60 65.96 -28.01
CA ASN B 21 13.66 65.00 -27.56
C ASN B 21 13.06 63.96 -26.60
N LEU B 22 12.89 64.35 -25.34
CA LEU B 22 12.66 63.43 -24.22
C LEU B 22 11.18 63.09 -24.14
N ALA B 23 10.87 61.82 -24.00
CA ALA B 23 9.47 61.40 -23.98
C ALA B 23 8.75 62.19 -22.90
N TYR B 24 7.55 62.63 -23.20
CA TYR B 24 6.78 63.46 -22.29
C TYR B 24 5.40 62.81 -22.01
N SER B 25 4.98 62.84 -20.72
CA SER B 25 3.69 62.29 -20.26
C SER B 25 2.75 63.43 -19.98
N PRO B 26 1.73 63.56 -20.84
CA PRO B 26 0.86 64.71 -20.67
C PRO B 26 0.04 64.62 -19.37
N PRO B 27 -0.45 65.78 -18.91
CA PRO B 27 -1.28 65.78 -17.72
C PRO B 27 -2.70 65.32 -18.04
N PHE B 28 -3.30 64.66 -17.05
CA PHE B 28 -4.73 64.46 -17.07
C PHE B 28 -5.26 64.64 -15.68
N TYR B 29 -6.08 65.67 -15.52
CA TYR B 29 -6.70 66.06 -14.26
C TYR B 29 -8.12 66.58 -14.46
N PRO B 30 -9.00 66.44 -13.46
CA PRO B 30 -8.83 65.89 -12.12
C PRO B 30 -8.82 64.36 -12.08
N SER B 31 -8.52 63.83 -10.89
CA SER B 31 -8.54 62.40 -10.65
C SER B 31 -9.98 61.92 -10.51
N PRO B 32 -10.45 61.09 -11.47
CA PRO B 32 -11.87 60.73 -11.38
C PRO B 32 -12.23 60.11 -10.07
N TRP B 33 -13.33 60.54 -9.50
CA TRP B 33 -13.86 60.04 -8.21
C TRP B 33 -14.80 58.87 -8.50
N ALA B 34 -14.89 57.95 -7.54
CA ALA B 34 -15.73 56.77 -7.69
C ALA B 34 -17.17 57.14 -7.93
N ASN B 35 -17.88 56.35 -8.74
CA ASN B 35 -19.24 56.70 -9.20
C ASN B 35 -20.45 55.82 -8.70
N GLY B 36 -20.20 54.79 -7.91
CA GLY B 36 -21.29 53.90 -7.43
C GLY B 36 -22.21 53.27 -8.47
N GLN B 37 -21.72 53.10 -9.70
CA GLN B 37 -22.52 52.48 -10.78
C GLN B 37 -22.29 50.99 -10.92
N GLY B 38 -23.32 50.31 -11.43
CA GLY B 38 -23.28 48.92 -11.80
C GLY B 38 -22.95 47.96 -10.67
N ASP B 39 -22.03 47.05 -10.95
CA ASP B 39 -21.56 46.04 -9.98
C ASP B 39 -20.85 46.65 -8.76
N TRP B 40 -20.54 47.95 -8.76
CA TRP B 40 -19.89 48.59 -7.62
C TRP B 40 -20.87 49.39 -6.73
N ALA B 41 -22.15 49.45 -7.11
CA ALA B 41 -23.13 50.29 -6.39
C ALA B 41 -23.31 49.88 -4.92
N GLU B 42 -23.42 48.58 -4.68
CA GLU B 42 -23.58 48.01 -3.35
C GLU B 42 -22.35 48.30 -2.49
N ALA B 43 -21.17 48.06 -3.01
CA ALA B 43 -19.96 48.25 -2.22
C ALA B 43 -19.64 49.71 -2.01
N TYR B 44 -20.02 50.55 -2.96
CA TYR B 44 -19.78 51.99 -2.86
C TYR B 44 -20.61 52.62 -1.77
N GLN B 45 -21.90 52.27 -1.74
CA GLN B 45 -22.80 52.70 -0.63
C GLN B 45 -22.23 52.37 0.76
N LYS B 46 -21.68 51.17 0.91
CA LYS B 46 -21.08 50.76 2.19
C LYS B 46 -19.77 51.52 2.46
N ALA B 47 -18.95 51.76 1.45
CA ALA B 47 -17.68 52.52 1.66
C ALA B 47 -17.97 53.95 2.10
N VAL B 48 -18.88 54.60 1.37
CA VAL B 48 -19.37 55.95 1.69
C VAL B 48 -19.91 56.02 3.11
N GLN B 49 -20.87 55.15 3.42
CA GLN B 49 -21.42 55.05 4.77
C GLN B 49 -20.32 54.93 5.86
N PHE B 50 -19.26 54.17 5.55
CA PHE B 50 -18.13 54.02 6.46
C PHE B 50 -17.29 55.27 6.52
N VAL B 51 -16.91 55.75 5.35
CA VAL B 51 -16.00 56.89 5.25
C VAL B 51 -16.57 58.20 5.82
N SER B 52 -17.88 58.34 5.73
CA SER B 52 -18.59 59.50 6.29
C SER B 52 -18.49 59.58 7.80
N GLN B 53 -18.22 58.46 8.47
CA GLN B 53 -18.03 58.46 9.92
C GLN B 53 -16.66 58.96 10.40
N LEU B 54 -15.68 59.11 9.53
CA LEU B 54 -14.26 59.18 9.91
C LEU B 54 -13.77 60.59 10.04
N THR B 55 -12.83 60.78 10.94
CA THR B 55 -12.02 62.02 10.97
C THR B 55 -10.98 62.03 9.85
N LEU B 56 -10.38 63.18 9.63
CA LEU B 56 -9.29 63.31 8.67
C LEU B 56 -8.16 62.33 8.94
N ALA B 57 -7.73 62.28 10.20
CA ALA B 57 -6.62 61.37 10.60
C ALA B 57 -6.89 59.87 10.32
N GLU B 58 -8.13 59.48 10.56
CA GLU B 58 -8.61 58.11 10.28
C GLU B 58 -8.56 57.83 8.78
N LYS B 59 -8.98 58.80 8.00
CA LYS B 59 -8.89 58.67 6.55
C LYS B 59 -7.45 58.56 6.12
N VAL B 60 -6.61 59.46 6.64
CA VAL B 60 -5.18 59.45 6.29
C VAL B 60 -4.55 58.08 6.53
N ASN B 61 -4.94 57.46 7.67
CA ASN B 61 -4.44 56.14 8.11
C ASN B 61 -4.73 55.03 7.10
N LEU B 62 -5.94 54.97 6.56
CA LEU B 62 -6.27 54.06 5.46
C LEU B 62 -5.34 54.15 4.24
N THR B 63 -4.83 55.35 3.94
CA THR B 63 -4.12 55.60 2.66
C THR B 63 -2.64 55.37 2.75
N THR B 64 -2.10 55.32 3.95
CA THR B 64 -0.66 55.26 4.14
C THR B 64 -0.22 54.05 4.99
N GLY B 65 0.67 53.22 4.43
CA GLY B 65 1.35 52.20 5.22
C GLY B 65 2.10 52.73 6.44
N THR B 66 2.30 51.87 7.44
CA THR B 66 2.80 52.30 8.74
C THR B 66 4.34 52.25 8.85
N GLY B 67 5.06 51.98 7.75
CA GLY B 67 6.52 51.96 7.70
C GLY B 67 7.00 50.53 7.44
N TRP B 68 8.09 50.37 6.67
CA TRP B 68 8.70 49.05 6.39
C TRP B 68 8.94 48.25 7.67
N GLU B 69 8.41 47.03 7.68
CA GLU B 69 8.57 46.09 8.77
C GLU B 69 8.08 46.60 10.10
N GLN B 70 7.08 47.46 10.11
CA GLN B 70 6.57 48.06 11.34
C GLN B 70 5.37 47.36 11.97
N ASP B 71 4.72 46.47 11.21
CA ASP B 71 3.61 45.63 11.72
C ASP B 71 3.77 44.18 11.19
N ARG B 72 2.69 43.43 10.94
CA ARG B 72 2.78 41.98 10.63
C ARG B 72 2.95 41.64 9.13
N CYS B 73 2.30 42.39 8.26
CA CYS B 73 2.28 42.05 6.87
C CYS B 73 3.26 42.87 6.08
N VAL B 74 3.55 42.41 4.88
CA VAL B 74 4.51 42.98 3.93
C VAL B 74 4.24 44.46 3.75
N GLY B 75 2.94 44.74 3.57
CA GLY B 75 2.40 46.08 3.74
C GLY B 75 1.16 46.13 4.61
N GLN B 76 1.10 47.13 5.47
CA GLN B 76 0.01 47.29 6.41
C GLN B 76 -0.28 48.77 6.69
N VAL B 77 -1.53 49.18 6.51
CA VAL B 77 -1.92 50.57 6.81
C VAL B 77 -2.40 50.70 8.29
N GLY B 78 -2.64 51.93 8.76
CA GLY B 78 -3.07 52.12 10.17
C GLY B 78 -4.46 51.60 10.50
N SER B 79 -4.71 51.38 11.78
CA SER B 79 -6.05 51.10 12.29
C SER B 79 -6.93 52.36 12.44
N ILE B 80 -8.22 52.09 12.61
CA ILE B 80 -9.24 52.99 13.08
C ILE B 80 -9.85 52.31 14.37
N PRO B 81 -9.14 52.41 15.51
CA PRO B 81 -9.57 51.78 16.74
C PRO B 81 -10.86 52.35 17.35
N ARG B 82 -11.21 53.59 17.00
CA ARG B 82 -12.48 54.16 17.46
C ARG B 82 -13.66 53.29 16.99
N LEU B 83 -13.52 52.66 15.82
CA LEU B 83 -14.54 51.76 15.26
C LEU B 83 -14.20 50.26 15.31
N GLY B 84 -13.15 49.85 16.00
CA GLY B 84 -12.77 48.41 16.01
C GLY B 84 -12.40 47.84 14.65
N PHE B 85 -11.82 48.70 13.80
CA PHE B 85 -11.36 48.34 12.46
C PHE B 85 -9.83 48.18 12.53
N PRO B 86 -9.29 46.97 12.31
CA PRO B 86 -7.85 46.73 12.49
C PRO B 86 -6.90 47.31 11.42
N GLY B 87 -7.48 47.78 10.32
CA GLY B 87 -6.71 48.29 9.20
C GLY B 87 -6.74 47.20 8.15
N LEU B 88 -5.73 47.23 7.30
CA LEU B 88 -5.67 46.29 6.19
C LEU B 88 -4.29 45.75 6.11
N CYS B 89 -4.27 44.45 5.91
CA CYS B 89 -3.07 43.67 5.63
C CYS B 89 -2.90 43.37 4.12
N MET B 90 -1.77 43.83 3.53
CA MET B 90 -1.39 43.48 2.15
C MET B 90 -0.24 42.45 2.09
N GLN B 91 -0.42 41.40 1.31
CA GLN B 91 0.54 40.28 1.34
C GLN B 91 0.84 39.66 0.03
N ASP B 92 2.12 39.60 -0.30
CA ASP B 92 2.57 38.79 -1.44
C ASP B 92 2.12 37.35 -1.23
N SER B 93 1.99 36.54 -2.30
CA SER B 93 2.42 36.85 -3.65
C SER B 93 1.38 36.35 -4.64
N PRO B 94 1.71 36.39 -5.96
CA PRO B 94 0.77 35.89 -6.92
C PRO B 94 0.60 34.41 -6.97
N LEU B 95 1.40 33.65 -6.22
CA LEU B 95 1.29 32.18 -6.25
C LEU B 95 1.21 31.52 -4.87
N GLY B 96 0.90 32.29 -3.81
CA GLY B 96 0.68 31.73 -2.48
C GLY B 96 0.77 32.80 -1.43
N VAL B 97 0.76 32.43 -0.16
CA VAL B 97 0.98 33.40 0.88
C VAL B 97 2.47 33.38 1.13
N ARG B 98 3.09 34.52 0.96
CA ARG B 98 4.54 34.64 1.13
C ARG B 98 4.94 34.80 2.57
N ASP B 99 6.12 34.30 2.92
CA ASP B 99 6.78 34.60 4.20
C ASP B 99 6.05 33.98 5.43
N THR B 100 5.39 32.83 5.26
CA THR B 100 4.67 32.19 6.37
C THR B 100 4.95 30.67 6.43
N ASP B 101 4.17 29.95 7.24
CA ASP B 101 4.26 28.47 7.37
C ASP B 101 2.89 27.80 7.11
N TYR B 102 2.89 26.51 6.90
CA TYR B 102 1.65 25.76 6.71
C TYR B 102 0.73 26.36 5.61
N ASN B 103 1.37 26.70 4.47
CA ASN B 103 0.72 27.24 3.29
C ASN B 103 1.19 26.41 2.12
N SER B 104 0.55 26.57 0.99
CA SER B 104 0.84 25.83 -0.19
C SER B 104 1.74 26.65 -1.12
N ALA B 105 2.40 25.98 -2.05
CA ALA B 105 3.18 26.72 -3.06
C ALA B 105 2.60 26.37 -4.39
N PHE B 106 1.96 27.33 -5.06
CA PHE B 106 1.20 27.01 -6.22
C PHE B 106 2.13 27.13 -7.41
N PRO B 107 1.70 26.59 -8.55
CA PRO B 107 2.42 26.89 -9.79
C PRO B 107 2.48 28.39 -10.22
N ALA B 108 3.50 28.76 -10.97
CA ALA B 108 3.71 30.12 -11.41
C ALA B 108 2.64 30.50 -12.36
N GLY B 109 2.40 31.80 -12.46
CA GLY B 109 1.64 32.33 -13.58
C GLY B 109 1.90 31.68 -14.96
N VAL B 110 3.16 31.57 -15.37
CA VAL B 110 3.41 31.04 -16.73
C VAL B 110 2.78 29.63 -17.01
N ASN B 111 2.73 28.81 -15.96
CA ASN B 111 2.10 27.49 -16.04
C ASN B 111 0.62 27.60 -16.12
N VAL B 112 0.02 28.53 -15.40
CA VAL B 112 -1.40 28.74 -15.57
C VAL B 112 -1.71 29.07 -17.03
N ALA B 113 -0.96 29.98 -17.60
CA ALA B 113 -1.15 30.33 -19.02
C ALA B 113 -1.02 29.11 -19.91
N ALA B 114 -0.04 28.24 -19.62
CA ALA B 114 0.18 27.06 -20.44
C ALA B 114 -0.93 26.00 -20.38
N THR B 115 -1.82 26.09 -19.39
CA THR B 115 -3.01 25.24 -19.37
C THR B 115 -4.01 25.69 -20.42
N TRP B 116 -4.06 26.99 -20.72
CA TRP B 116 -5.09 27.54 -21.60
C TRP B 116 -6.49 27.21 -21.04
N ASP B 117 -6.57 27.06 -19.72
CA ASP B 117 -7.75 26.58 -19.05
C ASP B 117 -8.22 27.60 -17.98
N ARG B 118 -9.17 28.43 -18.39
CA ARG B 118 -9.73 29.47 -17.53
C ARG B 118 -10.30 28.91 -16.24
N ASN B 119 -10.99 27.77 -16.35
CA ASN B 119 -11.50 27.10 -15.17
C ASN B 119 -10.39 26.69 -14.21
N LEU B 120 -9.24 26.20 -14.70
CA LEU B 120 -8.11 25.89 -13.77
C LEU B 120 -7.59 27.12 -13.13
N ALA B 121 -7.61 28.22 -13.87
CA ALA B 121 -7.10 29.50 -13.38
C ALA B 121 -7.97 29.98 -12.23
N TYR B 122 -9.27 29.85 -12.43
CA TYR B 122 -10.27 30.21 -11.41
C TYR B 122 -10.08 29.44 -10.11
N ARG B 123 -9.96 28.11 -10.23
CA ARG B 123 -9.76 27.22 -9.08
C ARG B 123 -8.47 27.57 -8.29
N ARG B 124 -7.39 27.84 -9.02
CA ARG B 124 -6.13 28.34 -8.37
C ARG B 124 -6.37 29.62 -7.55
N GLY B 125 -7.03 30.58 -8.20
CA GLY B 125 -7.55 31.75 -7.57
C GLY B 125 -8.32 31.53 -6.28
N VAL B 126 -9.40 30.74 -6.35
CA VAL B 126 -10.21 30.43 -5.17
C VAL B 126 -9.29 29.89 -4.10
N ALA B 127 -8.42 28.93 -4.48
CA ALA B 127 -7.52 28.28 -3.52
C ALA B 127 -6.51 29.19 -2.88
N MET B 128 -5.88 30.06 -3.68
CA MET B 128 -4.95 31.05 -3.10
C MET B 128 -5.69 32.05 -2.18
N GLY B 129 -6.88 32.51 -2.61
CA GLY B 129 -7.70 33.39 -1.80
C GLY B 129 -8.05 32.77 -0.45
N GLU B 130 -8.35 31.46 -0.45
CA GLU B 130 -8.67 30.75 0.80
C GLU B 130 -7.47 30.76 1.73
N GLU B 131 -6.25 30.60 1.22
CA GLU B 131 -5.07 30.63 2.14
C GLU B 131 -4.75 32.02 2.72
N HIS B 132 -4.82 33.04 1.87
CA HIS B 132 -4.71 34.44 2.32
C HIS B 132 -5.78 34.78 3.34
N ARG B 133 -7.03 34.42 3.04
CA ARG B 133 -8.14 34.59 4.02
C ARG B 133 -7.88 33.97 5.39
N GLY B 134 -7.40 32.71 5.39
CA GLY B 134 -7.03 31.97 6.59
C GLY B 134 -5.92 32.62 7.44
N LYS B 135 -5.01 33.33 6.77
CA LYS B 135 -3.94 34.05 7.47
C LYS B 135 -4.36 35.41 8.02
N GLY B 136 -5.52 35.89 7.58
CA GLY B 136 -6.05 37.20 7.99
C GLY B 136 -5.75 38.31 7.00
N VAL B 137 -5.39 37.93 5.77
CA VAL B 137 -4.92 38.89 4.79
C VAL B 137 -6.12 39.54 4.10
N ASP B 138 -6.00 40.84 3.80
CA ASP B 138 -7.07 41.57 3.04
C ASP B 138 -6.83 41.68 1.57
N VAL B 139 -5.57 41.93 1.20
CA VAL B 139 -5.21 42.04 -0.21
C VAL B 139 -4.07 41.11 -0.54
N GLN B 140 -4.36 40.19 -1.46
CA GLN B 140 -3.31 39.42 -2.16
C GLN B 140 -2.74 40.27 -3.27
N LEU B 141 -1.43 40.46 -3.24
CA LEU B 141 -0.73 41.25 -4.24
C LEU B 141 -0.50 40.43 -5.50
N GLY B 142 -1.57 40.23 -6.26
CA GLY B 142 -1.48 39.61 -7.57
C GLY B 142 -2.90 39.41 -8.04
N PRO B 143 -3.06 38.96 -9.26
CA PRO B 143 -2.07 38.46 -10.21
C PRO B 143 -1.38 39.52 -11.05
N VAL B 144 -0.44 39.04 -11.86
CA VAL B 144 0.45 39.89 -12.63
C VAL B 144 0.02 39.96 -14.12
N ALA B 145 -0.37 41.14 -14.61
CA ALA B 145 -0.42 41.40 -16.06
C ALA B 145 0.67 42.31 -16.59
N GLY B 146 1.54 42.80 -15.70
CA GLY B 146 2.68 43.62 -16.07
C GLY B 146 3.86 43.24 -15.19
N PRO B 147 4.90 42.59 -15.77
CA PRO B 147 5.21 42.34 -17.17
C PRO B 147 4.30 41.40 -17.96
N LEU B 148 4.12 41.80 -19.20
CA LEU B 148 3.40 41.06 -20.15
C LEU B 148 4.36 40.10 -20.84
N GLY B 149 5.64 40.48 -20.89
CA GLY B 149 6.68 39.65 -21.53
C GLY B 149 7.26 40.17 -22.84
N ARG B 150 7.42 41.48 -22.95
CA ARG B 150 8.11 42.13 -24.07
C ARG B 150 9.46 41.46 -24.39
N SER B 151 10.27 41.26 -23.35
CA SER B 151 11.56 40.59 -23.50
C SER B 151 11.56 39.18 -22.91
N PRO B 152 12.02 38.19 -23.67
CA PRO B 152 12.00 36.84 -23.08
C PRO B 152 12.95 36.64 -21.89
N ASP B 153 14.00 37.47 -21.79
CA ASP B 153 14.98 37.32 -20.72
C ASP B 153 14.70 38.19 -19.47
N ALA B 154 13.56 38.89 -19.47
CA ALA B 154 13.21 39.73 -18.33
C ALA B 154 12.85 38.88 -17.14
N GLY B 155 13.33 39.31 -16.00
CA GLY B 155 13.43 38.47 -14.81
C GLY B 155 12.15 37.88 -14.25
N ARG B 156 11.03 38.56 -14.43
CA ARG B 156 9.82 38.24 -13.70
C ARG B 156 8.63 37.81 -14.57
N ASN B 157 8.86 37.51 -15.86
CA ASN B 157 7.76 37.21 -16.77
C ASN B 157 7.01 35.97 -16.32
N TRP B 158 7.75 35.02 -15.72
CA TRP B 158 7.19 33.84 -15.13
C TRP B 158 6.09 34.14 -14.10
N GLU B 159 6.18 35.25 -13.40
CA GLU B 159 5.08 35.63 -12.47
C GLU B 159 3.79 35.91 -13.20
N GLY B 160 3.93 36.41 -14.44
CA GLY B 160 2.79 36.79 -15.28
C GLY B 160 2.29 35.62 -16.06
N PHE B 161 1.62 35.86 -17.18
CA PHE B 161 1.00 34.74 -17.91
C PHE B 161 1.68 34.51 -19.25
N ALA B 162 1.47 35.43 -20.19
CA ALA B 162 1.97 35.25 -21.56
C ALA B 162 2.18 36.58 -22.27
N PRO B 163 3.03 36.62 -23.29
CA PRO B 163 3.20 37.80 -24.15
C PRO B 163 2.06 37.95 -25.17
N ASP B 164 0.84 37.98 -24.66
CA ASP B 164 -0.32 38.14 -25.54
C ASP B 164 -1.34 38.74 -24.63
N PRO B 165 -1.94 39.88 -25.02
CA PRO B 165 -2.94 40.49 -24.17
C PRO B 165 -4.21 39.64 -23.94
N VAL B 166 -4.66 38.79 -24.86
CA VAL B 166 -5.93 38.04 -24.70
C VAL B 166 -5.77 36.80 -23.80
N LEU B 167 -4.73 36.02 -24.02
CA LEU B 167 -4.46 34.91 -23.10
C LEU B 167 -4.25 35.49 -21.68
N THR B 168 -3.47 36.56 -21.58
CA THR B 168 -3.14 37.09 -20.30
C THR B 168 -4.36 37.67 -19.63
N GLY B 169 -5.10 38.47 -20.39
CA GLY B 169 -6.30 39.09 -19.90
C GLY B 169 -7.32 38.08 -19.38
N ASN B 170 -7.52 37.00 -20.12
CA ASN B 170 -8.48 35.98 -19.71
C ASN B 170 -8.04 35.24 -18.47
N MET B 171 -6.74 35.19 -18.18
CA MET B 171 -6.25 34.48 -17.01
C MET B 171 -6.31 35.39 -15.82
N MET B 172 -5.90 36.64 -16.01
CA MET B 172 -6.13 37.68 -14.99
C MET B 172 -7.58 37.67 -14.54
N ALA B 173 -8.49 37.65 -15.49
CA ALA B 173 -9.90 37.69 -15.15
C ALA B 173 -10.31 36.53 -14.24
N SER B 174 -10.01 35.31 -14.68
CA SER B 174 -10.42 34.12 -13.98
C SER B 174 -9.76 34.05 -12.63
N THR B 175 -8.48 34.41 -12.62
CA THR B 175 -7.71 34.38 -11.39
C THR B 175 -8.28 35.33 -10.36
N ILE B 176 -8.49 36.57 -10.80
CA ILE B 176 -9.05 37.61 -9.97
C ILE B 176 -10.43 37.16 -9.42
N GLN B 177 -11.28 36.62 -10.28
CA GLN B 177 -12.60 36.16 -9.83
C GLN B 177 -12.54 35.10 -8.76
N GLY B 178 -11.61 34.15 -8.91
CA GLY B 178 -11.34 33.18 -7.84
C GLY B 178 -10.84 33.77 -6.55
N ILE B 179 -9.77 34.56 -6.59
CA ILE B 179 -9.29 35.16 -5.33
C ILE B 179 -10.43 35.91 -4.63
N GLN B 180 -11.13 36.75 -5.39
CA GLN B 180 -12.19 37.60 -4.83
C GLN B 180 -13.49 36.81 -4.43
N ASP B 181 -13.85 35.72 -5.12
CA ASP B 181 -14.90 34.80 -4.60
C ASP B 181 -14.57 34.18 -3.24
N ALA B 182 -13.28 34.07 -2.95
CA ALA B 182 -12.80 33.54 -1.70
C ALA B 182 -12.76 34.57 -0.62
N GLY B 183 -13.17 35.79 -0.90
CA GLY B 183 -13.18 36.82 0.13
C GLY B 183 -11.91 37.60 0.44
N VAL B 184 -11.01 37.72 -0.53
CA VAL B 184 -9.78 38.50 -0.34
C VAL B 184 -9.72 39.46 -1.56
N ILE B 185 -9.17 40.65 -1.34
CA ILE B 185 -9.02 41.62 -2.41
C ILE B 185 -7.81 41.23 -3.28
N ALA B 186 -8.00 41.16 -4.57
CA ALA B 186 -6.90 40.91 -5.50
C ALA B 186 -6.31 42.23 -5.93
N CYS B 187 -5.10 42.16 -6.44
CA CYS B 187 -4.36 43.35 -6.83
C CYS B 187 -3.67 43.11 -8.19
N ALA B 188 -4.11 43.82 -9.24
CA ALA B 188 -3.56 43.67 -10.59
C ALA B 188 -2.26 44.46 -10.67
N LYS B 189 -1.16 43.82 -11.03
CA LYS B 189 0.14 44.51 -11.04
C LYS B 189 0.99 44.11 -12.19
N HIS B 190 2.05 44.83 -12.51
CA HIS B 190 2.38 46.18 -12.06
C HIS B 190 1.97 47.12 -13.20
N PHE B 191 1.33 48.22 -12.86
CA PHE B 191 0.74 49.11 -13.82
C PHE B 191 1.69 50.32 -13.95
N ILE B 192 2.41 50.50 -15.04
CA ILE B 192 2.33 49.73 -16.28
C ILE B 192 3.63 49.92 -17.08
N LEU B 193 3.86 49.04 -18.03
CA LEU B 193 5.05 48.99 -18.87
C LEU B 193 6.31 48.63 -18.06
N TYR B 194 6.10 47.84 -17.00
CA TYR B 194 7.18 47.30 -16.15
C TYR B 194 7.67 46.03 -16.81
N GLU B 195 8.65 46.16 -17.68
CA GLU B 195 8.99 45.06 -18.58
C GLU B 195 10.43 44.54 -18.50
N GLN B 196 11.19 45.01 -17.53
CA GLN B 196 12.51 44.50 -17.26
C GLN B 196 12.88 44.92 -15.87
N GLU B 197 13.89 44.26 -15.29
CA GLU B 197 14.37 44.56 -13.94
C GLU B 197 15.45 45.62 -13.83
N HIS B 198 16.35 45.63 -14.80
CA HIS B 198 17.51 46.51 -14.76
C HIS B 198 17.03 47.94 -14.79
N PHE B 199 17.48 48.70 -13.78
CA PHE B 199 17.28 50.13 -13.67
C PHE B 199 15.84 50.45 -13.30
N ARG B 200 15.10 49.44 -12.81
CA ARG B 200 13.74 49.66 -12.36
C ARG B 200 13.66 50.66 -11.20
N GLN B 201 14.69 50.69 -10.34
CA GLN B 201 14.73 51.56 -9.15
C GLN B 201 15.94 52.49 -9.22
N GLY B 202 16.47 52.68 -10.44
CA GLY B 202 17.52 53.65 -10.66
C GLY B 202 18.88 53.02 -10.56
N ALA B 203 19.77 53.68 -9.84
CA ALA B 203 21.18 53.35 -9.91
C ALA B 203 21.48 51.91 -9.42
N GLN B 204 22.52 51.33 -9.97
CA GLN B 204 22.70 49.89 -10.00
C GLN B 204 24.04 49.60 -10.69
N ASP B 205 24.72 48.51 -10.34
CA ASP B 205 25.98 48.05 -11.02
C ASP B 205 27.06 49.13 -11.09
N GLY B 206 27.08 50.02 -10.09
CA GLY B 206 28.01 51.15 -10.07
C GLY B 206 27.78 52.26 -11.09
N TYR B 207 26.60 52.27 -11.74
CA TYR B 207 26.24 53.32 -12.72
C TYR B 207 25.51 54.48 -12.02
N ASP B 208 26.06 55.68 -12.22
CA ASP B 208 25.50 56.91 -11.73
C ASP B 208 24.33 57.29 -12.63
N ILE B 209 23.12 56.96 -12.18
CA ILE B 209 21.88 57.45 -12.81
C ILE B 209 20.92 58.06 -11.76
N SER B 210 20.26 59.15 -12.12
CA SER B 210 19.47 59.95 -11.17
C SER B 210 18.06 59.38 -10.87
N ASP B 211 17.47 58.67 -11.85
CA ASP B 211 16.11 58.14 -11.78
C ASP B 211 15.96 56.79 -12.53
N SER B 212 14.83 56.13 -12.32
CA SER B 212 14.50 54.82 -12.90
C SER B 212 14.31 54.82 -14.41
N ILE B 213 14.58 53.71 -15.02
CA ILE B 213 14.31 53.58 -16.44
C ILE B 213 12.91 54.11 -16.77
N SER B 214 12.77 54.65 -17.98
CA SER B 214 11.51 55.17 -18.48
C SER B 214 11.08 54.38 -19.65
N ALA B 215 9.94 53.71 -19.48
CA ALA B 215 9.28 53.00 -20.57
C ALA B 215 8.47 54.00 -21.41
N ASN B 216 8.77 54.08 -22.70
CA ASN B 216 8.18 55.08 -23.56
C ASN B 216 7.47 54.41 -24.71
N ALA B 217 6.16 54.34 -24.65
CA ALA B 217 5.38 53.71 -25.70
C ALA B 217 4.38 54.67 -26.32
N ASP B 218 4.04 54.41 -27.57
CA ASP B 218 3.01 55.19 -28.21
C ASP B 218 1.60 54.70 -27.76
N ASP B 219 0.58 55.49 -28.06
CA ASP B 219 -0.75 55.35 -27.51
C ASP B 219 -1.48 54.11 -28.06
N LYS B 220 -1.22 53.79 -29.32
CA LYS B 220 -1.75 52.59 -29.98
C LYS B 220 -1.18 51.32 -29.39
N THR B 221 0.09 51.38 -29.03
CA THR B 221 0.84 50.28 -28.47
C THR B 221 0.32 49.95 -27.10
N MET B 222 0.15 50.99 -26.27
CA MET B 222 -0.41 50.87 -24.93
C MET B 222 -1.78 50.22 -25.02
N HIS B 223 -2.63 50.74 -25.88
CA HIS B 223 -4.01 50.24 -25.95
C HIS B 223 -4.15 48.82 -26.45
N GLU B 224 -3.48 48.49 -27.55
CA GLU B 224 -3.66 47.20 -28.20
C GLU B 224 -2.83 46.07 -27.66
N LEU B 225 -1.81 46.38 -26.83
CA LEU B 225 -1.03 45.39 -26.08
C LEU B 225 -1.09 45.54 -24.54
N TYR B 226 -0.39 46.50 -23.94
CA TYR B 226 -0.10 46.42 -22.50
C TYR B 226 -1.29 46.76 -21.60
N LEU B 227 -2.14 47.69 -22.04
CA LEU B 227 -3.30 48.09 -21.29
C LEU B 227 -4.43 47.06 -21.30
N TRP B 228 -4.61 46.41 -22.44
CA TRP B 228 -5.67 45.39 -22.62
C TRP B 228 -5.86 44.36 -21.49
N PRO B 229 -4.82 43.65 -21.05
CA PRO B 229 -5.08 42.70 -19.93
C PRO B 229 -5.52 43.35 -18.63
N PHE B 230 -5.11 44.59 -18.40
CA PHE B 230 -5.67 45.39 -17.28
C PHE B 230 -7.10 45.82 -17.52
N ALA B 231 -7.54 45.97 -18.77
CA ALA B 231 -8.96 46.24 -19.04
C ALA B 231 -9.78 45.06 -18.56
N ASP B 232 -9.30 43.86 -18.89
CA ASP B 232 -9.94 42.60 -18.52
C ASP B 232 -9.99 42.45 -16.99
N ALA B 233 -8.91 42.81 -16.32
CA ALA B 233 -8.81 42.76 -14.90
C ALA B 233 -9.87 43.66 -14.24
N VAL B 234 -9.92 44.90 -14.69
CA VAL B 234 -10.87 45.86 -14.15
C VAL B 234 -12.30 45.39 -14.38
N ARG B 235 -12.59 44.93 -15.59
CA ARG B 235 -13.92 44.38 -15.94
C ARG B 235 -14.37 43.22 -15.02
N ALA B 236 -13.41 42.39 -14.64
CA ALA B 236 -13.66 41.24 -13.88
C ALA B 236 -13.90 41.55 -12.39
N GLY B 237 -13.70 42.80 -11.99
CA GLY B 237 -13.99 43.23 -10.62
C GLY B 237 -12.78 43.54 -9.77
N VAL B 238 -11.59 43.65 -10.38
CA VAL B 238 -10.40 43.73 -9.53
C VAL B 238 -10.57 44.86 -8.55
N GLY B 239 -10.30 44.60 -7.28
CA GLY B 239 -10.42 45.62 -6.24
C GLY B 239 -9.23 46.60 -6.13
N SER B 240 -8.04 46.20 -6.54
CA SER B 240 -6.87 47.09 -6.44
C SER B 240 -5.90 46.92 -7.56
N VAL B 241 -5.12 47.97 -7.84
CA VAL B 241 -4.09 47.94 -8.88
C VAL B 241 -2.81 48.44 -8.21
N MET B 242 -1.66 47.88 -8.56
CA MET B 242 -0.39 48.37 -7.99
C MET B 242 0.34 49.07 -9.10
N CYS B 243 0.79 50.30 -8.84
CA CYS B 243 1.58 51.02 -9.85
C CYS B 243 3.06 50.63 -9.72
N SER B 244 3.75 50.64 -10.85
CA SER B 244 5.09 50.11 -11.00
C SER B 244 6.19 51.09 -10.58
N TYR B 245 7.41 50.55 -10.59
CA TYR B 245 8.61 51.29 -10.21
C TYR B 245 9.17 52.15 -11.35
N ASN B 246 9.07 51.68 -12.58
CA ASN B 246 9.61 52.40 -13.70
C ASN B 246 8.81 53.76 -13.92
N GLN B 247 9.35 54.63 -14.79
CA GLN B 247 8.61 55.75 -15.31
C GLN B 247 7.95 55.33 -16.61
N VAL B 248 6.89 56.04 -16.94
CA VAL B 248 6.31 55.97 -18.26
C VAL B 248 6.35 57.36 -18.87
N ASN B 249 7.03 57.49 -19.99
CA ASN B 249 7.33 58.76 -20.65
C ASN B 249 7.89 59.77 -19.68
N ASN B 250 8.84 59.32 -18.86
CA ASN B 250 9.56 60.19 -17.92
C ASN B 250 8.70 60.82 -16.82
N SER B 251 7.55 60.22 -16.54
CA SER B 251 6.83 60.42 -15.32
C SER B 251 6.70 59.07 -14.54
N TYR B 252 7.09 59.05 -13.27
CA TYR B 252 7.06 57.80 -12.48
C TYR B 252 5.66 57.18 -12.48
N ALA B 253 5.57 55.85 -12.59
CA ALA B 253 4.27 55.18 -12.73
C ALA B 253 3.32 55.50 -11.61
N CYS B 254 3.84 55.80 -10.41
CA CYS B 254 2.98 56.14 -9.26
C CYS B 254 2.73 57.62 -9.10
N SER B 255 3.28 58.42 -10.01
CA SER B 255 3.09 59.89 -10.04
C SER B 255 2.45 60.28 -11.38
N ASN B 256 1.98 59.31 -12.15
CA ASN B 256 1.62 59.51 -13.56
C ASN B 256 0.12 59.63 -13.77
N SER B 257 -0.29 60.86 -14.08
CA SER B 257 -1.67 61.21 -14.16
C SER B 257 -2.30 60.60 -15.38
N TYR B 258 -1.52 60.52 -16.46
CA TYR B 258 -2.06 59.98 -17.67
C TYR B 258 -2.44 58.50 -17.47
N THR B 259 -1.55 57.68 -16.87
CA THR B 259 -1.83 56.25 -16.66
C THR B 259 -2.91 56.01 -15.59
N MET B 260 -2.79 56.66 -14.44
CA MET B 260 -3.79 56.51 -13.36
C MET B 260 -5.09 57.24 -13.60
N ASN B 261 -5.03 58.55 -13.86
CA ASN B 261 -6.28 59.30 -14.06
C ASN B 261 -6.86 59.00 -15.42
N LYS B 262 -6.11 59.15 -16.51
CA LYS B 262 -6.75 58.97 -17.83
C LYS B 262 -7.03 57.52 -18.10
N LEU B 263 -5.99 56.67 -18.15
CA LEU B 263 -6.18 55.30 -18.69
C LEU B 263 -7.00 54.41 -17.77
N LEU B 264 -6.53 54.25 -16.54
CA LEU B 264 -7.13 53.35 -15.58
C LEU B 264 -8.46 53.88 -15.09
N LYS B 265 -8.46 55.09 -14.52
CA LYS B 265 -9.67 55.60 -13.91
C LYS B 265 -10.72 56.24 -14.85
N SER B 266 -10.32 56.99 -15.86
CA SER B 266 -11.30 57.57 -16.75
C SER B 266 -11.70 56.59 -17.85
N GLU B 267 -10.74 56.15 -18.68
CA GLU B 267 -11.10 55.30 -19.80
C GLU B 267 -11.57 53.89 -19.35
N LEU B 268 -10.79 53.21 -18.50
CA LEU B 268 -11.15 51.84 -18.08
C LEU B 268 -12.12 51.81 -16.91
N GLY B 269 -12.57 53.00 -16.47
CA GLY B 269 -13.58 53.16 -15.40
C GLY B 269 -13.36 52.38 -14.11
N PHE B 270 -12.11 52.17 -13.76
CA PHE B 270 -11.76 51.52 -12.52
C PHE B 270 -12.34 52.23 -11.27
N GLN B 271 -13.12 51.48 -10.47
CA GLN B 271 -13.74 51.98 -9.20
C GLN B 271 -13.02 51.64 -7.93
N GLY B 272 -12.00 50.78 -8.01
CA GLY B 272 -11.18 50.42 -6.84
C GLY B 272 -10.00 51.35 -6.61
N PHE B 273 -8.97 50.86 -5.94
CA PHE B 273 -7.87 51.72 -5.44
C PHE B 273 -6.50 51.36 -6.01
N VAL B 274 -5.61 52.35 -6.10
CA VAL B 274 -4.26 52.15 -6.59
C VAL B 274 -3.25 52.31 -5.48
N MET B 275 -2.38 51.33 -5.29
CA MET B 275 -1.32 51.41 -4.28
C MET B 275 0.00 51.39 -4.99
N THR B 276 1.04 51.83 -4.31
CA THR B 276 2.37 51.85 -4.86
C THR B 276 3.04 50.51 -4.70
N ASP B 277 3.91 50.18 -5.66
CA ASP B 277 4.93 49.19 -5.43
C ASP B 277 5.85 49.73 -4.31
N TRP B 278 6.62 48.84 -3.65
CA TRP B 278 7.21 49.17 -2.33
C TRP B 278 8.44 50.04 -2.51
N GLY B 279 8.33 51.33 -2.15
CA GLY B 279 9.36 52.34 -2.46
C GLY B 279 9.07 53.02 -3.80
N GLY B 280 7.87 52.79 -4.36
CA GLY B 280 7.50 53.39 -5.65
C GLY B 280 6.87 54.78 -5.52
N HIS B 281 6.68 55.23 -4.27
CA HIS B 281 6.06 56.55 -3.96
C HIS B 281 7.10 57.70 -4.06
N HIS B 282 6.76 58.79 -4.79
CA HIS B 282 7.75 59.87 -5.13
C HIS B 282 7.33 61.34 -4.86
N SER B 283 6.11 61.55 -4.44
CA SER B 283 5.67 62.90 -4.12
C SER B 283 4.42 62.76 -3.30
N GLY B 284 4.08 63.82 -2.56
CA GLY B 284 2.84 63.83 -1.76
C GLY B 284 1.65 64.29 -2.54
N VAL B 285 1.56 65.62 -2.64
CA VAL B 285 0.50 66.29 -3.35
C VAL B 285 0.46 65.84 -4.82
N GLY B 286 1.61 65.80 -5.50
CA GLY B 286 1.68 65.37 -6.89
C GLY B 286 1.03 64.03 -7.19
N SER B 287 1.45 63.02 -6.44
CA SER B 287 0.98 61.66 -6.60
C SER B 287 -0.52 61.55 -6.25
N ALA B 288 -0.94 62.14 -5.12
CA ALA B 288 -2.35 62.10 -4.70
C ALA B 288 -3.25 62.75 -5.77
N LEU B 289 -2.77 63.88 -6.30
CA LEU B 289 -3.54 64.57 -7.32
C LEU B 289 -3.53 63.85 -8.64
N ALA B 290 -2.48 63.08 -8.89
CA ALA B 290 -2.34 62.29 -10.10
C ALA B 290 -3.14 60.98 -10.09
N GLY B 291 -3.70 60.58 -8.95
CA GLY B 291 -4.52 59.36 -8.96
C GLY B 291 -4.20 58.26 -7.97
N LEU B 292 -3.10 58.41 -7.22
CA LEU B 292 -2.68 57.41 -6.25
C LEU B 292 -3.65 57.34 -5.06
N ASP B 293 -3.83 56.17 -4.46
CA ASP B 293 -4.69 56.07 -3.29
C ASP B 293 -4.06 55.46 -2.06
N MET B 294 -3.03 54.62 -2.19
CA MET B 294 -2.35 54.01 -1.04
C MET B 294 -0.83 54.06 -1.16
N SER B 295 -0.14 54.47 -0.10
CA SER B 295 1.33 54.49 -0.10
C SER B 295 1.86 53.29 0.67
N MET B 296 2.71 52.51 -0.02
CA MET B 296 3.22 51.27 0.48
C MET B 296 4.73 51.21 0.33
N PRO B 297 5.44 50.88 1.41
CA PRO B 297 4.95 50.51 2.75
C PRO B 297 4.63 51.69 3.67
N GLY B 298 4.62 52.90 3.12
CA GLY B 298 4.21 54.10 3.82
C GLY B 298 5.27 55.15 3.95
N ASP B 299 6.53 54.72 4.06
CA ASP B 299 7.68 55.64 4.15
C ASP B 299 8.28 56.05 2.81
N ILE B 300 9.18 57.04 2.87
CA ILE B 300 9.84 57.59 1.68
C ILE B 300 10.95 56.65 1.24
N ALA B 301 11.83 56.33 2.19
CA ALA B 301 12.72 55.16 2.11
C ALA B 301 12.37 54.19 3.25
N PHE B 302 12.77 52.93 3.10
CA PHE B 302 12.57 51.91 4.16
C PHE B 302 13.06 52.39 5.55
N ASP B 303 12.10 52.57 6.45
CA ASP B 303 12.35 53.10 7.81
C ASP B 303 13.07 54.46 7.88
N SER B 304 12.76 55.37 6.94
CA SER B 304 13.16 56.79 7.11
C SER B 304 12.46 57.54 8.29
N GLY B 305 11.29 57.05 8.74
CA GLY B 305 10.48 57.78 9.69
C GLY B 305 9.88 59.00 9.03
N THR B 306 9.82 58.99 7.71
CA THR B 306 9.30 60.10 6.93
C THR B 306 8.35 59.52 5.88
N SER B 307 7.30 60.26 5.54
CA SER B 307 6.31 59.82 4.55
C SER B 307 5.90 61.00 3.70
N PHE B 308 5.78 60.76 2.39
CA PHE B 308 5.12 61.66 1.50
C PHE B 308 3.66 61.93 1.87
N TRP B 309 3.01 60.96 2.50
CA TRP B 309 1.67 61.11 3.07
C TRP B 309 1.72 61.11 4.64
N GLY B 310 0.89 60.31 5.31
CA GLY B 310 0.83 60.33 6.79
C GLY B 310 0.62 61.76 7.26
N THR B 311 1.47 62.24 8.16
CA THR B 311 1.44 63.64 8.60
C THR B 311 1.34 64.68 7.42
N ASN B 312 2.15 64.49 6.39
CA ASN B 312 2.06 65.35 5.21
C ASN B 312 0.68 65.37 4.54
N LEU B 313 0.01 64.23 4.44
CA LEU B 313 -1.31 64.20 3.74
C LEU B 313 -2.32 64.99 4.55
N THR B 314 -2.28 64.86 5.88
CA THR B 314 -3.13 65.63 6.79
C THR B 314 -2.87 67.13 6.62
N VAL B 315 -1.59 67.51 6.61
CA VAL B 315 -1.23 68.92 6.41
C VAL B 315 -1.69 69.45 5.08
N ALA B 316 -1.40 68.72 4.02
CA ALA B 316 -1.82 69.07 2.66
C ALA B 316 -3.34 69.24 2.54
N VAL B 317 -4.11 68.55 3.37
CA VAL B 317 -5.57 68.79 3.38
C VAL B 317 -5.91 69.99 4.23
N LEU B 318 -5.29 70.11 5.40
CA LEU B 318 -5.66 71.21 6.30
C LEU B 318 -5.27 72.51 5.63
N ASN B 319 -4.12 72.53 4.92
CA ASN B 319 -3.62 73.75 4.28
C ASN B 319 -4.28 74.08 2.92
N GLY B 320 -5.22 73.25 2.46
CA GLY B 320 -5.99 73.54 1.26
C GLY B 320 -5.40 73.03 -0.04
N SER B 321 -4.18 72.47 0.00
CA SER B 321 -3.46 72.06 -1.22
C SER B 321 -3.99 70.79 -1.91
N ILE B 322 -4.63 69.91 -1.13
CA ILE B 322 -5.35 68.77 -1.69
C ILE B 322 -6.81 68.92 -1.28
N PRO B 323 -7.73 68.90 -2.26
CA PRO B 323 -9.12 69.04 -1.85
C PRO B 323 -9.60 67.85 -1.01
N GLU B 324 -10.51 68.17 -0.12
CA GLU B 324 -11.07 67.19 0.79
C GLU B 324 -11.68 65.99 -0.02
N TRP B 325 -12.32 66.28 -1.16
CA TRP B 325 -12.98 65.23 -1.93
C TRP B 325 -11.99 64.15 -2.40
N ARG B 326 -10.70 64.51 -2.53
CA ARG B 326 -9.68 63.61 -3.07
C ARG B 326 -9.20 62.57 -2.07
N VAL B 327 -8.83 63.01 -0.89
CA VAL B 327 -8.61 62.11 0.25
C VAL B 327 -9.85 61.28 0.56
N ASP B 328 -11.03 61.88 0.55
CA ASP B 328 -12.25 61.11 0.68
C ASP B 328 -12.39 60.07 -0.37
N ASP B 329 -11.94 60.34 -1.59
CA ASP B 329 -12.06 59.38 -2.70
C ASP B 329 -11.07 58.23 -2.54
N MET B 330 -9.85 58.54 -2.04
CA MET B 330 -8.86 57.49 -1.82
C MET B 330 -9.48 56.49 -0.81
N ALA B 331 -10.05 57.02 0.30
CA ALA B 331 -10.61 56.17 1.33
C ALA B 331 -11.87 55.41 0.85
N VAL B 332 -12.74 56.07 0.10
CA VAL B 332 -13.92 55.40 -0.47
C VAL B 332 -13.53 54.28 -1.43
N ARG B 333 -12.44 54.49 -2.19
CA ARG B 333 -11.97 53.46 -3.16
C ARG B 333 -11.40 52.24 -2.42
N ILE B 334 -10.54 52.51 -1.44
CA ILE B 334 -10.01 51.46 -0.55
C ILE B 334 -11.18 50.67 0.08
N MET B 335 -12.10 51.35 0.76
CA MET B 335 -13.17 50.66 1.45
C MET B 335 -14.14 50.01 0.47
N SER B 336 -14.23 50.51 -0.75
CA SER B 336 -15.12 49.90 -1.75
C SER B 336 -14.56 48.50 -2.12
N ALA B 337 -13.24 48.39 -2.27
CA ALA B 337 -12.63 47.07 -2.56
C ALA B 337 -12.92 46.11 -1.42
N TYR B 338 -12.69 46.59 -0.21
CA TYR B 338 -13.02 45.87 1.03
C TYR B 338 -14.45 45.29 1.05
N TYR B 339 -15.45 46.10 0.78
CA TYR B 339 -16.86 45.61 0.76
C TYR B 339 -17.24 44.80 -0.46
N LYS B 340 -16.61 45.07 -1.60
CA LYS B 340 -16.84 44.37 -2.86
C LYS B 340 -16.62 42.86 -2.74
N VAL B 341 -15.51 42.49 -2.14
CA VAL B 341 -15.16 41.10 -1.90
C VAL B 341 -15.74 40.54 -0.60
N GLY B 342 -16.41 41.38 0.19
CA GLY B 342 -17.00 40.93 1.42
C GLY B 342 -16.01 40.75 2.56
N ARG B 343 -14.99 41.60 2.69
CA ARG B 343 -14.08 41.53 3.80
C ARG B 343 -14.80 41.59 5.16
N ASP B 344 -15.85 42.41 5.28
CA ASP B 344 -16.71 42.44 6.49
C ASP B 344 -17.28 41.06 6.91
N ARG B 345 -17.48 40.15 5.94
CA ARG B 345 -17.97 38.77 6.19
C ARG B 345 -16.83 37.81 6.48
N TYR B 346 -15.69 37.98 5.81
CA TYR B 346 -14.65 36.96 5.76
C TYR B 346 -13.43 37.28 6.59
N SER B 347 -13.34 38.49 7.15
CA SER B 347 -12.17 38.90 7.97
C SER B 347 -12.02 38.01 9.19
N VAL B 348 -10.76 37.67 9.46
CA VAL B 348 -10.33 36.99 10.66
C VAL B 348 -9.03 37.70 11.10
N PRO B 349 -8.68 37.65 12.39
CA PRO B 349 -7.45 38.40 12.77
C PRO B 349 -6.16 37.89 12.12
N ILE B 350 -5.21 38.80 11.93
CA ILE B 350 -3.89 38.45 11.42
C ILE B 350 -3.28 37.45 12.41
N ASN B 351 -2.85 36.33 11.87
CA ASN B 351 -2.34 35.24 12.72
C ASN B 351 -0.89 34.83 12.34
N PHE B 352 -0.16 35.73 11.65
CA PHE B 352 1.17 35.46 11.16
C PHE B 352 2.04 36.71 11.18
N ASP B 353 3.31 36.49 10.87
CA ASP B 353 4.30 37.57 10.72
C ASP B 353 5.21 37.26 9.54
N SER B 354 5.43 38.28 8.73
CA SER B 354 6.23 38.17 7.48
C SER B 354 7.74 38.25 7.68
N TRP B 355 8.14 38.61 8.92
CA TRP B 355 9.51 38.97 9.22
C TRP B 355 10.23 37.84 9.92
N THR B 356 9.49 37.02 10.67
CA THR B 356 10.05 35.84 11.32
C THR B 356 9.01 34.73 11.48
N LEU B 357 9.47 33.50 11.62
CA LEU B 357 8.59 32.37 11.88
C LEU B 357 8.46 32.08 13.37
N ASP B 358 9.14 32.84 14.22
CA ASP B 358 9.06 32.60 15.64
C ASP B 358 7.66 32.87 16.11
N THR B 359 7.22 32.10 17.07
CA THR B 359 5.95 32.35 17.71
C THR B 359 5.87 33.75 18.32
N TYR B 360 6.92 34.13 19.03
CA TYR B 360 6.93 35.29 19.91
C TYR B 360 7.98 36.24 19.36
N GLY B 361 7.62 37.51 19.23
CA GLY B 361 8.52 38.50 18.67
C GLY B 361 7.94 39.90 18.70
N PRO B 362 8.72 40.90 18.26
CA PRO B 362 8.26 42.30 18.30
C PRO B 362 7.20 42.56 17.24
N GLU B 363 6.10 43.24 17.57
CA GLU B 363 5.13 43.71 16.55
C GLU B 363 5.81 44.61 15.53
N HIS B 364 6.67 45.47 16.07
CA HIS B 364 7.36 46.54 15.36
C HIS B 364 8.77 46.05 15.14
N TYR B 365 8.85 45.15 14.18
CA TYR B 365 10.05 44.36 13.91
C TYR B 365 11.23 45.24 13.57
N ALA B 366 10.97 46.36 12.91
CA ALA B 366 12.06 47.20 12.38
C ALA B 366 12.85 47.87 13.50
N VAL B 367 12.16 48.15 14.60
CA VAL B 367 12.80 48.74 15.76
C VAL B 367 12.85 47.81 16.99
N GLY B 368 12.49 46.55 16.82
CA GLY B 368 12.52 45.58 17.91
C GLY B 368 11.63 45.87 19.11
N GLN B 369 10.51 46.59 18.93
CA GLN B 369 9.57 46.87 20.02
C GLN B 369 8.27 46.08 19.89
N GLY B 370 7.58 46.01 21.03
CA GLY B 370 6.20 45.53 21.11
C GLY B 370 6.08 44.01 21.06
N GLN B 371 6.82 43.34 21.94
CA GLN B 371 6.88 41.86 22.04
C GLN B 371 5.47 41.24 22.30
N THR B 372 5.14 40.18 21.55
CA THR B 372 3.84 39.49 21.63
C THR B 372 3.86 38.23 20.80
N LYS B 373 2.72 37.55 20.74
CA LYS B 373 2.51 36.35 19.93
C LYS B 373 2.31 36.85 18.50
N ILE B 374 3.29 36.65 17.63
CA ILE B 374 3.16 37.10 16.23
C ILE B 374 2.95 36.01 15.21
N ASN B 375 3.14 34.75 15.60
CA ASN B 375 2.79 33.61 14.77
C ASN B 375 1.99 32.59 15.55
N GLU B 376 0.84 32.24 14.98
CA GLU B 376 -0.01 31.20 15.51
C GLU B 376 0.03 29.90 14.72
N HIS B 377 0.83 29.86 13.65
CA HIS B 377 1.12 28.63 12.90
C HIS B 377 -0.16 27.94 12.39
N VAL B 378 -1.01 28.72 11.72
CA VAL B 378 -2.27 28.19 11.24
C VAL B 378 -2.10 27.48 9.91
N ASP B 379 -2.62 26.26 9.84
CA ASP B 379 -2.56 25.44 8.63
C ASP B 379 -3.67 25.79 7.67
N VAL B 380 -3.36 26.46 6.58
CA VAL B 380 -4.38 26.86 5.65
C VAL B 380 -4.38 26.07 4.34
N ARG B 381 -3.67 24.92 4.30
CA ARG B 381 -3.45 24.21 3.05
C ARG B 381 -4.64 23.45 2.50
N GLY B 382 -5.55 23.05 3.40
CA GLY B 382 -6.76 22.30 3.00
C GLY B 382 -6.47 21.19 2.00
N ASN B 383 -7.31 21.09 0.98
CA ASN B 383 -7.13 20.15 -0.12
C ASN B 383 -6.45 20.81 -1.33
N HIS B 384 -5.63 21.85 -1.11
CA HIS B 384 -5.13 22.63 -2.25
C HIS B 384 -4.04 21.93 -3.08
N ALA B 385 -3.41 20.88 -2.53
CA ALA B 385 -2.53 20.03 -3.31
C ALA B 385 -3.19 19.55 -4.58
N GLU B 386 -4.48 19.26 -4.54
CA GLU B 386 -5.16 18.66 -5.69
C GLU B 386 -5.13 19.61 -6.88
N ILE B 387 -5.46 20.87 -6.66
CA ILE B 387 -5.40 21.86 -7.74
C ILE B 387 -3.95 22.15 -8.22
N ILE B 388 -2.99 22.17 -7.30
CA ILE B 388 -1.57 22.39 -7.68
C ILE B 388 -1.04 21.31 -8.65
N HIS B 389 -1.41 20.09 -8.32
CA HIS B 389 -1.11 18.89 -9.08
C HIS B 389 -1.77 18.95 -10.45
N GLU B 390 -3.06 19.20 -10.50
CA GLU B 390 -3.80 19.26 -11.74
C GLU B 390 -3.22 20.36 -12.66
N ILE B 391 -2.83 21.51 -12.10
CA ILE B 391 -2.26 22.61 -12.94
C ILE B 391 -0.83 22.24 -13.43
N GLY B 392 -0.04 21.68 -12.51
CA GLY B 392 1.25 21.08 -12.84
C GLY B 392 1.16 20.18 -14.06
N ALA B 393 0.25 19.23 -14.01
CA ALA B 393 0.11 18.28 -15.10
C ALA B 393 -0.34 18.92 -16.41
N ALA B 394 -1.44 19.66 -16.34
CA ALA B 394 -2.07 20.22 -17.54
C ALA B 394 -1.29 21.39 -18.15
N SER B 395 -0.39 22.00 -17.38
CA SER B 395 0.48 23.07 -17.87
C SER B 395 1.71 22.60 -18.64
N ALA B 396 2.05 21.32 -18.47
CA ALA B 396 3.16 20.73 -19.12
C ALA B 396 2.91 20.68 -20.63
N VAL B 397 3.96 20.92 -21.40
CA VAL B 397 3.81 21.04 -22.85
C VAL B 397 4.71 20.03 -23.56
N LEU B 398 4.09 19.16 -24.36
CA LEU B 398 4.77 18.21 -25.17
C LEU B 398 5.19 18.85 -26.49
N LEU B 399 6.41 19.37 -26.51
CA LEU B 399 6.95 20.01 -27.67
C LEU B 399 7.32 19.02 -28.75
N LYS B 400 8.00 17.93 -28.39
CA LYS B 400 8.41 16.88 -29.35
C LYS B 400 8.04 15.50 -28.88
N ASN B 401 7.62 14.66 -29.81
CA ASN B 401 7.36 13.30 -29.44
C ASN B 401 7.44 12.38 -30.61
N LYS B 402 8.57 11.69 -30.71
CA LYS B 402 8.85 10.75 -31.82
C LYS B 402 8.40 9.29 -31.51
N GLY B 403 7.92 9.06 -30.26
CA GLY B 403 7.70 7.73 -29.69
C GLY B 403 7.98 7.64 -28.17
N GLY B 404 8.82 8.51 -27.62
CA GLY B 404 9.26 8.46 -26.26
C GLY B 404 8.21 8.63 -25.15
N LEU B 405 7.03 9.20 -25.45
CA LEU B 405 5.97 9.33 -24.47
C LEU B 405 4.62 8.92 -25.04
N PRO B 406 3.71 8.37 -24.22
CA PRO B 406 3.82 8.14 -22.80
C PRO B 406 4.79 7.00 -22.44
N LEU B 407 5.28 6.96 -21.19
CA LEU B 407 5.98 5.76 -20.68
C LEU B 407 4.95 4.65 -20.58
N THR B 408 5.40 3.41 -20.82
CA THR B 408 4.48 2.26 -20.91
C THR B 408 4.14 1.62 -19.54
N GLY B 409 4.98 1.82 -18.53
CA GLY B 409 4.89 1.08 -17.26
C GLY B 409 5.51 -0.33 -17.30
N THR B 410 6.29 -0.65 -18.35
CA THR B 410 7.03 -1.93 -18.44
C THR B 410 8.51 -1.73 -18.63
N GLU B 411 9.00 -0.51 -18.43
CA GLU B 411 10.42 -0.20 -18.55
C GLU B 411 11.14 -0.98 -17.45
N ARG B 412 12.27 -1.59 -17.80
CA ARG B 412 13.00 -2.45 -16.88
C ARG B 412 14.05 -1.74 -16.10
N PHE B 413 14.71 -0.79 -16.78
CA PHE B 413 15.69 0.10 -16.13
C PHE B 413 15.46 1.54 -16.62
N VAL B 414 15.09 2.46 -15.67
CA VAL B 414 14.82 3.89 -15.98
C VAL B 414 15.88 4.72 -15.30
N GLY B 415 16.61 5.51 -16.09
CA GLY B 415 17.63 6.44 -15.56
C GLY B 415 17.07 7.86 -15.54
N VAL B 416 17.37 8.60 -14.50
CA VAL B 416 17.05 10.00 -14.34
C VAL B 416 18.40 10.72 -14.29
N PHE B 417 18.56 11.77 -15.07
CA PHE B 417 19.84 12.45 -15.22
C PHE B 417 19.66 13.94 -15.05
N GLY B 418 20.52 14.59 -14.32
CA GLY B 418 20.45 16.06 -14.23
C GLY B 418 20.18 16.54 -12.82
N LYS B 419 20.99 17.48 -12.35
CA LYS B 419 20.70 18.18 -11.12
C LYS B 419 19.24 18.73 -10.91
N ASP B 420 18.58 19.20 -11.97
CA ASP B 420 17.18 19.68 -11.93
C ASP B 420 16.16 18.55 -11.62
N ALA B 421 16.57 17.29 -11.52
CA ALA B 421 15.63 16.23 -11.11
C ALA B 421 15.61 16.07 -9.58
N GLY B 422 16.57 16.71 -8.87
CA GLY B 422 16.84 16.47 -7.46
C GLY B 422 16.53 17.61 -6.50
N SER B 423 16.84 17.39 -5.23
CA SER B 423 16.45 18.29 -4.17
C SER B 423 17.45 19.38 -4.04
N ASN B 424 17.03 20.53 -3.51
CA ASN B 424 17.94 21.56 -3.01
C ASN B 424 18.59 21.02 -1.71
N PRO B 425 19.93 20.84 -1.69
CA PRO B 425 20.61 20.36 -0.48
C PRO B 425 20.57 21.29 0.71
N TRP B 426 20.21 22.55 0.51
CA TRP B 426 20.03 23.46 1.65
C TRP B 426 18.63 23.42 2.21
N GLY B 427 17.82 22.48 1.72
CA GLY B 427 16.46 22.36 2.16
C GLY B 427 15.58 23.20 1.28
N VAL B 428 14.30 22.87 1.32
CA VAL B 428 13.36 23.36 0.34
C VAL B 428 13.18 24.88 0.38
N ASN B 429 13.33 25.49 1.55
CA ASN B 429 13.22 26.92 1.75
C ASN B 429 14.57 27.43 2.22
N GLY B 430 15.62 26.79 1.74
CA GLY B 430 16.94 27.07 2.26
C GLY B 430 17.60 28.33 1.73
N CYS B 431 17.19 28.81 0.55
CA CYS B 431 17.77 30.06 -0.02
C CYS B 431 16.72 31.17 0.13
N SER B 432 17.10 32.30 0.72
N SER B 432 17.12 32.31 0.69
CA SER B 432 16.10 33.35 0.91
CA SER B 432 16.21 33.45 0.86
C SER B 432 15.51 33.82 -0.44
C SER B 432 15.52 33.85 -0.47
N ASP B 433 14.18 33.98 -0.42
CA ASP B 433 13.37 34.33 -1.59
C ASP B 433 13.55 33.44 -2.81
N ARG B 434 13.87 32.16 -2.54
CA ARG B 434 14.28 31.17 -3.54
C ARG B 434 15.44 31.68 -4.45
N GLY B 435 16.35 32.46 -3.89
CA GLY B 435 17.45 33.05 -4.63
C GLY B 435 18.62 32.10 -4.88
N CYS B 436 18.36 31.03 -5.63
CA CYS B 436 19.36 30.05 -6.03
C CYS B 436 18.77 29.05 -6.99
N ASP B 437 19.64 28.27 -7.63
CA ASP B 437 19.27 27.19 -8.54
C ASP B 437 20.08 25.91 -8.22
N ASN B 438 19.82 25.35 -7.03
CA ASN B 438 20.56 24.22 -6.47
C ASN B 438 19.94 22.85 -6.67
N GLY B 439 18.69 22.78 -7.15
CA GLY B 439 18.13 21.50 -7.58
C GLY B 439 17.16 21.62 -8.72
N THR B 440 16.02 20.93 -8.59
CA THR B 440 14.89 21.11 -9.48
C THR B 440 14.34 22.51 -9.28
N LEU B 441 13.88 23.12 -10.38
CA LEU B 441 13.28 24.46 -10.33
C LEU B 441 11.77 24.38 -10.34
N ALA B 442 11.15 24.85 -9.28
CA ALA B 442 9.69 24.86 -9.16
C ALA B 442 9.07 26.26 -8.98
N MET B 443 9.93 27.28 -8.94
CA MET B 443 9.56 28.66 -8.66
C MET B 443 10.81 29.52 -8.87
N GLY B 444 10.63 30.70 -9.47
CA GLY B 444 11.75 31.64 -9.63
C GLY B 444 11.98 32.36 -8.32
N TRP B 445 12.85 33.38 -8.32
CA TRP B 445 13.21 34.09 -7.07
C TRP B 445 12.57 35.47 -6.97
N GLY B 446 12.47 35.96 -5.73
CA GLY B 446 12.09 37.31 -5.40
C GLY B 446 10.87 37.41 -4.51
N SER B 447 10.08 38.48 -4.70
CA SER B 447 8.84 38.71 -3.94
C SER B 447 7.70 37.83 -4.44
N GLY B 448 7.84 37.32 -5.66
CA GLY B 448 6.84 36.42 -6.23
C GLY B 448 6.88 34.97 -5.78
N THR B 449 7.23 34.76 -4.52
CA THR B 449 7.49 33.48 -3.95
C THR B 449 6.65 33.23 -2.69
N ALA B 450 6.76 32.00 -2.22
CA ALA B 450 6.16 31.50 -1.01
C ALA B 450 7.05 30.37 -0.51
N ASN B 451 6.95 30.11 0.78
CA ASN B 451 7.58 28.95 1.35
C ASN B 451 6.85 27.64 1.01
N PHE B 452 7.60 26.60 0.70
CA PHE B 452 7.06 25.27 0.41
C PHE B 452 6.79 24.49 1.70
N PRO B 453 5.67 23.74 1.76
CA PRO B 453 5.52 22.77 2.87
C PRO B 453 6.42 21.52 2.66
N TYR B 454 6.94 21.37 1.44
CA TYR B 454 7.77 20.28 1.00
C TYR B 454 7.89 20.49 -0.50
N LEU B 455 8.71 19.70 -1.18
CA LEU B 455 8.71 19.68 -2.63
C LEU B 455 9.03 18.28 -3.11
N VAL B 456 8.03 17.64 -3.72
CA VAL B 456 8.20 16.36 -4.33
C VAL B 456 8.95 16.58 -5.66
N THR B 457 10.16 16.03 -5.76
CA THR B 457 11.03 16.19 -6.92
C THR B 457 10.69 15.17 -7.94
N PRO B 458 11.03 15.45 -9.23
CA PRO B 458 10.96 14.47 -10.32
C PRO B 458 11.68 13.18 -9.95
N GLU B 459 12.88 13.28 -9.38
CA GLU B 459 13.58 12.07 -8.87
C GLU B 459 12.75 11.23 -7.88
N GLN B 460 12.20 11.84 -6.83
CA GLN B 460 11.44 11.07 -5.83
C GLN B 460 10.24 10.34 -6.44
N ALA B 461 9.48 11.03 -7.26
CA ALA B 461 8.23 10.50 -7.86
C ALA B 461 8.43 9.50 -8.97
N ILE B 462 9.39 9.73 -9.86
CA ILE B 462 9.66 8.77 -10.92
C ILE B 462 10.17 7.47 -10.30
N GLN B 463 11.07 7.55 -9.32
CA GLN B 463 11.53 6.36 -8.51
C GLN B 463 10.37 5.56 -7.97
N ARG B 464 9.43 6.25 -7.33
CA ARG B 464 8.26 5.61 -6.75
C ARG B 464 7.43 4.91 -7.79
N GLU B 465 7.14 5.58 -8.90
CA GLU B 465 6.35 4.99 -10.00
C GLU B 465 7.04 3.82 -10.68
N VAL B 466 8.33 4.01 -10.95
CA VAL B 466 9.16 2.95 -11.51
C VAL B 466 9.20 1.70 -10.58
N LEU B 467 9.48 1.86 -9.29
CA LEU B 467 9.53 0.69 -8.41
C LEU B 467 8.18 0.02 -8.27
N SER B 468 7.12 0.82 -8.31
CA SER B 468 5.80 0.23 -8.16
C SER B 468 5.41 -0.66 -9.38
N ARG B 469 6.08 -0.49 -10.54
CA ARG B 469 5.93 -1.37 -11.72
C ARG B 469 7.10 -2.39 -11.89
N ASN B 470 7.85 -2.62 -10.81
CA ASN B 470 8.94 -3.60 -10.78
C ASN B 470 10.15 -3.17 -11.61
N GLY B 471 10.29 -1.89 -11.84
CA GLY B 471 11.42 -1.41 -12.59
C GLY B 471 12.62 -1.12 -11.71
N THR B 472 13.79 -1.27 -12.31
CA THR B 472 15.04 -0.74 -11.72
C THR B 472 15.28 0.74 -12.10
N PHE B 473 16.08 1.41 -11.28
CA PHE B 473 16.19 2.85 -11.25
C PHE B 473 17.59 3.31 -10.80
N THR B 474 18.13 4.33 -11.45
CA THR B 474 19.20 5.11 -10.88
C THR B 474 18.92 6.59 -11.16
N GLY B 475 19.29 7.44 -10.21
CA GLY B 475 19.19 8.86 -10.37
C GLY B 475 20.55 9.45 -10.27
N ILE B 476 21.04 10.07 -11.37
CA ILE B 476 22.36 10.78 -11.37
C ILE B 476 22.21 12.29 -11.54
N THR B 477 22.47 13.01 -10.47
CA THR B 477 22.19 14.43 -10.32
C THR B 477 23.39 15.32 -10.16
N ASP B 478 24.59 14.78 -10.34
CA ASP B 478 25.82 15.60 -10.42
C ASP B 478 26.09 15.78 -11.91
N ASN B 479 25.90 17.01 -12.40
CA ASN B 479 26.05 17.32 -13.83
C ASN B 479 27.49 17.23 -14.30
N GLY B 480 28.43 17.16 -13.36
CA GLY B 480 29.81 16.80 -13.69
C GLY B 480 30.14 15.32 -13.88
N ALA B 481 29.22 14.42 -13.52
CA ALA B 481 29.53 12.99 -13.48
C ALA B 481 29.25 12.36 -14.83
N LEU B 482 29.90 12.84 -15.87
CA LEU B 482 29.52 12.43 -17.22
C LEU B 482 29.88 10.98 -17.55
N ALA B 483 31.05 10.50 -17.14
CA ALA B 483 31.40 9.06 -17.39
C ALA B 483 30.34 8.15 -16.81
N GLU B 484 29.91 8.48 -15.57
CA GLU B 484 28.88 7.72 -14.84
C GLU B 484 27.53 7.74 -15.57
N MET B 485 27.13 8.94 -15.96
CA MET B 485 25.95 9.11 -16.82
C MET B 485 26.08 8.37 -18.14
N ALA B 486 27.21 8.49 -18.82
CA ALA B 486 27.33 7.69 -20.10
C ALA B 486 27.16 6.18 -19.83
N ALA B 487 27.73 5.67 -18.74
CA ALA B 487 27.58 4.27 -18.44
C ALA B 487 26.12 3.90 -18.17
N ALA B 488 25.46 4.62 -17.26
CA ALA B 488 24.08 4.28 -16.89
C ALA B 488 23.13 4.37 -18.09
N ALA B 489 23.41 5.32 -18.97
CA ALA B 489 22.59 5.55 -20.14
C ALA B 489 22.78 4.51 -21.24
N SER B 490 23.91 3.80 -21.24
CA SER B 490 24.13 2.62 -22.12
C SER B 490 23.30 1.40 -21.74
N GLN B 491 22.90 1.30 -20.46
CA GLN B 491 22.15 0.14 -19.96
C GLN B 491 20.64 0.34 -19.98
N ALA B 492 20.21 1.57 -19.71
CA ALA B 492 18.81 1.93 -19.51
C ALA B 492 17.89 1.78 -20.75
N ASP B 493 16.63 1.43 -20.51
CA ASP B 493 15.58 1.38 -21.52
C ASP B 493 15.07 2.81 -21.83
N THR B 494 15.20 3.72 -20.87
CA THR B 494 14.58 5.04 -20.91
C THR B 494 15.45 5.96 -20.07
N CYS B 495 15.89 7.05 -20.68
CA CYS B 495 16.67 8.06 -20.01
C CYS B 495 15.82 9.36 -19.94
N LEU B 496 15.64 9.88 -18.72
CA LEU B 496 14.87 11.07 -18.40
C LEU B 496 15.88 12.10 -17.91
N VAL B 497 16.15 13.08 -18.78
CA VAL B 497 17.11 14.17 -18.55
C VAL B 497 16.37 15.48 -18.14
N PHE B 498 16.91 16.18 -17.14
CA PHE B 498 16.29 17.34 -16.53
C PHE B 498 17.20 18.56 -16.61
N ALA B 499 16.62 19.70 -17.06
CA ALA B 499 17.32 20.96 -17.22
C ALA B 499 16.39 22.12 -16.85
N ASN B 500 16.96 23.17 -16.30
CA ASN B 500 16.21 24.31 -15.96
C ASN B 500 16.93 25.58 -16.41
N ALA B 501 16.19 26.67 -16.31
CA ALA B 501 16.74 28.01 -16.33
C ALA B 501 15.83 28.88 -15.44
N ASP B 502 16.45 29.72 -14.65
CA ASP B 502 15.82 30.44 -13.59
C ASP B 502 15.92 31.94 -13.88
N SER B 503 15.14 32.73 -13.12
CA SER B 503 15.23 34.19 -13.09
C SER B 503 14.36 34.68 -11.96
N GLY B 504 14.44 35.99 -11.70
CA GLY B 504 13.64 36.58 -10.66
C GLY B 504 13.71 38.07 -10.57
N GLU B 505 13.36 38.55 -9.39
CA GLU B 505 13.30 39.98 -9.10
C GLU B 505 14.74 40.54 -8.97
N GLY B 506 14.93 41.77 -9.38
CA GLY B 506 16.27 42.32 -9.55
C GLY B 506 17.07 42.65 -8.31
N TYR B 507 16.45 42.58 -7.12
CA TYR B 507 17.17 42.85 -5.86
C TYR B 507 17.99 41.65 -5.48
N ILE B 508 17.83 40.55 -6.19
CA ILE B 508 18.67 39.35 -6.03
C ILE B 508 19.37 39.00 -7.35
N THR B 509 20.66 38.75 -7.25
CA THR B 509 21.52 38.29 -8.34
C THR B 509 21.95 36.85 -8.03
N VAL B 510 21.78 35.94 -8.98
CA VAL B 510 22.35 34.60 -8.88
C VAL B 510 23.28 34.43 -10.07
N ASP B 511 24.55 34.15 -9.81
CA ASP B 511 25.54 33.89 -10.88
C ASP B 511 25.52 34.91 -12.01
N GLY B 512 25.48 36.21 -11.69
CA GLY B 512 25.52 37.25 -12.74
C GLY B 512 24.23 37.53 -13.49
N ASN B 513 23.11 36.92 -13.06
CA ASN B 513 21.76 37.25 -13.53
C ASN B 513 21.12 38.16 -12.48
N GLU B 514 21.02 39.44 -12.84
CA GLU B 514 20.54 40.49 -11.95
C GLU B 514 19.02 40.59 -12.15
N GLY B 515 18.30 39.65 -11.53
CA GLY B 515 16.87 39.44 -11.80
C GLY B 515 16.69 38.93 -13.22
N ASP B 516 16.77 39.83 -14.19
CA ASP B 516 16.82 39.45 -15.62
C ASP B 516 17.87 38.34 -15.88
N ARG B 517 17.56 37.42 -16.79
CA ARG B 517 18.54 36.44 -17.27
C ARG B 517 19.63 37.10 -18.15
N LYS B 518 20.88 36.75 -17.90
CA LYS B 518 22.00 37.23 -18.71
C LYS B 518 22.08 36.48 -20.03
N ASN B 519 21.28 35.43 -20.21
CA ASN B 519 21.20 34.73 -21.52
C ASN B 519 19.89 33.90 -21.58
N LEU B 520 19.72 33.19 -22.70
CA LEU B 520 18.57 32.33 -22.95
C LEU B 520 18.89 30.82 -23.01
N THR B 521 19.91 30.39 -22.28
CA THR B 521 20.34 28.98 -22.34
C THR B 521 20.20 28.31 -20.95
N LEU B 522 20.47 27.02 -20.92
CA LEU B 522 20.25 26.22 -19.73
C LEU B 522 21.21 26.57 -18.63
N TRP B 523 20.75 26.33 -17.41
CA TRP B 523 21.56 26.48 -16.23
C TRP B 523 22.21 25.13 -15.81
N GLN B 524 23.11 25.18 -14.82
CA GLN B 524 23.68 24.01 -14.08
C GLN B 524 24.58 23.01 -14.85
N GLY B 525 24.98 23.36 -16.07
CA GLY B 525 25.79 22.47 -16.90
C GLY B 525 24.92 21.47 -17.61
N ALA B 526 23.62 21.73 -17.70
CA ALA B 526 22.71 20.74 -18.28
C ALA B 526 22.92 20.53 -19.77
N ASP B 527 23.47 21.52 -20.46
CA ASP B 527 23.68 21.34 -21.91
C ASP B 527 24.62 20.10 -22.15
N GLN B 528 25.74 20.01 -21.44
CA GLN B 528 26.68 18.86 -21.60
C GLN B 528 26.00 17.50 -21.23
N VAL B 529 25.14 17.49 -20.22
CA VAL B 529 24.40 16.29 -19.84
C VAL B 529 23.51 15.73 -20.93
N ILE B 530 22.68 16.58 -21.49
CA ILE B 530 21.83 16.23 -22.63
C ILE B 530 22.64 15.64 -23.82
N HIS B 531 23.85 16.18 -24.05
CA HIS B 531 24.69 15.66 -25.12
C HIS B 531 25.18 14.23 -24.82
N ASN B 532 25.81 14.03 -23.66
CA ASN B 532 26.26 12.68 -23.30
C ASN B 532 25.15 11.64 -23.20
N VAL B 533 24.02 11.99 -22.58
CA VAL B 533 22.95 11.02 -22.43
C VAL B 533 22.36 10.64 -23.80
N SER B 534 22.11 11.60 -24.67
CA SER B 534 21.56 11.35 -26.00
C SER B 534 22.50 10.53 -26.87
N ALA B 535 23.80 10.77 -26.68
CA ALA B 535 24.85 9.99 -27.37
C ALA B 535 24.83 8.50 -27.00
N ASN B 536 24.31 8.16 -25.81
CA ASN B 536 24.34 6.76 -25.29
C ASN B 536 23.00 6.07 -25.12
N CYS B 537 21.91 6.82 -25.29
CA CYS B 537 20.58 6.27 -25.11
C CYS B 537 19.73 6.64 -26.31
N ASN B 538 19.27 5.63 -27.03
CA ASN B 538 18.36 5.88 -28.17
C ASN B 538 16.92 6.23 -27.74
N ASN B 539 16.69 6.44 -26.43
CA ASN B 539 15.35 6.77 -25.92
C ASN B 539 15.42 7.78 -24.76
N THR B 540 15.97 8.96 -25.10
CA THR B 540 16.12 10.06 -24.19
C THR B 540 14.93 11.05 -24.24
N VAL B 541 14.32 11.28 -23.07
CA VAL B 541 13.24 12.25 -22.92
C VAL B 541 13.74 13.40 -22.08
N VAL B 542 13.63 14.61 -22.59
CA VAL B 542 14.20 15.80 -21.97
C VAL B 542 13.03 16.59 -21.31
N VAL B 543 13.15 16.90 -20.03
CA VAL B 543 12.16 17.67 -19.28
C VAL B 543 12.79 19.02 -18.91
N LEU B 544 12.12 20.12 -19.31
CA LEU B 544 12.60 21.49 -19.10
C LEU B 544 11.79 22.20 -18.01
N HIS B 545 12.43 22.62 -16.93
CA HIS B 545 11.82 23.46 -15.92
C HIS B 545 12.36 24.88 -16.12
N THR B 546 11.68 25.64 -16.95
CA THR B 546 12.23 26.93 -17.38
C THR B 546 11.20 28.00 -17.16
N VAL B 547 11.69 29.15 -16.70
CA VAL B 547 10.90 30.35 -16.43
C VAL B 547 10.34 30.97 -17.71
N GLY B 548 10.84 30.56 -18.87
CA GLY B 548 10.42 31.13 -20.17
C GLY B 548 11.18 30.40 -21.26
N PRO B 549 11.18 30.90 -22.50
CA PRO B 549 11.89 30.12 -23.54
C PRO B 549 13.37 29.98 -23.32
N VAL B 550 13.92 28.86 -23.77
CA VAL B 550 15.38 28.71 -23.85
C VAL B 550 15.69 28.31 -25.28
N LEU B 551 16.91 28.61 -25.71
CA LEU B 551 17.36 28.24 -27.07
C LEU B 551 17.75 26.78 -27.05
N ILE B 552 17.01 25.96 -27.77
CA ILE B 552 17.25 24.53 -27.79
C ILE B 552 17.73 24.01 -29.14
N ASP B 553 18.08 24.91 -30.06
CA ASP B 553 18.51 24.55 -31.40
C ASP B 553 19.64 23.50 -31.43
N ASP B 554 20.57 23.55 -30.47
CA ASP B 554 21.74 22.69 -30.53
C ASP B 554 21.54 21.23 -29.98
N TRP B 555 20.32 20.88 -29.51
CA TRP B 555 19.99 19.50 -29.12
C TRP B 555 18.61 18.93 -29.47
N TYR B 556 17.60 19.77 -29.74
CA TYR B 556 16.22 19.28 -29.85
C TYR B 556 15.95 18.33 -30.98
N ASP B 557 16.71 18.46 -32.08
CA ASP B 557 16.52 17.65 -33.32
C ASP B 557 17.31 16.33 -33.28
N HIS B 558 18.12 16.14 -32.26
CA HIS B 558 18.89 14.90 -32.08
C HIS B 558 17.98 13.66 -32.19
N PRO B 559 18.39 12.66 -32.98
CA PRO B 559 17.48 11.52 -33.26
C PRO B 559 17.22 10.60 -32.09
N ASN B 560 18.09 10.67 -31.12
CA ASN B 560 17.92 9.93 -29.85
C ASN B 560 17.11 10.62 -28.75
N VAL B 561 16.76 11.90 -28.94
CA VAL B 561 15.82 12.61 -28.08
C VAL B 561 14.41 12.30 -28.62
N THR B 562 13.71 11.39 -27.96
CA THR B 562 12.44 10.88 -28.46
C THR B 562 11.22 11.63 -27.94
N ALA B 563 11.44 12.51 -26.96
CA ALA B 563 10.37 13.40 -26.51
C ALA B 563 10.94 14.59 -25.78
N ILE B 564 10.24 15.73 -25.88
CA ILE B 564 10.60 16.93 -25.12
C ILE B 564 9.36 17.54 -24.48
N LEU B 565 9.48 17.79 -23.17
CA LEU B 565 8.41 18.27 -22.34
C LEU B 565 8.89 19.49 -21.57
N TRP B 566 8.17 20.61 -21.72
CA TRP B 566 8.32 21.76 -20.85
C TRP B 566 7.31 21.57 -19.72
N ALA B 567 7.79 21.72 -18.49
CA ALA B 567 7.00 21.60 -17.25
C ALA B 567 7.00 22.87 -16.46
N GLY B 568 7.74 23.88 -16.88
CA GLY B 568 7.68 25.17 -16.26
C GLY B 568 8.00 25.15 -14.78
N LEU B 569 7.23 25.91 -13.99
CA LEU B 569 7.47 26.07 -12.57
C LEU B 569 6.27 25.55 -11.82
N PRO B 570 6.27 24.25 -11.50
CA PRO B 570 4.96 23.70 -11.19
C PRO B 570 4.63 23.67 -9.73
N GLY B 571 5.47 24.24 -8.86
CA GLY B 571 5.10 24.35 -7.43
C GLY B 571 5.40 23.06 -6.68
N GLN B 572 4.76 22.90 -5.54
CA GLN B 572 5.15 21.95 -4.49
C GLN B 572 4.95 20.50 -4.89
N GLU B 573 4.04 20.23 -5.80
CA GLU B 573 3.85 18.83 -6.25
C GLU B 573 4.60 18.46 -7.58
N SER B 574 5.73 19.13 -7.87
CA SER B 574 6.41 18.97 -9.17
C SER B 574 6.45 17.58 -9.67
N GLY B 575 7.08 16.69 -8.90
CA GLY B 575 7.27 15.31 -9.34
C GLY B 575 5.96 14.53 -9.56
N ASN B 576 4.99 14.82 -8.72
CA ASN B 576 3.71 14.10 -8.80
C ASN B 576 2.94 14.52 -10.05
N SER B 577 2.93 15.81 -10.33
CA SER B 577 2.29 16.24 -11.53
C SER B 577 3.07 15.70 -12.73
N LEU B 578 4.41 15.69 -12.64
CA LEU B 578 5.22 15.16 -13.76
C LEU B 578 4.84 13.75 -14.18
N VAL B 579 4.73 12.84 -13.23
CA VAL B 579 4.56 11.44 -13.63
C VAL B 579 3.16 11.18 -14.23
N ASP B 580 2.15 11.91 -13.75
CA ASP B 580 0.83 11.87 -14.36
C ASP B 580 0.90 12.12 -15.89
N VAL B 581 1.75 13.05 -16.32
CA VAL B 581 1.85 13.42 -17.73
C VAL B 581 2.74 12.45 -18.43
N LEU B 582 3.84 12.05 -17.76
CA LEU B 582 4.77 11.07 -18.30
C LEU B 582 4.11 9.76 -18.63
N TYR B 583 3.19 9.31 -17.77
CA TYR B 583 2.45 8.07 -18.04
C TYR B 583 1.15 8.21 -18.81
N GLY B 584 0.83 9.42 -19.26
CA GLY B 584 -0.37 9.66 -20.07
C GLY B 584 -1.68 9.69 -19.30
N ARG B 585 -1.63 9.84 -17.97
CA ARG B 585 -2.85 9.93 -17.16
C ARG B 585 -3.53 11.32 -17.24
N VAL B 586 -2.72 12.38 -17.33
CA VAL B 586 -3.22 13.73 -17.60
C VAL B 586 -2.62 14.15 -18.97
N ASN B 587 -3.37 14.94 -19.70
CA ASN B 587 -2.89 15.43 -20.99
C ASN B 587 -2.21 16.78 -20.86
N PRO B 588 -1.24 17.07 -21.74
CA PRO B 588 -0.52 18.35 -21.75
C PRO B 588 -1.22 19.52 -22.47
N GLY B 589 -0.68 20.71 -22.26
CA GLY B 589 -1.24 21.94 -22.83
C GLY B 589 -0.56 22.44 -24.10
N LYS B 590 -0.38 23.76 -24.16
CA LYS B 590 0.28 24.43 -25.26
C LYS B 590 1.23 25.51 -24.70
N THR B 591 2.29 25.77 -25.46
CA THR B 591 3.24 26.78 -25.05
C THR B 591 2.59 28.18 -25.10
N PRO B 592 2.73 28.95 -23.99
CA PRO B 592 2.18 30.28 -24.00
C PRO B 592 3.19 31.32 -24.49
N PHE B 593 4.39 30.88 -24.86
CA PHE B 593 5.37 31.73 -25.51
C PHE B 593 6.02 31.00 -26.71
N THR B 594 6.74 31.75 -27.51
CA THR B 594 7.38 31.22 -28.72
C THR B 594 8.76 30.71 -28.34
N TRP B 595 9.16 29.62 -28.98
CA TRP B 595 10.53 29.09 -28.89
C TRP B 595 11.24 29.42 -30.18
N GLY B 596 12.10 30.44 -30.13
CA GLY B 596 12.92 30.84 -31.27
C GLY B 596 14.26 30.13 -31.37
N ARG B 597 14.84 30.21 -32.57
CA ARG B 597 16.20 29.72 -32.85
C ARG B 597 17.25 30.54 -32.09
N ALA B 598 17.05 31.84 -31.95
CA ALA B 598 18.09 32.70 -31.38
C ALA B 598 17.50 33.90 -30.71
N ARG B 599 18.27 34.51 -29.81
CA ARG B 599 17.77 35.64 -29.02
C ARG B 599 17.31 36.84 -29.83
N ASP B 600 18.03 37.13 -30.94
CA ASP B 600 17.74 38.29 -31.77
C ASP B 600 16.38 38.12 -32.46
N ASP B 601 15.87 36.88 -32.62
CA ASP B 601 14.52 36.67 -33.19
C ASP B 601 13.41 37.39 -32.41
N TYR B 602 13.55 37.48 -31.08
CA TYR B 602 12.59 38.14 -30.19
C TYR B 602 12.63 39.69 -30.13
N GLY B 603 13.69 40.30 -30.68
CA GLY B 603 14.01 41.71 -30.45
C GLY B 603 13.90 42.11 -29.00
N ALA B 604 13.50 43.37 -28.77
CA ALA B 604 13.35 43.92 -27.42
C ALA B 604 14.55 43.61 -26.52
N PRO B 605 15.74 44.02 -26.94
CA PRO B 605 16.86 43.78 -26.05
C PRO B 605 16.68 44.48 -24.72
N LEU B 606 17.22 43.87 -23.68
CA LEU B 606 17.24 44.46 -22.36
C LEU B 606 18.23 45.60 -22.36
N ILE B 607 17.87 46.65 -21.64
CA ILE B 607 18.77 47.74 -21.40
C ILE B 607 19.48 47.45 -20.12
N VAL B 608 20.72 47.01 -20.25
CA VAL B 608 21.57 46.72 -19.10
C VAL B 608 22.72 47.73 -18.92
N LYS B 609 22.80 48.75 -19.78
CA LYS B 609 23.76 49.87 -19.58
C LYS B 609 23.09 51.20 -19.91
N PRO B 610 23.38 52.26 -19.12
CA PRO B 610 22.74 53.56 -19.32
C PRO B 610 22.85 54.03 -20.75
N ASN B 611 21.81 54.67 -21.30
CA ASN B 611 21.80 55.18 -22.68
C ASN B 611 21.37 56.65 -22.78
N ASN B 612 21.43 57.35 -21.65
CA ASN B 612 21.01 58.77 -21.53
C ASN B 612 21.94 59.48 -20.51
N GLY B 613 23.25 59.18 -20.61
CA GLY B 613 24.27 59.67 -19.69
C GLY B 613 23.86 59.38 -18.25
N LYS B 614 23.90 60.41 -17.42
CA LYS B 614 23.53 60.28 -16.01
C LYS B 614 22.03 60.45 -15.73
N GLY B 615 21.25 60.75 -16.77
CA GLY B 615 19.78 60.71 -16.66
C GLY B 615 19.20 59.29 -16.67
N ALA B 616 17.88 59.20 -16.55
CA ALA B 616 17.15 57.92 -16.62
C ALA B 616 17.33 57.27 -17.97
N PRO B 617 17.70 55.97 -18.01
CA PRO B 617 17.74 55.23 -19.27
C PRO B 617 16.42 55.22 -19.99
N GLN B 618 16.46 55.13 -21.32
CA GLN B 618 15.26 55.29 -22.11
C GLN B 618 14.94 54.01 -22.84
N GLN B 619 13.76 53.44 -22.59
CA GLN B 619 13.34 52.22 -23.19
C GLN B 619 12.18 52.48 -24.13
N ASP B 620 12.51 52.68 -25.41
CA ASP B 620 11.55 53.06 -26.40
C ASP B 620 10.93 51.79 -26.95
N PHE B 621 9.60 51.67 -26.95
CA PHE B 621 8.93 50.45 -27.38
C PHE B 621 8.70 50.63 -28.87
N THR B 622 9.82 50.83 -29.56
CA THR B 622 9.89 51.01 -31.00
C THR B 622 9.06 49.99 -31.75
N GLU B 623 9.18 48.75 -31.30
CA GLU B 623 8.55 47.57 -31.93
C GLU B 623 7.04 47.61 -32.05
N GLY B 624 6.39 48.47 -31.27
CA GLY B 624 4.94 48.55 -31.30
C GLY B 624 4.30 47.32 -30.69
N ILE B 625 3.25 46.81 -31.34
CA ILE B 625 2.60 45.61 -30.90
C ILE B 625 3.44 44.33 -31.14
N PHE B 626 4.59 44.46 -31.82
CA PHE B 626 5.32 43.28 -32.33
C PHE B 626 6.32 42.72 -31.33
N ILE B 627 5.76 41.92 -30.44
CA ILE B 627 6.50 41.09 -29.48
C ILE B 627 5.99 39.69 -29.66
N ASP B 628 6.84 38.73 -29.31
CA ASP B 628 6.58 37.31 -29.43
C ASP B 628 5.95 36.98 -30.79
N TYR B 629 4.90 36.16 -30.88
CA TYR B 629 4.46 35.66 -32.18
C TYR B 629 4.02 36.68 -33.20
N ARG B 630 3.63 37.87 -32.74
CA ARG B 630 3.29 38.97 -33.66
C ARG B 630 4.52 39.33 -34.49
N ARG B 631 5.66 39.48 -33.79
CA ARG B 631 6.92 39.79 -34.45
C ARG B 631 7.39 38.68 -35.36
N PHE B 632 7.24 37.42 -34.95
CA PHE B 632 7.75 36.33 -35.74
C PHE B 632 6.91 36.26 -37.01
N ASP B 633 5.61 36.52 -36.90
CA ASP B 633 4.74 36.42 -38.07
C ASP B 633 5.04 37.61 -39.01
N LYS B 634 5.28 38.81 -38.47
CA LYS B 634 5.44 40.00 -39.30
C LYS B 634 6.75 39.90 -40.06
N TYR B 635 7.85 39.60 -39.36
CA TYR B 635 9.17 39.48 -39.98
C TYR B 635 9.43 38.12 -40.61
N ASN B 636 8.43 37.23 -40.68
CA ASN B 636 8.57 35.90 -41.30
C ASN B 636 9.72 35.07 -40.72
N ILE B 637 9.84 35.12 -39.40
CA ILE B 637 10.87 34.42 -38.66
C ILE B 637 10.30 33.04 -38.36
N THR B 638 11.05 31.98 -38.63
CA THR B 638 10.53 30.63 -38.35
C THR B 638 11.03 30.25 -36.95
N PRO B 639 10.08 30.05 -36.01
CA PRO B 639 10.45 29.67 -34.66
C PRO B 639 10.66 28.16 -34.68
N ILE B 640 11.27 27.62 -33.63
CA ILE B 640 11.28 26.16 -33.45
C ILE B 640 9.87 25.68 -33.04
N TYR B 641 9.28 26.33 -32.03
CA TYR B 641 7.89 26.01 -31.63
C TYR B 641 7.16 27.36 -31.53
N GLU B 642 6.02 27.45 -32.23
CA GLU B 642 5.25 28.67 -32.27
C GLU B 642 4.40 28.81 -31.04
N PHE B 643 4.15 30.05 -30.64
CA PHE B 643 3.06 30.37 -29.71
C PHE B 643 1.82 29.50 -29.95
N GLY B 644 1.30 28.91 -28.89
CA GLY B 644 0.09 28.08 -28.99
C GLY B 644 0.24 26.62 -29.37
N PHE B 645 1.47 26.20 -29.55
CA PHE B 645 1.76 24.84 -30.02
C PHE B 645 1.92 23.87 -28.86
N GLY B 646 1.54 22.64 -29.14
CA GLY B 646 1.85 21.54 -28.26
C GLY B 646 1.21 20.28 -28.79
N LEU B 647 1.85 19.15 -28.49
CA LEU B 647 1.37 17.89 -29.03
C LEU B 647 0.37 17.32 -28.09
N SER B 648 -0.39 16.37 -28.58
CA SER B 648 -1.32 15.68 -27.73
C SER B 648 -1.06 14.19 -27.86
N TYR B 649 -1.64 13.43 -26.94
CA TYR B 649 -1.51 11.97 -26.98
C TYR B 649 -2.53 11.32 -27.90
N THR B 650 -3.43 12.11 -28.51
CA THR B 650 -4.28 11.62 -29.60
C THR B 650 -4.15 12.63 -30.75
N THR B 651 -4.88 12.45 -31.85
CA THR B 651 -4.90 13.45 -32.96
C THR B 651 -6.30 14.13 -33.03
N PHE B 652 -6.33 15.38 -33.48
CA PHE B 652 -7.59 16.17 -33.63
C PHE B 652 -7.72 16.71 -35.05
N GLU B 653 -8.95 16.78 -35.55
CA GLU B 653 -9.25 17.38 -36.88
C GLU B 653 -10.32 18.49 -36.76
N PHE B 654 -10.09 19.60 -37.48
CA PHE B 654 -10.98 20.77 -37.51
C PHE B 654 -11.72 20.76 -38.82
N SER B 655 -13.04 20.85 -38.76
CA SER B 655 -13.86 21.02 -39.97
C SER B 655 -15.01 22.03 -39.75
N GLN B 656 -15.69 22.42 -40.82
CA GLN B 656 -16.95 23.17 -40.74
C GLN B 656 -16.83 24.54 -40.09
N LEU B 657 -15.90 25.34 -40.60
CA LEU B 657 -15.78 26.69 -40.11
C LEU B 657 -17.01 27.46 -40.60
N ASN B 658 -17.68 28.15 -39.67
CA ASN B 658 -18.71 29.09 -40.05
C ASN B 658 -18.61 30.35 -39.23
N VAL B 659 -18.50 31.47 -39.96
CA VAL B 659 -18.43 32.78 -39.38
C VAL B 659 -19.74 33.52 -39.66
N GLN B 660 -20.59 33.59 -38.62
CA GLN B 660 -21.93 34.24 -38.63
C GLN B 660 -21.82 35.67 -38.08
N PRO B 661 -22.08 36.65 -38.93
CA PRO B 661 -22.05 37.99 -38.34
C PRO B 661 -23.33 38.27 -37.57
N ILE B 662 -23.20 39.09 -36.54
CA ILE B 662 -24.34 39.46 -35.72
C ILE B 662 -24.74 40.87 -36.16
N ASN B 663 -26.05 41.10 -36.07
CA ASN B 663 -26.69 42.33 -36.49
C ASN B 663 -26.61 43.29 -35.31
N ALA B 664 -25.43 43.80 -35.02
CA ALA B 664 -25.21 44.51 -33.77
C ALA B 664 -25.60 45.97 -33.97
N PRO B 665 -26.16 46.63 -32.94
CA PRO B 665 -26.28 48.08 -33.03
C PRO B 665 -24.91 48.76 -33.19
N PRO B 666 -24.83 49.85 -33.97
CA PRO B 666 -23.52 50.42 -34.18
C PRO B 666 -22.85 50.91 -32.88
N TYR B 667 -21.54 51.03 -32.92
CA TYR B 667 -20.78 51.55 -31.80
C TYR B 667 -21.21 52.95 -31.41
N THR B 668 -21.63 53.11 -30.15
CA THR B 668 -21.96 54.40 -29.57
C THR B 668 -20.87 54.89 -28.62
N PRO B 669 -20.09 55.92 -29.02
CA PRO B 669 -19.17 56.50 -28.04
C PRO B 669 -19.90 57.09 -26.83
N ALA B 670 -19.29 56.94 -25.66
CA ALA B 670 -19.87 57.48 -24.46
C ALA B 670 -19.83 58.99 -24.54
N SER B 671 -20.80 59.59 -23.86
CA SER B 671 -21.02 61.03 -23.78
C SER B 671 -21.53 61.34 -22.36
N GLY B 672 -21.71 62.61 -22.07
CA GLY B 672 -22.28 63.04 -20.82
C GLY B 672 -21.19 63.49 -19.88
N PHE B 673 -21.59 63.77 -18.64
CA PHE B 673 -20.72 64.24 -17.58
C PHE B 673 -20.93 63.45 -16.33
N THR B 674 -19.85 63.34 -15.56
CA THR B 674 -19.87 62.69 -14.26
C THR B 674 -20.68 63.58 -13.34
N LYS B 675 -21.01 63.05 -12.16
CA LYS B 675 -21.45 63.87 -11.08
C LYS B 675 -20.24 64.70 -10.61
N ALA B 676 -20.54 65.77 -9.90
CA ALA B 676 -19.58 66.57 -9.17
C ALA B 676 -19.02 65.77 -8.03
N ALA B 677 -17.85 66.21 -7.58
CA ALA B 677 -17.10 65.58 -6.52
C ALA B 677 -17.72 65.90 -5.16
N GLN B 678 -17.69 64.94 -4.23
CA GLN B 678 -18.33 65.08 -2.92
C GLN B 678 -17.32 64.96 -1.83
N SER B 679 -17.52 65.76 -0.81
CA SER B 679 -16.89 65.65 0.49
C SER B 679 -17.89 64.92 1.43
N PHE B 680 -17.38 64.00 2.24
CA PHE B 680 -18.20 63.13 3.08
C PHE B 680 -17.86 63.35 4.57
N GLY B 681 -18.39 64.43 5.16
CA GLY B 681 -17.97 64.92 6.48
C GLY B 681 -17.65 66.41 6.45
N GLN B 682 -17.34 66.97 7.61
CA GLN B 682 -17.02 68.40 7.78
C GLN B 682 -15.55 68.69 7.46
N PRO B 683 -15.14 69.98 7.41
CA PRO B 683 -13.71 70.24 7.38
C PRO B 683 -13.12 69.89 8.75
N SER B 684 -11.93 69.33 8.73
CA SER B 684 -11.16 69.09 9.96
C SER B 684 -10.40 70.37 10.26
N ASN B 685 -9.79 70.44 11.44
CA ASN B 685 -8.85 71.50 11.76
C ASN B 685 -7.68 70.98 12.58
N ALA B 686 -6.55 71.67 12.49
CA ALA B 686 -5.28 71.19 13.02
C ALA B 686 -5.32 70.82 14.51
N SER B 687 -6.23 71.40 15.28
CA SER B 687 -6.28 71.15 16.74
C SER B 687 -6.64 69.70 17.08
N ASP B 688 -7.59 69.17 16.31
CA ASP B 688 -8.10 67.81 16.47
C ASP B 688 -7.20 66.74 15.81
N ASN B 689 -6.04 67.16 15.27
CA ASN B 689 -5.17 66.28 14.52
C ASN B 689 -3.78 66.11 15.12
N LEU B 690 -3.62 66.50 16.37
CA LEU B 690 -2.34 66.37 17.07
C LEU B 690 -2.18 64.93 17.55
N TYR B 691 -0.98 64.58 17.96
CA TYR B 691 -0.70 63.32 18.59
C TYR B 691 -1.43 63.26 19.94
N PRO B 692 -2.33 62.26 20.13
CA PRO B 692 -2.91 61.99 21.47
C PRO B 692 -1.84 61.83 22.55
N SER B 693 -2.14 62.33 23.76
CA SER B 693 -1.22 62.31 24.92
C SER B 693 -1.04 60.86 25.31
N ASP B 694 -2.20 60.20 25.39
CA ASP B 694 -2.42 58.74 25.19
C ASP B 694 -1.29 57.86 24.58
N ILE B 695 -0.97 58.00 23.29
CA ILE B 695 -0.01 57.10 22.60
C ILE B 695 1.51 57.38 22.84
N GLU B 696 2.30 56.29 22.81
CA GLU B 696 3.77 56.34 22.89
C GLU B 696 4.37 56.07 21.51
N ARG B 697 5.06 57.07 20.97
CA ARG B 697 5.44 57.10 19.56
C ARG B 697 6.52 56.09 19.26
N VAL B 698 6.17 55.10 18.45
CA VAL B 698 7.09 54.08 18.06
C VAL B 698 8.06 54.75 17.10
N PRO B 699 9.39 54.61 17.33
CA PRO B 699 10.31 55.33 16.44
C PRO B 699 10.28 54.74 15.02
N LEU B 700 10.38 55.62 14.04
CA LEU B 700 10.27 55.24 12.62
C LEU B 700 8.88 54.71 12.14
N TYR B 701 7.87 54.74 13.02
CA TYR B 701 6.47 54.41 12.67
C TYR B 701 5.77 55.63 12.03
N ILE B 702 5.09 55.41 10.91
CA ILE B 702 4.43 56.47 10.18
C ILE B 702 3.00 56.58 10.69
N TYR B 703 2.72 57.76 11.25
CA TYR B 703 1.47 58.16 11.88
C TYR B 703 0.81 59.29 11.04
N PRO B 704 -0.50 59.53 11.25
CA PRO B 704 -1.22 60.60 10.54
C PRO B 704 -1.15 61.97 11.21
N TRP B 705 -0.63 62.03 12.43
CA TRP B 705 -0.83 63.17 13.31
C TRP B 705 0.30 64.21 13.12
N LEU B 706 0.06 65.42 13.68
CA LEU B 706 0.99 66.55 13.63
C LEU B 706 1.62 66.78 14.98
N ASN B 707 2.85 67.27 14.98
CA ASN B 707 3.59 67.71 16.18
C ASN B 707 2.96 68.92 16.87
N SER B 708 2.53 69.90 16.07
CA SER B 708 1.95 71.17 16.57
C SER B 708 0.92 71.65 15.57
N THR B 709 0.15 72.66 15.94
CA THR B 709 -0.82 73.22 14.98
C THR B 709 -0.19 74.10 13.91
N ASP B 710 1.13 74.33 14.05
CA ASP B 710 1.95 74.93 12.99
C ASP B 710 2.19 73.89 11.89
N LEU B 711 1.54 74.09 10.77
CA LEU B 711 1.50 73.11 9.70
C LEU B 711 2.87 73.01 8.98
N LYS B 712 3.56 74.15 8.86
CA LYS B 712 4.83 74.17 8.12
C LYS B 712 5.87 73.36 8.87
N ALA B 713 5.97 73.61 10.18
CA ALA B 713 6.95 72.88 11.03
C ALA B 713 6.59 71.40 11.16
N SER B 714 5.30 71.08 11.16
CA SER B 714 4.87 69.67 11.29
C SER B 714 5.22 68.89 10.00
N ALA B 715 4.95 69.47 8.84
CA ALA B 715 5.30 68.87 7.55
C ALA B 715 6.79 68.75 7.28
N ASN B 716 7.55 69.71 7.81
CA ASN B 716 9.01 69.74 7.66
C ASN B 716 9.49 69.49 6.23
N ASP B 717 8.84 70.11 5.23
CA ASP B 717 9.16 69.90 3.80
C ASP B 717 10.00 71.09 3.36
N PRO B 718 11.20 70.84 2.78
CA PRO B 718 12.10 71.94 2.38
C PRO B 718 11.52 72.95 1.39
N ASP B 719 10.52 72.58 0.59
CA ASP B 719 9.88 73.51 -0.37
C ASP B 719 8.48 74.00 0.08
N TYR B 720 8.12 73.80 1.34
CA TYR B 720 6.74 74.04 1.84
C TYR B 720 6.24 75.46 1.58
N GLY B 721 5.02 75.54 1.09
CA GLY B 721 4.19 76.75 1.19
C GLY B 721 3.75 77.44 -0.09
N LEU B 722 4.15 76.91 -1.26
CA LEU B 722 3.80 77.52 -2.53
C LEU B 722 2.33 77.37 -2.81
N PRO B 723 1.76 78.35 -3.54
CA PRO B 723 0.40 78.15 -3.98
C PRO B 723 0.34 77.05 -5.02
N THR B 724 -0.75 76.28 -4.94
CA THR B 724 -0.96 75.03 -5.69
C THR B 724 -0.59 75.14 -7.18
N GLU B 725 -1.11 76.17 -7.85
CA GLU B 725 -0.91 76.38 -9.30
C GLU B 725 0.54 76.61 -9.73
N LYS B 726 1.40 76.98 -8.77
CA LYS B 726 2.81 77.12 -9.08
C LYS B 726 3.55 75.79 -9.30
N TYR B 727 3.07 74.69 -8.71
CA TYR B 727 3.75 73.36 -8.80
C TYR B 727 2.87 72.14 -9.16
N VAL B 728 1.59 72.37 -9.44
CA VAL B 728 0.67 71.31 -9.80
C VAL B 728 0.08 71.66 -11.16
N PRO B 729 -0.27 70.68 -11.99
CA PRO B 729 -0.80 71.10 -13.28
C PRO B 729 -2.19 71.66 -13.23
N PRO B 730 -2.65 72.30 -14.30
CA PRO B 730 -3.98 72.91 -14.30
C PRO B 730 -5.09 71.89 -14.09
N ASN B 731 -6.17 72.30 -13.45
CA ASN B 731 -7.36 71.47 -13.21
C ASN B 731 -7.23 70.28 -12.22
N ALA B 732 -6.07 70.15 -11.61
CA ALA B 732 -5.81 69.14 -10.58
C ALA B 732 -6.70 69.26 -9.35
N THR B 733 -7.29 70.44 -9.14
CA THR B 733 -8.13 70.74 -7.96
C THR B 733 -9.63 70.91 -8.33
N ASN B 734 -9.97 70.56 -9.57
CA ASN B 734 -11.28 70.78 -10.10
C ASN B 734 -12.21 69.67 -9.65
N GLY B 735 -13.18 70.00 -8.77
CA GLY B 735 -14.27 69.10 -8.39
C GLY B 735 -15.55 69.16 -9.20
N ASP B 736 -15.57 69.86 -10.33
CA ASP B 736 -16.83 70.02 -11.05
C ASP B 736 -17.08 68.84 -11.95
N PRO B 737 -18.35 68.63 -12.35
CA PRO B 737 -18.64 67.58 -13.33
C PRO B 737 -17.63 67.54 -14.49
N GLN B 738 -17.10 66.34 -14.79
CA GLN B 738 -16.15 66.14 -15.90
C GLN B 738 -16.78 65.33 -17.03
N PRO B 739 -16.29 65.55 -18.29
CA PRO B 739 -16.75 64.74 -19.41
C PRO B 739 -16.38 63.32 -19.16
N ILE B 740 -17.30 62.44 -19.49
CA ILE B 740 -17.06 61.03 -19.48
C ILE B 740 -16.25 60.72 -20.73
N ASP B 741 -15.21 59.91 -20.57
CA ASP B 741 -14.34 59.47 -21.65
C ASP B 741 -15.17 58.73 -22.68
N PRO B 742 -15.09 59.13 -24.01
CA PRO B 742 -15.87 58.46 -25.05
C PRO B 742 -15.53 57.01 -25.27
N ALA B 743 -14.34 56.57 -24.88
CA ALA B 743 -14.03 55.13 -24.85
C ALA B 743 -14.29 54.43 -23.52
N GLY B 744 -14.84 55.15 -22.55
CA GLY B 744 -15.11 54.70 -21.20
C GLY B 744 -16.59 54.65 -20.89
N GLY B 745 -16.91 54.67 -19.61
CA GLY B 745 -18.30 54.65 -19.15
C GLY B 745 -18.68 53.46 -18.28
N ALA B 746 -17.75 52.55 -18.02
CA ALA B 746 -18.02 51.32 -17.29
C ALA B 746 -16.67 50.65 -17.00
N PRO B 747 -16.59 49.76 -15.98
CA PRO B 747 -15.35 49.02 -15.72
C PRO B 747 -14.98 48.17 -16.93
N GLY B 748 -13.77 48.41 -17.44
CA GLY B 748 -13.26 47.77 -18.65
C GLY B 748 -13.38 48.57 -19.93
N GLY B 749 -13.94 49.79 -19.85
CA GLY B 749 -14.31 50.58 -21.02
C GLY B 749 -15.79 50.58 -21.39
N ASN B 750 -16.08 51.40 -22.42
CA ASN B 750 -17.40 51.59 -22.97
C ASN B 750 -18.11 50.23 -23.17
N PRO B 751 -19.29 50.00 -22.54
CA PRO B 751 -20.06 48.76 -22.79
C PRO B 751 -20.29 48.39 -24.27
N SER B 752 -20.47 49.40 -25.13
CA SER B 752 -20.67 49.19 -26.57
C SER B 752 -19.51 48.45 -27.21
N LEU B 753 -18.35 48.48 -26.56
CA LEU B 753 -17.22 47.66 -26.93
C LEU B 753 -17.41 46.18 -26.85
N TYR B 754 -18.25 45.73 -25.95
CA TYR B 754 -18.40 44.30 -25.73
C TYR B 754 -19.64 43.71 -26.40
N GLU B 755 -20.24 44.47 -27.33
CA GLU B 755 -21.36 43.96 -28.14
C GLU B 755 -20.85 42.81 -29.06
N PRO B 756 -21.55 41.68 -29.06
CA PRO B 756 -21.27 40.61 -30.00
C PRO B 756 -21.44 41.10 -31.42
N VAL B 757 -20.45 40.82 -32.25
CA VAL B 757 -20.48 41.14 -33.69
C VAL B 757 -20.33 39.93 -34.62
N ALA B 758 -19.81 38.82 -34.13
CA ALA B 758 -19.74 37.56 -34.88
C ALA B 758 -19.87 36.35 -33.93
N ARG B 759 -20.33 35.23 -34.50
CA ARG B 759 -20.40 33.98 -33.77
C ARG B 759 -19.71 33.02 -34.71
N VAL B 760 -18.67 32.36 -34.18
CA VAL B 760 -17.80 31.51 -34.95
C VAL B 760 -18.02 30.10 -34.50
N THR B 761 -18.16 29.17 -35.44
CA THR B 761 -18.34 27.77 -35.09
C THR B 761 -17.43 26.89 -35.92
N THR B 762 -16.90 25.84 -35.30
CA THR B 762 -16.07 24.87 -35.97
C THR B 762 -16.25 23.53 -35.26
N ILE B 763 -16.15 22.45 -36.01
CA ILE B 763 -16.27 21.12 -35.43
C ILE B 763 -14.87 20.60 -35.15
N ILE B 764 -14.65 20.15 -33.92
CA ILE B 764 -13.38 19.52 -33.56
C ILE B 764 -13.65 18.05 -33.33
N THR B 765 -12.84 17.19 -33.93
CA THR B 765 -13.02 15.73 -33.80
C THR B 765 -11.75 15.08 -33.33
N ASN B 766 -11.85 14.18 -32.35
CA ASN B 766 -10.71 13.40 -31.86
C ASN B 766 -10.68 12.18 -32.71
N THR B 767 -9.71 12.15 -33.64
CA THR B 767 -9.61 11.15 -34.70
C THR B 767 -8.74 9.94 -34.31
N GLY B 768 -8.05 10.04 -33.17
CA GLY B 768 -7.15 8.99 -32.71
C GLY B 768 -7.82 8.04 -31.74
N LYS B 769 -6.98 7.33 -31.00
CA LYS B 769 -7.37 6.14 -30.26
C LYS B 769 -7.55 6.30 -28.75
N VAL B 770 -7.07 7.42 -28.19
CA VAL B 770 -7.28 7.71 -26.78
C VAL B 770 -8.01 9.05 -26.54
N THR B 771 -8.56 9.18 -25.33
CA THR B 771 -9.17 10.41 -24.83
C THR B 771 -8.06 11.46 -24.68
N GLY B 772 -8.28 12.65 -25.25
CA GLY B 772 -7.25 13.67 -25.21
C GLY B 772 -7.85 15.06 -25.04
N ASP B 773 -6.98 16.03 -24.80
CA ASP B 773 -7.34 17.41 -24.65
C ASP B 773 -6.83 18.21 -25.88
N GLU B 774 -7.69 19.12 -26.35
CA GLU B 774 -7.35 20.08 -27.39
C GLU B 774 -7.58 21.49 -26.87
N VAL B 775 -6.76 22.41 -27.35
CA VAL B 775 -6.91 23.82 -27.11
C VAL B 775 -7.15 24.51 -28.45
N PRO B 776 -8.42 24.51 -28.90
CA PRO B 776 -8.74 25.24 -30.12
C PRO B 776 -8.48 26.72 -29.91
N GLN B 777 -8.00 27.38 -30.96
CA GLN B 777 -7.64 28.79 -30.91
C GLN B 777 -8.23 29.54 -32.08
N LEU B 778 -8.69 30.76 -31.83
CA LEU B 778 -9.21 31.65 -32.85
C LEU B 778 -8.29 32.86 -32.94
N TYR B 779 -7.76 33.07 -34.15
CA TYR B 779 -6.97 34.24 -34.48
C TYR B 779 -7.70 35.17 -35.47
N VAL B 780 -7.38 36.45 -35.38
CA VAL B 780 -7.97 37.49 -36.25
C VAL B 780 -6.92 38.34 -36.98
N SER B 781 -7.08 38.42 -38.31
CA SER B 781 -6.30 39.38 -39.11
C SER B 781 -7.16 40.63 -39.13
N LEU B 782 -6.69 41.71 -38.53
CA LEU B 782 -7.45 42.97 -38.55
C LEU B 782 -7.30 43.69 -39.90
N GLY B 783 -6.29 43.34 -40.70
CA GLY B 783 -6.30 43.60 -42.14
C GLY B 783 -5.48 44.78 -42.62
N GLY B 784 -5.10 45.67 -41.74
CA GLY B 784 -4.39 46.90 -42.15
C GLY B 784 -2.96 46.58 -42.43
N PRO B 785 -2.21 47.54 -43.01
CA PRO B 785 -0.79 47.26 -43.26
C PRO B 785 0.07 47.35 -42.02
N ASP B 786 -0.38 48.09 -41.02
CA ASP B 786 0.37 48.25 -39.76
C ASP B 786 0.02 47.11 -38.77
N ASP B 787 -1.00 46.32 -39.05
CA ASP B 787 -1.44 45.22 -38.18
C ASP B 787 -0.53 44.01 -38.22
N ALA B 788 -0.56 43.27 -37.11
CA ALA B 788 0.06 41.95 -37.05
C ALA B 788 -0.72 41.04 -38.01
N PRO B 789 -0.07 40.01 -38.60
CA PRO B 789 -0.82 39.12 -39.50
C PRO B 789 -2.03 38.46 -38.81
N LYS B 790 -1.88 38.09 -37.53
CA LYS B 790 -2.99 37.57 -36.76
C LYS B 790 -2.78 37.77 -35.26
N VAL B 791 -3.90 37.88 -34.55
CA VAL B 791 -3.89 38.11 -33.12
C VAL B 791 -4.92 37.19 -32.54
N LEU B 792 -4.54 36.57 -31.42
CA LEU B 792 -5.38 35.64 -30.71
C LEU B 792 -6.59 36.41 -30.20
N ARG B 793 -7.79 35.91 -30.49
CA ARG B 793 -9.01 36.52 -29.97
C ARG B 793 -9.96 35.56 -29.25
N GLY B 794 -9.72 34.26 -29.33
CA GLY B 794 -10.53 33.30 -28.62
C GLY B 794 -9.79 32.00 -28.38
N PHE B 795 -10.15 31.28 -27.32
CA PHE B 795 -9.59 29.98 -27.07
C PHE B 795 -10.40 29.19 -26.07
N ASP B 796 -10.15 27.89 -26.02
CA ASP B 796 -10.79 27.02 -25.03
C ASP B 796 -9.95 25.76 -24.86
N ARG B 797 -10.18 25.04 -23.78
CA ARG B 797 -9.59 23.70 -23.60
C ARG B 797 -10.69 22.67 -23.49
N ILE B 798 -10.65 21.66 -24.35
CA ILE B 798 -11.69 20.63 -24.38
C ILE B 798 -11.12 19.22 -24.27
N THR B 799 -11.94 18.31 -23.77
CA THR B 799 -11.58 16.92 -23.65
C THR B 799 -12.54 16.14 -24.51
N LEU B 800 -12.02 15.31 -25.39
CA LEU B 800 -12.82 14.49 -26.28
C LEU B 800 -12.39 13.05 -26.22
N ALA B 801 -13.38 12.16 -26.11
CA ALA B 801 -13.20 10.74 -26.32
C ALA B 801 -12.87 10.42 -27.80
N PRO B 802 -12.31 9.23 -28.09
CA PRO B 802 -12.03 8.81 -29.48
C PRO B 802 -13.32 8.77 -30.27
N GLY B 803 -13.27 9.24 -31.51
CA GLY B 803 -14.45 9.43 -32.34
C GLY B 803 -15.26 10.70 -32.07
N GLN B 804 -15.35 11.15 -30.80
CA GLN B 804 -16.25 12.23 -30.37
C GLN B 804 -16.03 13.54 -31.14
N GLN B 805 -17.14 14.22 -31.42
CA GLN B 805 -17.18 15.53 -32.09
C GLN B 805 -17.63 16.57 -31.10
N TYR B 806 -17.05 17.77 -31.23
CA TYR B 806 -17.51 18.93 -30.46
C TYR B 806 -17.69 20.15 -31.36
N LEU B 807 -18.89 20.71 -31.38
CA LEU B 807 -19.11 21.99 -32.02
C LEU B 807 -18.60 23.07 -31.06
N TRP B 808 -17.50 23.73 -31.45
CA TRP B 808 -16.92 24.80 -30.67
C TRP B 808 -17.47 26.14 -31.14
N THR B 809 -18.03 26.90 -30.23
CA THR B 809 -18.68 28.16 -30.52
C THR B 809 -18.00 29.31 -29.79
N THR B 810 -17.62 30.34 -30.52
CA THR B 810 -17.02 31.51 -29.95
C THR B 810 -17.73 32.74 -30.50
N THR B 811 -17.97 33.70 -29.59
CA THR B 811 -18.56 34.99 -29.90
C THR B 811 -17.51 36.09 -29.77
N LEU B 812 -17.21 36.74 -30.90
CA LEU B 812 -16.31 37.87 -30.92
C LEU B 812 -17.08 39.17 -30.62
N THR B 813 -16.40 40.07 -29.91
CA THR B 813 -16.91 41.37 -29.59
C THR B 813 -16.40 42.40 -30.58
N ARG B 814 -16.98 43.59 -30.49
CA ARG B 814 -16.55 44.73 -31.27
C ARG B 814 -15.09 45.06 -30.96
N ARG B 815 -14.73 45.03 -29.68
CA ARG B 815 -13.34 45.26 -29.22
C ARG B 815 -12.39 44.31 -29.91
N ASP B 816 -12.82 43.07 -30.09
CA ASP B 816 -12.03 42.05 -30.76
C ASP B 816 -11.69 42.34 -32.24
N ILE B 817 -12.41 43.25 -32.92
CA ILE B 817 -12.11 43.60 -34.30
C ILE B 817 -11.70 45.04 -34.48
N SER B 818 -11.42 45.70 -33.38
CA SER B 818 -11.14 47.10 -33.41
C SER B 818 -9.63 47.32 -33.34
N ASN B 819 -9.23 48.55 -33.68
CA ASN B 819 -7.90 49.07 -33.43
C ASN B 819 -8.10 50.27 -32.59
N TRP B 820 -7.03 50.72 -31.94
CA TRP B 820 -7.04 52.00 -31.24
C TRP B 820 -6.61 53.11 -32.17
N ASP B 821 -7.45 54.13 -32.28
CA ASP B 821 -7.17 55.27 -33.12
C ASP B 821 -6.76 56.44 -32.26
N PRO B 822 -5.49 56.80 -32.27
CA PRO B 822 -5.14 57.95 -31.44
C PRO B 822 -5.77 59.32 -31.87
N VAL B 823 -6.16 59.48 -33.15
CA VAL B 823 -6.81 60.76 -33.62
C VAL B 823 -8.16 61.06 -32.89
N THR B 824 -9.06 60.07 -32.97
CA THR B 824 -10.34 60.12 -32.28
C THR B 824 -10.35 59.64 -30.80
N GLN B 825 -9.21 59.11 -30.30
CA GLN B 825 -9.09 58.48 -28.96
C GLN B 825 -10.23 57.51 -28.68
N ASN B 826 -10.37 56.56 -29.60
CA ASN B 826 -11.35 55.52 -29.43
C ASN B 826 -11.01 54.31 -30.23
N TRP B 827 -11.78 53.27 -29.97
CA TRP B 827 -11.66 52.02 -30.64
C TRP B 827 -12.51 52.09 -31.87
N VAL B 828 -11.90 51.91 -33.03
CA VAL B 828 -12.59 51.88 -34.34
C VAL B 828 -12.46 50.52 -35.01
N VAL B 829 -13.52 50.10 -35.70
CA VAL B 829 -13.50 48.96 -36.60
C VAL B 829 -13.09 49.47 -37.99
N THR B 830 -11.84 49.27 -38.41
CA THR B 830 -11.34 49.81 -39.68
C THR B 830 -11.99 49.11 -40.86
N ASN B 831 -11.90 49.77 -42.02
CA ASN B 831 -12.49 49.31 -43.32
C ASN B 831 -11.87 48.01 -43.86
N TYR B 832 -10.62 47.73 -43.48
CA TYR B 832 -9.90 46.53 -43.93
C TYR B 832 -10.69 45.23 -43.65
N THR B 833 -10.60 44.26 -44.56
CA THR B 833 -11.28 42.98 -44.35
C THR B 833 -10.64 42.25 -43.13
N LYS B 834 -11.49 41.65 -42.33
CA LYS B 834 -11.05 40.89 -41.18
C LYS B 834 -11.16 39.43 -41.57
N THR B 835 -10.06 38.68 -41.39
CA THR B 835 -10.09 37.23 -41.57
C THR B 835 -10.06 36.51 -40.23
N ILE B 836 -10.92 35.52 -40.10
CA ILE B 836 -10.96 34.66 -38.93
C ILE B 836 -10.15 33.41 -39.25
N TYR B 837 -9.16 33.07 -38.41
CA TYR B 837 -8.51 31.73 -38.49
C TYR B 837 -8.83 30.86 -37.27
N VAL B 838 -9.06 29.58 -37.51
CA VAL B 838 -9.31 28.64 -36.46
C VAL B 838 -8.40 27.43 -36.59
N GLY B 839 -8.11 26.77 -35.48
CA GLY B 839 -7.10 25.69 -35.45
C GLY B 839 -6.52 25.49 -34.05
N ASN B 840 -5.33 24.90 -33.98
CA ASN B 840 -4.75 24.53 -32.68
C ASN B 840 -3.38 25.08 -32.27
N SER B 841 -2.88 26.02 -33.08
CA SER B 841 -1.75 26.86 -32.70
C SER B 841 -1.76 28.13 -33.56
N SER B 842 -0.80 29.04 -33.33
CA SER B 842 -0.70 30.29 -34.10
C SER B 842 -0.22 30.06 -35.51
N ARG B 843 0.30 28.87 -35.83
CA ARG B 843 0.65 28.54 -37.24
C ARG B 843 -0.09 27.34 -37.82
N ASN B 844 -0.70 26.48 -37.00
CA ASN B 844 -1.54 25.38 -37.53
C ASN B 844 -3.00 25.83 -37.49
N LEU B 845 -3.41 26.43 -38.61
CA LEU B 845 -4.70 27.08 -38.74
C LEU B 845 -5.34 26.70 -40.08
N PRO B 846 -5.93 25.51 -40.15
CA PRO B 846 -6.29 25.02 -41.47
C PRO B 846 -7.59 25.55 -42.07
N LEU B 847 -8.44 26.18 -41.26
CA LEU B 847 -9.67 26.80 -41.77
C LEU B 847 -9.64 28.29 -41.52
N GLN B 848 -9.97 29.06 -42.55
CA GLN B 848 -10.06 30.50 -42.46
C GLN B 848 -11.32 31.00 -43.18
N ALA B 849 -11.81 32.16 -42.79
CA ALA B 849 -12.94 32.77 -43.48
C ALA B 849 -12.96 34.27 -43.18
N PRO B 850 -13.45 35.08 -44.15
CA PRO B 850 -13.56 36.51 -43.89
C PRO B 850 -14.82 36.77 -43.07
N LEU B 851 -14.77 37.84 -42.26
CA LEU B 851 -15.94 38.36 -41.56
C LEU B 851 -16.69 39.26 -42.56
N LYS B 852 -17.88 38.84 -42.98
CA LYS B 852 -18.72 39.67 -43.84
C LYS B 852 -19.55 40.65 -42.99
N PRO B 853 -19.97 41.80 -43.58
CA PRO B 853 -21.01 42.61 -42.91
C PRO B 853 -22.35 41.90 -42.84
N TYR B 854 -23.18 42.23 -41.85
CA TYR B 854 -24.53 41.68 -41.76
C TYR B 854 -25.30 42.19 -42.98
N PRO B 855 -26.16 41.35 -43.60
CA PRO B 855 -27.01 41.87 -44.72
C PRO B 855 -28.09 42.90 -44.30
N ASN C 21 -61.87 24.82 8.97
CA ASN C 21 -61.64 23.39 9.35
C ASN C 21 -60.39 22.73 8.64
N LEU C 22 -60.52 22.27 7.38
CA LEU C 22 -59.41 21.56 6.68
C LEU C 22 -58.36 22.57 6.19
N ALA C 23 -57.09 22.29 6.43
CA ALA C 23 -56.00 23.20 5.99
C ALA C 23 -56.12 23.58 4.51
N TYR C 24 -55.86 24.86 4.23
CA TYR C 24 -56.08 25.48 2.92
C TYR C 24 -54.77 26.17 2.47
N SER C 25 -54.42 26.06 1.18
CA SER C 25 -53.20 26.65 0.65
C SER C 25 -53.66 27.82 -0.17
N PRO C 26 -53.34 29.06 0.29
CA PRO C 26 -53.89 30.20 -0.42
C PRO C 26 -53.13 30.41 -1.74
N PRO C 27 -53.71 31.21 -2.64
CA PRO C 27 -53.14 31.39 -3.97
C PRO C 27 -52.09 32.46 -4.03
N PHE C 28 -51.09 32.27 -4.89
CA PHE C 28 -50.16 33.33 -5.22
C PHE C 28 -49.88 33.31 -6.73
N TYR C 29 -50.32 34.35 -7.44
CA TYR C 29 -50.12 34.45 -8.89
C TYR C 29 -49.74 35.87 -9.24
N PRO C 30 -49.15 36.10 -10.40
CA PRO C 30 -48.74 35.09 -11.40
C PRO C 30 -47.47 34.35 -10.98
N SER C 31 -47.06 33.38 -11.80
CA SER C 31 -45.83 32.67 -11.61
C SER C 31 -44.62 33.52 -11.97
N PRO C 32 -43.80 33.93 -10.98
CA PRO C 32 -42.70 34.80 -11.31
C PRO C 32 -41.83 34.30 -12.44
N TRP C 33 -41.48 35.21 -13.33
CA TRP C 33 -40.60 34.91 -14.48
C TRP C 33 -39.12 35.20 -14.13
N ALA C 34 -38.24 34.50 -14.84
CA ALA C 34 -36.82 34.66 -14.63
C ALA C 34 -36.45 36.12 -14.91
N ASN C 35 -35.57 36.67 -14.07
CA ASN C 35 -35.24 38.11 -14.10
C ASN C 35 -33.83 38.48 -14.58
N GLY C 36 -32.95 37.49 -14.74
CA GLY C 36 -31.68 37.69 -15.46
C GLY C 36 -30.65 38.56 -14.74
N GLN C 37 -30.77 38.60 -13.42
CA GLN C 37 -29.92 39.42 -12.57
C GLN C 37 -28.80 38.62 -11.94
N GLY C 38 -27.74 39.34 -11.58
CA GLY C 38 -26.67 38.80 -10.76
C GLY C 38 -25.94 37.63 -11.35
N ASP C 39 -25.72 36.60 -10.57
CA ASP C 39 -24.94 35.48 -11.07
C ASP C 39 -25.68 34.75 -12.16
N TRP C 40 -26.98 35.02 -12.35
CA TRP C 40 -27.76 34.37 -13.43
C TRP C 40 -27.80 35.10 -14.81
N ALA C 41 -27.13 36.24 -14.90
CA ALA C 41 -27.21 37.14 -16.06
C ALA C 41 -26.69 36.50 -17.30
N GLU C 42 -25.48 35.94 -17.20
CA GLU C 42 -24.84 35.31 -18.35
C GLU C 42 -25.66 34.09 -18.82
N ALA C 43 -26.15 33.30 -17.88
CA ALA C 43 -26.91 32.11 -18.24
C ALA C 43 -28.28 32.48 -18.81
N TYR C 44 -28.95 33.43 -18.16
CA TYR C 44 -30.26 33.89 -18.66
C TYR C 44 -30.16 34.38 -20.12
N GLN C 45 -29.14 35.19 -20.43
CA GLN C 45 -28.96 35.73 -21.82
C GLN C 45 -28.73 34.59 -22.84
N LYS C 46 -27.90 33.62 -22.47
CA LYS C 46 -27.77 32.41 -23.27
C LYS C 46 -29.12 31.68 -23.41
N ALA C 47 -29.87 31.52 -22.33
CA ALA C 47 -31.14 30.81 -22.41
C ALA C 47 -32.16 31.48 -23.36
N VAL C 48 -32.22 32.81 -23.30
CA VAL C 48 -33.13 33.62 -24.15
C VAL C 48 -32.71 33.55 -25.62
N GLN C 49 -31.41 33.65 -25.86
CA GLN C 49 -30.89 33.47 -27.21
C GLN C 49 -31.34 32.14 -27.85
N PHE C 50 -31.31 31.07 -27.05
CA PHE C 50 -31.68 29.74 -27.55
C PHE C 50 -33.17 29.64 -27.72
N VAL C 51 -33.87 30.05 -26.69
CA VAL C 51 -35.34 29.90 -26.66
C VAL C 51 -36.05 30.78 -27.64
N SER C 52 -35.48 31.97 -27.89
CA SER C 52 -36.00 32.88 -28.93
C SER C 52 -36.02 32.25 -30.31
N GLN C 53 -35.12 31.27 -30.55
CA GLN C 53 -35.14 30.54 -31.84
C GLN C 53 -36.20 29.43 -31.95
N LEU C 54 -36.82 29.00 -30.86
CA LEU C 54 -37.58 27.74 -30.89
C LEU C 54 -38.96 27.94 -31.43
N THR C 55 -39.63 26.86 -31.86
CA THR C 55 -41.09 26.91 -32.08
C THR C 55 -41.77 26.46 -30.79
N LEU C 56 -43.08 26.68 -30.72
CA LEU C 56 -43.89 26.18 -29.62
C LEU C 56 -43.66 24.71 -29.32
N ALA C 57 -43.68 23.90 -30.38
CA ALA C 57 -43.54 22.44 -30.25
C ALA C 57 -42.16 22.07 -29.69
N GLU C 58 -41.12 22.76 -30.13
CA GLU C 58 -39.80 22.56 -29.58
C GLU C 58 -39.76 22.99 -28.12
N LYS C 59 -40.44 24.08 -27.78
CA LYS C 59 -40.44 24.57 -26.39
C LYS C 59 -41.14 23.58 -25.51
N VAL C 60 -42.27 23.08 -26.01
CA VAL C 60 -43.03 22.10 -25.29
C VAL C 60 -42.24 20.82 -25.06
N ASN C 61 -41.41 20.42 -26.01
CA ASN C 61 -40.52 19.28 -25.83
C ASN C 61 -39.60 19.47 -24.61
N LEU C 62 -39.08 20.67 -24.34
CA LEU C 62 -38.20 20.89 -23.18
C LEU C 62 -38.89 20.70 -21.80
N THR C 63 -40.19 20.91 -21.76
CA THR C 63 -40.98 20.90 -20.52
C THR C 63 -41.54 19.53 -20.18
N THR C 64 -41.59 18.63 -21.17
CA THR C 64 -42.38 17.39 -21.05
C THR C 64 -41.53 16.16 -21.31
N GLY C 65 -41.44 15.30 -20.29
CA GLY C 65 -40.77 14.02 -20.40
C GLY C 65 -41.48 13.14 -21.42
N THR C 66 -40.77 12.13 -21.92
CA THR C 66 -41.27 11.40 -23.05
C THR C 66 -42.09 10.16 -22.69
N GLY C 67 -42.37 9.98 -21.40
CA GLY C 67 -43.07 8.81 -20.93
C GLY C 67 -42.13 7.89 -20.19
N TRP C 68 -42.73 7.14 -19.26
CA TRP C 68 -42.05 6.19 -18.38
C TRP C 68 -41.35 5.11 -19.20
N GLU C 69 -40.04 4.97 -19.00
CA GLU C 69 -39.24 3.94 -19.68
C GLU C 69 -39.19 4.10 -21.22
N GLN C 70 -39.32 5.34 -21.71
CA GLN C 70 -39.41 5.54 -23.15
C GLN C 70 -38.10 5.93 -23.81
N ASP C 71 -37.09 6.23 -23.02
CA ASP C 71 -35.78 6.56 -23.54
C ASP C 71 -34.74 5.94 -22.58
N ARG C 72 -33.56 6.54 -22.39
CA ARG C 72 -32.46 5.88 -21.67
C ARG C 72 -32.36 6.28 -20.21
N CYS C 73 -32.62 7.54 -19.89
CA CYS C 73 -32.50 8.03 -18.53
C CYS C 73 -33.79 7.85 -17.81
N VAL C 74 -33.67 7.80 -16.49
CA VAL C 74 -34.84 7.63 -15.65
C VAL C 74 -35.90 8.68 -15.95
N GLY C 75 -35.45 9.89 -16.27
CA GLY C 75 -36.32 10.87 -16.91
C GLY C 75 -35.59 11.53 -18.06
N GLN C 76 -36.34 11.85 -19.09
CA GLN C 76 -35.75 12.43 -20.30
C GLN C 76 -36.82 13.15 -21.04
N VAL C 77 -36.53 14.38 -21.42
CA VAL C 77 -37.43 15.13 -22.28
C VAL C 77 -37.01 14.98 -23.71
N GLY C 78 -37.86 15.45 -24.61
CA GLY C 78 -37.62 15.36 -26.06
C GLY C 78 -36.46 16.20 -26.57
N SER C 79 -36.09 15.95 -27.81
CA SER C 79 -35.01 16.67 -28.48
C SER C 79 -35.52 17.87 -29.28
N ILE C 80 -34.57 18.66 -29.79
CA ILE C 80 -34.87 19.73 -30.71
C ILE C 80 -33.88 19.47 -31.82
N PRO C 81 -34.17 18.48 -32.66
CA PRO C 81 -33.21 18.07 -33.71
C PRO C 81 -32.87 19.16 -34.71
N ARG C 82 -33.79 20.10 -34.94
CA ARG C 82 -33.53 21.19 -35.86
C ARG C 82 -32.32 22.05 -35.46
N LEU C 83 -31.97 22.10 -34.17
CA LEU C 83 -30.74 22.81 -33.70
C LEU C 83 -29.63 21.85 -33.22
N GLY C 84 -29.69 20.58 -33.58
CA GLY C 84 -28.74 19.58 -33.04
C GLY C 84 -28.83 19.31 -31.51
N PHE C 85 -29.96 19.67 -30.87
CA PHE C 85 -30.10 19.56 -29.40
C PHE C 85 -30.70 18.21 -28.98
N PRO C 86 -29.94 17.42 -28.21
CA PRO C 86 -30.37 16.05 -27.84
C PRO C 86 -31.51 15.92 -26.81
N GLY C 87 -31.84 17.01 -26.11
CA GLY C 87 -32.77 16.94 -25.01
C GLY C 87 -31.98 16.75 -23.74
N LEU C 88 -32.67 16.37 -22.66
CA LEU C 88 -32.07 16.42 -21.31
C LEU C 88 -32.29 15.12 -20.64
N CYS C 89 -31.21 14.64 -20.02
CA CYS C 89 -31.16 13.41 -19.24
C CYS C 89 -31.13 13.74 -17.72
N MET C 90 -32.17 13.28 -17.02
CA MET C 90 -32.30 13.38 -15.58
C MET C 90 -32.08 11.98 -15.00
N GLN C 91 -31.16 11.81 -14.07
CA GLN C 91 -30.73 10.51 -13.57
C GLN C 91 -30.53 10.60 -12.04
N ASP C 92 -31.14 9.68 -11.32
CA ASP C 92 -30.80 9.45 -9.92
C ASP C 92 -29.30 9.11 -9.80
N SER C 93 -28.69 9.21 -8.64
CA SER C 93 -29.33 9.50 -7.33
C SER C 93 -28.51 10.50 -6.54
N PRO C 94 -28.90 10.77 -5.27
CA PRO C 94 -28.04 11.72 -4.55
C PRO C 94 -26.68 11.22 -4.16
N LEU C 95 -26.43 9.93 -4.29
CA LEU C 95 -25.18 9.34 -3.85
C LEU C 95 -24.42 8.59 -4.97
N GLY C 96 -24.80 8.81 -6.24
CA GLY C 96 -24.08 8.19 -7.37
C GLY C 96 -24.90 8.17 -8.64
N VAL C 97 -24.42 7.50 -9.68
CA VAL C 97 -25.26 7.28 -10.85
C VAL C 97 -26.01 5.97 -10.64
N ARG C 98 -27.31 6.02 -10.68
CA ARG C 98 -28.15 4.83 -10.46
C ARG C 98 -28.36 4.05 -11.79
N ASP C 99 -28.59 2.74 -11.69
CA ASP C 99 -28.98 1.90 -12.82
C ASP C 99 -27.94 1.75 -13.92
N THR C 100 -26.65 1.81 -13.55
CA THR C 100 -25.59 1.58 -14.51
C THR C 100 -24.42 0.73 -13.94
N ASP C 101 -23.30 0.79 -14.64
CA ASP C 101 -22.12 -0.01 -14.37
C ASP C 101 -20.88 0.91 -14.40
N TYR C 102 -19.79 0.39 -13.83
CA TYR C 102 -18.52 1.08 -13.76
C TYR C 102 -18.75 2.46 -13.20
N ASN C 103 -19.45 2.53 -12.07
CA ASN C 103 -19.71 3.72 -11.33
C ASN C 103 -19.35 3.45 -9.86
N SER C 104 -19.38 4.51 -9.05
CA SER C 104 -19.01 4.45 -7.67
C SER C 104 -20.29 4.50 -6.83
N ALA C 105 -20.21 3.96 -5.63
CA ALA C 105 -21.26 4.12 -4.64
C ALA C 105 -20.67 4.94 -3.52
N PHE C 106 -21.14 6.18 -3.42
CA PHE C 106 -20.62 7.13 -2.44
C PHE C 106 -21.37 6.93 -1.09
N PRO C 107 -20.80 7.43 0.01
CA PRO C 107 -21.51 7.46 1.28
C PRO C 107 -22.81 8.25 1.22
N ALA C 108 -23.82 7.79 1.95
CA ALA C 108 -25.11 8.47 2.05
C ALA C 108 -24.95 9.87 2.60
N GLY C 109 -25.98 10.68 2.37
CA GLY C 109 -26.01 12.03 2.90
C GLY C 109 -25.91 12.09 4.41
N VAL C 110 -26.56 11.18 5.12
CA VAL C 110 -26.47 11.19 6.59
C VAL C 110 -25.03 11.11 7.09
N ASN C 111 -24.20 10.34 6.39
CA ASN C 111 -22.76 10.29 6.67
C ASN C 111 -22.05 11.61 6.35
N VAL C 112 -22.36 12.24 5.24
CA VAL C 112 -21.76 13.55 4.93
C VAL C 112 -22.05 14.57 6.04
N ALA C 113 -23.28 14.59 6.52
CA ALA C 113 -23.62 15.40 7.68
C ALA C 113 -22.76 15.10 8.90
N ALA C 114 -22.48 13.82 9.13
CA ALA C 114 -21.72 13.45 10.33
C ALA C 114 -20.21 13.83 10.25
N THR C 115 -19.70 14.10 9.05
CA THR C 115 -18.37 14.71 8.92
C THR C 115 -18.31 16.12 9.49
N TRP C 116 -19.42 16.85 9.40
CA TRP C 116 -19.46 18.28 9.72
C TRP C 116 -18.41 19.05 8.86
N ASP C 117 -18.10 18.51 7.69
CA ASP C 117 -17.01 19.05 6.87
C ASP C 117 -17.46 19.46 5.48
N ARG C 118 -17.62 20.77 5.29
CA ARG C 118 -18.10 21.39 4.08
C ARG C 118 -17.21 21.02 2.91
N ASN C 119 -15.91 21.10 3.11
CA ASN C 119 -14.98 20.74 2.03
C ASN C 119 -15.18 19.26 1.54
N LEU C 120 -15.41 18.33 2.47
CA LEU C 120 -15.59 16.93 2.11
C LEU C 120 -16.89 16.78 1.36
N ALA C 121 -17.92 17.48 1.81
CA ALA C 121 -19.17 17.50 1.06
C ALA C 121 -18.95 18.01 -0.37
N TYR C 122 -18.14 19.06 -0.49
CA TYR C 122 -17.90 19.70 -1.77
C TYR C 122 -17.22 18.72 -2.75
N ARG C 123 -16.23 18.00 -2.25
CA ARG C 123 -15.42 17.07 -3.02
C ARG C 123 -16.24 15.84 -3.44
N ARG C 124 -17.15 15.41 -2.58
CA ARG C 124 -18.10 14.36 -2.96
C ARG C 124 -18.98 14.85 -4.10
N GLY C 125 -19.45 16.08 -4.00
CA GLY C 125 -20.29 16.64 -5.01
C GLY C 125 -19.59 16.70 -6.36
N VAL C 126 -18.34 17.23 -6.38
CA VAL C 126 -17.53 17.25 -7.59
C VAL C 126 -17.35 15.84 -8.18
N ALA C 127 -17.00 14.90 -7.33
CA ALA C 127 -16.80 13.55 -7.73
C ALA C 127 -18.10 12.94 -8.28
N MET C 128 -19.23 13.20 -7.67
CA MET C 128 -20.50 12.66 -8.21
C MET C 128 -20.88 13.23 -9.60
N GLY C 129 -20.61 14.52 -9.76
CA GLY C 129 -20.96 15.23 -10.94
C GLY C 129 -20.07 14.71 -12.04
N GLU C 130 -18.79 14.49 -11.72
CA GLU C 130 -17.88 13.87 -12.70
C GLU C 130 -18.41 12.55 -13.23
N GLU C 131 -19.06 11.76 -12.38
CA GLU C 131 -19.59 10.49 -12.82
C GLU C 131 -20.82 10.64 -13.69
N HIS C 132 -21.73 11.48 -13.24
CA HIS C 132 -22.88 11.81 -14.06
C HIS C 132 -22.43 12.44 -15.40
N ARG C 133 -21.47 13.36 -15.38
CA ARG C 133 -21.01 14.00 -16.60
C ARG C 133 -20.54 12.95 -17.62
N GLY C 134 -19.68 12.04 -17.14
CA GLY C 134 -19.10 10.97 -17.94
C GLY C 134 -20.08 9.98 -18.53
N LYS C 135 -21.25 9.82 -17.91
CA LYS C 135 -22.33 8.99 -18.46
C LYS C 135 -23.22 9.72 -19.44
N GLY C 136 -23.12 11.04 -19.48
CA GLY C 136 -23.94 11.86 -20.39
C GLY C 136 -25.15 12.51 -19.73
N VAL C 137 -25.22 12.47 -18.38
CA VAL C 137 -26.30 13.06 -17.60
C VAL C 137 -26.21 14.58 -17.47
N ASP C 138 -27.35 15.25 -17.62
CA ASP C 138 -27.49 16.70 -17.48
C ASP C 138 -27.90 17.12 -16.08
N VAL C 139 -28.86 16.42 -15.50
CA VAL C 139 -29.37 16.68 -14.17
C VAL C 139 -29.20 15.47 -13.20
N GLN C 140 -28.31 15.58 -12.22
CA GLN C 140 -28.28 14.67 -11.05
C GLN C 140 -29.46 15.04 -10.08
N LEU C 141 -30.24 14.04 -9.68
CA LEU C 141 -31.45 14.21 -8.90
C LEU C 141 -31.15 14.19 -7.39
N GLY C 142 -30.31 15.12 -6.95
CA GLY C 142 -30.07 15.36 -5.57
C GLY C 142 -29.25 16.61 -5.52
N PRO C 143 -28.88 17.06 -4.32
CA PRO C 143 -29.07 16.44 -3.04
C PRO C 143 -30.43 16.74 -2.39
N VAL C 144 -30.62 16.18 -1.20
CA VAL C 144 -31.90 16.08 -0.54
C VAL C 144 -31.95 16.92 0.72
N ALA C 145 -32.81 17.95 0.71
CA ALA C 145 -33.16 18.70 1.90
C ALA C 145 -34.54 18.40 2.42
N GLY C 146 -35.38 17.69 1.67
CA GLY C 146 -36.67 17.21 2.17
C GLY C 146 -36.81 15.75 1.79
N PRO C 147 -36.96 14.85 2.78
CA PRO C 147 -37.06 15.01 4.20
C PRO C 147 -35.84 15.60 4.91
N LEU C 148 -36.18 16.45 5.86
CA LEU C 148 -35.26 17.09 6.75
C LEU C 148 -35.04 16.14 7.93
N GLY C 149 -36.05 15.35 8.27
CA GLY C 149 -35.93 14.43 9.40
C GLY C 149 -36.84 14.72 10.58
N ARG C 150 -38.06 15.12 10.27
CA ARG C 150 -39.09 15.34 11.26
C ARG C 150 -39.30 14.13 12.14
N SER C 151 -39.46 12.97 11.52
CA SER C 151 -39.65 11.71 12.24
C SER C 151 -38.42 10.82 12.14
N PRO C 152 -37.94 10.25 13.24
CA PRO C 152 -36.70 9.46 13.09
C PRO C 152 -36.81 8.15 12.29
N ASP C 153 -38.01 7.58 12.29
CA ASP C 153 -38.35 6.37 11.54
C ASP C 153 -38.80 6.58 10.09
N ALA C 154 -38.79 7.83 9.61
CA ALA C 154 -39.16 8.04 8.21
C ALA C 154 -38.14 7.37 7.33
N GLY C 155 -38.64 6.81 6.25
CA GLY C 155 -37.87 5.94 5.40
C GLY C 155 -36.64 6.41 4.68
N ARG C 156 -36.62 7.70 4.27
CA ARG C 156 -35.60 8.24 3.38
C ARG C 156 -34.74 9.29 4.01
N ASN C 157 -34.84 9.46 5.31
CA ASN C 157 -34.06 10.45 5.98
C ASN C 157 -32.55 10.34 5.70
N TRP C 158 -32.00 9.11 5.64
CA TRP C 158 -30.55 8.90 5.38
C TRP C 158 -30.10 9.50 4.01
N GLU C 159 -31.02 9.72 3.06
CA GLU C 159 -30.67 10.35 1.77
C GLU C 159 -30.33 11.81 1.95
N GLY C 160 -30.90 12.39 3.01
CA GLY C 160 -30.79 13.76 3.32
C GLY C 160 -29.55 13.97 4.15
N PHE C 161 -29.58 14.92 5.07
CA PHE C 161 -28.41 15.22 5.89
C PHE C 161 -28.71 15.11 7.38
N ALA C 162 -29.43 16.07 7.92
CA ALA C 162 -29.62 16.18 9.36
C ALA C 162 -30.94 16.86 9.64
N PRO C 163 -31.57 16.54 10.79
CA PRO C 163 -32.79 17.29 11.23
C PRO C 163 -32.45 18.65 11.85
N ASP C 164 -31.88 19.49 11.03
CA ASP C 164 -31.39 20.79 11.47
C ASP C 164 -31.15 21.61 10.21
N PRO C 165 -31.82 22.77 10.10
CA PRO C 165 -31.76 23.56 8.86
C PRO C 165 -30.38 24.12 8.51
N VAL C 166 -29.56 24.46 9.50
CA VAL C 166 -28.22 25.00 9.27
C VAL C 166 -27.20 23.92 8.82
N LEU C 167 -27.20 22.75 9.41
CA LEU C 167 -26.25 21.72 9.03
C LEU C 167 -26.60 21.23 7.64
N THR C 168 -27.89 20.90 7.48
CA THR C 168 -28.38 20.48 6.22
C THR C 168 -28.17 21.53 5.16
N GLY C 169 -28.39 22.80 5.48
CA GLY C 169 -28.33 23.88 4.50
C GLY C 169 -26.89 24.05 4.00
N ASN C 170 -25.97 24.14 4.94
CA ASN C 170 -24.55 24.16 4.57
C ASN C 170 -24.11 22.97 3.72
N MET C 171 -24.54 21.76 4.05
CA MET C 171 -24.15 20.60 3.23
C MET C 171 -24.85 20.62 1.90
N MET C 172 -26.11 21.04 1.84
CA MET C 172 -26.78 21.17 0.54
C MET C 172 -25.92 22.04 -0.42
N ALA C 173 -25.55 23.23 0.08
CA ALA C 173 -24.81 24.23 -0.69
C ALA C 173 -23.49 23.71 -1.22
N SER C 174 -22.66 23.22 -0.31
CA SER C 174 -21.37 22.64 -0.65
C SER C 174 -21.53 21.49 -1.66
N THR C 175 -22.51 20.62 -1.43
CA THR C 175 -22.78 19.51 -2.35
C THR C 175 -23.17 20.01 -3.75
N ILE C 176 -23.97 21.06 -3.79
CA ILE C 176 -24.49 21.60 -5.02
C ILE C 176 -23.36 22.27 -5.77
N GLN C 177 -22.54 23.02 -5.04
CA GLN C 177 -21.47 23.74 -5.70
C GLN C 177 -20.57 22.73 -6.33
N GLY C 178 -20.36 21.61 -5.63
CA GLY C 178 -19.54 20.55 -6.16
C GLY C 178 -20.08 19.95 -7.43
N ILE C 179 -21.33 19.52 -7.38
CA ILE C 179 -21.93 18.87 -8.52
C ILE C 179 -21.88 19.81 -9.69
N GLN C 180 -22.23 21.06 -9.43
CA GLN C 180 -22.39 22.06 -10.50
C GLN C 180 -21.04 22.57 -11.03
N ASP C 181 -20.01 22.56 -10.19
CA ASP C 181 -18.64 22.86 -10.66
C ASP C 181 -18.15 21.79 -11.61
N ALA C 182 -18.68 20.59 -11.49
CA ALA C 182 -18.27 19.52 -12.38
C ALA C 182 -19.08 19.45 -13.66
N GLY C 183 -20.03 20.38 -13.88
CA GLY C 183 -20.70 20.51 -15.17
C GLY C 183 -21.99 19.74 -15.26
N VAL C 184 -22.64 19.49 -14.13
CA VAL C 184 -23.94 18.79 -14.11
C VAL C 184 -24.92 19.69 -13.33
N ILE C 185 -26.15 19.76 -13.79
CA ILE C 185 -27.17 20.49 -13.03
C ILE C 185 -27.53 19.67 -11.79
N ALA C 186 -27.53 20.28 -10.60
CA ALA C 186 -28.02 19.65 -9.35
C ALA C 186 -29.54 19.87 -9.22
N CYS C 187 -30.19 19.04 -8.43
CA CYS C 187 -31.62 19.15 -8.17
C CYS C 187 -31.92 19.01 -6.67
N ALA C 188 -32.23 20.13 -6.02
CA ALA C 188 -32.58 20.11 -4.61
C ALA C 188 -33.98 19.49 -4.47
N LYS C 189 -34.11 18.44 -3.70
CA LYS C 189 -35.41 17.76 -3.56
C LYS C 189 -35.63 17.39 -2.09
N HIS C 190 -36.83 17.05 -1.64
CA HIS C 190 -38.12 17.12 -2.37
C HIS C 190 -38.84 18.32 -1.77
N PHE C 191 -39.35 19.21 -2.59
CA PHE C 191 -39.86 20.52 -2.15
C PHE C 191 -41.39 20.41 -2.09
N ILE C 192 -42.04 20.29 -0.92
CA ILE C 192 -41.48 20.47 0.42
C ILE C 192 -42.44 19.82 1.42
N LEU C 193 -41.97 19.66 2.64
CA LEU C 193 -42.63 18.93 3.70
C LEU C 193 -42.89 17.44 3.43
N TYR C 194 -41.92 16.78 2.83
CA TYR C 194 -42.03 15.40 2.40
C TYR C 194 -41.28 14.69 3.52
N GLU C 195 -41.99 14.33 4.60
CA GLU C 195 -41.38 13.81 5.85
C GLU C 195 -41.80 12.40 6.25
N GLN C 196 -42.46 11.68 5.36
CA GLN C 196 -42.71 10.27 5.56
C GLN C 196 -43.14 9.69 4.26
N GLU C 197 -43.04 8.38 4.20
CA GLU C 197 -43.31 7.61 3.03
C GLU C 197 -44.74 7.16 2.94
N HIS C 198 -45.36 6.82 4.07
CA HIS C 198 -46.71 6.23 4.02
C HIS C 198 -47.70 7.19 3.40
N PHE C 199 -48.50 6.68 2.48
CA PHE C 199 -49.54 7.46 1.85
C PHE C 199 -48.97 8.62 1.05
N ARG C 200 -47.70 8.54 0.66
CA ARG C 200 -47.09 9.63 -0.11
C ARG C 200 -47.77 9.75 -1.48
N GLN C 201 -48.30 8.64 -2.00
CA GLN C 201 -48.92 8.60 -3.32
C GLN C 201 -50.34 8.09 -3.15
N GLY C 202 -50.96 8.38 -2.02
CA GLY C 202 -52.35 7.99 -1.82
C GLY C 202 -52.47 6.55 -1.33
N ALA C 203 -53.41 5.81 -1.88
CA ALA C 203 -53.81 4.52 -1.35
C ALA C 203 -52.66 3.52 -1.27
N GLN C 204 -52.63 2.79 -0.17
CA GLN C 204 -51.77 1.61 0.02
C GLN C 204 -52.29 0.79 1.22
N ASP C 205 -51.71 -0.39 1.42
CA ASP C 205 -52.08 -1.29 2.54
C ASP C 205 -53.58 -1.64 2.55
N GLY C 206 -54.22 -1.62 1.37
CA GLY C 206 -55.64 -1.84 1.27
C GLY C 206 -56.56 -0.71 1.71
N TYR C 207 -56.00 0.41 2.18
CA TYR C 207 -56.81 1.53 2.66
C TYR C 207 -57.36 2.28 1.46
N ASP C 208 -58.61 2.72 1.60
CA ASP C 208 -59.33 3.42 0.57
C ASP C 208 -59.18 4.90 0.81
N ILE C 209 -58.20 5.53 0.16
CA ILE C 209 -57.99 6.97 0.32
C ILE C 209 -57.89 7.65 -1.05
N SER C 210 -58.39 8.88 -1.12
CA SER C 210 -58.65 9.56 -2.40
C SER C 210 -57.40 10.26 -2.93
N ASP C 211 -56.50 10.64 -2.02
CA ASP C 211 -55.35 11.50 -2.36
C ASP C 211 -54.20 11.33 -1.35
N SER C 212 -53.05 11.87 -1.73
CA SER C 212 -51.86 11.79 -0.90
C SER C 212 -52.02 12.48 0.42
N ILE C 213 -51.18 12.07 1.35
CA ILE C 213 -51.08 12.74 2.63
C ILE C 213 -50.76 14.20 2.44
N SER C 214 -51.36 15.05 3.29
CA SER C 214 -51.20 16.49 3.24
C SER C 214 -50.44 16.98 4.45
N ALA C 215 -49.29 17.62 4.20
CA ALA C 215 -48.43 18.15 5.27
C ALA C 215 -48.88 19.58 5.48
N ASN C 216 -49.29 19.88 6.71
CA ASN C 216 -49.96 21.13 7.04
C ASN C 216 -49.16 21.83 8.11
N ALA C 217 -48.57 22.94 7.75
CA ALA C 217 -47.60 23.62 8.60
C ALA C 217 -47.87 25.12 8.59
N ASP C 218 -47.79 25.77 9.75
CA ASP C 218 -47.80 27.22 9.74
C ASP C 218 -46.55 27.85 9.04
N ASP C 219 -46.69 29.15 8.77
CA ASP C 219 -45.75 29.96 8.04
C ASP C 219 -44.39 30.10 8.71
N LYS C 220 -44.41 30.28 10.02
CA LYS C 220 -43.19 30.35 10.82
C LYS C 220 -42.42 29.03 10.83
N THR C 221 -43.11 27.91 11.00
CA THR C 221 -42.46 26.59 10.92
C THR C 221 -41.83 26.34 9.53
N MET C 222 -42.59 26.68 8.49
CA MET C 222 -42.11 26.59 7.12
C MET C 222 -40.81 27.37 6.99
N HIS C 223 -40.83 28.61 7.43
CA HIS C 223 -39.67 29.50 7.27
C HIS C 223 -38.43 29.18 8.11
N GLU C 224 -38.63 28.95 9.42
CA GLU C 224 -37.56 28.70 10.36
C GLU C 224 -37.01 27.28 10.41
N LEU C 225 -37.60 26.33 9.67
CA LEU C 225 -37.09 24.94 9.61
C LEU C 225 -36.98 24.40 8.17
N TYR C 226 -38.09 24.08 7.53
CA TYR C 226 -38.09 23.27 6.33
C TYR C 226 -37.63 24.04 5.13
N LEU C 227 -38.02 25.32 5.02
CA LEU C 227 -37.65 26.13 3.86
C LEU C 227 -36.17 26.54 3.91
N TRP C 228 -35.60 26.70 5.11
CA TRP C 228 -34.24 27.31 5.27
C TRP C 228 -33.17 26.61 4.45
N PRO C 229 -33.04 25.27 4.57
CA PRO C 229 -32.03 24.69 3.72
C PRO C 229 -32.31 24.82 2.20
N PHE C 230 -33.58 24.82 1.75
CA PHE C 230 -33.80 25.11 0.32
C PHE C 230 -33.33 26.50 -0.11
N ALA C 231 -33.38 27.44 0.82
CA ALA C 231 -32.89 28.79 0.62
C ALA C 231 -31.37 28.83 0.46
N ASP C 232 -30.68 27.99 1.22
CA ASP C 232 -29.24 27.79 1.07
C ASP C 232 -28.90 27.20 -0.28
N ALA C 233 -29.71 26.23 -0.70
CA ALA C 233 -29.57 25.58 -1.98
C ALA C 233 -29.74 26.57 -3.16
N VAL C 234 -30.70 27.49 -3.04
CA VAL C 234 -30.95 28.47 -4.05
C VAL C 234 -29.85 29.49 -4.09
N ARG C 235 -29.50 29.98 -2.91
CA ARG C 235 -28.39 30.89 -2.79
C ARG C 235 -27.10 30.37 -3.40
N ALA C 236 -26.81 29.10 -3.26
CA ALA C 236 -25.61 28.49 -3.74
C ALA C 236 -25.63 28.21 -5.25
N GLY C 237 -26.74 28.42 -5.93
CA GLY C 237 -26.74 28.34 -7.39
C GLY C 237 -27.50 27.20 -8.02
N VAL C 238 -28.33 26.51 -7.23
CA VAL C 238 -28.88 25.21 -7.64
C VAL C 238 -29.71 25.47 -8.87
N GLY C 239 -29.47 24.69 -9.91
CA GLY C 239 -30.19 24.83 -11.15
C GLY C 239 -31.62 24.33 -11.19
N SER C 240 -31.97 23.31 -10.40
CA SER C 240 -33.32 22.76 -10.41
CA SER C 240 -33.31 22.72 -10.42
C SER C 240 -33.81 22.38 -9.01
N VAL C 241 -35.12 22.26 -8.88
CA VAL C 241 -35.73 21.78 -7.66
C VAL C 241 -36.77 20.75 -8.14
N MET C 242 -37.02 19.71 -7.31
CA MET C 242 -38.06 18.72 -7.62
C MET C 242 -39.16 18.88 -6.61
N CYS C 243 -40.38 19.15 -7.03
CA CYS C 243 -41.51 19.19 -6.06
C CYS C 243 -41.86 17.77 -5.65
N SER C 244 -42.48 17.64 -4.49
CA SER C 244 -42.70 16.39 -3.81
C SER C 244 -44.04 15.76 -4.18
N TYR C 245 -44.26 14.55 -3.66
CA TYR C 245 -45.47 13.76 -3.95
C TYR C 245 -46.65 14.18 -3.09
N ASN C 246 -46.33 14.62 -1.87
CA ASN C 246 -47.33 14.98 -0.87
C ASN C 246 -48.06 16.26 -1.23
N GLN C 247 -49.14 16.52 -0.52
CA GLN C 247 -49.81 17.78 -0.62
C GLN C 247 -49.31 18.63 0.54
N VAL C 248 -49.43 19.92 0.35
CA VAL C 248 -49.09 20.87 1.37
C VAL C 248 -50.35 21.67 1.55
N ASN C 249 -50.90 21.68 2.77
CA ASN C 249 -52.21 22.31 3.03
C ASN C 249 -53.23 21.93 1.91
N ASN C 250 -53.27 20.66 1.55
CA ASN C 250 -54.24 20.14 0.61
C ASN C 250 -54.16 20.70 -0.81
N SER C 251 -52.95 21.10 -1.19
CA SER C 251 -52.65 21.35 -2.56
C SER C 251 -51.37 20.55 -2.86
N TYR C 252 -51.44 19.71 -3.89
CA TYR C 252 -50.29 18.86 -4.21
C TYR C 252 -49.08 19.74 -4.44
N ALA C 253 -47.90 19.30 -3.99
CA ALA C 253 -46.69 20.19 -4.05
C ALA C 253 -46.33 20.59 -5.50
N CYS C 254 -46.70 19.75 -6.48
CA CYS C 254 -46.43 20.06 -7.89
C CYS C 254 -47.47 20.91 -8.55
N SER C 255 -48.51 21.25 -7.80
CA SER C 255 -49.57 22.15 -8.22
C SER C 255 -49.76 23.37 -7.25
N ASN C 256 -48.84 23.54 -6.28
CA ASN C 256 -49.02 24.47 -5.17
C ASN C 256 -48.38 25.81 -5.51
N SER C 257 -49.22 26.78 -5.90
CA SER C 257 -48.80 28.15 -6.14
C SER C 257 -48.11 28.85 -4.97
N TYR C 258 -48.53 28.58 -3.74
CA TYR C 258 -47.86 29.24 -2.62
C TYR C 258 -46.38 28.78 -2.49
N THR C 259 -46.13 27.48 -2.52
CA THR C 259 -44.76 27.00 -2.34
C THR C 259 -43.92 27.27 -3.59
N MET C 260 -44.45 27.04 -4.79
CA MET C 260 -43.62 27.25 -5.99
C MET C 260 -43.53 28.73 -6.40
N ASN C 261 -44.66 29.45 -6.44
CA ASN C 261 -44.64 30.87 -6.81
C ASN C 261 -44.26 31.79 -5.68
N LYS C 262 -44.83 31.65 -4.51
CA LYS C 262 -44.49 32.59 -3.45
C LYS C 262 -43.12 32.29 -2.87
N LEU C 263 -42.97 31.10 -2.28
CA LEU C 263 -41.81 30.81 -1.45
C LEU C 263 -40.55 30.60 -2.25
N LEU C 264 -40.63 29.74 -3.24
CA LEU C 264 -39.44 29.41 -3.97
C LEU C 264 -39.09 30.53 -4.95
N LYS C 265 -40.03 30.84 -5.80
CA LYS C 265 -39.75 31.75 -6.88
C LYS C 265 -39.81 33.23 -6.50
N SER C 266 -40.74 33.65 -5.66
CA SER C 266 -40.82 35.06 -5.36
C SER C 266 -39.91 35.42 -4.20
N GLU C 267 -40.07 34.74 -3.08
CA GLU C 267 -39.32 35.09 -1.89
C GLU C 267 -37.86 34.65 -2.00
N LEU C 268 -37.62 33.38 -2.40
CA LEU C 268 -36.29 32.85 -2.45
C LEU C 268 -35.62 33.22 -3.76
N GLY C 269 -36.37 33.76 -4.71
CA GLY C 269 -35.77 34.37 -5.94
C GLY C 269 -35.11 33.33 -6.85
N PHE C 270 -35.70 32.14 -6.89
CA PHE C 270 -35.15 31.05 -7.61
C PHE C 270 -35.30 31.34 -9.11
N GLN C 271 -34.19 31.26 -9.83
CA GLN C 271 -34.08 31.51 -11.30
C GLN C 271 -33.97 30.27 -12.18
N GLY C 272 -33.81 29.09 -11.58
CA GLY C 272 -33.78 27.81 -12.27
C GLY C 272 -35.17 27.24 -12.54
N PHE C 273 -35.28 25.92 -12.81
CA PHE C 273 -36.59 25.23 -13.15
C PHE C 273 -37.05 24.27 -12.09
N VAL C 274 -38.36 24.04 -12.01
CA VAL C 274 -38.94 23.10 -11.07
C VAL C 274 -39.49 21.89 -11.84
N MET C 275 -39.12 20.65 -11.47
CA MET C 275 -39.60 19.43 -12.12
C MET C 275 -40.41 18.63 -11.10
N THR C 276 -41.27 17.73 -11.61
CA THR C 276 -42.10 16.93 -10.75
C THR C 276 -41.32 15.71 -10.25
N ASP C 277 -41.74 15.19 -9.10
CA ASP C 277 -41.34 13.84 -8.70
C ASP C 277 -42.07 12.90 -9.65
N TRP C 278 -41.63 11.64 -9.75
CA TRP C 278 -42.02 10.76 -10.84
C TRP C 278 -43.45 10.27 -10.59
N GLY C 279 -44.41 10.92 -11.22
CA GLY C 279 -45.84 10.66 -10.99
C GLY C 279 -46.52 11.72 -10.15
N GLY C 280 -45.82 12.80 -9.81
CA GLY C 280 -46.35 13.87 -8.94
C GLY C 280 -47.11 14.98 -9.67
N HIS C 281 -47.29 14.82 -10.99
CA HIS C 281 -47.97 15.74 -11.83
C HIS C 281 -49.46 15.40 -11.79
N HIS C 282 -50.30 16.40 -11.54
CA HIS C 282 -51.74 16.21 -11.28
C HIS C 282 -52.71 17.09 -12.11
N SER C 283 -52.18 18.07 -12.83
CA SER C 283 -53.00 18.92 -13.70
C SER C 283 -52.09 19.53 -14.77
N GLY C 284 -52.67 20.02 -15.87
CA GLY C 284 -51.90 20.75 -16.86
C GLY C 284 -51.84 22.24 -16.59
N VAL C 285 -52.96 22.90 -16.85
CA VAL C 285 -53.05 24.34 -16.75
C VAL C 285 -52.81 24.84 -15.34
N GLY C 286 -53.49 24.22 -14.40
CA GLY C 286 -53.32 24.54 -12.98
C GLY C 286 -51.87 24.58 -12.54
N SER C 287 -51.13 23.53 -12.93
CA SER C 287 -49.77 23.35 -12.50
C SER C 287 -48.81 24.29 -13.20
N ALA C 288 -48.96 24.44 -14.53
CA ALA C 288 -48.10 25.40 -15.25
C ALA C 288 -48.24 26.80 -14.65
N LEU C 289 -49.48 27.18 -14.36
CA LEU C 289 -49.70 28.52 -13.85
C LEU C 289 -49.24 28.63 -12.39
N ALA C 290 -49.26 27.54 -11.65
CA ALA C 290 -48.75 27.55 -10.28
C ALA C 290 -47.21 27.55 -10.10
N GLY C 291 -46.44 27.46 -11.18
CA GLY C 291 -44.95 27.47 -11.12
C GLY C 291 -44.19 26.21 -11.48
N LEU C 292 -44.88 25.18 -11.95
CA LEU C 292 -44.18 24.00 -12.45
C LEU C 292 -43.54 24.31 -13.84
N ASP C 293 -42.37 23.71 -14.12
CA ASP C 293 -41.67 23.86 -15.35
C ASP C 293 -41.44 22.56 -16.11
N MET C 294 -41.26 21.44 -15.41
CA MET C 294 -40.92 20.18 -16.08
C MET C 294 -41.75 19.04 -15.55
N SER C 295 -42.33 18.25 -16.45
CA SER C 295 -43.20 17.13 -16.06
C SER C 295 -42.44 15.84 -16.24
N MET C 296 -42.22 15.13 -15.13
CA MET C 296 -41.45 13.87 -15.09
C MET C 296 -42.26 12.68 -14.55
N PRO C 297 -42.24 11.54 -15.26
CA PRO C 297 -41.49 11.24 -16.47
C PRO C 297 -42.24 11.62 -17.77
N GLY C 298 -43.35 12.35 -17.65
CA GLY C 298 -44.01 13.05 -18.78
C GLY C 298 -45.50 12.71 -18.94
N ASP C 299 -45.83 11.49 -18.61
CA ASP C 299 -47.20 10.99 -18.77
C ASP C 299 -48.03 11.19 -17.49
N ILE C 300 -49.34 10.89 -17.58
CA ILE C 300 -50.27 11.10 -16.45
C ILE C 300 -50.06 9.98 -15.43
N ALA C 301 -50.15 8.73 -15.89
CA ALA C 301 -49.64 7.56 -15.18
C ALA C 301 -48.58 6.92 -16.06
N PHE C 302 -47.78 6.05 -15.43
CA PHE C 302 -46.72 5.31 -16.08
C PHE C 302 -47.26 4.58 -17.34
N ASP C 303 -46.77 4.99 -18.49
CA ASP C 303 -47.17 4.45 -19.78
C ASP C 303 -48.65 4.46 -20.10
N SER C 304 -49.30 5.55 -19.71
CA SER C 304 -50.69 5.81 -20.11
C SER C 304 -50.84 6.34 -21.56
N GLY C 305 -49.77 6.89 -22.14
CA GLY C 305 -49.83 7.53 -23.46
C GLY C 305 -50.64 8.83 -23.49
N THR C 306 -50.98 9.34 -22.30
CA THR C 306 -51.65 10.61 -22.06
C THR C 306 -50.71 11.45 -21.23
N SER C 307 -50.75 12.77 -21.38
CA SER C 307 -49.94 13.71 -20.58
C SER C 307 -50.82 14.88 -20.14
N PHE C 308 -50.58 15.45 -18.94
CA PHE C 308 -51.11 16.77 -18.65
C PHE C 308 -50.49 17.86 -19.51
N TRP C 309 -49.26 17.64 -19.96
CA TRP C 309 -48.59 18.59 -20.88
C TRP C 309 -48.38 17.93 -22.25
N GLY C 310 -47.22 18.06 -22.88
CA GLY C 310 -47.08 17.59 -24.26
C GLY C 310 -48.14 18.20 -25.15
N THR C 311 -48.89 17.37 -25.88
CA THR C 311 -49.96 17.81 -26.75
C THR C 311 -50.90 18.81 -26.05
N ASN C 312 -51.35 18.44 -24.85
CA ASN C 312 -52.18 19.30 -24.01
C ASN C 312 -51.57 20.70 -23.75
N LEU C 313 -50.27 20.79 -23.56
CA LEU C 313 -49.68 22.10 -23.25
C LEU C 313 -49.67 22.97 -24.51
N THR C 314 -49.21 22.40 -25.62
CA THR C 314 -49.31 23.08 -26.93
C THR C 314 -50.72 23.63 -27.18
N VAL C 315 -51.72 22.75 -27.04
CA VAL C 315 -53.12 23.17 -27.13
C VAL C 315 -53.43 24.30 -26.15
N ALA C 316 -53.11 24.12 -24.88
CA ALA C 316 -53.34 25.16 -23.85
C ALA C 316 -52.69 26.48 -24.19
N VAL C 317 -51.57 26.47 -24.91
CA VAL C 317 -51.01 27.73 -25.41
C VAL C 317 -51.78 28.26 -26.61
N LEU C 318 -52.05 27.39 -27.59
CA LEU C 318 -52.75 27.77 -28.83
C LEU C 318 -54.14 28.33 -28.57
N ASN C 319 -54.82 27.83 -27.55
CA ASN C 319 -56.17 28.30 -27.17
C ASN C 319 -56.26 29.45 -26.17
N GLY C 320 -55.11 29.98 -25.72
CA GLY C 320 -55.11 31.16 -24.85
C GLY C 320 -55.20 30.95 -23.34
N SER C 321 -55.38 29.71 -22.88
CA SER C 321 -55.46 29.38 -21.44
C SER C 321 -54.17 29.53 -20.64
N ILE C 322 -53.01 29.36 -21.29
CA ILE C 322 -51.73 29.58 -20.66
C ILE C 322 -51.10 30.62 -21.52
N PRO C 323 -50.67 31.76 -20.94
CA PRO C 323 -49.92 32.75 -21.72
C PRO C 323 -48.66 32.20 -22.37
N GLU C 324 -48.25 32.74 -23.51
CA GLU C 324 -47.01 32.34 -24.21
C GLU C 324 -45.85 32.65 -23.29
N TRP C 325 -45.93 33.73 -22.51
CA TRP C 325 -44.83 34.08 -21.58
C TRP C 325 -44.55 33.04 -20.52
N ARG C 326 -45.55 32.23 -20.16
CA ARG C 326 -45.39 31.21 -19.12
C ARG C 326 -44.60 29.99 -19.63
N VAL C 327 -44.87 29.54 -20.85
CA VAL C 327 -44.15 28.37 -21.39
C VAL C 327 -42.74 28.78 -21.83
N ASP C 328 -42.60 30.00 -22.34
CA ASP C 328 -41.31 30.61 -22.59
C ASP C 328 -40.50 30.73 -21.31
N ASP C 329 -41.11 31.07 -20.18
CA ASP C 329 -40.38 31.13 -18.89
C ASP C 329 -39.90 29.74 -18.45
N MET C 330 -40.74 28.72 -18.63
CA MET C 330 -40.36 27.35 -18.31
C MET C 330 -39.13 26.97 -19.12
N ALA C 331 -39.14 27.25 -20.42
CA ALA C 331 -38.05 26.84 -21.29
C ALA C 331 -36.81 27.63 -20.96
N VAL C 332 -37.00 28.87 -20.61
CA VAL C 332 -35.90 29.75 -20.24
C VAL C 332 -35.24 29.34 -18.97
N ARG C 333 -36.06 28.88 -18.02
CA ARG C 333 -35.57 28.43 -16.74
C ARG C 333 -34.82 27.14 -16.92
N ILE C 334 -35.38 26.22 -17.68
CA ILE C 334 -34.70 24.94 -17.96
C ILE C 334 -33.35 25.27 -18.61
N MET C 335 -33.36 26.03 -19.70
CA MET C 335 -32.11 26.30 -20.44
C MET C 335 -31.09 27.16 -19.63
N SER C 336 -31.56 28.01 -18.74
CA SER C 336 -30.70 28.81 -17.91
C SER C 336 -29.82 27.90 -17.01
N ALA C 337 -30.45 26.85 -16.53
CA ALA C 337 -29.78 25.92 -15.65
C ALA C 337 -28.72 25.21 -16.45
N TYR C 338 -29.13 24.79 -17.65
CA TYR C 338 -28.25 24.18 -18.65
C TYR C 338 -27.00 25.03 -18.86
N TYR C 339 -27.16 26.31 -19.14
CA TYR C 339 -26.02 27.18 -19.43
C TYR C 339 -25.22 27.59 -18.20
N LYS C 340 -25.88 27.74 -17.06
CA LYS C 340 -25.21 28.10 -15.78
C LYS C 340 -24.11 27.08 -15.34
N VAL C 341 -24.38 25.78 -15.41
CA VAL C 341 -23.33 24.79 -15.10
C VAL C 341 -22.44 24.45 -16.28
N GLY C 342 -22.69 25.02 -17.45
CA GLY C 342 -21.83 24.78 -18.59
C GLY C 342 -22.11 23.52 -19.36
N ARG C 343 -23.35 23.09 -19.40
CA ARG C 343 -23.69 21.91 -20.16
C ARG C 343 -23.23 21.98 -21.61
N ASP C 344 -23.28 23.15 -22.22
CA ASP C 344 -22.76 23.40 -23.55
C ASP C 344 -21.26 23.11 -23.77
N ARG C 345 -20.44 23.17 -22.72
CA ARG C 345 -19.04 22.74 -22.78
C ARG C 345 -18.83 21.23 -22.41
N TYR C 346 -19.68 20.66 -21.55
CA TYR C 346 -19.44 19.34 -20.93
C TYR C 346 -20.39 18.22 -21.38
N SER C 347 -21.32 18.48 -22.30
CA SER C 347 -22.19 17.40 -22.83
C SER C 347 -21.37 16.33 -23.54
N VAL C 348 -21.75 15.07 -23.31
CA VAL C 348 -21.26 13.93 -24.08
C VAL C 348 -22.49 13.11 -24.34
N PRO C 349 -22.53 12.34 -25.42
CA PRO C 349 -23.82 11.67 -25.60
C PRO C 349 -24.12 10.72 -24.43
N ILE C 350 -25.41 10.51 -24.21
CA ILE C 350 -25.92 9.50 -23.28
C ILE C 350 -25.31 8.17 -23.73
N ASN C 351 -24.59 7.50 -22.82
CA ASN C 351 -23.88 6.23 -23.09
C ASN C 351 -24.33 5.03 -22.19
N PHE C 352 -25.51 5.11 -21.61
CA PHE C 352 -25.96 4.03 -20.77
C PHE C 352 -27.45 3.91 -20.91
N ASP C 353 -28.01 2.91 -20.24
CA ASP C 353 -29.46 2.71 -20.20
C ASP C 353 -29.87 2.38 -18.77
N SER C 354 -30.91 3.01 -18.26
CA SER C 354 -31.37 2.79 -16.90
C SER C 354 -32.14 1.48 -16.68
N TRP C 355 -32.61 0.87 -17.76
CA TRP C 355 -33.60 -0.21 -17.66
C TRP C 355 -32.98 -1.63 -17.69
N THR C 356 -31.80 -1.70 -18.30
CA THR C 356 -31.07 -2.94 -18.47
C THR C 356 -29.56 -2.62 -18.54
N LEU C 357 -28.75 -3.63 -18.31
CA LEU C 357 -27.30 -3.53 -18.52
C LEU C 357 -26.82 -4.17 -19.83
N ASP C 358 -27.73 -4.79 -20.58
CA ASP C 358 -27.36 -5.40 -21.86
C ASP C 358 -26.81 -4.33 -22.78
N THR C 359 -25.73 -4.65 -23.46
CA THR C 359 -25.12 -3.75 -24.45
C THR C 359 -26.13 -3.26 -25.51
N TYR C 360 -26.96 -4.19 -25.98
CA TYR C 360 -27.98 -3.97 -27.00
C TYR C 360 -29.36 -4.15 -26.41
N GLY C 361 -30.24 -3.26 -26.84
CA GLY C 361 -31.65 -3.43 -26.57
C GLY C 361 -32.52 -2.30 -27.08
N PRO C 362 -33.78 -2.29 -26.65
CA PRO C 362 -34.73 -1.29 -27.14
C PRO C 362 -34.53 0.10 -26.50
N GLU C 363 -34.35 1.10 -27.36
CA GLU C 363 -34.41 2.52 -26.97
C GLU C 363 -35.74 2.81 -26.25
N HIS C 364 -36.84 2.32 -26.82
CA HIS C 364 -38.15 2.53 -26.24
C HIS C 364 -38.52 1.32 -25.45
N TYR C 365 -37.96 1.29 -24.25
CA TYR C 365 -37.99 0.10 -23.45
C TYR C 365 -39.39 -0.27 -23.06
N ALA C 366 -40.24 0.70 -22.76
CA ALA C 366 -41.55 0.39 -22.22
C ALA C 366 -42.39 -0.41 -23.22
N VAL C 367 -42.15 -0.22 -24.50
CA VAL C 367 -42.89 -0.94 -25.53
C VAL C 367 -41.98 -1.76 -26.43
N GLY C 368 -40.77 -2.02 -25.96
CA GLY C 368 -39.81 -2.86 -26.66
C GLY C 368 -39.49 -2.48 -28.07
N GLN C 369 -39.46 -1.20 -28.42
CA GLN C 369 -39.10 -0.76 -29.80
C GLN C 369 -37.76 -0.04 -29.90
N GLY C 370 -37.19 -0.12 -31.10
CA GLY C 370 -35.99 0.63 -31.46
C GLY C 370 -34.68 0.04 -30.99
N GLN C 371 -34.42 -1.21 -31.38
CA GLN C 371 -33.14 -1.89 -31.09
C GLN C 371 -31.88 -1.07 -31.52
N THR C 372 -30.96 -0.85 -30.57
CA THR C 372 -29.68 -0.16 -30.83
C THR C 372 -28.68 -0.51 -29.73
N LYS C 373 -27.52 0.16 -29.75
CA LYS C 373 -26.49 0.06 -28.74
C LYS C 373 -26.88 0.96 -27.55
N ILE C 374 -27.42 0.40 -26.48
CA ILE C 374 -27.89 1.21 -25.35
C ILE C 374 -26.90 1.34 -24.20
N ASN C 375 -25.88 0.47 -24.18
CA ASN C 375 -24.84 0.50 -23.15
C ASN C 375 -23.43 0.41 -23.78
N GLU C 376 -22.60 1.41 -23.53
CA GLU C 376 -21.18 1.38 -23.87
C GLU C 376 -20.33 1.03 -22.66
N HIS C 377 -20.93 0.81 -21.50
CA HIS C 377 -20.19 0.44 -20.29
C HIS C 377 -18.97 1.34 -20.07
N VAL C 378 -19.17 2.64 -19.97
CA VAL C 378 -18.04 3.57 -19.74
C VAL C 378 -17.62 3.66 -18.26
N ASP C 379 -16.32 3.58 -18.01
CA ASP C 379 -15.81 3.61 -16.64
C ASP C 379 -15.56 5.04 -16.22
N VAL C 380 -16.46 5.55 -15.38
CA VAL C 380 -16.39 6.92 -14.86
C VAL C 380 -15.88 7.02 -13.40
N ARG C 381 -15.30 5.94 -12.84
CA ARG C 381 -14.92 5.95 -11.41
C ARG C 381 -13.69 6.76 -11.10
N GLY C 382 -12.79 6.98 -12.07
CA GLY C 382 -11.56 7.79 -11.79
C GLY C 382 -10.95 7.40 -10.44
N ASN C 383 -10.63 8.37 -9.61
CA ASN C 383 -10.01 8.07 -8.32
C ASN C 383 -10.99 8.42 -7.19
N HIS C 384 -12.29 8.24 -7.45
CA HIS C 384 -13.32 8.69 -6.51
C HIS C 384 -13.41 7.79 -5.27
N ALA C 385 -12.80 6.61 -5.35
CA ALA C 385 -12.62 5.76 -4.23
C ALA C 385 -12.02 6.50 -3.07
N GLU C 386 -11.12 7.45 -3.36
CA GLU C 386 -10.38 8.17 -2.30
C GLU C 386 -11.28 9.08 -1.46
N ILE C 387 -12.12 9.88 -2.12
CA ILE C 387 -13.04 10.72 -1.38
C ILE C 387 -14.08 9.84 -0.60
N ILE C 388 -14.46 8.72 -1.22
CA ILE C 388 -15.43 7.84 -0.59
C ILE C 388 -14.86 7.25 0.69
N HIS C 389 -13.65 6.75 0.57
CA HIS C 389 -12.86 6.32 1.72
C HIS C 389 -12.68 7.38 2.81
N GLU C 390 -12.34 8.60 2.44
CA GLU C 390 -12.05 9.70 3.41
C GLU C 390 -13.34 10.11 4.11
N ILE C 391 -14.46 10.19 3.42
CA ILE C 391 -15.74 10.53 4.01
C ILE C 391 -16.25 9.39 4.87
N GLY C 392 -16.16 8.17 4.33
CA GLY C 392 -16.46 6.97 5.11
C GLY C 392 -15.88 7.05 6.50
N ALA C 393 -14.59 7.32 6.56
CA ALA C 393 -13.83 7.37 7.81
C ALA C 393 -14.22 8.53 8.67
N ALA C 394 -14.22 9.72 8.08
CA ALA C 394 -14.49 10.91 8.86
C ALA C 394 -15.94 11.04 9.38
N SER C 395 -16.87 10.29 8.76
CA SER C 395 -18.26 10.29 9.15
C SER C 395 -18.57 9.41 10.34
N ALA C 396 -17.60 8.63 10.80
CA ALA C 396 -17.84 7.67 11.88
C ALA C 396 -17.93 8.45 13.16
N VAL C 397 -18.78 8.01 14.07
CA VAL C 397 -18.96 8.77 15.33
C VAL C 397 -18.65 7.92 16.53
N LEU C 398 -17.69 8.33 17.33
CA LEU C 398 -17.28 7.57 18.48
C LEU C 398 -18.22 7.98 19.61
N LEU C 399 -19.22 7.15 19.87
CA LEU C 399 -20.26 7.47 20.84
C LEU C 399 -19.87 7.14 22.28
N LYS C 400 -19.21 5.99 22.41
CA LYS C 400 -18.67 5.55 23.68
C LYS C 400 -17.23 5.09 23.53
N ASN C 401 -16.44 5.35 24.55
CA ASN C 401 -15.10 4.85 24.61
C ASN C 401 -14.51 4.88 26.03
N LYS C 402 -14.23 3.72 26.58
CA LYS C 402 -13.47 3.64 27.81
C LYS C 402 -12.35 2.62 27.68
N GLY C 403 -11.65 2.66 26.57
CA GLY C 403 -10.46 1.85 26.39
C GLY C 403 -10.41 1.04 25.12
N GLY C 404 -11.55 0.73 24.54
CA GLY C 404 -11.64 -0.20 23.42
C GLY C 404 -11.09 0.37 22.11
N LEU C 405 -11.23 1.67 21.87
CA LEU C 405 -10.60 2.28 20.72
C LEU C 405 -9.56 3.33 21.08
N PRO C 406 -8.56 3.53 20.22
CA PRO C 406 -8.24 2.79 19.01
C PRO C 406 -7.63 1.42 19.32
N LEU C 407 -7.67 0.56 18.32
CA LEU C 407 -6.97 -0.73 18.35
C LEU C 407 -5.46 -0.47 18.23
N THR C 408 -4.68 -1.36 18.84
CA THR C 408 -3.22 -1.19 18.94
C THR C 408 -2.54 -1.65 17.66
N GLY C 409 -3.23 -2.53 16.94
CA GLY C 409 -2.64 -3.22 15.80
C GLY C 409 -1.70 -4.37 16.18
N THR C 410 -1.76 -4.85 17.43
CA THR C 410 -1.01 -6.04 17.82
C THR C 410 -1.84 -7.03 18.63
N GLU C 411 -3.16 -6.92 18.61
CA GLU C 411 -3.97 -7.86 19.39
C GLU C 411 -3.77 -9.28 18.78
N ARG C 412 -3.73 -10.28 19.63
CA ARG C 412 -3.30 -11.60 19.22
C ARG C 412 -4.43 -12.38 18.61
N PHE C 413 -5.65 -12.15 19.10
CA PHE C 413 -6.86 -12.77 18.57
C PHE C 413 -8.00 -11.76 18.53
N VAL C 414 -8.47 -11.40 17.31
CA VAL C 414 -9.63 -10.56 17.13
C VAL C 414 -10.81 -11.38 16.64
N GLY C 415 -11.93 -11.26 17.31
CA GLY C 415 -13.16 -11.83 16.80
C GLY C 415 -14.02 -10.75 16.16
N VAL C 416 -14.61 -11.05 15.02
CA VAL C 416 -15.62 -10.20 14.42
C VAL C 416 -16.95 -10.99 14.50
N PHE C 417 -18.04 -10.33 14.90
CA PHE C 417 -19.33 -10.99 15.17
C PHE C 417 -20.48 -10.20 14.57
N GLY C 418 -21.45 -10.84 13.95
CA GLY C 418 -22.56 -10.18 13.36
C GLY C 418 -22.72 -10.32 11.84
N LYS C 419 -23.96 -10.51 11.41
CA LYS C 419 -24.30 -10.64 9.99
C LYS C 419 -24.01 -9.30 9.26
N ASP C 420 -24.20 -8.18 9.95
CA ASP C 420 -23.74 -6.86 9.47
C ASP C 420 -22.19 -6.69 9.17
N ALA C 421 -21.35 -7.68 9.50
CA ALA C 421 -19.89 -7.59 9.18
C ALA C 421 -19.61 -8.13 7.80
N GLY C 422 -20.53 -8.93 7.27
CA GLY C 422 -20.24 -9.72 6.07
C GLY C 422 -20.91 -9.28 4.80
N SER C 423 -20.78 -10.15 3.80
CA SER C 423 -21.32 -9.97 2.44
C SER C 423 -22.79 -10.32 2.29
N ASN C 424 -23.44 -9.65 1.32
CA ASN C 424 -24.74 -10.08 0.82
C ASN C 424 -24.42 -11.36 0.07
N PRO C 425 -24.95 -12.50 0.50
CA PRO C 425 -24.67 -13.72 -0.26
C PRO C 425 -25.22 -13.75 -1.69
N TRP C 426 -26.15 -12.86 -2.02
CA TRP C 426 -26.70 -12.76 -3.38
C TRP C 426 -25.91 -11.85 -4.29
N GLY C 427 -24.72 -11.41 -3.86
CA GLY C 427 -23.91 -10.50 -4.62
C GLY C 427 -24.17 -9.08 -4.18
N VAL C 428 -23.23 -8.20 -4.45
CA VAL C 428 -23.36 -6.83 -3.97
C VAL C 428 -24.56 -6.05 -4.55
N ASN C 429 -24.88 -6.31 -5.83
CA ASN C 429 -26.06 -5.76 -6.49
C ASN C 429 -27.16 -6.80 -6.73
N GLY C 430 -27.31 -7.71 -5.76
CA GLY C 430 -28.27 -8.81 -5.84
C GLY C 430 -29.71 -8.55 -5.46
N CYS C 431 -29.96 -7.43 -4.81
CA CYS C 431 -31.32 -7.05 -4.50
C CYS C 431 -31.62 -5.81 -5.37
N SER C 432 -32.76 -5.83 -6.06
CA SER C 432 -33.20 -4.70 -6.86
C SER C 432 -33.38 -3.50 -5.96
N ASP C 433 -32.68 -2.42 -6.31
CA ASP C 433 -32.71 -1.14 -5.56
C ASP C 433 -32.26 -1.29 -4.09
N ARG C 434 -31.40 -2.31 -3.85
CA ARG C 434 -30.83 -2.62 -2.52
C ARG C 434 -31.92 -2.91 -1.54
N GLY C 435 -32.98 -3.56 -2.01
CA GLY C 435 -34.17 -3.82 -1.21
C GLY C 435 -34.07 -5.07 -0.34
N CYS C 436 -33.07 -5.05 0.54
CA CYS C 436 -32.78 -6.18 1.43
C CYS C 436 -31.77 -5.77 2.50
N ASP C 437 -31.66 -6.59 3.54
CA ASP C 437 -30.65 -6.42 4.57
C ASP C 437 -29.95 -7.76 4.87
N ASN C 438 -29.14 -8.22 3.92
CA ASN C 438 -28.55 -9.55 3.97
C ASN C 438 -27.08 -9.60 4.38
N GLY C 439 -26.46 -8.45 4.61
CA GLY C 439 -25.06 -8.41 5.05
C GLY C 439 -24.81 -7.10 5.72
N THR C 440 -23.61 -6.56 5.52
CA THR C 440 -23.28 -5.27 6.03
C THR C 440 -24.16 -4.30 5.25
N LEU C 441 -24.51 -3.17 5.89
CA LEU C 441 -25.37 -2.17 5.27
C LEU C 441 -24.52 -1.00 4.91
N ALA C 442 -24.46 -0.71 3.62
CA ALA C 442 -23.72 0.47 3.19
C ALA C 442 -24.60 1.51 2.50
N MET C 443 -25.89 1.24 2.40
CA MET C 443 -26.80 2.06 1.61
C MET C 443 -28.24 1.50 1.86
N GLY C 444 -29.20 2.42 1.95
CA GLY C 444 -30.62 2.09 2.15
C GLY C 444 -31.24 1.76 0.80
N TRP C 445 -32.55 1.58 0.74
CA TRP C 445 -33.16 1.10 -0.48
C TRP C 445 -34.00 2.14 -1.13
N GLY C 446 -34.23 1.94 -2.43
CA GLY C 446 -35.11 2.78 -3.23
C GLY C 446 -34.41 3.42 -4.43
N SER C 447 -34.90 4.58 -4.82
CA SER C 447 -34.30 5.36 -5.89
C SER C 447 -33.03 6.06 -5.49
N GLY C 448 -32.75 6.15 -4.19
CA GLY C 448 -31.57 6.87 -3.69
C GLY C 448 -30.32 6.02 -3.63
N THR C 449 -30.18 5.16 -4.62
CA THR C 449 -29.19 4.13 -4.63
C THR C 449 -28.38 4.13 -5.91
N ALA C 450 -27.45 3.21 -5.95
CA ALA C 450 -26.58 3.03 -7.05
C ALA C 450 -26.07 1.64 -6.96
N ASN C 451 -25.67 1.11 -8.10
CA ASN C 451 -24.97 -0.15 -8.15
C ASN C 451 -23.50 0.02 -7.69
N PHE C 452 -23.02 -0.95 -6.91
CA PHE C 452 -21.65 -0.93 -6.35
C PHE C 452 -20.74 -1.65 -7.33
N PRO C 453 -19.50 -1.14 -7.47
CA PRO C 453 -18.48 -1.81 -8.25
C PRO C 453 -17.93 -3.03 -7.53
N TYR C 454 -18.10 -2.99 -6.21
CA TYR C 454 -17.70 -3.97 -5.23
C TYR C 454 -18.09 -3.37 -3.85
N LEU C 455 -17.96 -4.14 -2.76
CA LEU C 455 -18.12 -3.60 -1.43
C LEU C 455 -17.15 -4.33 -0.51
N VAL C 456 -16.15 -3.57 -0.07
CA VAL C 456 -15.23 -4.06 0.91
C VAL C 456 -16.00 -4.10 2.22
N THR C 457 -16.24 -5.30 2.75
CA THR C 457 -17.00 -5.47 4.00
C THR C 457 -16.15 -5.19 5.22
N PRO C 458 -16.77 -5.00 6.38
CA PRO C 458 -15.93 -4.92 7.58
C PRO C 458 -15.11 -6.18 7.81
N GLU C 459 -15.70 -7.35 7.59
CA GLU C 459 -14.96 -8.59 7.80
C GLU C 459 -13.70 -8.68 6.97
N GLN C 460 -13.84 -8.41 5.66
CA GLN C 460 -12.69 -8.40 4.75
C GLN C 460 -11.59 -7.50 5.23
N ALA C 461 -11.88 -6.26 5.58
CA ALA C 461 -10.81 -5.27 5.85
C ALA C 461 -10.11 -5.52 7.18
N ILE C 462 -10.88 -5.93 8.16
CA ILE C 462 -10.33 -6.17 9.47
C ILE C 462 -9.47 -7.44 9.45
N GLN C 463 -9.96 -8.52 8.83
CA GLN C 463 -9.11 -9.69 8.63
C GLN C 463 -7.78 -9.28 7.99
N ARG C 464 -7.84 -8.51 6.89
CA ARG C 464 -6.58 -8.12 6.23
C ARG C 464 -5.64 -7.32 7.16
N GLU C 465 -6.18 -6.35 7.87
CA GLU C 465 -5.39 -5.59 8.82
C GLU C 465 -4.82 -6.41 10.00
N VAL C 466 -5.65 -7.25 10.61
CA VAL C 466 -5.19 -8.10 11.71
C VAL C 466 -4.06 -9.05 11.30
N LEU C 467 -4.26 -9.76 10.21
CA LEU C 467 -3.25 -10.63 9.60
C LEU C 467 -1.98 -9.90 9.16
N SER C 468 -2.10 -8.63 8.75
CA SER C 468 -0.94 -7.82 8.36
C SER C 468 -0.05 -7.58 9.58
N ARG C 469 -0.58 -7.72 10.80
CA ARG C 469 0.22 -7.59 12.04
C ARG C 469 0.32 -8.91 12.86
N ASN C 470 0.24 -10.02 12.13
CA ASN C 470 0.32 -11.37 12.65
C ASN C 470 -0.63 -11.71 13.78
N GLY C 471 -1.79 -11.10 13.79
CA GLY C 471 -2.84 -11.46 14.75
C GLY C 471 -3.61 -12.63 14.13
N THR C 472 -4.32 -13.36 14.99
CA THR C 472 -5.28 -14.38 14.55
C THR C 472 -6.67 -13.76 14.52
N PHE C 473 -7.62 -14.48 13.91
CA PHE C 473 -8.89 -13.93 13.53
C PHE C 473 -10.00 -14.99 13.35
N THR C 474 -11.23 -14.59 13.57
CA THR C 474 -12.34 -15.37 13.17
C THR C 474 -13.49 -14.41 13.04
N GLY C 475 -14.38 -14.75 12.09
CA GLY C 475 -15.54 -14.00 11.74
C GLY C 475 -16.73 -14.95 11.80
N ILE C 476 -17.73 -14.61 12.61
CA ILE C 476 -18.93 -15.41 12.79
C ILE C 476 -20.06 -14.49 12.42
N THR C 477 -20.74 -14.83 11.33
CA THR C 477 -21.76 -13.98 10.73
C THR C 477 -23.15 -14.64 10.75
N ASP C 478 -23.26 -15.84 11.34
CA ASP C 478 -24.58 -16.39 11.63
C ASP C 478 -25.06 -15.86 12.98
N ASN C 479 -26.02 -14.95 12.96
CA ASN C 479 -26.55 -14.34 14.17
C ASN C 479 -27.37 -15.30 15.03
N GLY C 480 -27.76 -16.45 14.47
CA GLY C 480 -28.27 -17.56 15.25
C GLY C 480 -27.25 -18.46 15.97
N ALA C 481 -25.95 -18.33 15.64
CA ALA C 481 -24.90 -19.24 16.18
C ALA C 481 -24.31 -18.74 17.48
N LEU C 482 -25.15 -18.66 18.50
CA LEU C 482 -24.81 -18.01 19.75
C LEU C 482 -23.85 -18.84 20.62
N ALA C 483 -24.01 -20.17 20.66
CA ALA C 483 -23.00 -21.00 21.33
C ALA C 483 -21.57 -20.79 20.74
N GLU C 484 -21.49 -20.72 19.41
CA GLU C 484 -20.26 -20.49 18.68
C GLU C 484 -19.65 -19.12 18.98
N MET C 485 -20.45 -18.05 18.95
CA MET C 485 -20.01 -16.74 19.34
C MET C 485 -19.53 -16.69 20.77
N ALA C 486 -20.27 -17.32 21.71
CA ALA C 486 -19.87 -17.22 23.12
C ALA C 486 -18.49 -17.82 23.37
N ALA C 487 -18.20 -18.93 22.69
CA ALA C 487 -16.94 -19.61 22.83
C ALA C 487 -15.81 -18.78 22.24
N ALA C 488 -15.99 -18.23 21.03
CA ALA C 488 -14.93 -17.37 20.43
C ALA C 488 -14.76 -16.08 21.20
N ALA C 489 -15.87 -15.46 21.56
CA ALA C 489 -15.85 -14.28 22.44
C ALA C 489 -15.08 -14.52 23.73
N SER C 490 -15.18 -15.73 24.28
CA SER C 490 -14.40 -16.08 25.47
C SER C 490 -12.93 -16.09 25.29
N GLN C 491 -12.46 -16.42 24.07
CA GLN C 491 -11.05 -16.62 23.81
C GLN C 491 -10.39 -15.35 23.29
N ALA C 492 -11.16 -14.44 22.69
CA ALA C 492 -10.61 -13.25 22.03
C ALA C 492 -10.01 -12.16 22.97
N ASP C 493 -9.01 -11.42 22.47
CA ASP C 493 -8.54 -10.18 23.10
C ASP C 493 -9.54 -9.01 22.87
N THR C 494 -10.04 -8.90 21.65
CA THR C 494 -11.04 -7.89 21.27
C THR C 494 -12.18 -8.52 20.48
N CYS C 495 -13.41 -8.15 20.79
CA CYS C 495 -14.58 -8.61 20.02
C CYS C 495 -15.24 -7.37 19.34
N LEU C 496 -15.42 -7.46 18.04
CA LEU C 496 -16.00 -6.41 17.23
C LEU C 496 -17.36 -6.88 16.78
N VAL C 497 -18.43 -6.27 17.32
CA VAL C 497 -19.77 -6.70 16.97
C VAL C 497 -20.40 -5.66 16.05
N PHE C 498 -21.14 -6.14 15.06
CA PHE C 498 -21.70 -5.37 13.98
C PHE C 498 -23.23 -5.55 13.94
N ALA C 499 -23.96 -4.43 13.89
CA ALA C 499 -25.42 -4.45 13.82
C ALA C 499 -25.93 -3.31 12.98
N ASN C 500 -27.08 -3.54 12.36
CA ASN C 500 -27.63 -2.57 11.46
C ASN C 500 -29.12 -2.34 11.58
N ALA C 501 -29.58 -1.32 10.87
CA ALA C 501 -30.98 -0.93 10.82
C ALA C 501 -31.16 -0.22 9.49
N ASP C 502 -32.12 -0.69 8.68
CA ASP C 502 -32.29 -0.26 7.30
C ASP C 502 -33.63 0.47 7.16
N SER C 503 -33.78 1.22 6.07
CA SER C 503 -35.05 1.78 5.64
C SER C 503 -34.92 2.28 4.20
N GLY C 504 -35.97 2.84 3.65
CA GLY C 504 -35.92 3.31 2.27
C GLY C 504 -37.23 3.87 1.77
N GLU C 505 -37.34 3.95 0.46
CA GLU C 505 -38.49 4.45 -0.21
C GLU C 505 -39.65 3.43 -0.20
N GLY C 506 -40.85 3.97 -0.08
CA GLY C 506 -42.00 3.13 0.26
C GLY C 506 -42.61 2.29 -0.83
N TYR C 507 -42.10 2.33 -2.06
CA TYR C 507 -42.50 1.33 -3.09
C TYR C 507 -41.86 -0.05 -2.85
N ILE C 508 -40.85 -0.13 -1.96
CA ILE C 508 -40.32 -1.41 -1.49
C ILE C 508 -40.59 -1.65 0.01
N THR C 509 -41.14 -2.81 0.32
CA THR C 509 -41.28 -3.29 1.70
C THR C 509 -40.26 -4.40 2.00
N VAL C 510 -39.58 -4.30 3.14
CA VAL C 510 -38.67 -5.35 3.55
C VAL C 510 -39.08 -5.66 4.97
N ASP C 511 -39.44 -6.92 5.20
CA ASP C 511 -39.85 -7.42 6.51
C ASP C 511 -40.88 -6.51 7.27
N GLY C 512 -42.01 -6.19 6.62
CA GLY C 512 -43.01 -5.25 7.18
C GLY C 512 -42.64 -3.76 7.31
N ASN C 513 -41.43 -3.37 6.88
CA ASN C 513 -41.04 -1.95 6.83
C ASN C 513 -41.35 -1.39 5.41
N GLU C 514 -42.38 -0.57 5.35
CA GLU C 514 -42.92 -0.11 4.09
C GLU C 514 -42.28 1.21 3.79
N GLY C 515 -40.99 1.10 3.44
CA GLY C 515 -40.09 2.22 3.36
C GLY C 515 -39.73 2.76 4.72
N ASP C 516 -40.71 3.39 5.36
CA ASP C 516 -40.55 3.82 6.74
C ASP C 516 -40.25 2.60 7.59
N ARG C 517 -39.48 2.79 8.63
CA ARG C 517 -39.22 1.75 9.60
C ARG C 517 -40.37 1.56 10.56
N LYS C 518 -40.68 0.31 10.82
CA LYS C 518 -41.72 -0.04 11.78
C LYS C 518 -41.27 0.04 13.22
N ASN C 519 -39.99 0.21 13.47
CA ASN C 519 -39.49 0.42 14.81
C ASN C 519 -38.15 1.13 14.77
N LEU C 520 -37.59 1.48 15.93
CA LEU C 520 -36.28 2.10 16.00
C LEU C 520 -35.23 1.17 16.59
N THR C 521 -35.35 -0.15 16.34
CA THR C 521 -34.40 -1.07 16.96
C THR C 521 -33.60 -1.79 15.87
N LEU C 522 -32.68 -2.64 16.31
CA LEU C 522 -31.76 -3.32 15.39
C LEU C 522 -32.40 -4.48 14.62
N TRP C 523 -31.95 -4.66 13.39
CA TRP C 523 -32.34 -5.71 12.47
C TRP C 523 -31.44 -6.97 12.57
N GLN C 524 -31.79 -8.01 11.81
CA GLN C 524 -31.02 -9.25 11.71
C GLN C 524 -30.81 -10.04 13.02
N GLY C 525 -31.52 -9.70 14.10
CA GLY C 525 -31.30 -10.38 15.38
C GLY C 525 -30.00 -10.00 16.05
N ALA C 526 -29.45 -8.85 15.70
CA ALA C 526 -28.16 -8.45 16.30
C ALA C 526 -28.19 -8.14 17.82
N ASP C 527 -29.38 -7.94 18.40
CA ASP C 527 -29.49 -7.53 19.80
C ASP C 527 -29.10 -8.68 20.72
N GLN C 528 -29.61 -9.86 20.44
CA GLN C 528 -29.12 -11.06 21.13
C GLN C 528 -27.57 -11.28 20.97
N VAL C 529 -27.02 -11.03 19.76
CA VAL C 529 -25.58 -11.18 19.51
C VAL C 529 -24.80 -10.20 20.37
N ILE C 530 -25.24 -8.95 20.42
CA ILE C 530 -24.63 -7.96 21.29
C ILE C 530 -24.65 -8.45 22.74
N HIS C 531 -25.78 -9.02 23.20
CA HIS C 531 -25.87 -9.46 24.61
CA HIS C 531 -25.94 -9.50 24.59
C HIS C 531 -24.97 -10.66 24.92
N ASN C 532 -24.91 -11.66 24.04
CA ASN C 532 -24.02 -12.84 24.29
C ASN C 532 -22.53 -12.50 24.24
N VAL C 533 -22.13 -11.59 23.35
CA VAL C 533 -20.73 -11.32 23.15
C VAL C 533 -20.22 -10.53 24.36
N SER C 534 -20.91 -9.44 24.68
CA SER C 534 -20.75 -8.67 25.95
C SER C 534 -20.73 -9.51 27.22
N ALA C 535 -21.60 -10.52 27.29
CA ALA C 535 -21.58 -11.45 28.40
C ALA C 535 -20.27 -12.23 28.54
N ASN C 536 -19.56 -12.47 27.42
CA ASN C 536 -18.35 -13.33 27.42
C ASN C 536 -17.04 -12.64 27.11
N CYS C 537 -17.06 -11.37 26.73
CA CYS C 537 -15.85 -10.64 26.33
C CYS C 537 -15.86 -9.29 26.96
N ASN C 538 -14.88 -9.05 27.80
CA ASN C 538 -14.81 -7.76 28.46
C ASN C 538 -14.17 -6.63 27.65
N ASN C 539 -13.99 -6.82 26.34
CA ASN C 539 -13.46 -5.77 25.46
C ASN C 539 -14.17 -5.86 24.12
N THR C 540 -15.48 -5.64 24.18
CA THR C 540 -16.39 -5.63 23.06
C THR C 540 -16.62 -4.21 22.52
N VAL C 541 -16.33 -4.02 21.25
CA VAL C 541 -16.59 -2.77 20.57
C VAL C 541 -17.78 -3.00 19.62
N VAL C 542 -18.82 -2.15 19.69
CA VAL C 542 -19.98 -2.35 18.84
C VAL C 542 -19.99 -1.26 17.76
N VAL C 543 -20.10 -1.69 16.51
CA VAL C 543 -20.12 -0.81 15.35
C VAL C 543 -21.52 -0.91 14.78
N LEU C 544 -22.12 0.24 14.45
CA LEU C 544 -23.50 0.28 14.00
C LEU C 544 -23.58 0.93 12.63
N HIS C 545 -24.20 0.22 11.69
CA HIS C 545 -24.50 0.76 10.37
C HIS C 545 -25.99 0.99 10.37
N THR C 546 -26.40 2.19 10.72
CA THR C 546 -27.83 2.51 10.78
C THR C 546 -28.19 3.72 9.94
N VAL C 547 -29.32 3.64 9.27
CA VAL C 547 -29.88 4.77 8.52
C VAL C 547 -30.20 6.02 9.36
N GLY C 548 -30.38 5.83 10.67
CA GLY C 548 -30.73 6.90 11.58
C GLY C 548 -30.51 6.35 12.96
N PRO C 549 -31.04 7.07 13.98
CA PRO C 549 -30.87 6.59 15.34
C PRO C 549 -31.62 5.27 15.56
N VAL C 550 -31.10 4.50 16.50
CA VAL C 550 -31.77 3.35 17.04
C VAL C 550 -31.72 3.51 18.57
N LEU C 551 -32.63 2.81 19.24
CA LEU C 551 -32.71 2.81 20.70
C LEU C 551 -31.75 1.74 21.22
N ILE C 552 -30.71 2.18 21.90
CA ILE C 552 -29.65 1.34 22.40
C ILE C 552 -29.68 1.22 23.94
N ASP C 553 -30.76 1.67 24.58
CA ASP C 553 -30.85 1.70 26.06
C ASP C 553 -30.54 0.37 26.75
N ASP C 554 -30.96 -0.74 26.15
CA ASP C 554 -30.72 -2.07 26.74
C ASP C 554 -29.28 -2.58 26.71
N TRP C 555 -28.37 -1.95 25.97
CA TRP C 555 -26.99 -2.44 25.99
C TRP C 555 -25.88 -1.43 26.05
N TYR C 556 -26.14 -0.15 25.79
CA TYR C 556 -25.05 0.79 25.58
C TYR C 556 -24.20 0.89 26.84
N ASP C 557 -24.84 0.75 28.01
CA ASP C 557 -24.20 1.00 29.32
C ASP C 557 -23.60 -0.25 29.98
N HIS C 558 -23.52 -1.35 29.26
CA HIS C 558 -22.88 -2.60 29.72
C HIS C 558 -21.40 -2.39 30.01
N PRO C 559 -20.91 -2.83 31.20
CA PRO C 559 -19.48 -2.57 31.50
C PRO C 559 -18.50 -3.16 30.48
N ASN C 560 -18.85 -4.29 29.88
CA ASN C 560 -18.06 -4.95 28.80
C ASN C 560 -18.11 -4.37 27.37
N VAL C 561 -18.98 -3.41 27.12
CA VAL C 561 -18.96 -2.71 25.86
C VAL C 561 -18.01 -1.54 26.12
N THR C 562 -16.80 -1.66 25.59
CA THR C 562 -15.77 -0.65 25.78
C THR C 562 -15.71 0.44 24.73
N ALA C 563 -16.50 0.32 23.66
CA ALA C 563 -16.59 1.39 22.66
C ALA C 563 -17.79 1.16 21.79
N ILE C 564 -18.39 2.25 21.32
CA ILE C 564 -19.51 2.21 20.39
C ILE C 564 -19.18 3.20 19.28
N LEU C 565 -19.31 2.74 18.02
CA LEU C 565 -18.95 3.55 16.89
C LEU C 565 -20.11 3.48 15.90
N TRP C 566 -20.77 4.62 15.62
CA TRP C 566 -21.74 4.61 14.54
C TRP C 566 -20.96 4.83 13.22
N ALA C 567 -21.18 3.96 12.24
CA ALA C 567 -20.52 4.07 10.93
C ALA C 567 -21.45 4.45 9.78
N GLY C 568 -22.76 4.40 10.00
CA GLY C 568 -23.75 4.85 9.02
C GLY C 568 -23.76 4.00 7.80
N LEU C 569 -23.84 4.66 6.65
CA LEU C 569 -23.94 4.01 5.37
C LEU C 569 -22.76 4.48 4.50
N PRO C 570 -21.62 3.75 4.57
CA PRO C 570 -20.42 4.35 4.01
C PRO C 570 -20.15 4.11 2.54
N GLY C 571 -21.05 3.51 1.77
CA GLY C 571 -20.74 3.18 0.38
C GLY C 571 -19.71 2.05 0.26
N GLN C 572 -18.99 2.04 -0.86
CA GLN C 572 -18.25 0.87 -1.39
C GLN C 572 -16.96 0.56 -0.69
N GLU C 573 -16.36 1.58 -0.07
CA GLU C 573 -15.16 1.39 0.74
C GLU C 573 -15.43 1.13 2.24
N SER C 574 -16.64 0.74 2.62
CA SER C 574 -17.04 0.57 4.02
C SER C 574 -15.96 0.02 4.93
N GLY C 575 -15.43 -1.16 4.60
CA GLY C 575 -14.49 -1.82 5.45
C GLY C 575 -13.16 -1.07 5.57
N ASN C 576 -12.68 -0.48 4.48
CA ASN C 576 -11.40 0.23 4.48
C ASN C 576 -11.49 1.52 5.26
N SER C 577 -12.62 2.20 5.14
CA SER C 577 -12.87 3.41 5.92
C SER C 577 -12.89 3.04 7.40
N LEU C 578 -13.59 1.97 7.71
CA LEU C 578 -13.72 1.55 9.10
C LEU C 578 -12.39 1.30 9.81
N VAL C 579 -11.51 0.50 9.20
CA VAL C 579 -10.22 0.18 9.86
C VAL C 579 -9.35 1.43 10.13
N ASP C 580 -9.42 2.41 9.25
CA ASP C 580 -8.75 3.69 9.51
C ASP C 580 -9.20 4.33 10.83
N VAL C 581 -10.47 4.24 11.13
CA VAL C 581 -10.99 4.88 12.31
C VAL C 581 -10.70 3.98 13.47
N LEU C 582 -10.96 2.69 13.31
CA LEU C 582 -10.69 1.73 14.40
C LEU C 582 -9.24 1.74 14.82
N TYR C 583 -8.31 1.90 13.89
CA TYR C 583 -6.88 1.79 14.23
C TYR C 583 -6.31 3.17 14.54
N GLY C 584 -7.19 4.15 14.69
CA GLY C 584 -6.86 5.50 15.03
C GLY C 584 -6.13 6.32 13.98
N ARG C 585 -6.14 5.92 12.70
CA ARG C 585 -5.48 6.73 11.68
C ARG C 585 -6.31 7.97 11.30
N VAL C 586 -7.62 7.83 11.21
CA VAL C 586 -8.55 8.92 10.96
C VAL C 586 -9.37 9.15 12.21
N ASN C 587 -9.67 10.44 12.47
CA ASN C 587 -10.48 10.84 13.61
C ASN C 587 -11.98 10.91 13.30
N PRO C 588 -12.83 10.55 14.27
CA PRO C 588 -14.27 10.52 13.98
C PRO C 588 -14.94 11.90 14.02
N GLY C 589 -16.19 11.94 13.58
CA GLY C 589 -17.01 13.16 13.56
C GLY C 589 -17.97 13.32 14.74
N LYS C 590 -19.15 13.83 14.44
CA LYS C 590 -20.19 14.04 15.47
C LYS C 590 -21.53 13.60 14.94
N THR C 591 -22.39 13.08 15.81
CA THR C 591 -23.69 12.57 15.30
C THR C 591 -24.55 13.73 14.73
N PRO C 592 -25.08 13.56 13.50
CA PRO C 592 -25.95 14.60 12.95
C PRO C 592 -27.43 14.51 13.45
N PHE C 593 -27.71 13.59 14.37
CA PHE C 593 -29.03 13.42 14.94
C PHE C 593 -28.88 12.99 16.41
N THR C 594 -29.98 13.08 17.13
CA THR C 594 -30.07 12.75 18.54
C THR C 594 -30.31 11.25 18.73
N TRP C 595 -29.64 10.69 19.73
CA TRP C 595 -29.89 9.34 20.16
C TRP C 595 -30.79 9.40 21.44
N GLY C 596 -32.10 9.18 21.26
CA GLY C 596 -33.05 9.17 22.36
C GLY C 596 -33.11 7.85 23.10
N ARG C 597 -33.60 7.91 24.34
CA ARG C 597 -33.84 6.71 25.14
C ARG C 597 -35.10 5.95 24.71
N ALA C 598 -36.12 6.69 24.27
CA ALA C 598 -37.40 6.10 23.85
C ALA C 598 -37.91 6.73 22.53
N ARG C 599 -38.69 5.97 21.78
CA ARG C 599 -39.24 6.45 20.50
C ARG C 599 -40.08 7.73 20.72
N ASP C 600 -40.91 7.75 21.80
CA ASP C 600 -41.84 8.86 22.01
CA ASP C 600 -41.84 8.87 22.07
C ASP C 600 -41.09 10.17 22.37
N ASP C 601 -39.84 10.07 22.79
CA ASP C 601 -39.06 11.28 23.04
C ASP C 601 -38.85 12.19 21.83
N TYR C 602 -38.98 11.63 20.63
CA TYR C 602 -38.80 12.33 19.35
C TYR C 602 -40.09 13.02 18.82
N GLY C 603 -41.25 12.60 19.31
CA GLY C 603 -42.52 13.15 18.84
C GLY C 603 -42.76 12.70 17.40
N ALA C 604 -43.61 13.43 16.71
CA ALA C 604 -43.87 13.22 15.29
C ALA C 604 -44.00 11.74 14.94
N PRO C 605 -44.97 11.07 15.58
CA PRO C 605 -45.30 9.72 15.13
C PRO C 605 -45.60 9.68 13.62
N LEU C 606 -45.32 8.56 12.96
CA LEU C 606 -45.71 8.35 11.55
C LEU C 606 -47.23 8.15 11.41
N ILE C 607 -47.84 8.75 10.40
CA ILE C 607 -49.22 8.42 10.07
C ILE C 607 -49.20 7.15 9.25
N VAL C 608 -49.57 6.04 9.91
CA VAL C 608 -49.56 4.70 9.27
C VAL C 608 -50.97 4.13 9.00
N LYS C 609 -52.02 4.82 9.49
CA LYS C 609 -53.44 4.53 9.26
C LYS C 609 -54.14 5.82 8.84
N PRO C 610 -55.14 5.73 7.94
CA PRO C 610 -55.83 6.96 7.52
C PRO C 610 -56.55 7.65 8.66
N ASN C 611 -56.49 8.96 8.70
CA ASN C 611 -57.06 9.74 9.78
C ASN C 611 -58.08 10.76 9.29
N ASN C 612 -58.55 10.66 8.06
CA ASN C 612 -59.54 11.61 7.53
C ASN C 612 -60.55 10.83 6.68
N GLY C 613 -61.01 9.70 7.22
CA GLY C 613 -61.89 8.83 6.45
C GLY C 613 -61.26 8.38 5.14
N LYS C 614 -62.01 8.51 4.05
CA LYS C 614 -61.53 8.22 2.69
C LYS C 614 -60.78 9.42 2.08
N GLY C 615 -60.72 10.52 2.82
CA GLY C 615 -59.93 11.68 2.45
C GLY C 615 -58.42 11.49 2.59
N ALA C 616 -57.69 12.49 2.10
CA ALA C 616 -56.26 12.56 2.26
C ALA C 616 -55.97 12.55 3.72
N PRO C 617 -55.13 11.63 4.22
CA PRO C 617 -54.67 11.79 5.62
C PRO C 617 -54.03 13.16 5.84
N GLN C 618 -54.15 13.65 7.06
CA GLN C 618 -53.72 14.97 7.46
C GLN C 618 -52.63 14.83 8.50
N GLN C 619 -51.46 15.41 8.19
CA GLN C 619 -50.28 15.35 9.02
C GLN C 619 -50.05 16.79 9.46
N ASP C 620 -50.57 17.14 10.63
CA ASP C 620 -50.44 18.49 11.17
C ASP C 620 -49.12 18.62 11.86
N PHE C 621 -48.33 19.62 11.49
CA PHE C 621 -47.00 19.80 12.07
C PHE C 621 -47.17 20.66 13.29
N THR C 622 -47.95 20.15 14.23
CA THR C 622 -48.29 20.79 15.52
C THR C 622 -47.08 21.12 16.40
N GLU C 623 -46.05 20.30 16.30
CA GLU C 623 -44.80 20.50 17.04
C GLU C 623 -44.03 21.77 16.67
N GLY C 624 -44.31 22.32 15.47
CA GLY C 624 -43.67 23.53 14.97
C GLY C 624 -42.22 23.24 14.69
N ILE C 625 -41.36 24.13 15.16
CA ILE C 625 -39.92 23.92 15.00
C ILE C 625 -39.38 22.82 15.87
N PHE C 626 -40.16 22.22 16.75
CA PHE C 626 -39.62 21.29 17.76
C PHE C 626 -39.52 19.84 17.28
N ILE C 627 -38.49 19.60 16.49
CA ILE C 627 -38.07 18.27 16.09
C ILE C 627 -36.62 18.10 16.54
N ASP C 628 -36.22 16.83 16.70
CA ASP C 628 -34.88 16.41 17.06
C ASP C 628 -34.43 17.20 18.25
N TYR C 629 -33.18 17.69 18.30
CA TYR C 629 -32.70 18.29 19.54
C TYR C 629 -33.55 19.45 20.10
N ARG C 630 -34.15 20.26 19.23
CA ARG C 630 -34.92 21.40 19.70
C ARG C 630 -36.04 20.91 20.64
N ARG C 631 -36.64 19.77 20.30
CA ARG C 631 -37.68 19.19 21.12
C ARG C 631 -37.11 18.69 22.41
N PHE C 632 -36.06 17.87 22.32
CA PHE C 632 -35.41 17.38 23.54
C PHE C 632 -35.05 18.54 24.45
N ASP C 633 -34.55 19.65 23.89
CA ASP C 633 -34.18 20.82 24.74
C ASP C 633 -35.40 21.52 25.36
N LYS C 634 -36.49 21.68 24.58
CA LYS C 634 -37.71 22.36 25.06
C LYS C 634 -38.39 21.56 26.14
N TYR C 635 -38.56 20.27 25.93
CA TYR C 635 -39.18 19.43 26.96
C TYR C 635 -38.22 18.89 28.04
N ASN C 636 -36.98 19.39 28.08
CA ASN C 636 -35.94 18.91 28.99
C ASN C 636 -35.81 17.37 29.12
N ILE C 637 -35.78 16.70 27.97
CA ILE C 637 -35.57 15.27 27.88
C ILE C 637 -34.05 15.10 27.67
N THR C 638 -33.44 14.32 28.55
CA THR C 638 -32.06 13.89 28.42
C THR C 638 -31.90 12.78 27.32
N PRO C 639 -31.11 13.07 26.27
CA PRO C 639 -30.82 11.99 25.30
C PRO C 639 -29.70 11.10 25.85
N ILE C 640 -29.50 9.96 25.22
CA ILE C 640 -28.31 9.15 25.53
C ILE C 640 -27.12 9.89 24.92
N TYR C 641 -27.25 10.30 23.65
CA TYR C 641 -26.26 11.11 23.00
C TYR C 641 -26.95 12.22 22.23
N GLU C 642 -26.55 13.47 22.56
CA GLU C 642 -27.19 14.69 22.03
C GLU C 642 -26.72 14.99 20.65
N PHE C 643 -27.48 15.79 19.92
CA PHE C 643 -27.11 16.30 18.59
C PHE C 643 -25.78 17.03 18.70
N GLY C 644 -24.87 16.75 17.78
CA GLY C 644 -23.56 17.38 17.80
C GLY C 644 -22.55 16.71 18.69
N PHE C 645 -22.85 15.52 19.19
CA PHE C 645 -21.95 14.83 20.11
C PHE C 645 -21.11 13.80 19.39
N GLY C 646 -19.93 13.63 19.93
CA GLY C 646 -19.02 12.63 19.51
C GLY C 646 -17.72 12.73 20.28
N LEU C 647 -17.04 11.60 20.47
CA LEU C 647 -15.79 11.60 21.17
C LEU C 647 -14.62 11.79 20.22
N SER C 648 -13.50 12.14 20.82
CA SER C 648 -12.24 12.26 20.08
C SER C 648 -11.21 11.30 20.68
N TYR C 649 -10.12 11.07 19.95
CA TYR C 649 -8.96 10.32 20.48
C TYR C 649 -8.08 11.23 21.35
N THR C 650 -8.44 12.51 21.47
CA THR C 650 -7.88 13.42 22.46
C THR C 650 -9.03 14.20 23.17
N THR C 651 -8.65 15.24 23.92
CA THR C 651 -9.53 16.16 24.61
C THR C 651 -9.29 17.60 24.13
N PHE C 652 -10.37 18.38 24.12
CA PHE C 652 -10.34 19.78 23.68
C PHE C 652 -10.96 20.67 24.73
N GLU C 653 -10.47 21.91 24.79
CA GLU C 653 -10.97 22.90 25.73
C GLU C 653 -11.26 24.22 25.03
N PHE C 654 -12.36 24.87 25.43
CA PHE C 654 -12.75 26.17 24.85
C PHE C 654 -12.47 27.34 25.80
N SER C 655 -11.84 28.40 25.31
CA SER C 655 -11.56 29.58 26.11
C SER C 655 -11.81 30.85 25.31
N GLN C 656 -11.80 31.97 26.03
CA GLN C 656 -11.86 33.34 25.50
C GLN C 656 -12.94 33.57 24.46
N LEU C 657 -14.18 33.34 24.86
CA LEU C 657 -15.29 33.63 23.98
C LEU C 657 -15.45 35.14 23.92
N ASN C 658 -15.44 35.68 22.72
CA ASN C 658 -15.77 37.06 22.44
C ASN C 658 -16.84 37.23 21.33
N VAL C 659 -17.88 38.01 21.63
CA VAL C 659 -18.93 38.30 20.69
C VAL C 659 -18.85 39.80 20.40
N GLN C 660 -18.44 40.14 19.17
CA GLN C 660 -18.16 41.56 18.80
C GLN C 660 -19.27 42.03 17.88
N PRO C 661 -20.11 42.96 18.36
CA PRO C 661 -21.13 43.45 17.40
C PRO C 661 -20.53 44.16 16.19
N ILE C 662 -21.16 43.98 15.05
CA ILE C 662 -20.77 44.71 13.86
C ILE C 662 -21.80 45.82 13.70
N ASN C 663 -21.36 46.97 13.19
CA ASN C 663 -22.24 48.13 13.00
C ASN C 663 -23.04 47.92 11.74
N ALA C 664 -23.99 47.05 11.80
CA ALA C 664 -24.69 46.66 10.61
C ALA C 664 -25.73 47.72 10.24
N PRO C 665 -25.86 48.03 8.94
CA PRO C 665 -26.93 48.93 8.52
C PRO C 665 -28.28 48.28 8.79
N PRO C 666 -29.31 49.07 9.08
CA PRO C 666 -30.63 48.45 9.43
C PRO C 666 -31.23 47.59 8.29
N TYR C 667 -31.98 46.56 8.67
CA TYR C 667 -32.63 45.71 7.68
C TYR C 667 -33.57 46.55 6.85
N THR C 668 -33.39 46.47 5.54
CA THR C 668 -34.20 47.16 4.55
C THR C 668 -34.98 46.12 3.78
N PRO C 669 -36.30 46.04 4.04
CA PRO C 669 -37.13 45.15 3.21
C PRO C 669 -36.96 45.50 1.75
N ALA C 670 -37.01 44.53 0.86
CA ALA C 670 -36.84 44.79 -0.56
C ALA C 670 -38.09 45.46 -1.06
N SER C 671 -37.93 46.26 -2.11
CA SER C 671 -39.05 46.99 -2.67
C SER C 671 -38.81 47.08 -4.16
N GLY C 672 -39.70 47.76 -4.86
CA GLY C 672 -39.65 47.84 -6.27
C GLY C 672 -40.46 46.75 -6.95
N PHE C 673 -40.11 46.53 -8.23
CA PHE C 673 -41.01 45.95 -9.19
C PHE C 673 -40.19 45.18 -10.17
N THR C 674 -40.72 44.03 -10.57
CA THR C 674 -40.13 43.26 -11.63
C THR C 674 -40.40 43.97 -12.98
N LYS C 675 -39.82 43.38 -14.02
CA LYS C 675 -40.10 43.73 -15.42
C LYS C 675 -41.39 43.00 -15.75
N ALA C 676 -42.03 43.49 -16.80
CA ALA C 676 -43.19 42.84 -17.41
C ALA C 676 -42.73 41.51 -18.02
N ALA C 677 -43.61 40.53 -18.04
CA ALA C 677 -43.37 39.26 -18.71
C ALA C 677 -43.18 39.38 -20.23
N GLN C 678 -42.33 38.53 -20.80
CA GLN C 678 -41.99 38.55 -22.23
C GLN C 678 -42.31 37.26 -22.97
N SER C 679 -42.82 37.41 -24.19
CA SER C 679 -42.91 36.31 -25.14
C SER C 679 -41.67 36.37 -26.04
N PHE C 680 -41.02 35.23 -26.29
CA PHE C 680 -39.82 35.19 -27.11
C PHE C 680 -40.12 34.46 -28.45
N GLY C 681 -40.48 35.27 -29.48
CA GLY C 681 -40.85 34.80 -30.81
C GLY C 681 -42.30 35.14 -31.14
N GLN C 682 -42.61 35.04 -32.43
CA GLN C 682 -44.00 35.10 -32.94
C GLN C 682 -44.99 34.08 -32.27
N PRO C 683 -46.29 34.43 -32.15
CA PRO C 683 -47.26 33.34 -31.85
C PRO C 683 -47.25 32.18 -32.90
N SER C 684 -47.48 30.97 -32.41
CA SER C 684 -47.58 29.75 -33.25
C SER C 684 -49.00 29.68 -33.73
N ASN C 685 -49.22 28.88 -34.77
CA ASN C 685 -50.61 28.46 -35.12
C ASN C 685 -50.81 26.94 -35.02
N ALA C 686 -52.03 26.52 -34.74
CA ALA C 686 -52.39 25.10 -34.80
C ALA C 686 -51.73 24.28 -35.95
N SER C 687 -51.72 24.83 -37.18
CA SER C 687 -51.35 24.06 -38.38
C SER C 687 -49.84 23.83 -38.49
N ASP C 688 -49.04 24.58 -37.73
CA ASP C 688 -47.60 24.30 -37.54
C ASP C 688 -47.23 23.33 -36.39
N ASN C 689 -48.22 22.72 -35.74
CA ASN C 689 -47.97 21.80 -34.62
C ASN C 689 -48.60 20.45 -34.86
N LEU C 690 -48.77 20.09 -36.14
CA LEU C 690 -49.22 18.76 -36.52
C LEU C 690 -48.03 17.82 -36.49
N TYR C 691 -48.36 16.55 -36.33
CA TYR C 691 -47.38 15.49 -36.50
C TYR C 691 -46.81 15.53 -37.90
N PRO C 692 -45.48 15.71 -38.04
CA PRO C 692 -44.89 15.51 -39.36
C PRO C 692 -45.29 14.16 -39.93
N SER C 693 -45.51 14.10 -41.24
CA SER C 693 -46.04 12.90 -41.89
C SER C 693 -44.99 11.77 -41.99
N ASP C 694 -43.70 12.12 -41.85
CA ASP C 694 -42.60 11.15 -41.71
C ASP C 694 -42.21 10.67 -40.26
N ILE C 695 -43.09 10.85 -39.27
CA ILE C 695 -42.87 10.32 -37.91
C ILE C 695 -43.76 9.11 -37.77
N GLU C 696 -43.16 7.96 -37.48
CA GLU C 696 -43.90 6.77 -37.09
C GLU C 696 -44.02 6.92 -35.58
N ARG C 697 -45.27 7.09 -35.16
CA ARG C 697 -45.58 7.33 -33.78
C ARG C 697 -45.33 6.08 -32.93
N VAL C 698 -44.42 6.24 -31.98
CA VAL C 698 -44.07 5.17 -31.07
C VAL C 698 -45.19 5.07 -30.07
N PRO C 699 -45.75 3.88 -29.88
CA PRO C 699 -46.87 3.81 -28.93
C PRO C 699 -46.46 4.16 -27.49
N LEU C 700 -47.37 4.87 -26.82
CA LEU C 700 -47.25 5.29 -25.44
C LEU C 700 -46.17 6.36 -25.24
N TYR C 701 -45.64 6.92 -26.32
CA TYR C 701 -44.61 7.92 -26.22
C TYR C 701 -45.35 9.27 -26.20
N ILE C 702 -44.84 10.21 -25.41
CA ILE C 702 -45.43 11.53 -25.22
C ILE C 702 -44.79 12.52 -26.16
N TYR C 703 -45.60 13.08 -27.05
CA TYR C 703 -45.16 14.00 -28.08
C TYR C 703 -45.85 15.36 -27.84
N PRO C 704 -45.33 16.45 -28.45
CA PRO C 704 -45.96 17.79 -28.33
C PRO C 704 -47.01 18.11 -29.40
N TRP C 705 -47.08 17.32 -30.44
CA TRP C 705 -47.86 17.67 -31.62
C TRP C 705 -49.36 17.38 -31.47
N LEU C 706 -50.15 17.85 -32.44
CA LEU C 706 -51.61 17.69 -32.48
C LEU C 706 -52.09 16.67 -33.55
N ASN C 707 -53.12 15.89 -33.22
CA ASN C 707 -53.80 14.94 -34.14
C ASN C 707 -54.36 15.70 -35.35
N SER C 708 -55.00 16.84 -35.07
CA SER C 708 -55.62 17.72 -36.09
C SER C 708 -55.55 19.17 -35.60
N THR C 709 -56.10 20.11 -36.38
CA THR C 709 -56.17 21.51 -35.99
C THR C 709 -57.36 21.75 -35.05
N ASP C 710 -58.28 20.79 -34.94
CA ASP C 710 -59.29 20.78 -33.87
C ASP C 710 -58.56 20.57 -32.51
N LEU C 711 -58.49 21.65 -31.75
CA LEU C 711 -57.71 21.66 -30.51
C LEU C 711 -58.44 20.82 -29.49
N LYS C 712 -59.75 21.02 -29.35
CA LYS C 712 -60.57 20.23 -28.42
C LYS C 712 -60.48 18.73 -28.70
N ALA C 713 -60.53 18.31 -29.96
CA ALA C 713 -60.43 16.87 -30.25
C ALA C 713 -58.99 16.32 -30.06
N SER C 714 -57.97 17.16 -30.29
CA SER C 714 -56.57 16.81 -30.05
C SER C 714 -56.27 16.63 -28.55
N ALA C 715 -56.89 17.46 -27.71
CA ALA C 715 -56.70 17.39 -26.26
C ALA C 715 -57.45 16.27 -25.63
N ASN C 716 -58.65 15.97 -26.15
CA ASN C 716 -59.42 14.79 -25.72
C ASN C 716 -59.61 14.81 -24.19
N ASP C 717 -59.90 16.01 -23.70
CA ASP C 717 -60.06 16.30 -22.30
C ASP C 717 -61.55 16.43 -22.04
N PRO C 718 -62.08 15.57 -21.12
CA PRO C 718 -63.48 15.61 -20.75
C PRO C 718 -63.99 16.95 -20.21
N ASP C 719 -63.11 17.78 -19.66
CA ASP C 719 -63.51 19.05 -19.12
C ASP C 719 -63.15 20.25 -19.99
N TYR C 720 -62.66 19.98 -21.22
CA TYR C 720 -62.21 21.04 -22.14
C TYR C 720 -63.28 22.12 -22.36
N GLY C 721 -62.82 23.37 -22.42
CA GLY C 721 -63.56 24.47 -23.01
C GLY C 721 -63.92 25.65 -22.12
N LEU C 722 -63.69 25.53 -20.80
CA LEU C 722 -64.02 26.61 -19.87
C LEU C 722 -63.13 27.83 -19.99
N PRO C 723 -63.73 29.00 -19.84
CA PRO C 723 -62.89 30.20 -19.80
C PRO C 723 -62.01 30.23 -18.54
N THR C 724 -60.78 30.71 -18.70
CA THR C 724 -59.81 30.76 -17.61
C THR C 724 -60.38 31.11 -16.20
N GLU C 725 -61.01 32.28 -16.09
CA GLU C 725 -61.58 32.76 -14.82
C GLU C 725 -62.50 31.79 -14.06
N LYS C 726 -63.10 30.76 -14.68
CA LYS C 726 -63.97 29.79 -13.93
C LYS C 726 -63.27 28.55 -13.28
N TYR C 727 -61.96 28.41 -13.49
CA TYR C 727 -61.20 27.26 -12.95
C TYR C 727 -59.74 27.57 -12.61
N VAL C 728 -59.37 28.85 -12.55
CA VAL C 728 -57.99 29.29 -12.35
C VAL C 728 -58.10 30.49 -11.44
N PRO C 729 -57.30 30.55 -10.37
CA PRO C 729 -57.49 31.68 -9.42
C PRO C 729 -57.13 33.01 -10.03
N PRO C 730 -57.49 34.10 -9.36
CA PRO C 730 -57.22 35.40 -9.95
C PRO C 730 -55.72 35.67 -10.17
N ASN C 731 -55.41 36.41 -11.25
CA ASN C 731 -54.09 36.96 -11.55
C ASN C 731 -53.12 35.93 -12.10
N ALA C 732 -53.60 34.72 -12.38
CA ALA C 732 -52.78 33.64 -12.98
C ALA C 732 -52.24 33.89 -14.39
N THR C 733 -52.83 34.84 -15.10
CA THR C 733 -52.54 35.08 -16.51
C THR C 733 -52.04 36.52 -16.66
N ASN C 734 -51.64 37.09 -15.55
CA ASN C 734 -51.31 38.51 -15.49
C ASN C 734 -49.80 38.64 -15.76
N GLY C 735 -49.44 39.19 -16.93
CA GLY C 735 -48.05 39.48 -17.33
C GLY C 735 -47.46 40.80 -16.86
N ASP C 736 -48.20 41.54 -16.04
CA ASP C 736 -47.74 42.84 -15.60
C ASP C 736 -46.58 42.76 -14.64
N PRO C 737 -45.83 43.85 -14.54
CA PRO C 737 -44.80 43.93 -13.50
C PRO C 737 -45.38 43.73 -12.07
N GLN C 738 -44.66 42.95 -11.27
CA GLN C 738 -45.11 42.54 -9.94
C GLN C 738 -44.26 43.16 -8.86
N PRO C 739 -44.87 43.38 -7.68
CA PRO C 739 -44.10 43.87 -6.56
C PRO C 739 -43.14 42.79 -6.10
N ILE C 740 -41.90 43.22 -5.80
CA ILE C 740 -40.87 42.35 -5.28
C ILE C 740 -41.27 41.99 -3.86
N ASP C 741 -41.12 40.72 -3.49
CA ASP C 741 -41.41 40.24 -2.13
C ASP C 741 -40.46 40.99 -1.20
N PRO C 742 -40.98 41.60 -0.13
CA PRO C 742 -40.10 42.35 0.77
C PRO C 742 -39.09 41.53 1.52
N ALA C 743 -39.26 40.20 1.53
CA ALA C 743 -38.26 39.30 2.08
C ALA C 743 -37.43 38.63 0.99
N GLY C 744 -37.66 39.03 -0.25
CA GLY C 744 -36.96 38.54 -1.40
C GLY C 744 -36.03 39.61 -2.00
N GLY C 745 -35.76 39.46 -3.30
CA GLY C 745 -34.90 40.38 -4.07
C GLY C 745 -33.65 39.76 -4.69
N ALA C 746 -33.34 38.51 -4.32
CA ALA C 746 -32.16 37.79 -4.79
C ALA C 746 -32.32 36.30 -4.49
N PRO C 747 -31.52 35.43 -5.18
CA PRO C 747 -31.46 34.02 -4.77
C PRO C 747 -31.13 33.85 -3.31
N GLY C 748 -32.03 33.22 -2.58
CA GLY C 748 -31.81 32.97 -1.16
C GLY C 748 -32.52 33.89 -0.21
N GLY C 749 -33.12 34.95 -0.74
CA GLY C 749 -33.80 35.96 0.07
C GLY C 749 -33.13 37.29 -0.06
N ASN C 750 -33.78 38.30 0.52
CA ASN C 750 -33.28 39.67 0.62
C ASN C 750 -31.79 39.73 1.05
N PRO C 751 -30.93 40.35 0.24
CA PRO C 751 -29.50 40.44 0.60
C PRO C 751 -29.19 41.07 1.94
N SER C 752 -30.02 42.02 2.35
CA SER C 752 -29.94 42.66 3.66
C SER C 752 -29.99 41.68 4.83
N LEU C 753 -30.66 40.54 4.62
CA LEU C 753 -30.62 39.39 5.56
C LEU C 753 -29.25 38.77 5.77
N TYR C 754 -28.41 38.75 4.75
CA TYR C 754 -27.10 38.16 4.81
C TYR C 754 -26.02 39.15 5.25
N GLU C 755 -26.42 40.33 5.71
CA GLU C 755 -25.52 41.31 6.33
C GLU C 755 -24.90 40.76 7.61
N PRO C 756 -23.57 40.94 7.78
CA PRO C 756 -22.94 40.51 9.02
C PRO C 756 -23.39 41.37 10.18
N VAL C 757 -23.66 40.74 11.31
CA VAL C 757 -24.06 41.45 12.51
C VAL C 757 -23.18 41.20 13.73
N ALA C 758 -22.42 40.12 13.77
CA ALA C 758 -21.43 39.92 14.85
C ALA C 758 -20.30 38.99 14.44
N ARG C 759 -19.11 39.28 14.96
CA ARG C 759 -17.99 38.39 14.83
C ARG C 759 -17.79 37.66 16.15
N VAL C 760 -17.76 36.33 16.11
CA VAL C 760 -17.61 35.51 17.34
C VAL C 760 -16.26 34.84 17.25
N THR C 761 -15.47 34.96 18.33
CA THR C 761 -14.14 34.40 18.39
C THR C 761 -13.99 33.55 19.65
N THR C 762 -13.31 32.43 19.52
CA THR C 762 -13.03 31.58 20.65
C THR C 762 -11.82 30.71 20.36
N ILE C 763 -11.06 30.47 21.40
CA ILE C 763 -9.84 29.68 21.33
C ILE C 763 -10.17 28.21 21.65
N ILE C 764 -9.72 27.31 20.78
CA ILE C 764 -9.85 25.88 21.00
C ILE C 764 -8.46 25.32 21.17
N THR C 765 -8.21 24.59 22.25
CA THR C 765 -6.89 24.01 22.60
C THR C 765 -7.01 22.50 22.70
N ASN C 766 -6.17 21.76 21.99
CA ASN C 766 -6.01 20.30 22.20
C ASN C 766 -5.21 20.09 23.47
N THR C 767 -5.88 19.69 24.53
CA THR C 767 -5.26 19.58 25.84
C THR C 767 -4.68 18.19 26.12
N GLY C 768 -4.85 17.24 25.20
CA GLY C 768 -4.34 15.87 25.38
C GLY C 768 -3.08 15.56 24.59
N LYS C 769 -2.88 14.27 24.33
CA LYS C 769 -1.58 13.74 23.94
C LYS C 769 -1.42 13.41 22.45
N VAL C 770 -2.53 13.42 21.74
CA VAL C 770 -2.67 12.87 20.41
C VAL C 770 -3.31 13.93 19.53
N THR C 771 -2.88 14.03 18.28
CA THR C 771 -3.53 14.84 17.29
C THR C 771 -4.97 14.36 17.10
N GLY C 772 -5.90 15.32 16.93
CA GLY C 772 -7.31 15.00 16.72
C GLY C 772 -8.10 16.11 16.05
N ASP C 773 -9.31 15.79 15.62
CA ASP C 773 -10.24 16.78 15.10
C ASP C 773 -11.28 17.16 16.15
N GLU C 774 -11.63 18.43 16.16
CA GLU C 774 -12.78 18.91 16.88
C GLU C 774 -13.75 19.49 15.86
N VAL C 775 -15.03 19.46 16.23
CA VAL C 775 -16.05 20.13 15.48
C VAL C 775 -16.65 21.18 16.41
N PRO C 776 -16.05 22.39 16.45
CA PRO C 776 -16.73 23.40 17.28
C PRO C 776 -18.02 23.80 16.62
N GLN C 777 -18.93 24.23 17.49
CA GLN C 777 -20.30 24.53 17.15
C GLN C 777 -20.75 25.75 17.93
N LEU C 778 -21.60 26.57 17.30
CA LEU C 778 -22.07 27.88 17.82
C LEU C 778 -23.62 27.82 17.77
N TYR C 779 -24.25 27.96 18.93
CA TYR C 779 -25.70 27.98 19.02
C TYR C 779 -26.18 29.35 19.49
N VAL C 780 -27.40 29.67 19.11
CA VAL C 780 -28.02 30.94 19.45
C VAL C 780 -29.36 30.63 20.14
N SER C 781 -29.51 31.23 21.30
CA SER C 781 -30.83 31.41 21.94
C SER C 781 -31.40 32.74 21.46
N LEU C 782 -32.50 32.67 20.69
CA LEU C 782 -33.14 33.85 20.13
C LEU C 782 -33.96 34.62 21.17
N GLY C 783 -34.26 33.99 22.31
CA GLY C 783 -34.61 34.75 23.53
C GLY C 783 -36.07 34.74 23.93
N GLY C 784 -36.96 34.53 22.99
CA GLY C 784 -38.38 34.65 23.24
C GLY C 784 -38.97 33.41 23.84
N PRO C 785 -40.09 33.57 24.57
CA PRO C 785 -40.80 32.45 25.21
C PRO C 785 -41.17 31.24 24.29
N ASP C 786 -41.49 31.47 23.00
CA ASP C 786 -41.84 30.35 22.06
C ASP C 786 -40.62 29.80 21.23
N ASP C 787 -39.43 30.36 21.43
CA ASP C 787 -38.25 30.03 20.67
C ASP C 787 -37.70 28.75 21.27
N ALA C 788 -36.80 28.11 20.51
CA ALA C 788 -36.11 26.95 20.96
C ALA C 788 -35.03 27.46 21.90
N PRO C 789 -34.67 26.68 22.94
CA PRO C 789 -33.58 27.16 23.81
C PRO C 789 -32.28 27.50 23.09
N LYS C 790 -31.91 26.73 22.07
CA LYS C 790 -30.78 27.08 21.20
C LYS C 790 -30.85 26.39 19.86
N VAL C 791 -30.38 27.07 18.84
CA VAL C 791 -30.42 26.60 17.47
C VAL C 791 -29.00 26.72 16.88
N LEU C 792 -28.54 25.65 16.25
CA LEU C 792 -27.23 25.67 15.66
C LEU C 792 -27.22 26.81 14.68
N ARG C 793 -26.16 27.64 14.76
CA ARG C 793 -25.91 28.68 13.78
C ARG C 793 -24.50 28.71 13.15
N GLY C 794 -23.54 27.96 13.68
CA GLY C 794 -22.21 27.90 13.09
C GLY C 794 -21.49 26.64 13.49
N PHE C 795 -20.53 26.23 12.65
CA PHE C 795 -19.70 25.08 12.94
C PHE C 795 -18.53 25.01 11.95
N ASP C 796 -17.50 24.27 12.35
CA ASP C 796 -16.36 23.94 11.52
C ASP C 796 -15.74 22.64 12.02
N ARG C 797 -14.81 22.13 11.22
CA ARG C 797 -14.01 20.99 11.58
C ARG C 797 -12.54 21.36 11.45
N ILE C 798 -11.79 21.08 12.50
CA ILE C 798 -10.41 21.49 12.58
C ILE C 798 -9.61 20.30 13.11
N THR C 799 -8.31 20.29 12.79
CA THR C 799 -7.38 19.34 13.30
C THR C 799 -6.33 20.12 14.02
N LEU C 800 -6.08 19.76 15.26
CA LEU C 800 -5.05 20.34 16.10
C LEU C 800 -4.06 19.27 16.60
N ALA C 801 -2.77 19.61 16.52
CA ALA C 801 -1.70 18.86 17.21
C ALA C 801 -1.83 19.01 18.73
N PRO C 802 -1.16 18.16 19.49
CA PRO C 802 -1.26 18.29 20.94
C PRO C 802 -0.72 19.63 21.47
N GLY C 803 -1.47 20.28 22.36
CA GLY C 803 -1.15 21.64 22.87
C GLY C 803 -1.48 22.82 21.94
N GLN C 804 -1.70 22.58 20.65
CA GLN C 804 -2.00 23.63 19.67
C GLN C 804 -3.29 24.44 19.98
N GLN C 805 -3.18 25.77 19.92
CA GLN C 805 -4.33 26.67 20.06
C GLN C 805 -4.71 27.21 18.66
N TYR C 806 -6.02 27.26 18.40
CA TYR C 806 -6.61 27.75 17.16
C TYR C 806 -7.72 28.78 17.52
N LEU C 807 -7.63 29.97 16.94
CA LEU C 807 -8.67 30.98 17.08
C LEU C 807 -9.73 30.69 16.01
N TRP C 808 -10.90 30.28 16.46
CA TRP C 808 -12.04 30.02 15.60
C TRP C 808 -12.86 31.29 15.48
N THR C 809 -12.97 31.83 14.27
CA THR C 809 -13.71 33.04 13.99
C THR C 809 -14.93 32.63 13.14
N THR C 810 -16.12 33.06 13.55
CA THR C 810 -17.36 32.87 12.77
C THR C 810 -18.06 34.20 12.74
N THR C 811 -18.64 34.56 11.59
CA THR C 811 -19.42 35.77 11.45
C THR C 811 -20.89 35.44 11.31
N LEU C 812 -21.73 36.04 12.14
CA LEU C 812 -23.16 35.72 12.14
C LEU C 812 -23.86 36.72 11.27
N THR C 813 -24.84 36.26 10.50
CA THR C 813 -25.59 37.15 9.64
C THR C 813 -26.79 37.58 10.40
N ARG C 814 -27.48 38.58 9.85
CA ARG C 814 -28.70 39.05 10.45
C ARG C 814 -29.79 37.94 10.47
N ARG C 815 -29.85 37.18 9.40
CA ARG C 815 -30.79 36.03 9.36
C ARG C 815 -30.50 34.98 10.46
N ASP C 816 -29.25 34.87 10.89
CA ASP C 816 -28.90 33.95 11.97
C ASP C 816 -29.52 34.33 13.32
N ILE C 817 -29.90 35.59 13.52
CA ILE C 817 -30.51 36.05 14.77
C ILE C 817 -31.94 36.56 14.53
N SER C 818 -32.57 36.12 13.45
CA SER C 818 -33.88 36.61 13.06
C SER C 818 -34.96 35.56 13.30
N ASN C 819 -36.21 36.01 13.30
CA ASN C 819 -37.37 35.15 13.29
C ASN C 819 -38.25 35.53 12.17
N TRP C 820 -39.08 34.60 11.73
CA TRP C 820 -40.06 34.86 10.70
C TRP C 820 -41.31 35.36 11.37
N ASP C 821 -41.70 36.58 11.05
CA ASP C 821 -42.89 37.18 11.54
C ASP C 821 -44.04 37.03 10.54
N PRO C 822 -44.95 36.11 10.79
CA PRO C 822 -46.05 36.03 9.83
C PRO C 822 -46.91 37.30 9.72
N VAL C 823 -46.88 38.20 10.69
CA VAL C 823 -47.66 39.46 10.62
C VAL C 823 -47.15 40.37 9.51
N THR C 824 -45.84 40.58 9.45
CA THR C 824 -45.23 41.48 8.46
C THR C 824 -44.64 40.72 7.27
N GLN C 825 -44.78 39.40 7.27
CA GLN C 825 -44.22 38.55 6.25
C GLN C 825 -42.74 38.89 5.96
N ASN C 826 -41.96 39.08 7.00
CA ASN C 826 -40.53 39.26 6.84
C ASN C 826 -39.80 38.69 8.03
N TRP C 827 -38.47 38.79 8.00
CA TRP C 827 -37.62 38.36 9.10
C TRP C 827 -37.34 39.57 9.96
N VAL C 828 -37.46 39.37 11.26
CA VAL C 828 -37.24 40.42 12.22
C VAL C 828 -36.29 39.92 13.27
N VAL C 829 -35.47 40.83 13.74
CA VAL C 829 -34.62 40.61 14.88
C VAL C 829 -35.50 41.09 16.00
N THR C 830 -35.99 40.16 16.82
CA THR C 830 -36.87 40.48 17.92
C THR C 830 -36.10 41.13 19.06
N ASN C 831 -36.88 41.77 19.91
CA ASN C 831 -36.47 42.60 21.06
C ASN C 831 -35.69 41.75 22.09
N TYR C 832 -36.03 40.48 22.15
CA TYR C 832 -35.45 39.59 23.15
C TYR C 832 -33.90 39.51 23.06
N THR C 833 -33.22 39.45 24.19
CA THR C 833 -31.78 39.26 24.14
C THR C 833 -31.38 37.92 23.48
N LYS C 834 -30.44 38.02 22.55
CA LYS C 834 -29.83 36.88 21.88
C LYS C 834 -28.58 36.46 22.66
N THR C 835 -28.45 35.15 22.91
CA THR C 835 -27.26 34.62 23.56
C THR C 835 -26.53 33.62 22.68
N ILE C 836 -25.21 33.78 22.61
CA ILE C 836 -24.34 33.00 21.78
C ILE C 836 -23.74 31.98 22.69
N TYR C 837 -23.69 30.71 22.25
CA TYR C 837 -23.07 29.59 22.99
C TYR C 837 -22.05 28.92 22.11
N VAL C 838 -20.87 28.58 22.66
CA VAL C 838 -19.90 27.80 21.88
C VAL C 838 -19.45 26.60 22.64
N GLY C 839 -19.16 25.53 21.90
CA GLY C 839 -18.70 24.27 22.48
C GLY C 839 -18.55 23.22 21.39
N ASN C 840 -18.67 21.96 21.77
CA ASN C 840 -18.52 20.84 20.78
C ASN C 840 -19.71 19.85 20.71
N SER C 841 -20.83 20.20 21.33
CA SER C 841 -22.12 19.58 21.02
C SER C 841 -23.26 20.51 21.37
N SER C 842 -24.49 20.09 21.08
CA SER C 842 -25.65 20.84 21.48
C SER C 842 -25.85 20.95 23.01
N ARG C 843 -25.14 20.15 23.80
CA ARG C 843 -25.14 20.31 25.28
C ARG C 843 -23.82 20.58 25.97
N ASN C 844 -22.68 20.38 25.33
CA ASN C 844 -21.40 20.75 25.94
C ASN C 844 -21.04 22.12 25.37
N LEU C 845 -21.55 23.12 26.05
CA LEU C 845 -21.46 24.53 25.66
C LEU C 845 -20.89 25.33 26.86
N PRO C 846 -19.61 25.15 27.20
CA PRO C 846 -19.06 25.81 28.40
C PRO C 846 -18.99 27.33 28.33
N LEU C 847 -19.09 27.92 27.15
CA LEU C 847 -18.98 29.37 27.04
C LEU C 847 -20.19 29.96 26.43
N GLN C 848 -20.62 31.06 27.03
CA GLN C 848 -21.68 31.87 26.46
C GLN C 848 -21.39 33.34 26.63
N ALA C 849 -22.02 34.17 25.82
CA ALA C 849 -22.07 35.62 26.01
C ALA C 849 -23.35 36.17 25.38
N PRO C 850 -23.82 37.34 25.85
CA PRO C 850 -24.98 37.92 25.15
C PRO C 850 -24.57 38.69 23.92
N LEU C 851 -25.41 38.74 22.88
CA LEU C 851 -25.14 39.63 21.74
C LEU C 851 -25.56 41.06 22.07
N LYS C 852 -24.57 41.91 22.28
CA LYS C 852 -24.82 43.32 22.65
C LYS C 852 -25.15 44.14 21.41
N PRO C 853 -25.83 45.30 21.60
CA PRO C 853 -25.96 46.27 20.46
C PRO C 853 -24.62 46.97 20.15
N TYR C 854 -24.41 47.39 18.89
CA TYR C 854 -23.14 48.06 18.53
C TYR C 854 -22.78 49.24 19.48
N PRO C 855 -21.54 49.24 20.03
CA PRO C 855 -20.93 50.39 20.73
C PRO C 855 -21.04 51.73 20.03
N ASN D 21 -12.52 -71.53 6.85
CA ASN D 21 -13.15 -70.83 5.67
C ASN D 21 -12.99 -69.30 5.76
N LEU D 22 -13.14 -68.74 6.95
CA LEU D 22 -12.69 -67.35 7.20
C LEU D 22 -11.16 -67.21 6.98
N ALA D 23 -10.76 -66.14 6.30
CA ALA D 23 -9.34 -65.73 6.30
C ALA D 23 -8.68 -65.80 7.71
N TYR D 24 -7.44 -66.24 7.71
CA TYR D 24 -6.71 -66.59 8.92
C TYR D 24 -5.35 -65.94 8.91
N SER D 25 -4.87 -65.44 10.05
CA SER D 25 -3.55 -64.79 10.14
C SER D 25 -2.53 -65.62 10.91
N PRO D 26 -1.46 -66.09 10.22
CA PRO D 26 -0.54 -67.02 10.91
C PRO D 26 0.33 -66.36 12.00
N PRO D 27 0.81 -67.18 12.94
CA PRO D 27 1.55 -66.67 14.06
C PRO D 27 2.96 -66.38 13.58
N PHE D 28 3.60 -65.34 14.10
CA PHE D 28 5.03 -65.19 13.82
C PHE D 28 5.69 -64.70 15.07
N TYR D 29 6.50 -65.57 15.67
CA TYR D 29 7.12 -65.29 16.96
C TYR D 29 8.53 -65.80 16.98
N PRO D 30 9.36 -65.27 17.89
CA PRO D 30 9.09 -64.21 18.89
C PRO D 30 9.10 -62.83 18.30
N SER D 31 8.70 -61.85 19.10
CA SER D 31 8.71 -60.46 18.72
C SER D 31 10.16 -59.97 18.55
N PRO D 32 10.60 -59.65 17.30
CA PRO D 32 12.02 -59.29 17.14
C PRO D 32 12.44 -58.14 18.00
N TRP D 33 13.67 -58.19 18.46
CA TRP D 33 14.14 -57.18 19.37
C TRP D 33 15.12 -56.23 18.68
N ALA D 34 15.24 -55.03 19.19
CA ALA D 34 16.03 -54.01 18.59
C ALA D 34 17.46 -54.46 18.51
N ASN D 35 18.11 -54.16 17.38
CA ASN D 35 19.48 -54.64 17.12
C ASN D 35 20.62 -53.61 17.23
N GLY D 36 20.30 -52.32 17.35
CA GLY D 36 21.36 -51.32 17.45
C GLY D 36 22.37 -51.20 16.29
N GLN D 37 21.95 -51.56 15.06
CA GLN D 37 22.81 -51.49 13.88
C GLN D 37 22.51 -50.27 13.01
N GLY D 38 23.55 -49.86 12.29
CA GLY D 38 23.47 -48.82 11.28
C GLY D 38 23.14 -47.43 11.77
N ASP D 39 22.08 -46.85 11.21
CA ASP D 39 21.64 -45.49 11.63
C ASP D 39 21.05 -45.43 13.01
N TRP D 40 20.69 -46.58 13.58
CA TRP D 40 20.09 -46.69 14.90
C TRP D 40 21.07 -46.97 16.00
N ALA D 41 22.37 -46.96 15.71
CA ALA D 41 23.38 -47.44 16.67
C ALA D 41 23.53 -46.53 17.88
N GLU D 42 23.64 -45.23 17.60
CA GLU D 42 23.89 -44.17 18.59
C GLU D 42 22.64 -43.96 19.50
N ALA D 43 21.47 -44.08 18.91
CA ALA D 43 20.23 -43.95 19.61
C ALA D 43 19.96 -45.15 20.50
N TYR D 44 20.07 -46.37 19.95
CA TYR D 44 19.93 -47.62 20.73
C TYR D 44 20.90 -47.63 21.93
N GLN D 45 22.13 -47.16 21.74
CA GLN D 45 23.10 -47.16 22.83
C GLN D 45 22.58 -46.24 23.96
N LYS D 46 22.05 -45.09 23.56
CA LYS D 46 21.43 -44.16 24.52
C LYS D 46 20.19 -44.75 25.16
N ALA D 47 19.32 -45.36 24.33
CA ALA D 47 18.10 -45.98 24.83
C ALA D 47 18.40 -47.04 25.89
N VAL D 48 19.41 -47.87 25.63
CA VAL D 48 19.80 -48.93 26.58
C VAL D 48 20.38 -48.37 27.89
N GLN D 49 21.17 -47.29 27.85
CA GLN D 49 21.68 -46.69 29.06
C GLN D 49 20.52 -46.18 29.88
N PHE D 50 19.51 -45.61 29.23
CA PHE D 50 18.35 -45.09 29.99
C PHE D 50 17.56 -46.23 30.61
N VAL D 51 17.17 -47.19 29.80
CA VAL D 51 16.31 -48.30 30.25
C VAL D 51 17.04 -49.17 31.33
N SER D 52 18.36 -49.30 31.20
CA SER D 52 19.17 -50.01 32.21
C SER D 52 19.01 -49.43 33.64
N GLN D 53 18.74 -48.12 33.77
CA GLN D 53 18.54 -47.50 35.07
C GLN D 53 17.16 -47.82 35.70
N LEU D 54 16.20 -48.24 34.89
CA LEU D 54 14.82 -48.24 35.32
C LEU D 54 14.35 -49.44 36.16
N THR D 55 13.31 -49.19 36.94
CA THR D 55 12.56 -50.25 37.61
C THR D 55 11.47 -50.72 36.65
N LEU D 56 10.91 -51.88 36.91
CA LEU D 56 9.83 -52.42 36.07
C LEU D 56 8.66 -51.45 35.89
N ALA D 57 8.29 -50.77 36.97
CA ALA D 57 7.13 -49.91 36.98
C ALA D 57 7.38 -48.68 36.15
N GLU D 58 8.62 -48.21 36.19
CA GLU D 58 9.06 -47.12 35.39
C GLU D 58 9.03 -47.50 33.89
N LYS D 59 9.49 -48.70 33.54
CA LYS D 59 9.40 -49.22 32.17
C LYS D 59 7.97 -49.31 31.74
N VAL D 60 7.11 -49.77 32.67
CA VAL D 60 5.71 -49.96 32.34
C VAL D 60 5.03 -48.61 32.09
N ASN D 61 5.49 -47.57 32.79
CA ASN D 61 4.98 -46.21 32.52
C ASN D 61 5.19 -45.76 31.09
N LEU D 62 6.36 -46.08 30.50
CA LEU D 62 6.62 -45.70 29.10
C LEU D 62 5.74 -46.36 28.08
N THR D 63 5.29 -47.58 28.39
CA THR D 63 4.41 -48.34 27.47
C THR D 63 2.94 -48.04 27.48
N THR D 64 2.45 -47.38 28.53
CA THR D 64 1.01 -47.32 28.81
C THR D 64 0.59 -45.87 28.97
N GLY D 65 -0.42 -45.47 28.19
CA GLY D 65 -1.00 -44.15 28.31
C GLY D 65 -1.70 -44.03 29.66
N THR D 66 -1.92 -42.81 30.12
CA THR D 66 -2.48 -42.60 31.46
C THR D 66 -3.99 -42.59 31.49
N GLY D 67 -4.63 -42.77 30.35
CA GLY D 67 -6.07 -42.76 30.23
C GLY D 67 -6.57 -41.60 29.41
N TRP D 68 -7.77 -41.79 28.85
CA TRP D 68 -8.40 -40.84 27.98
C TRP D 68 -8.65 -39.57 28.73
N GLU D 69 -8.04 -38.50 28.24
CA GLU D 69 -8.14 -37.17 28.78
C GLU D 69 -7.66 -37.04 30.20
N GLN D 70 -6.68 -37.84 30.58
CA GLN D 70 -6.15 -37.76 31.96
C GLN D 70 -4.94 -36.82 32.06
N ASP D 71 -4.40 -36.36 30.92
CA ASP D 71 -3.31 -35.38 30.95
C ASP D 71 -3.59 -34.35 29.80
N ARG D 72 -2.55 -33.81 29.15
CA ARG D 72 -2.64 -32.68 28.28
C ARG D 72 -2.73 -32.97 26.77
N CYS D 73 -1.99 -34.01 26.33
CA CYS D 73 -1.90 -34.40 24.90
C CYS D 73 -2.96 -35.43 24.61
N VAL D 74 -3.26 -35.69 23.33
CA VAL D 74 -4.31 -36.68 22.99
C VAL D 74 -3.91 -38.04 23.52
N GLY D 75 -2.62 -38.29 23.53
CA GLY D 75 -2.05 -39.40 24.22
C GLY D 75 -0.82 -38.97 25.00
N GLN D 76 -0.64 -39.55 26.17
CA GLN D 76 0.49 -39.26 27.04
C GLN D 76 0.74 -40.47 27.92
N VAL D 77 2.00 -40.86 27.99
CA VAL D 77 2.41 -41.93 28.91
C VAL D 77 2.91 -41.27 30.19
N GLY D 78 3.10 -42.09 31.23
CA GLY D 78 3.52 -41.59 32.54
C GLY D 78 4.94 -41.11 32.54
N SER D 79 5.21 -40.24 33.50
CA SER D 79 6.55 -39.78 33.79
C SER D 79 7.41 -40.84 34.46
N ILE D 80 8.70 -40.52 34.63
CA ILE D 80 9.66 -41.24 35.48
C ILE D 80 10.31 -40.14 36.32
N PRO D 81 9.62 -39.71 37.36
CA PRO D 81 10.07 -38.49 38.07
C PRO D 81 11.36 -38.64 38.84
N ARG D 82 11.65 -39.82 39.34
CA ARG D 82 12.95 -40.09 39.96
C ARG D 82 14.12 -39.65 39.04
N LEU D 83 13.94 -39.74 37.72
CA LEU D 83 14.94 -39.29 36.74
C LEU D 83 14.66 -37.86 36.15
N GLY D 84 13.64 -37.16 36.65
CA GLY D 84 13.19 -35.90 36.05
C GLY D 84 12.70 -36.01 34.61
N PHE D 85 12.16 -37.16 34.24
CA PHE D 85 11.74 -37.39 32.89
C PHE D 85 10.25 -37.21 32.94
N PRO D 86 9.72 -36.22 32.21
CA PRO D 86 8.28 -35.91 32.26
C PRO D 86 7.36 -36.87 31.51
N GLY D 87 7.92 -37.80 30.76
CA GLY D 87 7.11 -38.72 29.94
C GLY D 87 7.10 -38.29 28.48
N LEU D 88 6.11 -38.78 27.75
CA LEU D 88 6.00 -38.55 26.29
C LEU D 88 4.63 -37.99 25.90
N CYS D 89 4.63 -37.03 24.98
CA CYS D 89 3.41 -36.35 24.51
C CYS D 89 3.14 -36.75 23.07
N MET D 90 2.00 -37.40 22.83
CA MET D 90 1.63 -37.81 21.47
C MET D 90 0.56 -36.84 20.97
N GLN D 91 0.71 -36.24 19.78
CA GLN D 91 -0.27 -35.21 19.36
C GLN D 91 -0.63 -35.31 17.91
N ASP D 92 -1.93 -35.36 17.62
CA ASP D 92 -2.37 -35.15 16.23
C ASP D 92 -1.87 -33.78 15.71
N SER D 93 -1.75 -33.59 14.40
CA SER D 93 -2.26 -34.44 13.36
C SER D 93 -1.23 -34.50 12.23
N PRO D 94 -1.54 -35.19 11.16
CA PRO D 94 -0.66 -35.16 10.02
C PRO D 94 -0.49 -33.82 9.33
N LEU D 95 -1.28 -32.78 9.67
CA LEU D 95 -1.23 -31.52 8.91
C LEU D 95 -1.14 -30.29 9.78
N GLY D 96 -0.68 -30.48 11.02
CA GLY D 96 -0.63 -29.40 11.99
C GLY D 96 -0.79 -29.93 13.42
N VAL D 97 -0.73 -29.04 14.40
CA VAL D 97 -0.91 -29.40 15.79
C VAL D 97 -2.38 -29.25 16.11
N ARG D 98 -3.01 -30.35 16.43
CA ARG D 98 -4.46 -30.38 16.66
C ARG D 98 -4.83 -29.81 18.05
N ASP D 99 -6.01 -29.20 18.16
CA ASP D 99 -6.59 -28.74 19.42
C ASP D 99 -5.74 -27.79 20.22
N THR D 100 -5.16 -26.82 19.53
CA THR D 100 -4.50 -25.75 20.22
C THR D 100 -4.74 -24.42 19.53
N ASP D 101 -3.93 -23.44 19.88
CA ASP D 101 -4.02 -22.08 19.37
C ASP D 101 -2.64 -21.59 18.90
N TYR D 102 -2.66 -20.53 18.10
CA TYR D 102 -1.42 -19.92 17.60
C TYR D 102 -0.55 -20.94 16.86
N ASN D 103 -1.24 -21.76 16.08
CA ASN D 103 -0.66 -22.75 15.20
C ASN D 103 -1.12 -22.54 13.77
N SER D 104 -0.53 -23.25 12.82
CA SER D 104 -0.83 -23.07 11.41
C SER D 104 -1.67 -24.25 10.96
N ALA D 105 -2.35 -24.09 9.81
CA ALA D 105 -3.11 -25.19 9.24
C ALA D 105 -2.50 -25.45 7.90
N PHE D 106 -1.77 -26.55 7.77
CA PHE D 106 -1.06 -26.91 6.57
C PHE D 106 -2.02 -27.59 5.58
N PRO D 107 -1.64 -27.58 4.28
CA PRO D 107 -2.41 -28.29 3.27
C PRO D 107 -2.34 -29.78 3.56
N ALA D 108 -3.41 -30.46 3.16
CA ALA D 108 -3.54 -31.86 3.35
C ALA D 108 -2.50 -32.63 2.58
N GLY D 109 -2.32 -33.89 3.03
CA GLY D 109 -1.43 -34.83 2.39
C GLY D 109 -1.75 -34.96 0.90
N VAL D 110 -3.01 -34.94 0.50
CA VAL D 110 -3.34 -35.14 -0.93
C VAL D 110 -2.82 -34.00 -1.83
N ASN D 111 -2.72 -32.80 -1.25
CA ASN D 111 -2.08 -31.65 -1.90
C ASN D 111 -0.59 -31.81 -2.00
N VAL D 112 0.03 -32.21 -0.91
CA VAL D 112 1.44 -32.59 -1.00
C VAL D 112 1.72 -33.59 -2.14
N ALA D 113 0.92 -34.65 -2.25
CA ALA D 113 1.14 -35.60 -3.33
C ALA D 113 1.02 -34.89 -4.67
N ALA D 114 0.05 -34.02 -4.77
CA ALA D 114 -0.24 -33.33 -6.03
C ALA D 114 0.86 -32.38 -6.46
N THR D 115 1.74 -31.96 -5.57
CA THR D 115 2.88 -31.22 -6.00
C THR D 115 3.93 -32.05 -6.72
N TRP D 116 4.01 -33.33 -6.39
CA TRP D 116 5.02 -34.25 -6.86
C TRP D 116 6.40 -33.73 -6.56
N ASP D 117 6.54 -32.94 -5.52
CA ASP D 117 7.83 -32.30 -5.21
C ASP D 117 8.27 -32.67 -3.78
N ARG D 118 9.19 -33.63 -3.71
CA ARG D 118 9.73 -34.12 -2.46
C ARG D 118 10.28 -32.96 -1.57
N ASN D 119 10.89 -31.98 -2.21
CA ASN D 119 11.46 -30.90 -1.43
C ASN D 119 10.35 -30.10 -0.70
N LEU D 120 9.20 -29.89 -1.33
CA LEU D 120 8.08 -29.25 -0.64
C LEU D 120 7.56 -30.13 0.50
N ALA D 121 7.58 -31.43 0.29
CA ALA D 121 7.12 -32.35 1.30
C ALA D 121 8.04 -32.27 2.54
N TYR D 122 9.35 -32.26 2.32
CA TYR D 122 10.32 -32.05 3.40
C TYR D 122 10.13 -30.76 4.16
N ARG D 123 10.02 -29.67 3.44
CA ARG D 123 9.86 -28.34 4.08
C ARG D 123 8.59 -28.25 4.95
N ARG D 124 7.56 -28.93 4.50
CA ARG D 124 6.31 -29.00 5.20
C ARG D 124 6.54 -29.81 6.46
N GLY D 125 7.28 -30.92 6.32
CA GLY D 125 7.61 -31.75 7.48
C GLY D 125 8.32 -30.93 8.52
N VAL D 126 9.39 -30.23 8.11
CA VAL D 126 10.18 -29.39 9.03
C VAL D 126 9.28 -28.38 9.68
N ALA D 127 8.49 -27.68 8.87
CA ALA D 127 7.61 -26.68 9.45
C ALA D 127 6.63 -27.26 10.47
N MET D 128 6.00 -28.40 10.16
CA MET D 128 5.09 -29.08 11.09
C MET D 128 5.78 -29.54 12.35
N GLY D 129 6.97 -30.09 12.17
CA GLY D 129 7.78 -30.52 13.27
C GLY D 129 8.17 -29.38 14.19
N GLU D 130 8.41 -28.20 13.61
CA GLU D 130 8.74 -27.05 14.44
C GLU D 130 7.57 -26.61 15.30
N GLU D 131 6.36 -26.71 14.77
CA GLU D 131 5.18 -26.35 15.62
C GLU D 131 4.97 -27.33 16.77
N HIS D 132 5.03 -28.61 16.50
CA HIS D 132 4.96 -29.59 17.58
C HIS D 132 6.12 -29.37 18.54
N ARG D 133 7.34 -29.18 18.05
CA ARG D 133 8.45 -28.94 18.98
C ARG D 133 8.11 -27.85 19.99
N GLY D 134 7.75 -26.67 19.50
CA GLY D 134 7.53 -25.51 20.32
C GLY D 134 6.38 -25.59 21.32
N LYS D 135 5.41 -26.46 21.06
CA LYS D 135 4.30 -26.75 21.94
C LYS D 135 4.65 -27.78 23.02
N GLY D 136 5.80 -28.43 22.85
CA GLY D 136 6.33 -29.45 23.75
C GLY D 136 5.95 -30.87 23.38
N VAL D 137 5.43 -31.09 22.17
CA VAL D 137 5.07 -32.45 21.70
C VAL D 137 6.33 -33.27 21.40
N ASP D 138 6.30 -34.57 21.70
CA ASP D 138 7.40 -35.57 21.35
C ASP D 138 7.14 -36.36 20.09
N VAL D 139 5.88 -36.74 19.86
CA VAL D 139 5.50 -37.55 18.74
C VAL D 139 4.35 -36.84 18.06
N GLN D 140 4.53 -36.51 16.77
CA GLN D 140 3.46 -36.05 15.91
C GLN D 140 2.82 -37.25 15.22
N LEU D 141 1.49 -37.36 15.27
CA LEU D 141 0.82 -38.53 14.75
C LEU D 141 0.61 -38.49 13.22
N GLY D 142 1.70 -38.62 12.48
CA GLY D 142 1.66 -38.83 11.02
C GLY D 142 3.05 -38.75 10.48
N PRO D 143 3.22 -38.86 9.15
CA PRO D 143 2.23 -38.84 8.08
C PRO D 143 1.54 -40.18 7.80
N VAL D 144 0.58 -40.16 6.88
CA VAL D 144 -0.29 -41.30 6.61
C VAL D 144 0.07 -42.04 5.29
N ALA D 145 0.49 -43.32 5.41
CA ALA D 145 0.60 -44.30 4.27
C ALA D 145 -0.60 -45.24 4.17
N GLY D 146 -1.40 -45.32 5.24
CA GLY D 146 -2.60 -46.15 5.30
C GLY D 146 -3.72 -45.34 5.91
N PRO D 147 -4.76 -45.01 5.16
CA PRO D 147 -5.14 -45.50 3.84
C PRO D 147 -4.23 -45.08 2.74
N LEU D 148 -4.05 -46.00 1.80
CA LEU D 148 -3.36 -45.72 0.57
C LEU D 148 -4.28 -45.07 -0.40
N GLY D 149 -5.49 -45.61 -0.49
CA GLY D 149 -6.51 -45.12 -1.36
C GLY D 149 -7.25 -46.17 -2.17
N ARG D 150 -7.46 -47.35 -1.61
CA ARG D 150 -8.14 -48.42 -2.31
C ARG D 150 -9.46 -47.97 -2.98
N SER D 151 -10.36 -47.39 -2.19
CA SER D 151 -11.66 -46.93 -2.69
C SER D 151 -11.61 -45.39 -2.69
N PRO D 152 -11.99 -44.73 -3.80
CA PRO D 152 -11.90 -43.30 -3.86
C PRO D 152 -12.89 -42.53 -2.94
N ASP D 153 -13.95 -43.20 -2.51
CA ASP D 153 -14.93 -42.66 -1.55
C ASP D 153 -14.62 -42.88 -0.07
N ALA D 154 -13.51 -43.57 0.23
CA ALA D 154 -13.10 -43.74 1.62
C ALA D 154 -12.87 -42.40 2.33
N GLY D 155 -13.27 -42.32 3.59
CA GLY D 155 -13.41 -41.07 4.26
C GLY D 155 -12.12 -40.32 4.51
N ARG D 156 -10.98 -41.00 4.62
CA ARG D 156 -9.74 -40.33 5.08
C ARG D 156 -8.61 -40.32 4.07
N ASN D 157 -8.87 -40.64 2.81
CA ASN D 157 -7.77 -40.73 1.84
C ASN D 157 -6.99 -39.45 1.71
N TRP D 158 -7.70 -38.32 1.80
CA TRP D 158 -7.12 -37.00 1.72
C TRP D 158 -5.96 -36.75 2.70
N GLU D 159 -5.92 -37.48 3.80
CA GLU D 159 -4.89 -37.36 4.84
C GLU D 159 -3.60 -37.95 4.43
N GLY D 160 -3.70 -39.01 3.62
CA GLY D 160 -2.54 -39.65 3.04
C GLY D 160 -2.11 -38.93 1.79
N PHE D 161 -1.48 -39.63 0.89
CA PHE D 161 -0.91 -39.02 -0.28
C PHE D 161 -1.63 -39.51 -1.54
N ALA D 162 -1.28 -40.69 -2.02
CA ALA D 162 -1.82 -41.15 -3.29
C ALA D 162 -2.08 -42.68 -3.32
N PRO D 163 -3.02 -43.12 -4.19
CA PRO D 163 -3.17 -44.57 -4.38
C PRO D 163 -2.02 -45.19 -5.24
N ASP D 164 -0.80 -45.01 -4.80
CA ASP D 164 0.37 -45.50 -5.51
C ASP D 164 1.40 -45.60 -4.47
N PRO D 165 2.05 -46.75 -4.37
CA PRO D 165 3.01 -46.91 -3.30
C PRO D 165 4.28 -46.11 -3.51
N VAL D 166 4.65 -45.83 -4.77
CA VAL D 166 5.92 -45.07 -5.01
C VAL D 166 5.82 -43.59 -4.68
N LEU D 167 4.80 -42.93 -5.26
CA LEU D 167 4.47 -41.54 -4.95
C LEU D 167 4.29 -41.39 -3.41
N THR D 168 3.46 -42.26 -2.83
CA THR D 168 3.13 -42.16 -1.42
C THR D 168 4.33 -42.40 -0.58
N GLY D 169 5.19 -43.35 -0.94
CA GLY D 169 6.32 -43.67 -0.14
C GLY D 169 7.42 -42.62 -0.13
N ASN D 170 7.67 -42.01 -1.29
CA ASN D 170 8.59 -40.86 -1.33
C ASN D 170 8.06 -39.63 -0.55
N MET D 171 6.75 -39.41 -0.61
CA MET D 171 6.14 -38.34 0.16
C MET D 171 6.25 -38.68 1.67
N MET D 172 6.03 -39.95 2.02
CA MET D 172 6.18 -40.38 3.42
C MET D 172 7.59 -40.08 3.88
N ALA D 173 8.54 -40.50 3.10
CA ALA D 173 9.96 -40.39 3.43
C ALA D 173 10.45 -38.94 3.63
N SER D 174 10.06 -38.05 2.73
CA SER D 174 10.50 -36.67 2.81
C SER D 174 9.82 -35.97 3.96
N THR D 175 8.54 -36.28 4.19
CA THR D 175 7.76 -35.69 5.29
C THR D 175 8.33 -36.13 6.64
N ILE D 176 8.58 -37.45 6.79
CA ILE D 176 9.19 -37.97 8.00
C ILE D 176 10.57 -37.34 8.21
N GLN D 177 11.39 -37.25 7.18
CA GLN D 177 12.73 -36.67 7.38
C GLN D 177 12.70 -35.22 7.81
N GLY D 178 11.66 -34.47 7.42
CA GLY D 178 11.49 -33.09 7.83
C GLY D 178 11.05 -33.01 9.28
N ILE D 179 10.01 -33.76 9.60
CA ILE D 179 9.51 -33.71 10.95
C ILE D 179 10.62 -34.07 11.88
N GLN D 180 11.32 -35.15 11.57
CA GLN D 180 12.32 -35.67 12.44
C GLN D 180 13.60 -34.81 12.43
N ASP D 181 13.89 -34.09 11.35
CA ASP D 181 15.00 -33.08 11.41
C ASP D 181 14.69 -31.89 12.31
N ALA D 182 13.42 -31.66 12.60
CA ALA D 182 13.04 -30.57 13.47
C ALA D 182 12.93 -31.03 14.93
N GLY D 183 13.30 -32.27 15.22
CA GLY D 183 13.43 -32.72 16.61
C GLY D 183 12.20 -33.34 17.23
N VAL D 184 11.35 -33.92 16.41
CA VAL D 184 10.09 -34.53 16.80
C VAL D 184 9.99 -35.91 16.17
N ILE D 185 9.40 -36.83 16.91
CA ILE D 185 9.23 -38.19 16.48
C ILE D 185 8.03 -38.22 15.55
N ALA D 186 8.22 -38.73 14.35
CA ALA D 186 7.11 -38.94 13.41
C ALA D 186 6.45 -40.30 13.62
N CYS D 187 5.24 -40.50 13.12
CA CYS D 187 4.52 -41.76 13.36
C CYS D 187 3.76 -42.17 12.13
N ALA D 188 4.33 -43.14 11.37
CA ALA D 188 3.72 -43.60 10.08
C ALA D 188 2.44 -44.32 10.40
N LYS D 189 1.33 -44.01 9.76
CA LYS D 189 0.09 -44.68 10.13
C LYS D 189 -0.80 -44.80 8.92
N HIS D 190 -1.88 -45.60 8.95
CA HIS D 190 -2.22 -46.58 9.97
C HIS D 190 -1.86 -47.95 9.45
N PHE D 191 -1.16 -48.75 10.28
CA PHE D 191 -0.59 -50.02 9.87
C PHE D 191 -1.54 -51.16 10.32
N ILE D 192 -2.31 -51.77 9.41
CA ILE D 192 -2.24 -51.65 7.93
C ILE D 192 -3.53 -52.23 7.37
N LEU D 193 -3.79 -51.94 6.10
CA LEU D 193 -5.05 -52.25 5.37
C LEU D 193 -6.30 -51.59 5.93
N TYR D 194 -6.09 -50.36 6.37
CA TYR D 194 -7.14 -49.50 6.89
C TYR D 194 -7.60 -48.61 5.71
N GLU D 195 -8.61 -49.08 4.99
CA GLU D 195 -8.95 -48.54 3.67
C GLU D 195 -10.38 -48.07 3.56
N GLN D 196 -11.09 -48.04 4.70
CA GLN D 196 -12.39 -47.45 4.82
C GLN D 196 -12.77 -47.24 6.29
N GLU D 197 -13.70 -46.33 6.52
CA GLU D 197 -14.17 -46.00 7.89
C GLU D 197 -15.30 -46.89 8.42
N HIS D 198 -16.24 -47.26 7.55
CA HIS D 198 -17.37 -48.08 7.93
C HIS D 198 -16.82 -49.35 8.55
N PHE D 199 -17.31 -49.59 9.76
CA PHE D 199 -17.05 -50.78 10.54
C PHE D 199 -15.64 -50.87 11.05
N ARG D 200 -14.86 -49.78 11.03
CA ARG D 200 -13.48 -49.78 11.59
C ARG D 200 -13.46 -50.16 13.09
N GLN D 201 -14.53 -49.86 13.82
CA GLN D 201 -14.68 -50.24 15.25
C GLN D 201 -15.91 -51.13 15.49
N GLY D 202 -16.26 -51.87 14.47
CA GLY D 202 -17.34 -52.83 14.56
C GLY D 202 -18.67 -52.16 14.51
N ALA D 203 -19.43 -52.37 15.58
CA ALA D 203 -20.87 -52.04 15.65
C ALA D 203 -21.12 -50.57 15.37
N GLN D 204 -22.09 -50.30 14.48
CA GLN D 204 -22.35 -48.94 13.97
C GLN D 204 -23.67 -48.98 13.18
N ASP D 205 -24.40 -47.86 13.18
CA ASP D 205 -25.65 -47.70 12.39
C ASP D 205 -26.78 -48.67 12.76
N GLY D 206 -26.81 -49.05 14.05
CA GLY D 206 -27.80 -50.00 14.57
C GLY D 206 -27.56 -51.46 14.17
N TYR D 207 -26.39 -51.76 13.61
CA TYR D 207 -26.06 -53.11 13.15
C TYR D 207 -25.36 -53.92 14.23
N ASP D 208 -25.92 -55.08 14.58
CA ASP D 208 -25.31 -56.01 15.50
C ASP D 208 -24.16 -56.72 14.78
N ILE D 209 -22.93 -56.30 15.10
CA ILE D 209 -21.72 -57.04 14.69
C ILE D 209 -20.73 -57.12 15.84
N SER D 210 -19.94 -58.17 15.86
CA SER D 210 -19.12 -58.55 17.02
C SER D 210 -17.73 -57.89 17.02
N ASP D 211 -17.27 -57.47 15.86
CA ASP D 211 -15.86 -57.10 15.67
C ASP D 211 -15.67 -56.23 14.42
N SER D 212 -14.54 -55.49 14.40
CA SER D 212 -14.20 -54.62 13.29
C SER D 212 -14.10 -55.42 12.00
N ILE D 213 -14.37 -54.74 10.92
CA ILE D 213 -14.07 -55.22 9.57
C ILE D 213 -12.66 -55.78 9.44
N SER D 214 -12.57 -56.91 8.75
CA SER D 214 -11.32 -57.57 8.47
C SER D 214 -10.92 -57.38 7.00
N ALA D 215 -9.71 -56.87 6.82
CA ALA D 215 -9.11 -56.69 5.50
C ALA D 215 -8.29 -57.92 5.17
N ASN D 216 -8.66 -58.60 4.09
CA ASN D 216 -8.04 -59.88 3.73
C ASN D 216 -7.33 -59.75 2.38
N ALA D 217 -6.02 -59.58 2.47
CA ALA D 217 -5.20 -59.39 1.33
C ALA D 217 -4.22 -60.54 1.28
N ASP D 218 -3.91 -60.97 0.05
CA ASP D 218 -2.85 -61.95 -0.16
C ASP D 218 -1.45 -61.32 -0.04
N ASP D 219 -0.48 -62.18 0.05
CA ASP D 219 0.84 -61.81 0.46
C ASP D 219 1.58 -60.90 -0.52
N LYS D 220 1.30 -61.08 -1.81
CA LYS D 220 1.91 -60.33 -2.96
C LYS D 220 1.26 -58.93 -3.05
N THR D 221 -0.05 -58.87 -2.99
CA THR D 221 -0.75 -57.62 -2.83
C THR D 221 -0.24 -56.78 -1.66
N MET D 222 -0.06 -57.40 -0.49
CA MET D 222 0.47 -56.69 0.66
C MET D 222 1.82 -56.07 0.31
N HIS D 223 2.71 -56.85 -0.30
CA HIS D 223 4.10 -56.41 -0.48
C HIS D 223 4.28 -55.41 -1.65
N GLU D 224 3.53 -55.61 -2.73
CA GLU D 224 3.66 -54.76 -3.94
C GLU D 224 2.86 -53.44 -3.87
N LEU D 225 1.97 -53.33 -2.91
CA LEU D 225 1.11 -52.18 -2.76
C LEU D 225 1.15 -51.57 -1.33
N TYR D 226 0.45 -52.18 -0.40
CA TYR D 226 0.18 -51.49 0.88
C TYR D 226 1.41 -51.31 1.76
N LEU D 227 2.36 -52.25 1.74
CA LEU D 227 3.53 -52.28 2.63
C LEU D 227 4.68 -51.42 2.18
N TRP D 228 4.74 -51.24 0.88
CA TRP D 228 5.83 -50.57 0.21
C TRP D 228 6.08 -49.16 0.76
N PRO D 229 5.02 -48.34 0.86
CA PRO D 229 5.26 -47.02 1.45
C PRO D 229 5.66 -47.09 2.93
N PHE D 230 5.18 -48.07 3.66
CA PHE D 230 5.68 -48.25 5.06
C PHE D 230 7.16 -48.64 5.14
N ALA D 231 7.61 -49.39 4.13
CA ALA D 231 8.97 -49.72 4.00
C ALA D 231 9.83 -48.46 3.73
N ASP D 232 9.38 -47.60 2.81
CA ASP D 232 10.01 -46.27 2.60
C ASP D 232 10.05 -45.45 3.93
N ALA D 233 8.95 -45.44 4.66
CA ALA D 233 8.88 -44.74 5.98
C ALA D 233 9.92 -45.27 7.00
N VAL D 234 10.00 -46.59 7.14
CA VAL D 234 11.02 -47.25 8.00
C VAL D 234 12.46 -46.94 7.55
N ARG D 235 12.68 -47.06 6.24
CA ARG D 235 13.99 -46.77 5.67
C ARG D 235 14.38 -45.31 5.83
N ALA D 236 13.40 -44.42 5.76
CA ALA D 236 13.66 -43.00 6.06
C ALA D 236 13.89 -42.65 7.56
N GLY D 237 13.82 -43.61 8.46
CA GLY D 237 14.20 -43.39 9.87
C GLY D 237 13.04 -43.10 10.79
N VAL D 238 11.80 -43.40 10.35
CA VAL D 238 10.61 -43.06 11.10
C VAL D 238 10.74 -43.70 12.49
N GLY D 239 10.42 -42.93 13.51
CA GLY D 239 10.55 -43.37 14.87
C GLY D 239 9.43 -44.27 15.32
N SER D 240 8.22 -44.10 14.81
CA SER D 240 7.09 -44.88 15.32
C SER D 240 6.16 -45.22 14.25
N VAL D 241 5.37 -46.26 14.50
CA VAL D 241 4.28 -46.69 13.61
C VAL D 241 3.04 -46.89 14.46
N MET D 242 1.90 -46.49 13.94
CA MET D 242 0.62 -46.67 14.66
C MET D 242 -0.12 -47.77 13.95
N CYS D 243 -0.52 -48.79 14.70
CA CYS D 243 -1.32 -49.88 14.19
CA CYS D 243 -1.33 -49.89 14.18
C CYS D 243 -2.80 -49.48 14.10
N SER D 244 -3.54 -50.14 13.24
CA SER D 244 -4.87 -49.69 12.85
C SER D 244 -5.99 -50.33 13.61
N TYR D 245 -7.17 -49.75 13.46
CA TYR D 245 -8.36 -50.28 14.10
C TYR D 245 -8.91 -51.56 13.48
N ASN D 246 -8.73 -51.75 12.19
CA ASN D 246 -9.34 -52.90 11.52
C ASN D 246 -8.55 -54.18 11.88
N GLN D 247 -9.18 -55.31 11.61
CA GLN D 247 -8.47 -56.58 11.56
C GLN D 247 -7.84 -56.81 10.18
N VAL D 248 -6.80 -57.63 10.16
CA VAL D 248 -6.14 -58.16 8.98
C VAL D 248 -6.19 -59.70 9.11
N ASN D 249 -6.91 -60.32 8.16
CA ASN D 249 -7.14 -61.75 8.15
C ASN D 249 -7.70 -62.20 9.48
N ASN D 250 -8.64 -61.42 10.00
CA ASN D 250 -9.36 -61.73 11.25
C ASN D 250 -8.50 -61.83 12.51
N SER D 251 -7.42 -61.03 12.55
CA SER D 251 -6.60 -60.77 13.73
C SER D 251 -6.40 -59.26 13.78
N TYR D 252 -6.84 -58.65 14.88
CA TYR D 252 -6.80 -57.21 15.03
C TYR D 252 -5.40 -56.69 14.74
N ALA D 253 -5.34 -55.60 13.99
CA ALA D 253 -4.10 -55.01 13.53
C ALA D 253 -3.15 -54.71 14.71
N CYS D 254 -3.66 -54.37 15.88
CA CYS D 254 -2.82 -54.19 17.09
C CYS D 254 -2.54 -55.45 17.93
N SER D 255 -3.04 -56.59 17.47
CA SER D 255 -2.79 -57.90 18.09
C SER D 255 -2.12 -58.89 17.08
N ASN D 256 -1.74 -58.39 15.91
CA ASN D 256 -1.42 -59.22 14.76
C ASN D 256 0.07 -59.37 14.67
N SER D 257 0.55 -60.56 15.06
CA SER D 257 1.97 -60.88 15.06
C SER D 257 2.52 -60.94 13.66
N TYR D 258 1.72 -61.37 12.68
CA TYR D 258 2.21 -61.39 11.27
C TYR D 258 2.58 -60.03 10.72
N THR D 259 1.70 -59.03 10.90
CA THR D 259 1.95 -57.71 10.40
C THR D 259 3.06 -57.05 11.22
N MET D 260 2.97 -57.13 12.56
CA MET D 260 3.90 -56.42 13.44
C MET D 260 5.22 -57.11 13.59
N ASN D 261 5.21 -58.41 13.88
CA ASN D 261 6.47 -59.18 14.00
C ASN D 261 7.12 -59.58 12.70
N LYS D 262 6.38 -60.21 11.83
CA LYS D 262 6.97 -60.62 10.54
C LYS D 262 7.22 -59.42 9.61
N LEU D 263 6.16 -58.73 9.18
CA LEU D 263 6.33 -57.72 8.10
C LEU D 263 7.11 -56.50 8.57
N LEU D 264 6.65 -55.86 9.66
CA LEU D 264 7.22 -54.62 10.10
C LEU D 264 8.57 -54.80 10.70
N LYS D 265 8.69 -55.70 11.68
CA LYS D 265 9.93 -55.79 12.47
C LYS D 265 10.96 -56.82 12.00
N SER D 266 10.55 -57.97 11.50
CA SER D 266 11.56 -58.90 10.93
C SER D 266 11.86 -58.47 9.48
N GLU D 267 10.87 -58.41 8.61
CA GLU D 267 11.16 -58.11 7.16
C GLU D 267 11.64 -56.67 6.90
N LEU D 268 10.89 -55.66 7.39
CA LEU D 268 11.25 -54.26 7.21
C LEU D 268 12.31 -53.79 8.15
N GLY D 269 12.68 -54.60 9.14
CA GLY D 269 13.77 -54.26 10.05
C GLY D 269 13.50 -53.03 10.95
N PHE D 270 12.23 -52.77 11.24
CA PHE D 270 11.87 -51.59 12.04
C PHE D 270 12.45 -51.66 13.45
N GLN D 271 13.19 -50.60 13.81
CA GLN D 271 13.91 -50.41 15.07
C GLN D 271 13.20 -49.50 16.12
N GLY D 272 12.16 -48.81 15.70
CA GLY D 272 11.36 -47.97 16.61
C GLY D 272 10.22 -48.71 17.30
N PHE D 273 9.20 -47.97 17.72
CA PHE D 273 8.11 -48.55 18.53
C PHE D 273 6.79 -48.47 17.81
N VAL D 274 5.90 -49.41 18.11
CA VAL D 274 4.58 -49.47 17.54
C VAL D 274 3.54 -49.11 18.60
N MET D 275 2.62 -48.18 18.28
CA MET D 275 1.60 -47.78 19.19
C MET D 275 0.24 -48.10 18.62
N THR D 276 -0.76 -48.21 19.49
CA THR D 276 -2.12 -48.48 19.04
C THR D 276 -2.82 -47.23 18.58
N ASP D 277 -3.79 -47.39 17.69
CA ASP D 277 -4.79 -46.34 17.52
C ASP D 277 -5.63 -46.29 18.83
N TRP D 278 -6.43 -45.21 18.96
CA TRP D 278 -7.02 -44.82 20.23
C TRP D 278 -8.23 -45.71 20.53
N GLY D 279 -8.03 -46.77 21.30
CA GLY D 279 -9.04 -47.79 21.43
C GLY D 279 -8.79 -48.97 20.50
N GLY D 280 -7.58 -49.04 19.96
CA GLY D 280 -7.16 -50.15 19.10
C GLY D 280 -6.54 -51.34 19.84
N HIS D 281 -6.35 -51.23 21.16
CA HIS D 281 -5.72 -52.28 21.99
C HIS D 281 -6.80 -53.25 22.35
N HIS D 282 -6.55 -54.54 22.22
CA HIS D 282 -7.58 -55.58 22.53
C HIS D 282 -7.11 -56.76 23.43
N SER D 283 -5.87 -56.74 23.92
CA SER D 283 -5.37 -57.77 24.79
C SER D 283 -4.10 -57.27 25.44
N GLY D 284 -3.68 -57.92 26.52
CA GLY D 284 -2.47 -57.54 27.22
C GLY D 284 -1.28 -58.36 26.78
N VAL D 285 -1.25 -59.60 27.29
CA VAL D 285 -0.16 -60.55 27.00
C VAL D 285 -0.04 -60.75 25.47
N GLY D 286 -1.15 -61.04 24.81
CA GLY D 286 -1.17 -61.39 23.41
C GLY D 286 -0.57 -60.36 22.46
N SER D 287 -0.97 -59.11 22.66
CA SER D 287 -0.49 -58.00 21.87
C SER D 287 0.96 -57.68 22.18
N ALA D 288 1.33 -57.76 23.45
CA ALA D 288 2.73 -57.54 23.84
C ALA D 288 3.66 -58.50 23.07
N LEU D 289 3.30 -59.79 23.12
CA LEU D 289 4.13 -60.81 22.52
C LEU D 289 4.04 -60.74 21.00
N ALA D 290 2.88 -60.30 20.47
CA ALA D 290 2.67 -60.08 19.04
C ALA D 290 3.39 -58.85 18.43
N GLY D 291 4.11 -58.05 19.24
CA GLY D 291 4.91 -56.91 18.73
C GLY D 291 4.50 -55.46 19.01
N LEU D 292 3.42 -55.30 19.77
CA LEU D 292 2.95 -53.97 20.24
C LEU D 292 3.84 -53.40 21.34
N ASP D 293 4.14 -52.09 21.27
CA ASP D 293 5.03 -51.42 22.24
C ASP D 293 4.41 -50.34 23.11
N MET D 294 3.33 -49.72 22.67
CA MET D 294 2.71 -48.64 23.40
C MET D 294 1.19 -48.68 23.25
N SER D 295 0.49 -48.58 24.39
CA SER D 295 -0.99 -48.60 24.42
C SER D 295 -1.53 -47.16 24.61
N MET D 296 -2.34 -46.72 23.63
CA MET D 296 -2.92 -45.38 23.58
C MET D 296 -4.44 -45.44 23.45
N PRO D 297 -5.19 -44.65 24.26
CA PRO D 297 -4.74 -43.70 25.25
C PRO D 297 -4.36 -44.33 26.58
N GLY D 298 -4.46 -45.64 26.69
CA GLY D 298 -3.89 -46.41 27.80
C GLY D 298 -4.88 -47.31 28.51
N ASP D 299 -6.16 -46.97 28.39
CA ASP D 299 -7.21 -47.74 29.03
C ASP D 299 -7.88 -48.68 28.00
N ILE D 300 -8.77 -49.53 28.49
CA ILE D 300 -9.39 -50.54 27.62
C ILE D 300 -10.45 -49.92 26.76
N ALA D 301 -11.35 -49.18 27.41
CA ALA D 301 -12.32 -48.26 26.85
C ALA D 301 -11.98 -46.89 27.44
N PHE D 302 -12.54 -45.82 26.86
CA PHE D 302 -12.23 -44.47 27.33
C PHE D 302 -12.75 -44.24 28.76
N ASP D 303 -11.82 -43.88 29.65
CA ASP D 303 -12.08 -43.66 31.08
C ASP D 303 -12.74 -44.84 31.77
N SER D 304 -12.31 -46.03 31.35
CA SER D 304 -12.82 -47.27 31.90
C SER D 304 -12.19 -47.56 33.27
N GLY D 305 -11.00 -46.99 33.53
CA GLY D 305 -10.27 -47.26 34.75
C GLY D 305 -9.46 -48.54 34.74
N THR D 306 -9.42 -49.18 33.58
CA THR D 306 -8.81 -50.49 33.41
C THR D 306 -7.94 -50.38 32.19
N SER D 307 -6.92 -51.23 32.17
CA SER D 307 -5.92 -51.28 31.12
C SER D 307 -5.51 -52.73 30.85
N PHE D 308 -5.24 -53.05 29.57
CA PHE D 308 -4.65 -54.33 29.20
C PHE D 308 -3.19 -54.40 29.64
N TRP D 309 -2.55 -53.24 29.73
CA TRP D 309 -1.22 -53.11 30.30
C TRP D 309 -1.34 -52.30 31.59
N GLY D 310 -0.49 -51.31 31.80
CA GLY D 310 -0.46 -50.69 33.10
C GLY D 310 -0.18 -51.76 34.13
N THR D 311 -0.92 -51.71 35.23
CA THR D 311 -0.90 -52.72 36.28
C THR D 311 -0.88 -54.16 35.80
N ASN D 312 -1.73 -54.49 34.85
CA ASN D 312 -1.69 -55.77 34.12
C ASN D 312 -0.33 -56.16 33.48
N LEU D 313 0.42 -55.18 33.00
CA LEU D 313 1.72 -55.48 32.39
C LEU D 313 2.73 -55.72 33.46
N THR D 314 2.72 -54.91 34.50
CA THR D 314 3.54 -55.21 35.68
C THR D 314 3.32 -56.65 36.17
N VAL D 315 2.07 -57.04 36.39
CA VAL D 315 1.75 -58.39 36.87
C VAL D 315 2.18 -59.48 35.87
N ALA D 316 1.89 -59.27 34.60
CA ALA D 316 2.37 -60.18 33.52
C ALA D 316 3.87 -60.39 33.52
N VAL D 317 4.65 -59.37 33.78
CA VAL D 317 6.08 -59.58 33.84
C VAL D 317 6.43 -60.29 35.15
N LEU D 318 5.83 -59.87 36.25
CA LEU D 318 6.15 -60.49 37.55
C LEU D 318 5.73 -61.97 37.62
N ASN D 319 4.63 -62.34 36.99
CA ASN D 319 4.17 -63.72 37.06
C ASN D 319 4.79 -64.64 35.98
N GLY D 320 5.75 -64.15 35.19
CA GLY D 320 6.41 -64.96 34.18
C GLY D 320 5.73 -65.07 32.80
N SER D 321 4.50 -64.63 32.67
CA SER D 321 3.79 -64.76 31.38
C SER D 321 4.44 -63.96 30.23
N ILE D 322 5.13 -62.85 30.55
CA ILE D 322 5.84 -62.03 29.56
C ILE D 322 7.29 -61.93 30.01
N PRO D 323 8.25 -62.42 29.20
CA PRO D 323 9.67 -62.25 29.51
C PRO D 323 10.07 -60.81 29.78
N GLU D 324 11.07 -60.62 30.63
CA GLU D 324 11.60 -59.32 30.91
C GLU D 324 12.16 -58.70 29.63
N TRP D 325 12.78 -59.50 28.74
CA TRP D 325 13.34 -58.95 27.48
C TRP D 325 12.32 -58.28 26.59
N ARG D 326 11.04 -58.65 26.67
CA ARG D 326 10.02 -58.08 25.79
C ARG D 326 9.70 -56.65 26.20
N VAL D 327 9.32 -56.48 27.44
CA VAL D 327 9.02 -55.19 28.01
C VAL D 327 10.24 -54.29 28.00
N ASP D 328 11.42 -54.87 28.21
CA ASP D 328 12.63 -54.07 28.10
C ASP D 328 12.80 -53.55 26.64
N ASP D 329 12.35 -54.35 25.67
CA ASP D 329 12.45 -54.02 24.26
C ASP D 329 11.39 -52.96 23.85
N MET D 330 10.18 -53.08 24.39
CA MET D 330 9.16 -51.97 24.38
C MET D 330 9.79 -50.65 24.85
N ALA D 331 10.37 -50.59 26.04
CA ALA D 331 11.02 -49.39 26.54
C ALA D 331 12.18 -48.91 25.71
N VAL D 332 13.00 -49.83 25.22
CA VAL D 332 14.19 -49.45 24.45
C VAL D 332 13.82 -48.83 23.14
N ARG D 333 12.80 -49.39 22.50
CA ARG D 333 12.38 -48.98 21.16
C ARG D 333 11.75 -47.57 21.24
N ILE D 334 10.93 -47.36 22.26
CA ILE D 334 10.35 -46.04 22.59
C ILE D 334 11.49 -45.03 22.75
N MET D 335 12.46 -45.33 23.60
CA MET D 335 13.55 -44.36 23.92
C MET D 335 14.57 -44.21 22.79
N SER D 336 14.64 -45.22 21.93
CA SER D 336 15.46 -45.16 20.73
C SER D 336 14.92 -44.08 19.79
N ALA D 337 13.60 -44.05 19.59
CA ALA D 337 12.94 -42.97 18.81
C ALA D 337 13.21 -41.60 19.38
N TYR D 338 13.09 -41.53 20.70
CA TYR D 338 13.32 -40.30 21.47
C TYR D 338 14.74 -39.75 21.24
N TYR D 339 15.73 -40.61 21.38
CA TYR D 339 17.10 -40.19 21.18
C TYR D 339 17.44 -40.06 19.69
N LYS D 340 16.73 -40.74 18.80
CA LYS D 340 17.05 -40.66 17.36
C LYS D 340 16.86 -39.24 16.78
N VAL D 341 15.74 -38.62 17.16
CA VAL D 341 15.38 -37.30 16.68
C VAL D 341 15.98 -36.23 17.57
N GLY D 342 16.62 -36.64 18.66
CA GLY D 342 17.21 -35.69 19.61
C GLY D 342 16.24 -34.98 20.55
N ARG D 343 15.20 -35.67 21.02
CA ARG D 343 14.33 -35.08 22.08
C ARG D 343 15.12 -34.62 23.29
N ASP D 344 16.18 -35.32 23.63
CA ASP D 344 17.02 -34.85 24.68
C ASP D 344 17.63 -33.45 24.44
N ARG D 345 17.75 -33.00 23.18
CA ARG D 345 18.21 -31.63 22.80
C ARG D 345 17.11 -30.59 22.71
N TYR D 346 15.98 -31.00 22.18
CA TYR D 346 14.93 -30.10 21.70
C TYR D 346 13.71 -30.03 22.60
N SER D 347 13.69 -30.84 23.66
CA SER D 347 12.62 -30.90 24.66
C SER D 347 12.32 -29.56 25.25
N VAL D 348 11.03 -29.23 25.28
CA VAL D 348 10.53 -28.10 26.07
C VAL D 348 9.31 -28.62 26.82
N PRO D 349 9.01 -28.04 27.98
CA PRO D 349 7.81 -28.55 28.67
C PRO D 349 6.53 -28.37 27.86
N ILE D 350 5.57 -29.26 28.04
CA ILE D 350 4.29 -29.12 27.36
C ILE D 350 3.65 -27.77 27.77
N ASN D 351 3.16 -27.00 26.80
CA ASN D 351 2.66 -25.64 27.10
C ASN D 351 1.24 -25.41 26.63
N PHE D 352 0.48 -26.49 26.44
CA PHE D 352 -0.88 -26.39 25.92
C PHE D 352 -1.73 -27.51 26.42
N ASP D 353 -3.00 -27.52 26.04
CA ASP D 353 -3.92 -28.54 26.50
C ASP D 353 -4.89 -28.89 25.37
N SER D 354 -5.09 -30.18 25.13
CA SER D 354 -5.87 -30.64 23.98
C SER D 354 -7.36 -30.56 24.19
N TRP D 355 -7.79 -30.37 25.43
CA TRP D 355 -9.20 -30.57 25.81
C TRP D 355 -9.98 -29.25 25.94
N THR D 356 -9.25 -28.15 26.11
CA THR D 356 -9.81 -26.81 26.26
C THR D 356 -8.77 -25.77 25.88
N LEU D 357 -9.24 -24.62 25.43
CA LEU D 357 -8.39 -23.46 25.22
C LEU D 357 -8.21 -22.53 26.41
N ASP D 358 -8.93 -22.78 27.52
CA ASP D 358 -8.83 -21.91 28.71
C ASP D 358 -7.42 -21.96 29.27
N THR D 359 -7.01 -20.83 29.80
CA THR D 359 -5.70 -20.69 30.39
C THR D 359 -5.58 -21.56 31.64
N TYR D 360 -6.65 -21.63 32.42
CA TYR D 360 -6.66 -22.46 33.63
C TYR D 360 -7.68 -23.51 33.53
N GLY D 361 -7.31 -24.68 34.04
CA GLY D 361 -8.23 -25.78 34.06
C GLY D 361 -7.59 -26.99 34.73
N PRO D 362 -8.31 -28.12 34.72
CA PRO D 362 -7.81 -29.37 35.28
C PRO D 362 -6.75 -30.12 34.43
N GLU D 363 -5.66 -30.53 35.05
CA GLU D 363 -4.72 -31.47 34.43
C GLU D 363 -5.42 -32.75 34.01
N HIS D 364 -6.30 -33.25 34.87
CA HIS D 364 -6.96 -34.52 34.66
C HIS D 364 -8.35 -34.17 34.19
N TYR D 365 -8.39 -33.78 32.92
CA TYR D 365 -9.61 -33.29 32.35
C TYR D 365 -10.75 -34.25 32.53
N ALA D 366 -10.52 -35.55 32.36
CA ALA D 366 -11.61 -36.55 32.31
C ALA D 366 -12.46 -36.58 33.56
N VAL D 367 -11.83 -36.27 34.70
CA VAL D 367 -12.51 -36.34 36.03
C VAL D 367 -12.49 -35.01 36.84
N GLY D 368 -12.36 -33.90 36.11
CA GLY D 368 -12.33 -32.54 36.65
C GLY D 368 -11.39 -32.30 37.81
N GLN D 369 -10.16 -32.81 37.76
CA GLN D 369 -9.20 -32.71 38.89
C GLN D 369 -7.85 -32.07 38.54
N GLY D 370 -7.16 -31.58 39.56
CA GLY D 370 -5.80 -31.03 39.42
C GLY D 370 -5.73 -29.68 38.70
N GLN D 371 -6.48 -28.68 39.20
CA GLN D 371 -6.47 -27.28 38.67
C GLN D 371 -5.05 -26.70 38.54
N THR D 372 -4.78 -26.09 37.39
CA THR D 372 -3.45 -25.52 37.12
C THR D 372 -3.44 -24.73 35.80
N LYS D 373 -2.28 -24.15 35.50
CA LYS D 373 -2.15 -23.41 34.24
C LYS D 373 -1.82 -24.37 33.11
N ILE D 374 -2.80 -24.64 32.27
CA ILE D 374 -2.69 -25.68 31.22
C ILE D 374 -2.49 -25.17 29.80
N ASN D 375 -2.76 -23.88 29.57
CA ASN D 375 -2.45 -23.26 28.28
C ASN D 375 -1.59 -22.00 28.45
N GLU D 376 -0.37 -22.04 27.91
CA GLU D 376 0.51 -20.86 27.89
C GLU D 376 0.34 -20.03 26.61
N HIS D 377 -0.45 -20.48 25.65
CA HIS D 377 -0.79 -19.72 24.42
C HIS D 377 0.47 -19.29 23.66
N VAL D 378 1.31 -20.24 23.36
CA VAL D 378 2.59 -19.99 22.70
C VAL D 378 2.38 -19.98 21.17
N ASP D 379 2.87 -18.95 20.52
CA ASP D 379 2.73 -18.82 19.09
C ASP D 379 3.89 -19.58 18.43
N VAL D 380 3.55 -20.65 17.71
CA VAL D 380 4.58 -21.44 17.02
C VAL D 380 4.60 -21.29 15.51
N ARG D 381 3.88 -20.30 14.98
CA ARG D 381 3.65 -20.20 13.56
C ARG D 381 4.86 -19.75 12.74
N GLY D 382 5.78 -19.01 13.35
CA GLY D 382 6.89 -18.40 12.65
C GLY D 382 6.61 -17.94 11.21
N ASN D 383 7.36 -18.49 10.28
CA ASN D 383 7.21 -18.09 8.93
C ASN D 383 6.47 -19.16 8.15
N HIS D 384 5.79 -20.07 8.84
CA HIS D 384 5.28 -21.26 8.20
C HIS D 384 4.26 -20.96 7.15
N ALA D 385 3.68 -19.78 7.18
CA ALA D 385 2.70 -19.45 6.17
C ALA D 385 3.27 -19.56 4.75
N GLU D 386 4.56 -19.25 4.61
CA GLU D 386 5.19 -19.16 3.31
C GLU D 386 5.11 -20.54 2.60
N ILE D 387 5.51 -21.59 3.32
CA ILE D 387 5.46 -22.96 2.78
C ILE D 387 4.01 -23.47 2.53
N ILE D 388 3.08 -23.02 3.37
CA ILE D 388 1.65 -23.35 3.20
C ILE D 388 1.11 -22.76 1.94
N HIS D 389 1.46 -21.50 1.72
CA HIS D 389 1.16 -20.82 0.46
C HIS D 389 1.85 -21.48 -0.74
N GLU D 390 3.14 -21.79 -0.62
CA GLU D 390 3.89 -22.43 -1.76
C GLU D 390 3.25 -23.76 -2.17
N ILE D 391 3.03 -24.65 -1.19
CA ILE D 391 2.39 -25.96 -1.42
C ILE D 391 0.99 -25.82 -1.98
N GLY D 392 0.19 -24.94 -1.37
CA GLY D 392 -1.16 -24.66 -1.84
C GLY D 392 -1.18 -24.33 -3.33
N ALA D 393 -0.22 -23.53 -3.78
CA ALA D 393 -0.23 -23.09 -5.15
C ALA D 393 0.31 -24.17 -6.02
N ALA D 394 1.46 -24.74 -5.63
CA ALA D 394 2.12 -25.81 -6.43
C ALA D 394 1.32 -27.14 -6.57
N SER D 395 0.33 -27.34 -5.69
CA SER D 395 -0.57 -28.51 -5.68
C SER D 395 -1.80 -28.41 -6.51
N ALA D 396 -2.20 -27.20 -6.88
CA ALA D 396 -3.33 -27.01 -7.76
C ALA D 396 -3.05 -27.74 -9.08
N VAL D 397 -4.08 -28.35 -9.65
CA VAL D 397 -3.91 -29.12 -10.88
C VAL D 397 -4.76 -28.51 -12.00
N LEU D 398 -4.15 -28.16 -13.11
CA LEU D 398 -4.91 -27.61 -14.23
C LEU D 398 -5.40 -28.75 -15.08
N LEU D 399 -6.63 -29.18 -14.90
CA LEU D 399 -7.17 -30.32 -15.65
C LEU D 399 -7.59 -29.95 -17.05
N LYS D 400 -8.19 -28.76 -17.22
CA LYS D 400 -8.66 -28.27 -18.53
C LYS D 400 -8.29 -26.80 -18.68
N ASN D 401 -7.92 -26.38 -19.89
CA ASN D 401 -7.62 -24.99 -20.18
C ASN D 401 -7.72 -24.76 -21.69
N LYS D 402 -8.83 -24.14 -22.11
CA LYS D 402 -9.03 -23.69 -23.48
C LYS D 402 -8.74 -22.23 -23.55
N GLY D 403 -7.90 -21.68 -22.69
CA GLY D 403 -7.67 -20.22 -22.66
C GLY D 403 -8.32 -19.44 -21.51
N GLY D 404 -8.96 -20.13 -20.57
CA GLY D 404 -9.55 -19.50 -19.37
C GLY D 404 -8.49 -18.97 -18.43
N LEU D 405 -7.39 -19.72 -18.30
CA LEU D 405 -6.26 -19.33 -17.46
C LEU D 405 -4.95 -19.22 -18.24
N PRO D 406 -3.98 -18.42 -17.78
CA PRO D 406 -3.99 -17.54 -16.63
C PRO D 406 -4.99 -16.44 -16.89
N LEU D 407 -5.40 -15.78 -15.82
CA LEU D 407 -6.09 -14.50 -15.93
C LEU D 407 -5.07 -13.42 -16.32
N THR D 408 -5.54 -12.43 -17.07
CA THR D 408 -4.71 -11.39 -17.64
C THR D 408 -4.36 -10.23 -16.70
N GLY D 409 -5.26 -9.92 -15.77
CA GLY D 409 -5.15 -8.70 -14.95
C GLY D 409 -5.70 -7.42 -15.56
N THR D 410 -6.50 -7.55 -16.60
CA THR D 410 -7.20 -6.47 -17.30
C THR D 410 -8.72 -6.76 -17.42
N GLU D 411 -9.23 -7.83 -16.79
CA GLU D 411 -10.66 -8.12 -16.90
C GLU D 411 -11.45 -7.00 -16.15
N ARG D 412 -12.56 -6.57 -16.74
CA ARG D 412 -13.29 -5.41 -16.22
C ARG D 412 -14.34 -5.77 -15.18
N PHE D 413 -14.77 -7.03 -15.16
CA PHE D 413 -15.82 -7.46 -14.24
C PHE D 413 -15.72 -8.99 -14.07
N VAL D 414 -15.23 -9.39 -12.90
CA VAL D 414 -15.04 -10.75 -12.49
C VAL D 414 -16.11 -11.15 -11.49
N GLY D 415 -16.77 -12.26 -11.77
CA GLY D 415 -17.78 -12.81 -10.86
C GLY D 415 -17.19 -14.03 -10.20
N VAL D 416 -17.48 -14.19 -8.91
CA VAL D 416 -17.12 -15.35 -8.11
C VAL D 416 -18.42 -15.93 -7.71
N PHE D 417 -18.61 -17.22 -7.95
CA PHE D 417 -19.90 -17.91 -7.76
C PHE D 417 -19.68 -19.19 -6.97
N GLY D 418 -20.45 -19.39 -5.91
CA GLY D 418 -20.53 -20.67 -5.24
C GLY D 418 -20.20 -20.54 -3.79
N LYS D 419 -20.93 -21.26 -2.94
CA LYS D 419 -20.68 -21.25 -1.51
C LYS D 419 -19.23 -21.70 -1.14
N ASP D 420 -18.63 -22.57 -1.95
CA ASP D 420 -17.22 -22.93 -1.77
C ASP D 420 -16.22 -21.77 -1.99
N ALA D 421 -16.68 -20.62 -2.47
CA ALA D 421 -15.85 -19.42 -2.53
C ALA D 421 -15.73 -18.69 -1.21
N GLY D 422 -16.71 -18.88 -0.30
CA GLY D 422 -16.87 -18.07 0.88
C GLY D 422 -16.38 -18.68 2.19
N SER D 423 -16.67 -18.00 3.30
CA SER D 423 -16.28 -18.43 4.67
C SER D 423 -17.41 -19.16 5.38
N ASN D 424 -17.03 -19.96 6.38
CA ASN D 424 -17.97 -20.63 7.28
C ASN D 424 -18.61 -19.54 8.13
N PRO D 425 -19.93 -19.42 8.08
CA PRO D 425 -20.55 -18.35 8.85
C PRO D 425 -20.50 -18.60 10.34
N TRP D 426 -20.11 -19.79 10.79
CA TRP D 426 -19.86 -20.10 12.22
C TRP D 426 -18.44 -19.78 12.73
N GLY D 427 -17.61 -19.19 11.90
CA GLY D 427 -16.21 -18.94 12.26
C GLY D 427 -15.37 -20.07 11.72
N VAL D 428 -14.07 -19.82 11.63
CA VAL D 428 -13.19 -20.76 10.95
C VAL D 428 -13.02 -22.07 11.72
N ASN D 429 -13.12 -22.02 13.04
CA ASN D 429 -13.04 -23.20 13.87
C ASN D 429 -14.36 -23.44 14.57
N GLY D 430 -15.44 -23.10 13.91
CA GLY D 430 -16.74 -23.13 14.60
C GLY D 430 -17.47 -24.45 14.62
N CYS D 431 -17.01 -25.41 13.80
CA CYS D 431 -17.57 -26.76 13.79
C CYS D 431 -16.55 -27.66 14.46
N SER D 432 -17.01 -28.56 15.31
CA SER D 432 -16.08 -29.43 16.04
C SER D 432 -15.34 -30.35 15.05
N ASP D 433 -14.02 -30.33 15.11
CA ASP D 433 -13.20 -31.18 14.26
C ASP D 433 -13.40 -30.98 12.75
N ARG D 434 -13.77 -29.74 12.37
CA ARG D 434 -14.16 -29.37 11.05
C ARG D 434 -15.31 -30.25 10.52
N GLY D 435 -16.20 -30.70 11.41
CA GLY D 435 -17.34 -31.54 11.03
C GLY D 435 -18.55 -30.84 10.37
N CYS D 436 -18.32 -30.19 9.23
CA CYS D 436 -19.32 -29.44 8.42
C CYS D 436 -18.72 -29.02 7.09
N ASP D 437 -19.56 -28.57 6.18
CA ASP D 437 -19.14 -28.04 4.88
C ASP D 437 -19.99 -26.83 4.56
N ASN D 438 -19.69 -25.76 5.26
CA ASN D 438 -20.46 -24.50 5.26
C ASN D 438 -19.83 -23.38 4.42
N GLY D 439 -18.62 -23.56 3.91
CA GLY D 439 -18.03 -22.59 3.01
C GLY D 439 -16.99 -23.20 2.08
N THR D 440 -15.87 -22.52 1.96
CA THR D 440 -14.79 -23.08 1.23
C THR D 440 -14.27 -24.27 1.99
N LEU D 441 -13.73 -25.22 1.27
CA LEU D 441 -13.12 -26.39 1.89
C LEU D 441 -11.59 -26.33 1.83
N ALA D 442 -10.98 -26.29 3.01
CA ALA D 442 -9.53 -26.20 3.12
C ALA D 442 -8.90 -27.38 3.84
N MET D 443 -9.75 -28.28 4.34
CA MET D 443 -9.39 -29.33 5.28
C MET D 443 -10.62 -30.18 5.51
N GLY D 444 -10.42 -31.49 5.66
CA GLY D 444 -11.56 -32.42 5.87
C GLY D 444 -11.84 -32.53 7.37
N TRP D 445 -12.70 -33.46 7.80
CA TRP D 445 -13.02 -33.63 9.24
C TRP D 445 -12.42 -34.84 9.96
N GLY D 446 -12.45 -34.76 11.29
CA GLY D 446 -12.01 -35.81 12.20
C GLY D 446 -10.71 -35.44 12.91
N SER D 447 -9.87 -36.46 13.13
CA SER D 447 -8.66 -36.32 13.93
C SER D 447 -7.51 -35.74 13.13
N GLY D 448 -7.60 -35.80 11.81
CA GLY D 448 -6.54 -35.33 10.93
C GLY D 448 -6.57 -33.84 10.64
N THR D 449 -6.96 -33.04 11.65
CA THR D 449 -7.28 -31.66 11.50
C THR D 449 -6.42 -30.80 12.44
N ALA D 450 -6.64 -29.49 12.35
CA ALA D 450 -6.11 -28.52 13.28
C ALA D 450 -7.02 -27.29 13.29
N ASN D 451 -6.77 -26.38 14.22
CA ASN D 451 -7.49 -25.14 14.27
C ASN D 451 -6.76 -24.13 13.41
N PHE D 452 -7.53 -23.36 12.67
CA PHE D 452 -6.98 -22.34 11.79
C PHE D 452 -6.74 -21.06 12.60
N PRO D 453 -5.64 -20.34 12.29
CA PRO D 453 -5.45 -18.99 12.79
C PRO D 453 -6.29 -17.99 11.98
N TYR D 454 -6.74 -18.42 10.81
CA TYR D 454 -7.58 -17.63 9.91
C TYR D 454 -7.75 -18.50 8.71
N LEU D 455 -8.67 -18.12 7.83
CA LEU D 455 -8.76 -18.75 6.54
C LEU D 455 -9.08 -17.68 5.48
N VAL D 456 -8.11 -17.45 4.60
CA VAL D 456 -8.23 -16.52 3.49
C VAL D 456 -8.96 -17.26 2.41
N THR D 457 -10.20 -16.89 2.21
CA THR D 457 -11.07 -17.58 1.30
C THR D 457 -10.74 -17.21 -0.13
N PRO D 458 -11.23 -18.01 -1.08
CA PRO D 458 -11.12 -17.57 -2.51
C PRO D 458 -11.77 -16.20 -2.79
N GLU D 459 -12.93 -15.92 -2.22
CA GLU D 459 -13.62 -14.64 -2.45
C GLU D 459 -12.81 -13.44 -1.93
N GLN D 460 -12.21 -13.56 -0.76
CA GLN D 460 -11.37 -12.49 -0.19
C GLN D 460 -10.15 -12.20 -1.07
N ALA D 461 -9.42 -13.24 -1.43
CA ALA D 461 -8.20 -13.08 -2.16
C ALA D 461 -8.48 -12.62 -3.57
N ILE D 462 -9.48 -13.19 -4.24
CA ILE D 462 -9.81 -12.79 -5.60
C ILE D 462 -10.30 -11.34 -5.66
N GLN D 463 -11.20 -10.98 -4.76
CA GLN D 463 -11.67 -9.61 -4.69
C GLN D 463 -10.48 -8.65 -4.53
N ARG D 464 -9.60 -8.93 -3.58
CA ARG D 464 -8.42 -8.08 -3.35
C ARG D 464 -7.59 -7.93 -4.65
N GLU D 465 -7.21 -9.02 -5.28
CA GLU D 465 -6.44 -8.99 -6.53
C GLU D 465 -7.12 -8.19 -7.65
N VAL D 466 -8.41 -8.49 -7.86
CA VAL D 466 -9.18 -7.87 -8.89
C VAL D 466 -9.27 -6.38 -8.69
N LEU D 467 -9.58 -5.94 -7.49
CA LEU D 467 -9.66 -4.53 -7.19
C LEU D 467 -8.28 -3.83 -7.31
N SER D 468 -7.17 -4.50 -6.97
CA SER D 468 -5.86 -3.85 -7.15
C SER D 468 -5.52 -3.60 -8.65
N ARG D 469 -6.23 -4.24 -9.58
CA ARG D 469 -6.06 -4.03 -11.03
C ARG D 469 -7.25 -3.26 -11.67
N ASN D 470 -7.97 -2.56 -10.81
CA ASN D 470 -9.17 -1.76 -11.14
C ASN D 470 -10.34 -2.49 -11.79
N GLY D 471 -10.43 -3.80 -11.59
CA GLY D 471 -11.64 -4.52 -11.95
C GLY D 471 -12.82 -4.34 -11.01
N THR D 472 -14.02 -4.59 -11.54
CA THR D 472 -15.19 -4.69 -10.70
C THR D 472 -15.46 -6.14 -10.33
N PHE D 473 -16.24 -6.33 -9.28
CA PHE D 473 -16.34 -7.61 -8.61
C PHE D 473 -17.74 -7.82 -8.05
N THR D 474 -18.26 -9.03 -8.16
CA THR D 474 -19.27 -9.51 -7.27
C THR D 474 -19.00 -10.95 -6.85
N GLY D 475 -19.55 -11.30 -5.69
CA GLY D 475 -19.37 -12.57 -5.02
C GLY D 475 -20.73 -13.11 -4.60
N ILE D 476 -21.20 -14.14 -5.29
CA ILE D 476 -22.46 -14.80 -4.97
C ILE D 476 -22.26 -16.19 -4.40
N THR D 477 -22.52 -16.35 -3.10
CA THR D 477 -22.27 -17.59 -2.35
C THR D 477 -23.53 -18.35 -1.86
N ASP D 478 -24.71 -17.83 -2.06
CA ASP D 478 -25.92 -18.65 -1.87
C ASP D 478 -26.10 -19.46 -3.14
N ASN D 479 -25.98 -20.78 -3.05
CA ASN D 479 -26.13 -21.65 -4.23
C ASN D 479 -27.57 -21.83 -4.72
N GLY D 480 -28.52 -21.34 -3.95
CA GLY D 480 -29.92 -21.25 -4.39
C GLY D 480 -30.26 -19.99 -5.14
N ALA D 481 -29.37 -19.00 -5.17
CA ALA D 481 -29.67 -17.72 -5.81
C ALA D 481 -29.33 -17.76 -7.30
N LEU D 482 -30.04 -18.60 -8.06
CA LEU D 482 -29.65 -18.92 -9.45
C LEU D 482 -29.97 -17.79 -10.41
N ALA D 483 -31.14 -17.18 -10.29
CA ALA D 483 -31.47 -15.99 -11.04
C ALA D 483 -30.43 -14.88 -10.87
N GLU D 484 -29.95 -14.70 -9.65
CA GLU D 484 -28.98 -13.65 -9.38
C GLU D 484 -27.65 -13.97 -10.10
N MET D 485 -27.30 -15.25 -10.03
CA MET D 485 -26.11 -15.79 -10.65
C MET D 485 -26.14 -15.68 -12.19
N ALA D 486 -27.27 -16.08 -12.78
CA ALA D 486 -27.46 -15.96 -14.21
C ALA D 486 -27.32 -14.52 -14.69
N ALA D 487 -27.85 -13.56 -13.91
CA ALA D 487 -27.82 -12.16 -14.33
C ALA D 487 -26.40 -11.62 -14.27
N ALA D 488 -25.75 -11.75 -13.11
CA ALA D 488 -24.32 -11.42 -12.96
C ALA D 488 -23.40 -12.18 -13.98
N ALA D 489 -23.68 -13.46 -14.22
CA ALA D 489 -22.88 -14.19 -15.17
C ALA D 489 -23.03 -13.65 -16.61
N SER D 490 -24.19 -13.05 -16.94
CA SER D 490 -24.41 -12.37 -18.27
C SER D 490 -23.51 -11.17 -18.51
N GLN D 491 -23.13 -10.54 -17.41
CA GLN D 491 -22.50 -9.23 -17.45
C GLN D 491 -20.99 -9.36 -17.28
N ALA D 492 -20.52 -10.44 -16.64
CA ALA D 492 -19.08 -10.56 -16.33
C ALA D 492 -18.33 -11.01 -17.55
N ASP D 493 -17.05 -10.65 -17.58
CA ASP D 493 -16.17 -11.18 -18.61
C ASP D 493 -15.36 -12.43 -18.17
N THR D 494 -15.42 -12.75 -16.88
CA THR D 494 -14.85 -13.95 -16.30
C THR D 494 -15.69 -14.35 -15.11
N CYS D 495 -16.11 -15.62 -15.10
CA CYS D 495 -16.86 -16.23 -14.02
C CYS D 495 -16.06 -17.37 -13.36
N LEU D 496 -15.68 -17.21 -12.09
CA LEU D 496 -14.95 -18.21 -11.36
C LEU D 496 -15.95 -18.94 -10.50
N VAL D 497 -16.22 -20.21 -10.82
CA VAL D 497 -17.19 -21.05 -10.06
C VAL D 497 -16.51 -22.05 -9.16
N PHE D 498 -16.93 -22.07 -7.90
CA PHE D 498 -16.33 -22.93 -6.88
C PHE D 498 -17.26 -24.04 -6.43
N ALA D 499 -16.71 -25.28 -6.38
CA ALA D 499 -17.42 -26.43 -5.82
C ALA D 499 -16.49 -27.36 -5.03
N ASN D 500 -17.07 -28.01 -4.01
CA ASN D 500 -16.36 -28.94 -3.20
C ASN D 500 -17.08 -30.26 -2.90
N ALA D 501 -16.28 -31.17 -2.29
CA ALA D 501 -16.73 -32.46 -1.77
C ALA D 501 -15.87 -32.80 -0.60
N ASP D 502 -16.50 -33.19 0.50
CA ASP D 502 -15.88 -33.35 1.82
C ASP D 502 -15.95 -34.81 2.26
N SER D 503 -15.11 -35.14 3.23
CA SER D 503 -15.16 -36.48 3.86
C SER D 503 -14.30 -36.47 5.11
N GLY D 504 -14.35 -37.57 5.84
CA GLY D 504 -13.58 -37.62 7.04
C GLY D 504 -13.62 -38.86 7.86
N GLU D 505 -13.16 -38.72 9.10
CA GLU D 505 -13.08 -39.83 10.01
C GLU D 505 -14.51 -40.22 10.37
N GLY D 506 -14.72 -41.51 10.54
CA GLY D 506 -16.06 -42.07 10.67
C GLY D 506 -16.81 -41.89 11.97
N TYR D 507 -16.21 -41.35 13.02
CA TYR D 507 -17.00 -40.94 14.19
C TYR D 507 -17.81 -39.64 13.99
N ILE D 508 -17.65 -38.96 12.84
CA ILE D 508 -18.47 -37.80 12.50
C ILE D 508 -19.22 -38.07 11.18
N THR D 509 -20.52 -37.80 11.21
CA THR D 509 -21.39 -37.90 10.05
C THR D 509 -21.83 -36.51 9.62
N VAL D 510 -21.74 -36.24 8.32
CA VAL D 510 -22.26 -35.00 7.77
C VAL D 510 -23.19 -35.33 6.65
N ASP D 511 -24.46 -34.95 6.81
CA ASP D 511 -25.49 -35.14 5.76
C ASP D 511 -25.43 -36.56 5.18
N GLY D 512 -25.54 -37.54 6.06
CA GLY D 512 -25.45 -38.98 5.70
C GLY D 512 -24.10 -39.52 5.22
N ASN D 513 -23.03 -38.71 5.29
CA ASN D 513 -21.70 -39.15 4.98
C ASN D 513 -21.04 -39.49 6.29
N GLU D 514 -20.85 -40.78 6.52
CA GLU D 514 -20.42 -41.31 7.78
C GLU D 514 -18.94 -41.59 7.72
N GLY D 515 -18.16 -40.49 7.66
CA GLY D 515 -16.75 -40.52 7.39
C GLY D 515 -16.61 -40.70 5.88
N ASP D 516 -16.72 -41.95 5.45
CA ASP D 516 -16.75 -42.30 4.05
C ASP D 516 -17.81 -41.42 3.36
N ARG D 517 -17.57 -41.12 2.10
CA ARG D 517 -18.50 -40.33 1.31
C ARG D 517 -19.60 -41.26 0.81
N LYS D 518 -20.86 -40.82 0.81
CA LYS D 518 -21.98 -41.64 0.28
C LYS D 518 -22.11 -41.58 -1.27
N ASN D 519 -21.37 -40.65 -1.89
CA ASN D 519 -21.25 -40.59 -3.34
C ASN D 519 -19.96 -39.92 -3.77
N LEU D 520 -19.79 -39.81 -5.08
CA LEU D 520 -18.60 -39.25 -5.66
C LEU D 520 -18.90 -37.96 -6.44
N THR D 521 -19.92 -37.24 -5.97
CA THR D 521 -20.42 -36.06 -6.70
C THR D 521 -20.29 -34.88 -5.79
N LEU D 522 -20.55 -33.72 -6.38
CA LEU D 522 -20.35 -32.48 -5.68
C LEU D 522 -21.34 -32.22 -4.53
N TRP D 523 -20.84 -31.46 -3.57
CA TRP D 523 -21.64 -31.04 -2.42
C TRP D 523 -22.26 -29.64 -2.61
N GLN D 524 -23.08 -29.21 -1.65
CA GLN D 524 -23.66 -27.86 -1.55
C GLN D 524 -24.62 -27.44 -2.68
N GLY D 525 -25.06 -28.34 -3.54
CA GLY D 525 -25.88 -27.99 -4.69
C GLY D 525 -25.06 -27.29 -5.75
N ALA D 526 -23.75 -27.52 -5.77
CA ALA D 526 -22.89 -26.81 -6.72
C ALA D 526 -23.06 -27.19 -8.17
N ASP D 527 -23.63 -28.35 -8.44
CA ASP D 527 -23.74 -28.85 -9.80
C ASP D 527 -24.68 -27.98 -10.61
N GLN D 528 -25.79 -27.58 -10.00
CA GLN D 528 -26.72 -26.68 -10.66
C GLN D 528 -26.14 -25.27 -10.87
N VAL D 529 -25.25 -24.83 -9.98
CA VAL D 529 -24.53 -23.56 -10.08
C VAL D 529 -23.60 -23.60 -11.30
N ILE D 530 -22.86 -24.68 -11.41
CA ILE D 530 -22.01 -24.86 -12.56
C ILE D 530 -22.78 -24.77 -13.88
N HIS D 531 -23.90 -25.47 -13.94
CA HIS D 531 -24.80 -25.49 -15.10
C HIS D 531 -25.41 -24.13 -15.39
N ASN D 532 -25.86 -23.42 -14.35
CA ASN D 532 -26.43 -22.07 -14.58
C ASN D 532 -25.42 -21.04 -15.02
N VAL D 533 -24.24 -21.04 -14.40
CA VAL D 533 -23.24 -20.02 -14.77
C VAL D 533 -22.69 -20.32 -16.17
N SER D 534 -22.38 -21.58 -16.44
CA SER D 534 -21.72 -21.87 -17.69
C SER D 534 -22.69 -21.57 -18.86
N ALA D 535 -24.00 -21.68 -18.64
CA ALA D 535 -25.00 -21.35 -19.66
C ALA D 535 -25.12 -19.89 -19.94
N ASN D 536 -24.72 -19.02 -18.99
CA ASN D 536 -24.76 -17.56 -19.18
C ASN D 536 -23.42 -16.85 -19.32
N CYS D 537 -22.29 -17.56 -19.16
CA CYS D 537 -20.93 -16.96 -19.25
C CYS D 537 -20.03 -17.85 -20.11
N ASN D 538 -19.56 -17.35 -21.24
CA ASN D 538 -18.68 -18.12 -22.13
C ASN D 538 -17.20 -18.21 -21.65
N ASN D 539 -16.93 -17.66 -20.46
CA ASN D 539 -15.60 -17.76 -19.91
C ASN D 539 -15.69 -18.13 -18.44
N THR D 540 -16.16 -19.35 -18.21
CA THR D 540 -16.38 -19.89 -16.88
C THR D 540 -15.20 -20.78 -16.52
N VAL D 541 -14.53 -20.49 -15.41
CA VAL D 541 -13.48 -21.31 -14.86
C VAL D 541 -14.02 -22.04 -13.65
N VAL D 542 -13.89 -23.37 -13.59
CA VAL D 542 -14.31 -24.08 -12.36
C VAL D 542 -13.13 -24.46 -11.46
N VAL D 543 -13.26 -24.14 -10.19
CA VAL D 543 -12.28 -24.45 -9.20
C VAL D 543 -12.91 -25.44 -8.23
N LEU D 544 -12.27 -26.61 -8.04
CA LEU D 544 -12.71 -27.69 -7.16
C LEU D 544 -11.80 -27.90 -5.93
N HIS D 545 -12.41 -27.86 -4.78
CA HIS D 545 -11.78 -28.16 -3.51
C HIS D 545 -12.34 -29.47 -3.08
N THR D 546 -11.74 -30.56 -3.53
CA THR D 546 -12.28 -31.91 -3.21
C THR D 546 -11.24 -32.74 -2.56
N VAL D 547 -11.68 -33.57 -1.64
CA VAL D 547 -10.81 -34.51 -0.92
C VAL D 547 -10.21 -35.62 -1.79
N GLY D 548 -10.87 -35.87 -2.89
CA GLY D 548 -10.41 -36.81 -3.85
C GLY D 548 -11.20 -36.62 -5.12
N PRO D 549 -11.33 -37.65 -5.90
CA PRO D 549 -12.02 -37.42 -7.15
C PRO D 549 -13.54 -37.29 -7.01
N VAL D 550 -14.13 -36.55 -7.94
CA VAL D 550 -15.55 -36.48 -8.12
C VAL D 550 -15.79 -36.71 -9.60
N LEU D 551 -17.01 -37.12 -9.89
CA LEU D 551 -17.46 -37.39 -11.20
C LEU D 551 -17.91 -36.11 -11.89
N ILE D 552 -17.22 -35.71 -12.96
CA ILE D 552 -17.46 -34.45 -13.59
C ILE D 552 -17.97 -34.61 -15.01
N ASP D 553 -18.43 -35.81 -15.40
CA ASP D 553 -18.74 -36.09 -16.82
C ASP D 553 -19.88 -35.21 -17.39
N ASP D 554 -20.81 -34.81 -16.55
CA ASP D 554 -21.98 -34.04 -16.96
C ASP D 554 -21.74 -32.55 -17.25
N TRP D 555 -20.57 -31.99 -16.91
CA TRP D 555 -20.26 -30.55 -17.15
C TRP D 555 -18.87 -30.24 -17.69
N TYR D 556 -17.88 -31.11 -17.48
CA TYR D 556 -16.49 -30.74 -17.78
C TYR D 556 -16.26 -30.33 -19.21
N ASP D 557 -16.96 -30.99 -20.12
CA ASP D 557 -16.81 -30.79 -21.55
C ASP D 557 -17.75 -29.70 -22.11
N HIS D 558 -18.51 -29.00 -21.26
CA HIS D 558 -19.32 -27.84 -21.70
C HIS D 558 -18.44 -26.80 -22.39
N PRO D 559 -18.85 -26.26 -23.56
CA PRO D 559 -17.87 -25.38 -24.27
C PRO D 559 -17.56 -24.04 -23.59
N ASN D 560 -18.49 -23.55 -22.83
CA ASN D 560 -18.28 -22.40 -21.94
C ASN D 560 -17.43 -22.64 -20.67
N VAL D 561 -17.13 -23.89 -20.32
CA VAL D 561 -16.10 -24.14 -19.30
C VAL D 561 -14.65 -24.04 -19.88
N THR D 562 -14.03 -22.89 -19.70
CA THR D 562 -12.78 -22.61 -20.36
C THR D 562 -11.58 -23.05 -19.56
N ALA D 563 -11.73 -23.27 -18.25
CA ALA D 563 -10.68 -23.93 -17.49
C ALA D 563 -11.30 -24.68 -16.33
N ILE D 564 -10.64 -25.75 -15.93
CA ILE D 564 -10.98 -26.47 -14.69
C ILE D 564 -9.72 -26.65 -13.88
N LEU D 565 -9.79 -26.34 -12.60
CA LEU D 565 -8.65 -26.41 -11.73
C LEU D 565 -9.07 -27.04 -10.40
N TRP D 566 -8.38 -28.13 -10.06
CA TRP D 566 -8.45 -28.77 -8.79
C TRP D 566 -7.47 -28.10 -7.84
N ALA D 567 -7.95 -27.74 -6.65
CA ALA D 567 -7.14 -27.01 -5.63
C ALA D 567 -7.01 -27.78 -4.28
N GLY D 568 -7.83 -28.81 -4.09
CA GLY D 568 -7.64 -29.72 -2.99
C GLY D 568 -8.05 -29.03 -1.74
N LEU D 569 -7.26 -29.24 -0.69
CA LEU D 569 -7.49 -28.79 0.69
C LEU D 569 -6.23 -27.98 1.10
N PRO D 570 -6.23 -26.69 0.77
CA PRO D 570 -4.96 -25.99 0.80
C PRO D 570 -4.60 -25.38 2.12
N GLY D 571 -5.40 -25.60 3.16
CA GLY D 571 -5.06 -25.04 4.45
C GLY D 571 -5.31 -23.53 4.46
N GLN D 572 -4.64 -22.84 5.38
CA GLN D 572 -5.02 -21.52 5.85
C GLN D 572 -4.87 -20.43 4.78
N GLU D 573 -3.98 -20.63 3.80
CA GLU D 573 -3.70 -19.61 2.79
C GLU D 573 -4.46 -19.89 1.50
N SER D 574 -5.58 -20.60 1.59
CA SER D 574 -6.30 -21.09 0.42
C SER D 574 -6.42 -20.08 -0.72
N GLY D 575 -7.01 -18.91 -0.49
CA GLY D 575 -7.21 -17.92 -1.52
C GLY D 575 -5.92 -17.28 -2.04
N ASN D 576 -4.97 -17.05 -1.14
CA ASN D 576 -3.70 -16.47 -1.55
C ASN D 576 -2.93 -17.38 -2.53
N SER D 577 -2.85 -18.67 -2.17
N SER D 577 -2.85 -18.67 -2.22
CA SER D 577 -2.40 -19.74 -3.06
CA SER D 577 -2.27 -19.63 -3.16
C SER D 577 -3.12 -19.70 -4.39
C SER D 577 -3.11 -19.77 -4.43
N LEU D 578 -4.44 -19.74 -4.31
CA LEU D 578 -5.28 -19.86 -5.50
C LEU D 578 -4.98 -18.74 -6.51
N VAL D 579 -4.91 -17.51 -6.04
CA VAL D 579 -4.68 -16.40 -6.95
C VAL D 579 -3.30 -16.47 -7.61
N ASP D 580 -2.32 -16.97 -6.91
CA ASP D 580 -1.02 -17.16 -7.54
C ASP D 580 -1.09 -18.09 -8.76
N VAL D 581 -1.90 -19.13 -8.65
CA VAL D 581 -2.10 -20.03 -9.76
C VAL D 581 -2.96 -19.39 -10.85
N LEU D 582 -4.06 -18.76 -10.47
CA LEU D 582 -4.99 -18.17 -11.46
C LEU D 582 -4.36 -17.08 -12.30
N TYR D 583 -3.40 -16.37 -11.75
CA TYR D 583 -2.73 -15.31 -12.46
C TYR D 583 -1.43 -15.74 -13.11
N GLY D 584 -1.05 -16.99 -12.94
CA GLY D 584 0.11 -17.57 -13.58
C GLY D 584 1.44 -17.24 -12.97
N ARG D 585 1.48 -16.87 -11.70
CA ARG D 585 2.77 -16.58 -11.05
C ARG D 585 3.40 -17.84 -10.46
N VAL D 586 2.56 -18.83 -10.14
CA VAL D 586 3.01 -20.16 -9.76
C VAL D 586 2.42 -21.21 -10.71
N ASN D 587 3.21 -22.20 -11.10
CA ASN D 587 2.78 -23.28 -12.01
C ASN D 587 2.13 -24.45 -11.27
N PRO D 588 1.12 -25.08 -11.87
CA PRO D 588 0.43 -26.15 -11.19
C PRO D 588 1.18 -27.49 -11.28
N GLY D 589 0.70 -28.47 -10.54
CA GLY D 589 1.30 -29.82 -10.54
C GLY D 589 0.48 -30.80 -11.33
N LYS D 590 0.28 -32.01 -10.80
CA LYS D 590 -0.38 -33.09 -11.54
C LYS D 590 -1.34 -33.82 -10.63
N THR D 591 -2.39 -34.41 -11.18
CA THR D 591 -3.31 -35.16 -10.33
C THR D 591 -2.65 -36.42 -9.75
N PRO D 592 -2.78 -36.63 -8.40
CA PRO D 592 -2.26 -37.82 -7.77
C PRO D 592 -3.25 -39.00 -7.75
N PHE D 593 -4.38 -38.87 -8.41
CA PHE D 593 -5.37 -39.92 -8.47
C PHE D 593 -6.09 -39.80 -9.81
N THR D 594 -6.80 -40.84 -10.16
CA THR D 594 -7.49 -40.95 -11.43
C THR D 594 -8.85 -40.26 -11.27
N TRP D 595 -9.27 -39.55 -12.33
CA TRP D 595 -10.57 -38.90 -12.46
C TRP D 595 -11.40 -39.73 -13.43
N GLY D 596 -12.25 -40.58 -12.88
CA GLY D 596 -12.96 -41.57 -13.66
C GLY D 596 -14.23 -40.99 -14.20
N ARG D 597 -14.83 -41.72 -15.13
CA ARG D 597 -16.07 -41.31 -15.74
C ARG D 597 -17.27 -41.77 -14.92
N ALA D 598 -17.11 -42.89 -14.22
CA ALA D 598 -18.18 -43.54 -13.44
C ALA D 598 -17.60 -44.21 -12.20
N ARG D 599 -18.38 -44.29 -11.12
CA ARG D 599 -17.88 -44.84 -9.86
C ARG D 599 -17.37 -46.26 -9.98
N ASP D 600 -18.12 -47.09 -10.70
CA ASP D 600 -17.78 -48.53 -10.91
C ASP D 600 -16.42 -48.70 -11.55
N ASP D 601 -16.00 -47.75 -12.40
CA ASP D 601 -14.65 -47.78 -12.99
C ASP D 601 -13.49 -47.86 -11.96
N TYR D 602 -13.71 -47.44 -10.70
CA TYR D 602 -12.66 -47.52 -9.66
C TYR D 602 -12.62 -48.86 -9.02
N GLY D 603 -13.75 -49.56 -9.04
CA GLY D 603 -13.87 -50.83 -8.37
C GLY D 603 -13.90 -50.63 -6.86
N ALA D 604 -13.50 -51.65 -6.14
CA ALA D 604 -13.42 -51.60 -4.70
C ALA D 604 -14.57 -50.80 -4.04
N PRO D 605 -15.83 -51.30 -4.12
CA PRO D 605 -16.94 -50.65 -3.44
C PRO D 605 -16.77 -50.68 -1.93
N LEU D 606 -17.25 -49.65 -1.24
CA LEU D 606 -17.20 -49.64 0.22
C LEU D 606 -18.16 -50.67 0.75
N ILE D 607 -17.81 -51.23 1.89
CA ILE D 607 -18.67 -52.14 2.59
C ILE D 607 -19.44 -51.33 3.62
N VAL D 608 -20.69 -51.04 3.33
CA VAL D 608 -21.54 -50.22 4.21
C VAL D 608 -22.67 -51.02 4.91
N LYS D 609 -22.85 -52.28 4.53
CA LYS D 609 -23.75 -53.19 5.25
C LYS D 609 -22.93 -54.39 5.71
N PRO D 610 -23.32 -55.05 6.83
CA PRO D 610 -22.63 -56.27 7.25
C PRO D 610 -22.76 -57.38 6.22
N ASN D 611 -21.73 -58.19 6.03
CA ASN D 611 -21.70 -59.18 4.97
C ASN D 611 -21.28 -60.55 5.42
N ASN D 612 -21.22 -60.77 6.73
CA ASN D 612 -20.86 -62.06 7.35
C ASN D 612 -21.81 -62.20 8.55
N GLY D 613 -23.10 -62.04 8.24
CA GLY D 613 -24.15 -61.97 9.25
C GLY D 613 -23.81 -61.07 10.43
N LYS D 614 -23.60 -61.70 11.58
CA LYS D 614 -23.38 -61.00 12.85
C LYS D 614 -21.90 -61.06 13.28
N GLY D 615 -21.05 -61.69 12.46
CA GLY D 615 -19.64 -61.65 12.68
C GLY D 615 -19.00 -60.41 12.07
N ALA D 616 -17.68 -60.35 12.14
CA ALA D 616 -16.92 -59.26 11.55
C ALA D 616 -17.13 -59.22 10.03
N PRO D 617 -17.48 -58.05 9.50
CA PRO D 617 -17.58 -58.02 8.06
C PRO D 617 -16.22 -58.26 7.41
N GLN D 618 -16.26 -58.79 6.19
CA GLN D 618 -15.06 -59.25 5.52
C GLN D 618 -14.85 -58.44 4.25
N GLN D 619 -13.64 -57.90 4.10
CA GLN D 619 -13.32 -57.05 2.98
C GLN D 619 -12.17 -57.69 2.28
N ASP D 620 -12.49 -58.41 1.19
CA ASP D 620 -11.52 -59.20 0.45
C ASP D 620 -10.86 -58.30 -0.58
N PHE D 621 -9.55 -58.19 -0.55
CA PHE D 621 -8.83 -57.40 -1.55
C PHE D 621 -8.62 -58.23 -2.85
N THR D 622 -9.73 -58.64 -3.44
CA THR D 622 -9.73 -59.53 -4.60
C THR D 622 -9.02 -58.91 -5.80
N GLU D 623 -9.27 -57.63 -5.99
CA GLU D 623 -8.60 -56.81 -6.96
C GLU D 623 -7.05 -56.83 -6.92
N GLY D 624 -6.45 -57.24 -5.81
CA GLY D 624 -5.00 -57.36 -5.75
C GLY D 624 -4.33 -56.01 -5.88
N ILE D 625 -3.27 -55.94 -6.69
CA ILE D 625 -2.65 -54.62 -6.95
C ILE D 625 -3.46 -53.70 -7.88
N PHE D 626 -4.65 -54.13 -8.33
CA PHE D 626 -5.43 -53.33 -9.25
C PHE D 626 -6.42 -52.35 -8.60
N ILE D 627 -5.83 -51.28 -8.06
CA ILE D 627 -6.57 -50.09 -7.62
C ILE D 627 -6.09 -48.89 -8.42
N ASP D 628 -6.97 -47.89 -8.51
CA ASP D 628 -6.72 -46.64 -9.26
C ASP D 628 -6.19 -46.95 -10.69
N TYR D 629 -5.11 -46.32 -11.12
CA TYR D 629 -4.76 -46.31 -12.52
C TYR D 629 -4.34 -47.67 -13.04
N ARG D 630 -3.82 -48.53 -12.14
CA ARG D 630 -3.44 -49.89 -12.51
C ARG D 630 -4.70 -50.67 -12.95
N ARG D 631 -5.85 -50.42 -12.28
CA ARG D 631 -7.14 -50.99 -12.69
C ARG D 631 -7.64 -50.44 -14.03
N PHE D 632 -7.58 -49.11 -14.18
CA PHE D 632 -8.02 -48.47 -15.43
C PHE D 632 -7.15 -48.98 -16.62
N ASP D 633 -5.84 -49.12 -16.42
CA ASP D 633 -4.97 -49.65 -17.46
C ASP D 633 -5.30 -51.13 -17.80
N LYS D 634 -5.31 -52.01 -16.79
CA LYS D 634 -5.62 -53.42 -17.01
C LYS D 634 -6.96 -53.64 -17.73
N TYR D 635 -8.03 -53.03 -17.25
CA TYR D 635 -9.37 -53.21 -17.80
C TYR D 635 -9.68 -52.34 -19.05
N ASN D 636 -8.68 -51.60 -19.56
CA ASN D 636 -8.79 -50.70 -20.77
C ASN D 636 -9.93 -49.67 -20.63
N ILE D 637 -10.09 -49.13 -19.42
CA ILE D 637 -11.09 -48.08 -19.12
C ILE D 637 -10.42 -46.74 -19.34
N THR D 638 -11.08 -45.83 -20.08
CA THR D 638 -10.46 -44.54 -20.39
C THR D 638 -10.92 -43.58 -19.30
N PRO D 639 -9.98 -42.92 -18.60
CA PRO D 639 -10.39 -41.99 -17.55
C PRO D 639 -10.71 -40.65 -18.19
N ILE D 640 -11.36 -39.76 -17.46
CA ILE D 640 -11.45 -38.39 -17.92
C ILE D 640 -10.03 -37.80 -17.84
N TYR D 641 -9.39 -37.89 -16.70
CA TYR D 641 -7.99 -37.45 -16.55
C TYR D 641 -7.19 -38.54 -15.85
N GLU D 642 -6.09 -38.94 -16.47
CA GLU D 642 -5.33 -40.06 -15.95
C GLU D 642 -4.47 -39.68 -14.69
N PHE D 643 -4.13 -40.68 -13.90
CA PHE D 643 -3.10 -40.52 -12.91
C PHE D 643 -1.91 -39.81 -13.54
N GLY D 644 -1.48 -38.73 -12.91
CA GLY D 644 -0.24 -38.08 -13.24
C GLY D 644 -0.41 -36.97 -14.26
N PHE D 645 -1.66 -36.78 -14.70
CA PHE D 645 -2.00 -35.74 -15.64
C PHE D 645 -2.11 -34.36 -15.02
N GLY D 646 -1.73 -33.35 -15.81
CA GLY D 646 -1.89 -31.95 -15.44
C GLY D 646 -1.38 -31.10 -16.58
N LEU D 647 -2.09 -30.03 -16.92
CA LEU D 647 -1.59 -29.15 -17.97
C LEU D 647 -0.55 -28.19 -17.34
N SER D 648 0.26 -27.57 -18.18
CA SER D 648 1.20 -26.51 -17.77
C SER D 648 0.83 -25.19 -18.47
N TYR D 649 1.47 -24.09 -18.09
CA TYR D 649 1.28 -22.80 -18.76
C TYR D 649 2.22 -22.64 -19.94
N THR D 650 2.97 -23.69 -20.24
CA THR D 650 3.82 -23.81 -21.41
C THR D 650 3.73 -25.25 -21.89
N THR D 651 4.51 -25.61 -22.90
CA THR D 651 4.55 -26.95 -23.50
C THR D 651 5.93 -27.58 -23.22
N PHE D 652 5.99 -28.91 -23.12
CA PHE D 652 7.27 -29.67 -22.99
C PHE D 652 7.40 -30.86 -23.97
N GLU D 653 8.62 -31.20 -24.33
CA GLU D 653 8.88 -32.35 -25.22
C GLU D 653 9.92 -33.25 -24.56
N PHE D 654 9.77 -34.56 -24.75
CA PHE D 654 10.69 -35.55 -24.21
C PHE D 654 11.49 -36.14 -25.34
N SER D 655 12.80 -36.15 -25.21
CA SER D 655 13.64 -36.69 -26.27
C SER D 655 14.72 -37.61 -25.66
N GLN D 656 15.35 -38.41 -26.53
CA GLN D 656 16.63 -39.07 -26.24
C GLN D 656 16.59 -39.93 -24.95
N LEU D 657 15.67 -40.89 -24.89
CA LEU D 657 15.68 -41.84 -23.82
C LEU D 657 16.84 -42.83 -24.03
N ASN D 658 17.70 -42.98 -22.99
CA ASN D 658 18.68 -44.10 -22.85
C ASN D 658 18.47 -44.79 -21.49
N VAL D 659 18.40 -46.11 -21.54
CA VAL D 659 18.36 -46.96 -20.37
C VAL D 659 19.67 -47.74 -20.33
N GLN D 660 20.65 -47.26 -19.55
CA GLN D 660 21.91 -47.91 -19.36
C GLN D 660 21.79 -48.98 -18.23
N PRO D 661 21.99 -50.27 -18.52
CA PRO D 661 22.04 -51.22 -17.37
C PRO D 661 23.32 -51.04 -16.51
N ILE D 662 23.21 -51.26 -15.21
CA ILE D 662 24.36 -51.14 -14.34
C ILE D 662 24.86 -52.55 -14.04
N ASN D 663 26.16 -52.64 -13.82
CA ASN D 663 26.83 -53.92 -13.48
C ASN D 663 26.63 -54.29 -11.97
N ALA D 664 25.40 -54.69 -11.66
CA ALA D 664 24.93 -54.85 -10.28
C ALA D 664 25.40 -56.17 -9.71
N PRO D 665 25.90 -56.18 -8.46
CA PRO D 665 26.04 -57.46 -7.79
C PRO D 665 24.73 -58.21 -7.82
N PRO D 666 24.78 -59.54 -7.98
CA PRO D 666 23.51 -60.30 -7.96
C PRO D 666 22.82 -60.24 -6.57
N TYR D 667 21.50 -60.41 -6.54
CA TYR D 667 20.71 -60.32 -5.31
C TYR D 667 21.19 -61.39 -4.33
N THR D 668 21.56 -60.97 -3.13
CA THR D 668 22.00 -61.84 -2.07
C THR D 668 20.93 -61.80 -1.04
N PRO D 669 20.07 -62.85 -0.99
CA PRO D 669 19.21 -63.04 0.18
C PRO D 669 19.97 -62.91 1.49
N ALA D 670 19.34 -62.29 2.49
CA ALA D 670 19.97 -62.09 3.80
C ALA D 670 20.02 -63.38 4.56
N SER D 671 20.99 -63.50 5.42
CA SER D 671 21.15 -64.73 6.20
C SER D 671 21.85 -64.43 7.53
N GLY D 672 21.98 -65.47 8.32
CA GLY D 672 22.52 -65.32 9.65
C GLY D 672 21.45 -65.22 10.72
N PHE D 673 21.85 -64.59 11.81
CA PHE D 673 21.14 -64.76 13.04
C PHE D 673 21.25 -63.49 13.83
N THR D 674 20.14 -63.17 14.50
CA THR D 674 20.12 -62.02 15.43
C THR D 674 20.97 -62.35 16.62
N LYS D 675 21.14 -61.39 17.52
CA LYS D 675 21.64 -61.68 18.88
C LYS D 675 20.53 -62.33 19.71
N ALA D 676 20.94 -62.92 20.83
CA ALA D 676 20.06 -63.31 21.93
C ALA D 676 19.33 -62.10 22.53
N ALA D 677 18.03 -62.24 22.79
CA ALA D 677 17.29 -61.27 23.59
C ALA D 677 17.94 -61.09 24.96
N GLN D 678 18.08 -59.83 25.38
CA GLN D 678 18.77 -59.44 26.60
C GLN D 678 17.80 -58.72 27.53
N SER D 679 18.00 -58.88 28.83
CA SER D 679 17.29 -58.11 29.89
C SER D 679 18.17 -56.99 30.44
N PHE D 680 17.62 -55.77 30.54
CA PHE D 680 18.43 -54.60 30.88
C PHE D 680 17.99 -54.13 32.24
N GLY D 681 18.73 -54.58 33.26
CA GLY D 681 18.30 -54.47 34.66
C GLY D 681 17.88 -55.80 35.25
N GLN D 682 17.76 -55.85 36.57
CA GLN D 682 17.49 -57.09 37.33
C GLN D 682 15.98 -57.31 37.59
N PRO D 683 15.52 -58.59 37.62
CA PRO D 683 14.11 -58.91 37.92
C PRO D 683 13.52 -58.15 39.12
N SER D 684 12.28 -57.67 38.95
CA SER D 684 11.59 -56.90 40.00
C SER D 684 10.87 -57.91 40.88
N ASN D 685 10.50 -57.50 42.09
CA ASN D 685 9.57 -58.31 42.89
C ASN D 685 8.33 -57.47 43.24
N ALA D 686 7.21 -58.17 43.37
CA ALA D 686 5.91 -57.60 43.65
C ALA D 686 5.87 -56.52 44.72
N SER D 687 6.66 -56.67 45.78
CA SER D 687 6.59 -55.75 46.91
C SER D 687 7.30 -54.43 46.64
N ASP D 688 8.06 -54.35 45.54
CA ASP D 688 8.61 -53.07 45.05
C ASP D 688 7.66 -52.33 44.09
N ASN D 689 6.51 -52.91 43.79
CA ASN D 689 5.59 -52.45 42.78
C ASN D 689 4.18 -52.14 43.34
N LEU D 690 4.16 -51.87 44.64
CA LEU D 690 2.95 -51.39 45.27
C LEU D 690 2.94 -49.88 45.09
N TYR D 691 1.75 -49.30 45.08
CA TYR D 691 1.51 -47.85 45.03
C TYR D 691 2.23 -47.13 46.18
N PRO D 692 3.20 -46.25 45.89
CA PRO D 692 3.76 -45.46 46.97
C PRO D 692 2.66 -44.74 47.76
N SER D 693 2.93 -44.57 49.05
CA SER D 693 1.98 -43.95 49.99
C SER D 693 1.90 -42.41 49.76
N ASP D 694 3.01 -41.80 49.29
CA ASP D 694 3.02 -40.40 48.82
C ASP D 694 1.95 -40.05 47.73
N ILE D 695 1.66 -41.00 46.83
CA ILE D 695 0.68 -40.85 45.71
C ILE D 695 -0.77 -40.59 46.19
N GLU D 696 -1.40 -39.56 45.62
CA GLU D 696 -2.83 -39.33 45.74
C GLU D 696 -3.47 -39.89 44.47
N ARG D 697 -4.32 -40.90 44.60
CA ARG D 697 -4.89 -41.60 43.43
C ARG D 697 -5.99 -40.82 42.70
N VAL D 698 -5.74 -40.59 41.40
CA VAL D 698 -6.69 -39.91 40.55
C VAL D 698 -7.69 -40.94 40.02
N PRO D 699 -8.99 -40.71 40.22
CA PRO D 699 -9.91 -41.74 39.71
C PRO D 699 -9.82 -41.92 38.16
N LEU D 700 -9.94 -43.17 37.72
CA LEU D 700 -9.85 -43.60 36.34
C LEU D 700 -8.48 -43.38 35.63
N TYR D 701 -7.44 -43.10 36.41
CA TYR D 701 -6.11 -42.86 35.91
C TYR D 701 -5.43 -44.19 35.89
N ILE D 702 -4.68 -44.45 34.81
CA ILE D 702 -3.92 -45.67 34.64
C ILE D 702 -2.49 -45.57 35.23
N TYR D 703 -2.22 -46.42 36.21
CA TYR D 703 -0.95 -46.45 36.88
C TYR D 703 -0.27 -47.81 36.59
N PRO D 704 1.04 -47.92 36.85
CA PRO D 704 1.76 -49.20 36.64
C PRO D 704 1.68 -50.17 37.82
N TRP D 705 1.15 -49.71 38.94
CA TRP D 705 1.33 -50.38 40.23
C TRP D 705 0.23 -51.35 40.62
N LEU D 706 0.57 -52.11 41.65
CA LEU D 706 -0.25 -53.18 42.20
C LEU D 706 -0.90 -52.71 43.52
N ASN D 707 -2.19 -53.05 43.69
CA ASN D 707 -2.92 -52.85 44.99
C ASN D 707 -2.41 -53.76 46.10
N SER D 708 -1.87 -54.92 45.75
CA SER D 708 -1.37 -55.91 46.70
C SER D 708 -0.25 -56.75 46.08
N THR D 709 0.51 -57.45 46.91
CA THR D 709 1.45 -58.44 46.39
C THR D 709 0.76 -59.70 45.88
N ASP D 710 -0.53 -59.85 46.17
CA ASP D 710 -1.38 -60.86 45.55
C ASP D 710 -1.64 -60.46 44.08
N LEU D 711 -0.86 -61.08 43.17
CA LEU D 711 -0.88 -60.73 41.75
C LEU D 711 -2.23 -60.89 41.14
N LYS D 712 -2.87 -62.03 41.40
CA LYS D 712 -4.21 -62.28 40.83
C LYS D 712 -5.31 -61.23 41.20
N ALA D 713 -5.37 -60.95 42.50
CA ALA D 713 -6.25 -59.91 43.05
C ALA D 713 -6.02 -58.56 42.38
N SER D 714 -4.74 -58.16 42.28
CA SER D 714 -4.30 -56.95 41.60
C SER D 714 -4.60 -56.81 40.10
N ALA D 715 -4.56 -57.88 39.35
CA ALA D 715 -4.86 -57.83 37.91
C ALA D 715 -6.36 -57.85 37.62
N ASN D 716 -7.11 -58.61 38.42
CA ASN D 716 -8.55 -58.72 38.25
C ASN D 716 -9.02 -59.14 36.82
N ASP D 717 -8.30 -60.08 36.21
CA ASP D 717 -8.63 -60.60 34.88
C ASP D 717 -9.54 -61.81 35.12
N PRO D 718 -10.73 -61.86 34.50
CA PRO D 718 -11.56 -63.07 34.68
C PRO D 718 -10.99 -64.43 34.21
N ASP D 719 -9.99 -64.42 33.33
CA ASP D 719 -9.33 -65.63 32.84
C ASP D 719 -7.94 -65.83 33.45
N TYR D 720 -7.62 -65.12 34.54
CA TYR D 720 -6.26 -65.11 35.08
C TYR D 720 -5.74 -66.52 35.38
N GLY D 721 -4.45 -66.72 35.10
CA GLY D 721 -3.72 -67.81 35.71
C GLY D 721 -3.37 -69.03 34.88
N LEU D 722 -3.81 -69.08 33.61
CA LEU D 722 -3.39 -70.17 32.69
C LEU D 722 -1.89 -70.13 32.33
N PRO D 723 -1.25 -71.31 32.22
CA PRO D 723 0.14 -71.36 31.73
C PRO D 723 0.26 -70.85 30.28
N THR D 724 1.36 -70.17 29.98
CA THR D 724 1.57 -69.56 28.66
C THR D 724 1.12 -70.42 27.40
N GLU D 725 1.42 -71.71 27.43
CA GLU D 725 1.23 -72.62 26.30
C GLU D 725 -0.25 -72.91 25.96
N LYS D 726 -1.16 -72.61 26.88
CA LYS D 726 -2.60 -72.90 26.66
C LYS D 726 -3.38 -71.76 25.97
N TYR D 727 -2.80 -70.55 25.91
CA TYR D 727 -3.46 -69.38 25.26
C TYR D 727 -2.57 -68.50 24.32
N VAL D 728 -1.25 -68.76 24.29
CA VAL D 728 -0.29 -68.07 23.44
C VAL D 728 0.29 -69.07 22.43
N PRO D 729 0.52 -68.66 21.17
CA PRO D 729 1.12 -69.58 20.20
C PRO D 729 2.61 -69.92 20.44
N PRO D 730 3.09 -70.97 19.77
CA PRO D 730 4.46 -71.44 19.94
C PRO D 730 5.53 -70.36 19.71
N ASN D 731 6.57 -70.40 20.53
CA ASN D 731 7.74 -69.55 20.45
C ASN D 731 7.54 -68.08 20.86
N ALA D 732 6.33 -67.67 21.24
CA ALA D 732 6.11 -66.29 21.68
C ALA D 732 7.02 -65.81 22.80
N THR D 733 7.53 -66.73 23.64
CA THR D 733 8.43 -66.35 24.74
C THR D 733 9.90 -66.74 24.57
N ASN D 734 10.29 -67.03 23.33
CA ASN D 734 11.59 -67.59 23.05
C ASN D 734 12.61 -66.47 22.86
N GLY D 735 13.57 -66.37 23.76
CA GLY D 735 14.61 -65.37 23.62
C GLY D 735 15.84 -65.79 22.82
N ASP D 736 15.83 -66.94 22.16
CA ASP D 736 17.04 -67.39 21.44
C ASP D 736 17.30 -66.57 20.19
N PRO D 737 18.56 -66.56 19.71
CA PRO D 737 18.88 -65.92 18.42
C PRO D 737 17.97 -66.47 17.35
N GLN D 738 17.44 -65.60 16.50
CA GLN D 738 16.51 -65.97 15.46
C GLN D 738 17.13 -65.77 14.07
N PRO D 739 16.58 -66.49 13.05
CA PRO D 739 17.10 -66.30 11.71
C PRO D 739 16.63 -64.94 11.13
N ILE D 740 17.57 -64.27 10.47
CA ILE D 740 17.29 -63.06 9.75
C ILE D 740 16.41 -63.43 8.57
N ASP D 741 15.31 -62.69 8.40
CA ASP D 741 14.46 -62.80 7.23
C ASP D 741 15.32 -62.59 5.94
N PRO D 742 15.19 -63.46 4.94
CA PRO D 742 16.03 -63.31 3.74
C PRO D 742 15.68 -62.07 2.84
N ALA D 743 14.43 -61.61 2.90
CA ALA D 743 13.99 -60.31 2.29
C ALA D 743 14.25 -59.11 3.21
N GLY D 744 14.80 -59.38 4.41
CA GLY D 744 15.10 -58.36 5.44
C GLY D 744 16.58 -58.11 5.71
N GLY D 745 16.90 -57.49 6.85
CA GLY D 745 18.29 -57.27 7.26
C GLY D 745 18.72 -55.85 7.56
N ALA D 746 17.87 -54.90 7.28
CA ALA D 746 18.15 -53.47 7.58
C ALA D 746 16.83 -52.75 7.49
N PRO D 747 16.71 -51.56 8.15
CA PRO D 747 15.46 -50.79 7.97
C PRO D 747 15.09 -50.58 6.45
N GLY D 748 13.92 -51.08 6.04
CA GLY D 748 13.42 -51.03 4.66
C GLY D 748 13.41 -52.37 3.91
N GLY D 749 14.02 -53.37 4.53
CA GLY D 749 14.35 -54.59 3.77
C GLY D 749 15.83 -54.79 3.53
N ASN D 750 16.13 -55.96 2.97
CA ASN D 750 17.46 -56.35 2.49
C ASN D 750 18.10 -55.23 1.70
N PRO D 751 19.24 -54.70 2.18
CA PRO D 751 20.00 -53.68 1.46
C PRO D 751 20.31 -54.08 0.01
N SER D 752 20.51 -55.37 -0.26
CA SER D 752 20.67 -55.85 -1.63
C SER D 752 19.48 -55.45 -2.58
N LEU D 753 18.30 -55.17 -2.03
CA LEU D 753 17.16 -54.62 -2.83
C LEU D 753 17.30 -53.21 -3.37
N TYR D 754 18.07 -52.38 -2.70
CA TYR D 754 18.30 -51.00 -3.09
C TYR D 754 19.56 -50.85 -3.94
N GLU D 755 20.14 -51.93 -4.47
CA GLU D 755 21.25 -51.83 -5.45
C GLU D 755 20.73 -51.25 -6.77
N PRO D 756 21.44 -50.26 -7.32
CA PRO D 756 21.17 -49.73 -8.64
C PRO D 756 21.30 -50.77 -9.74
N VAL D 757 20.27 -50.96 -10.55
CA VAL D 757 20.34 -51.87 -11.67
C VAL D 757 20.26 -51.23 -13.06
N ALA D 758 19.83 -49.98 -13.15
CA ALA D 758 19.72 -49.27 -14.40
C ALA D 758 19.83 -47.74 -14.17
N ARG D 759 20.44 -47.04 -15.13
CA ARG D 759 20.46 -45.60 -15.13
C ARG D 759 19.67 -45.14 -16.34
N VAL D 760 18.66 -44.30 -16.09
CA VAL D 760 17.75 -43.85 -17.12
C VAL D 760 17.85 -42.34 -17.31
N THR D 761 18.14 -41.90 -18.52
CA THR D 761 18.23 -40.49 -18.84
C THR D 761 17.28 -40.13 -19.95
N THR D 762 16.78 -38.92 -19.85
CA THR D 762 15.95 -38.39 -20.89
C THR D 762 16.07 -36.87 -20.88
N ILE D 763 16.02 -36.28 -22.07
CA ILE D 763 16.02 -34.82 -22.19
C ILE D 763 14.60 -34.27 -22.24
N ILE D 764 14.39 -33.17 -21.50
CA ILE D 764 13.13 -32.49 -21.36
C ILE D 764 13.39 -31.05 -21.78
N THR D 765 12.55 -30.54 -22.66
CA THR D 765 12.74 -29.23 -23.29
C THR D 765 11.46 -28.47 -23.15
N ASN D 766 11.57 -27.22 -22.74
CA ASN D 766 10.42 -26.28 -22.68
C ASN D 766 10.22 -25.76 -24.09
N THR D 767 9.22 -26.25 -24.80
CA THR D 767 9.01 -25.82 -26.21
C THR D 767 8.11 -24.59 -26.34
N GLY D 768 7.63 -24.04 -25.22
CA GLY D 768 6.76 -22.85 -25.21
C GLY D 768 7.41 -21.49 -24.93
N LYS D 769 6.57 -20.53 -24.60
CA LYS D 769 6.97 -19.12 -24.52
C LYS D 769 7.24 -18.61 -23.11
N VAL D 770 6.72 -19.31 -22.08
CA VAL D 770 6.96 -18.98 -20.64
C VAL D 770 7.65 -20.09 -19.87
N THR D 771 8.27 -19.68 -18.75
CA THR D 771 8.86 -20.58 -17.74
C THR D 771 7.75 -21.45 -17.17
N GLY D 772 8.10 -22.69 -16.87
CA GLY D 772 7.09 -23.67 -16.53
C GLY D 772 7.70 -24.80 -15.75
N ASP D 773 6.82 -25.57 -15.11
CA ASP D 773 7.16 -26.66 -14.27
C ASP D 773 6.69 -27.91 -15.00
N GLU D 774 7.56 -28.91 -15.09
CA GLU D 774 7.12 -30.24 -15.50
C GLU D 774 7.35 -31.27 -14.39
N VAL D 775 6.44 -32.24 -14.34
CA VAL D 775 6.64 -33.43 -13.55
C VAL D 775 6.95 -34.64 -14.47
N PRO D 776 8.23 -34.81 -14.82
CA PRO D 776 8.51 -36.05 -15.56
C PRO D 776 8.24 -37.28 -14.67
N GLN D 777 7.74 -38.33 -15.29
CA GLN D 777 7.41 -39.57 -14.63
C GLN D 777 8.04 -40.75 -15.38
N LEU D 778 8.40 -41.80 -14.63
CA LEU D 778 9.01 -43.05 -15.19
C LEU D 778 8.12 -44.23 -14.76
N TYR D 779 7.54 -44.93 -15.72
CA TYR D 779 6.72 -46.11 -15.41
C TYR D 779 7.46 -47.34 -15.90
N VAL D 780 7.31 -48.45 -15.16
CA VAL D 780 7.86 -49.76 -15.56
C VAL D 780 6.76 -50.77 -15.79
N SER D 781 6.86 -51.48 -16.91
CA SER D 781 6.07 -52.71 -17.15
C SER D 781 6.95 -53.91 -16.76
N LEU D 782 6.54 -54.62 -15.70
CA LEU D 782 7.33 -55.76 -15.17
C LEU D 782 7.32 -56.98 -16.10
N GLY D 783 6.26 -57.11 -16.90
CA GLY D 783 6.28 -57.95 -18.09
C GLY D 783 5.38 -59.15 -18.04
N GLY D 784 5.03 -59.59 -16.83
CA GLY D 784 4.34 -60.86 -16.63
C GLY D 784 2.87 -60.80 -17.00
N PRO D 785 2.23 -61.94 -17.24
CA PRO D 785 0.81 -61.83 -17.58
C PRO D 785 -0.11 -61.29 -16.45
N ASP D 786 0.28 -61.42 -15.18
CA ASP D 786 -0.54 -60.89 -14.07
C ASP D 786 -0.14 -59.50 -13.56
N ASP D 787 0.98 -58.98 -14.07
CA ASP D 787 1.45 -57.63 -13.73
C ASP D 787 0.53 -56.54 -14.27
N ALA D 788 0.50 -55.38 -13.62
CA ALA D 788 -0.12 -54.18 -14.25
C ALA D 788 0.60 -53.71 -15.53
N PRO D 789 -0.16 -53.17 -16.48
CA PRO D 789 0.50 -52.64 -17.67
C PRO D 789 1.69 -51.76 -17.33
N LYS D 790 1.54 -50.87 -16.34
CA LYS D 790 2.70 -50.18 -15.85
C LYS D 790 2.60 -49.59 -14.45
N VAL D 791 3.77 -49.35 -13.86
CA VAL D 791 3.80 -48.87 -12.50
C VAL D 791 4.85 -47.79 -12.35
N LEU D 792 4.41 -46.70 -11.73
CA LEU D 792 5.30 -45.60 -11.38
C LEU D 792 6.53 -46.08 -10.61
N ARG D 793 7.71 -45.69 -11.09
CA ARG D 793 8.96 -45.96 -10.36
C ARG D 793 9.94 -44.78 -10.27
N GLY D 794 9.62 -43.66 -10.93
CA GLY D 794 10.42 -42.44 -10.81
C GLY D 794 9.59 -41.20 -11.09
N PHE D 795 10.05 -40.06 -10.63
CA PHE D 795 9.40 -38.77 -10.87
C PHE D 795 10.27 -37.67 -10.30
N ASP D 796 10.09 -36.46 -10.81
CA ASP D 796 10.71 -35.28 -10.29
C ASP D 796 9.87 -34.08 -10.70
N ARG D 797 10.19 -32.93 -10.14
CA ARG D 797 9.61 -31.68 -10.54
C ARG D 797 10.75 -30.74 -10.92
N ILE D 798 10.74 -30.28 -12.17
CA ILE D 798 11.77 -29.35 -12.69
C ILE D 798 11.16 -28.04 -13.22
N THR D 799 11.91 -26.95 -13.07
CA THR D 799 11.51 -25.64 -13.61
C THR D 799 12.43 -25.41 -14.80
N LEU D 800 11.85 -25.12 -15.97
CA LEU D 800 12.62 -24.81 -17.17
C LEU D 800 12.16 -23.50 -17.75
N ALA D 801 13.13 -22.64 -18.03
CA ALA D 801 12.88 -21.41 -18.78
C ALA D 801 12.59 -21.75 -20.27
N PRO D 802 12.11 -20.77 -21.05
CA PRO D 802 11.75 -21.03 -22.46
C PRO D 802 12.91 -21.53 -23.32
N GLY D 803 12.65 -22.60 -24.08
CA GLY D 803 13.69 -23.22 -24.91
C GLY D 803 14.83 -23.92 -24.19
N GLN D 804 14.76 -24.05 -22.87
CA GLN D 804 15.82 -24.67 -22.06
C GLN D 804 15.62 -26.18 -22.09
N GLN D 805 16.76 -26.91 -22.09
CA GLN D 805 16.82 -28.38 -21.96
C GLN D 805 17.29 -28.77 -20.58
N TYR D 806 16.81 -29.92 -20.09
CA TYR D 806 17.32 -30.54 -18.85
C TYR D 806 17.52 -32.02 -19.09
N LEU D 807 18.69 -32.53 -18.76
CA LEU D 807 18.91 -33.99 -18.71
C LEU D 807 18.44 -34.57 -17.39
N TRP D 808 17.37 -35.35 -17.45
CA TRP D 808 16.76 -35.92 -16.27
C TRP D 808 17.27 -37.31 -16.08
N THR D 809 17.99 -37.53 -14.97
CA THR D 809 18.62 -38.83 -14.63
C THR D 809 17.91 -39.46 -13.42
N THR D 810 17.46 -40.72 -13.59
CA THR D 810 16.82 -41.54 -12.56
C THR D 810 17.58 -42.85 -12.51
N THR D 811 17.76 -43.40 -11.33
CA THR D 811 18.40 -44.67 -11.13
C THR D 811 17.40 -45.60 -10.47
N LEU D 812 17.05 -46.68 -11.18
CA LEU D 812 16.18 -47.73 -10.68
C LEU D 812 16.96 -48.74 -9.84
N THR D 813 16.30 -49.30 -8.85
CA THR D 813 16.93 -50.27 -7.96
C THR D 813 16.43 -51.61 -8.35
N ARG D 814 17.00 -52.63 -7.74
CA ARG D 814 16.48 -53.99 -7.85
C ARG D 814 15.01 -54.10 -7.47
N ARG D 815 14.63 -53.47 -6.34
CA ARG D 815 13.24 -53.52 -5.88
C ARG D 815 12.28 -52.94 -6.90
N ASP D 816 12.71 -51.89 -7.60
CA ASP D 816 11.86 -51.21 -8.61
C ASP D 816 11.54 -52.07 -9.85
N ILE D 817 12.25 -53.18 -10.04
CA ILE D 817 12.00 -54.13 -11.14
C ILE D 817 11.71 -55.55 -10.64
N SER D 818 11.52 -55.72 -9.33
CA SER D 818 11.20 -57.02 -8.75
C SER D 818 9.71 -57.19 -8.57
N ASN D 819 9.29 -58.45 -8.39
CA ASN D 819 7.99 -58.83 -7.87
C ASN D 819 8.19 -59.53 -6.53
N TRP D 820 7.12 -59.61 -5.75
CA TRP D 820 7.16 -60.35 -4.52
C TRP D 820 6.70 -61.75 -4.88
N ASP D 821 7.57 -62.72 -4.58
CA ASP D 821 7.25 -64.15 -4.78
C ASP D 821 6.88 -64.83 -3.43
N PRO D 822 5.60 -65.20 -3.26
CA PRO D 822 5.15 -65.89 -2.08
C PRO D 822 5.85 -67.23 -1.83
N VAL D 823 6.32 -67.89 -2.88
CA VAL D 823 6.86 -69.24 -2.76
C VAL D 823 8.17 -69.19 -2.02
N THR D 824 9.06 -68.33 -2.51
CA THR D 824 10.38 -68.15 -1.91
C THR D 824 10.35 -67.11 -0.83
N GLN D 825 9.22 -66.43 -0.65
CA GLN D 825 9.09 -65.37 0.36
C GLN D 825 10.21 -64.31 0.22
N ASN D 826 10.43 -63.92 -1.03
CA ASN D 826 11.43 -62.90 -1.31
C ASN D 826 11.07 -62.21 -2.62
N TRP D 827 11.81 -61.16 -2.89
CA TRP D 827 11.71 -60.34 -4.05
C TRP D 827 12.60 -60.94 -5.17
N VAL D 828 11.99 -61.12 -6.33
CA VAL D 828 12.64 -61.64 -7.51
C VAL D 828 12.44 -60.74 -8.72
N VAL D 829 13.44 -60.68 -9.59
CA VAL D 829 13.32 -60.08 -10.92
C VAL D 829 12.88 -61.19 -11.85
N THR D 830 11.63 -61.21 -12.29
CA THR D 830 11.19 -62.26 -13.21
C THR D 830 11.87 -62.20 -14.59
N ASN D 831 11.67 -63.29 -15.35
CA ASN D 831 12.35 -63.56 -16.65
C ASN D 831 11.83 -62.63 -17.74
N TYR D 832 10.58 -62.23 -17.60
CA TYR D 832 9.91 -61.29 -18.50
C TYR D 832 10.70 -59.99 -18.75
N THR D 833 10.60 -59.52 -19.98
CA THR D 833 11.24 -58.29 -20.41
C THR D 833 10.59 -57.13 -19.63
N LYS D 834 11.45 -56.29 -19.04
CA LYS D 834 11.00 -55.05 -18.37
C LYS D 834 11.15 -53.93 -19.37
N THR D 835 10.12 -53.08 -19.42
CA THR D 835 10.05 -51.90 -20.30
C THR D 835 9.90 -50.64 -19.45
N ILE D 836 10.77 -49.68 -19.74
CA ILE D 836 10.81 -48.42 -19.08
C ILE D 836 10.10 -47.44 -19.98
N TYR D 837 9.10 -46.73 -19.42
CA TYR D 837 8.44 -45.64 -20.15
C TYR D 837 8.69 -44.32 -19.45
N VAL D 838 8.79 -43.28 -20.25
CA VAL D 838 9.07 -41.93 -19.80
C VAL D 838 8.14 -40.92 -20.43
N GLY D 839 7.73 -39.94 -19.66
CA GLY D 839 6.78 -38.92 -20.10
C GLY D 839 6.21 -38.11 -18.93
N ASN D 840 5.01 -37.60 -19.08
CA ASN D 840 4.47 -36.65 -18.09
C ASN D 840 3.09 -36.91 -17.58
N SER D 841 2.57 -38.10 -17.86
CA SER D 841 1.49 -38.71 -17.09
C SER D 841 1.50 -40.23 -17.25
N SER D 842 0.69 -40.95 -16.49
CA SER D 842 0.50 -42.41 -16.71
C SER D 842 0.06 -42.86 -18.16
N ARG D 843 -0.37 -41.94 -18.99
CA ARG D 843 -0.71 -42.26 -20.38
C ARG D 843 -0.08 -41.41 -21.43
N ASN D 844 0.77 -40.45 -21.07
CA ASN D 844 1.46 -39.67 -22.06
C ASN D 844 2.93 -40.02 -21.93
N LEU D 845 3.29 -41.08 -22.66
CA LEU D 845 4.54 -41.80 -22.49
C LEU D 845 5.10 -42.05 -23.88
N PRO D 846 5.54 -40.95 -24.53
CA PRO D 846 6.05 -41.05 -25.88
C PRO D 846 7.35 -41.91 -26.05
N LEU D 847 8.11 -42.14 -24.98
CA LEU D 847 9.40 -42.81 -25.12
C LEU D 847 9.47 -44.05 -24.25
N GLN D 848 9.99 -45.14 -24.81
CA GLN D 848 10.01 -46.42 -24.14
C GLN D 848 11.20 -47.19 -24.59
N ALA D 849 11.69 -48.07 -23.71
CA ALA D 849 12.81 -48.93 -24.02
C ALA D 849 12.89 -50.10 -23.10
N PRO D 850 13.32 -51.26 -23.61
CA PRO D 850 13.50 -52.40 -22.73
C PRO D 850 14.73 -52.24 -21.92
N LEU D 851 14.73 -52.88 -20.73
CA LEU D 851 15.92 -53.03 -19.89
C LEU D 851 16.64 -54.30 -20.36
N LYS D 852 17.88 -54.18 -20.76
CA LYS D 852 18.66 -55.30 -21.27
C LYS D 852 19.59 -55.79 -20.15
N PRO D 853 20.14 -57.03 -20.27
CA PRO D 853 21.17 -57.43 -19.28
C PRO D 853 22.47 -56.56 -19.40
N TYR D 854 23.29 -56.47 -18.34
CA TYR D 854 24.64 -55.88 -18.50
C TYR D 854 25.53 -56.85 -19.30
N PRO D 855 26.19 -56.39 -20.42
CA PRO D 855 26.94 -57.26 -21.38
C PRO D 855 27.51 -58.63 -20.87
C1 NAG E . 39.06 -28.21 -19.38
C2 NAG E . 38.55 -29.10 -20.50
C3 NAG E . 38.63 -28.41 -21.85
C4 NAG E . 37.92 -27.08 -21.80
C5 NAG E . 38.47 -26.24 -20.64
C6 NAG E . 37.75 -24.91 -20.48
C7 NAG E . 38.89 -31.53 -20.35
C8 NAG E . 39.93 -32.61 -20.38
N2 NAG E . 39.36 -30.29 -20.47
O3 NAG E . 37.98 -29.23 -22.84
O4 NAG E . 38.22 -26.37 -22.98
O5 NAG E . 38.37 -26.95 -19.41
O6 NAG E . 36.34 -25.14 -20.44
O7 NAG E . 37.72 -31.82 -20.27
C1 NAG E . 37.15 -26.23 -23.90
C2 NAG E . 37.51 -25.14 -24.91
C3 NAG E . 36.40 -24.98 -25.88
C4 NAG E . 36.05 -26.30 -26.51
C5 NAG E . 35.78 -27.35 -25.45
C6 NAG E . 35.50 -28.72 -26.08
C7 NAG E . 38.88 -23.18 -24.48
C8 NAG E . 38.93 -21.89 -23.71
N2 NAG E . 37.76 -23.87 -24.29
O3 NAG E . 36.96 -24.19 -26.89
O4 NAG E . 34.91 -26.16 -27.35
O5 NAG E . 36.93 -27.43 -24.62
O6 NAG E . 36.67 -29.20 -26.76
O7 NAG E . 39.82 -23.56 -25.20
C1 BMA E . 35.24 -26.33 -28.72
C2 BMA E . 34.03 -26.82 -29.55
C3 BMA E . 34.38 -26.73 -31.07
C4 BMA E . 35.16 -25.46 -31.45
C5 BMA E . 36.35 -25.26 -30.47
C6 BMA E . 37.42 -24.19 -30.81
O2 BMA E . 32.77 -26.23 -29.21
O3 BMA E . 33.18 -26.79 -31.88
O4 BMA E . 35.65 -25.61 -32.79
O5 BMA E . 35.76 -25.08 -29.18
O6 BMA E . 36.91 -22.87 -31.04
C1 MAN E . 32.99 -28.09 -32.49
C2 MAN E . 32.08 -28.03 -33.71
C3 MAN E . 30.64 -27.69 -33.31
C4 MAN E . 30.15 -28.77 -32.32
C5 MAN E . 31.10 -28.78 -31.12
C6 MAN E . 30.68 -29.83 -30.10
O2 MAN E . 32.05 -29.31 -34.37
O3 MAN E . 29.87 -27.58 -34.51
O4 MAN E . 28.81 -28.57 -31.85
O5 MAN E . 32.42 -29.08 -31.62
O6 MAN E . 31.85 -30.35 -29.48
C1 MAN E . 32.98 -29.43 -35.46
C2 MAN E . 32.48 -30.53 -36.41
C3 MAN E . 32.62 -31.89 -35.70
C4 MAN E . 34.04 -32.10 -35.16
C5 MAN E . 34.45 -30.91 -34.27
C6 MAN E . 35.89 -30.99 -33.71
O2 MAN E . 33.16 -30.50 -37.67
O3 MAN E . 32.26 -32.95 -36.59
O4 MAN E . 34.10 -33.36 -34.48
O5 MAN E . 34.33 -29.71 -35.05
O6 MAN E . 36.18 -29.87 -32.85
C1 NAG F . 51.11 -21.21 16.32
C2 NAG F . 50.34 -22.51 16.09
C3 NAG F . 49.72 -22.92 17.40
C4 NAG F . 50.81 -23.13 18.41
C5 NAG F . 51.58 -21.81 18.57
C6 NAG F . 52.72 -21.94 19.54
C7 NAG F . 49.25 -22.77 13.85
C8 NAG F . 47.93 -22.58 13.13
N2 NAG F . 49.23 -22.44 15.14
O3 NAG F . 48.88 -24.08 17.23
O4 NAG F . 50.25 -23.55 19.71
O5 NAG F . 52.11 -21.39 17.31
O6 NAG F . 53.54 -23.03 19.06
O7 NAG F . 50.20 -23.20 13.24
C1 NAG F . 50.76 -24.84 20.09
C2 NAG F . 50.51 -25.11 21.56
C3 NAG F . 51.16 -26.44 21.94
C4 NAG F . 50.64 -27.57 21.05
C5 NAG F . 50.79 -27.18 19.57
C6 NAG F . 50.02 -28.14 18.65
C7 NAG F . 50.36 -23.03 22.82
C8 NAG F . 51.10 -21.99 23.63
N2 NAG F . 51.07 -24.05 22.35
O3 NAG F . 50.93 -26.70 23.32
O4 NAG F . 51.41 -28.77 21.29
O5 NAG F . 50.22 -25.89 19.30
O6 NAG F . 50.58 -28.10 17.32
O7 NAG F . 49.17 -22.95 22.62
C1 BMA F . 51.09 -29.52 22.49
C2 BMA F . 51.43 -30.96 22.15
C3 BMA F . 51.02 -31.92 23.27
C4 BMA F . 51.61 -31.45 24.58
C5 BMA F . 51.37 -29.98 24.83
C6 BMA F . 52.10 -29.57 26.09
O2 BMA F . 52.85 -31.04 21.92
O3 BMA F . 51.53 -33.21 22.96
O4 BMA F . 50.93 -32.15 25.64
O5 BMA F . 51.81 -29.21 23.69
O6 BMA F . 52.58 -28.26 25.86
C1 MAN F . 50.55 -34.12 22.43
C2 MAN F . 51.10 -35.56 22.35
C3 MAN F . 52.14 -35.73 21.21
C4 MAN F . 51.64 -35.15 19.89
C5 MAN F . 51.07 -33.73 20.10
C6 MAN F . 50.45 -33.11 18.83
O2 MAN F . 49.92 -36.40 22.20
O3 MAN F . 52.44 -37.12 20.94
O4 MAN F . 52.74 -35.13 18.97
O5 MAN F . 50.05 -33.78 21.12
O6 MAN F . 49.70 -31.90 19.12
C1 MAN F . 49.88 -37.54 23.08
C2 MAN F . 48.53 -38.25 22.87
C3 MAN F . 47.44 -37.39 23.53
C4 MAN F . 47.75 -37.28 25.05
C5 MAN F . 49.10 -36.55 25.19
C6 MAN F . 49.54 -36.36 26.65
O2 MAN F . 48.54 -39.56 23.48
O3 MAN F . 46.12 -37.89 23.24
O4 MAN F . 46.69 -36.65 25.80
O5 MAN F . 50.08 -37.34 24.51
O6 MAN F . 48.46 -35.90 27.48
C1 MAN F . 49.11 -40.69 22.76
C2 MAN F . 48.23 -41.94 22.95
C3 MAN F . 48.32 -42.48 24.40
C4 MAN F . 49.78 -42.68 24.79
C5 MAN F . 50.54 -41.36 24.56
C6 MAN F . 52.01 -41.39 24.97
O2 MAN F . 48.60 -42.94 22.00
O3 MAN F . 47.61 -43.72 24.60
O4 MAN F . 49.81 -43.12 26.16
O5 MAN F . 50.46 -41.02 23.17
O6 MAN F . 52.56 -40.09 24.76
C1 MAN F . 52.86 -27.47 27.05
C2 MAN F . 51.72 -26.49 27.46
C3 MAN F . 51.70 -25.16 26.66
C4 MAN F . 53.13 -24.58 26.69
C5 MAN F . 54.13 -25.62 26.08
C6 MAN F . 55.57 -25.16 25.70
O2 MAN F . 51.82 -26.20 28.86
O3 MAN F . 50.65 -24.22 27.05
O4 MAN F . 53.18 -23.24 26.15
O5 MAN F . 54.13 -26.76 26.97
O6 MAN F . 56.64 -25.60 26.55
C1 NAG G . 54.30 -24.27 -12.87
C2 NAG G . 54.19 -23.15 -13.89
C3 NAG G . 55.45 -22.30 -13.91
C4 NAG G . 55.69 -21.81 -12.50
C5 NAG G . 55.71 -22.94 -11.49
C6 NAG G . 55.80 -22.34 -10.08
C7 NAG G . 52.80 -23.59 -15.85
C8 NAG G . 52.66 -24.39 -17.11
N2 NAG G . 53.90 -23.79 -15.14
O3 NAG G . 55.21 -21.16 -14.73
O4 NAG G . 56.94 -21.16 -12.33
O5 NAG G . 54.51 -23.68 -11.61
O6 NAG G . 56.07 -23.34 -9.08
O7 NAG G . 51.93 -22.81 -15.51
C1 NAG G . 57.06 -19.90 -12.91
C2 NAG G . 58.10 -19.25 -12.01
C3 NAG G . 58.51 -17.93 -12.67
C4 NAG G . 59.03 -18.22 -14.08
C5 NAG G . 57.92 -18.89 -14.89
C6 NAG G . 58.38 -19.29 -16.30
C7 NAG G . 58.01 -19.43 -9.54
C8 NAG G . 57.35 -18.89 -8.29
N2 NAG G . 57.58 -18.93 -10.69
O3 NAG G . 59.44 -17.23 -11.82
O4 NAG G . 59.42 -17.05 -14.80
O5 NAG G . 57.51 -20.09 -14.23
O6 NAG G . 59.52 -20.20 -16.25
O7 NAG G . 58.85 -20.31 -9.43
C1 BMA G . 60.72 -16.49 -14.55
C2 BMA G . 61.31 -16.32 -15.94
C3 BMA G . 62.53 -15.41 -16.00
C4 BMA G . 62.33 -14.16 -15.13
C5 BMA G . 61.61 -14.36 -13.79
C6 BMA G . 60.90 -13.08 -13.28
O2 BMA G . 60.24 -15.72 -16.70
O3 BMA G . 62.62 -14.87 -17.34
O4 BMA G . 63.66 -13.76 -14.83
O5 BMA G . 60.47 -15.19 -14.02
O6 BMA G . 61.74 -11.99 -12.89
C1 MAN G . 63.25 -15.63 -18.42
C2 MAN G . 63.46 -14.66 -19.59
C3 MAN G . 62.14 -14.44 -20.34
C4 MAN G . 61.53 -15.79 -20.82
C5 MAN G . 61.33 -16.73 -19.61
C6 MAN G . 60.80 -18.14 -19.96
O2 MAN G . 64.49 -15.11 -20.47
O3 MAN G . 62.38 -13.52 -21.42
O4 MAN G . 60.25 -15.60 -21.46
O5 MAN G . 62.62 -16.84 -18.96
O6 MAN G . 59.42 -18.22 -20.38
C1 NAG H . 56.93 -33.08 -10.50
C2 NAG H . 58.30 -32.67 -9.99
C3 NAG H . 58.23 -31.50 -9.02
C4 NAG H . 57.35 -30.37 -9.53
C5 NAG H . 56.06 -30.91 -10.11
C6 NAG H . 55.21 -29.88 -10.81
C7 NAG H . 59.78 -34.64 -10.03
C8 NAG H . 60.29 -35.86 -9.28
N2 NAG H . 58.90 -33.88 -9.39
O3 NAG H . 59.58 -31.01 -8.90
O4 NAG H . 56.97 -29.54 -8.43
O5 NAG H . 56.28 -31.96 -11.07
O6 NAG H . 55.99 -28.98 -11.60
O7 NAG H . 60.15 -34.36 -11.15
C1 NAG H . 57.88 -28.51 -8.04
C2 NAG H . 57.16 -27.41 -7.27
C3 NAG H . 58.08 -26.40 -6.61
C4 NAG H . 59.28 -27.09 -5.97
C5 NAG H . 59.91 -28.11 -6.92
C6 NAG H . 61.15 -28.88 -6.39
C7 NAG H . 55.01 -26.77 -8.23
C8 NAG H . 54.30 -26.04 -9.33
N2 NAG H . 56.34 -26.70 -8.22
O3 NAG H . 57.35 -25.77 -5.56
O4 NAG H . 60.18 -26.06 -5.59
O5 NAG H . 58.89 -29.08 -7.26
O6 NAG H . 61.63 -29.84 -7.39
O7 NAG H . 54.37 -27.37 -7.41
C1 BMA H . 60.41 -25.98 -4.17
C2 BMA H . 61.66 -25.13 -3.95
C3 BMA H . 61.96 -24.98 -2.48
C4 BMA H . 60.71 -24.52 -1.76
C5 BMA H . 59.53 -25.44 -2.10
C6 BMA H . 58.28 -24.94 -1.43
O2 BMA H . 61.54 -23.84 -4.52
O3 BMA H . 62.95 -23.97 -2.33
O4 BMA H . 60.95 -24.60 -0.36
O5 BMA H . 59.31 -25.43 -3.48
O6 BMA H . 58.09 -23.57 -1.82
C1 MAN H . 56.82 -23.06 -1.35
C2 MAN H . 56.70 -21.57 -1.72
C3 MAN H . 57.69 -20.80 -0.85
C4 MAN H . 57.39 -21.06 0.62
C5 MAN H . 57.51 -22.54 0.91
C6 MAN H . 57.19 -22.88 2.37
O2 MAN H . 55.39 -21.01 -1.57
O3 MAN H . 57.71 -19.40 -1.18
O4 MAN H . 58.35 -20.36 1.38
O5 MAN H . 56.59 -23.22 0.06
O6 MAN H . 57.23 -24.31 2.36
C1 MAN H . 56.98 -24.92 3.63
C2 MAN H . 57.79 -26.21 3.78
C3 MAN H . 57.40 -27.18 2.68
C4 MAN H . 55.89 -27.46 2.75
C5 MAN H . 55.16 -26.12 2.67
C6 MAN H . 53.65 -26.20 2.89
O2 MAN H . 57.54 -26.90 5.00
O3 MAN H . 58.14 -28.40 2.85
O4 MAN H . 55.59 -28.34 1.68
O5 MAN H . 55.62 -25.26 3.71
O6 MAN H . 53.07 -24.88 2.80
C1 MAN H . 58.29 -26.33 6.07
C2 MAN H . 58.47 -27.31 7.21
C3 MAN H . 57.12 -27.76 7.80
C4 MAN H . 56.31 -26.51 8.23
C5 MAN H . 56.30 -25.45 7.14
C6 MAN H . 55.85 -24.08 7.66
O2 MAN H . 59.12 -26.60 8.24
O3 MAN H . 57.36 -28.64 8.91
O4 MAN H . 54.97 -26.91 8.53
O5 MAN H . 57.63 -25.20 6.64
O6 MAN H . 55.63 -23.23 6.51
C1 MAN H . 59.04 -18.80 -1.27
C2 MAN H . 58.99 -17.29 -0.91
C3 MAN H . 57.94 -16.68 -1.86
C4 MAN H . 58.35 -16.92 -3.33
C5 MAN H . 58.63 -18.41 -3.56
C6 MAN H . 59.29 -18.67 -4.90
O2 MAN H . 60.28 -16.62 -0.86
O3 MAN H . 57.67 -15.31 -1.50
O4 MAN H . 57.27 -16.58 -4.21
O5 MAN H . 59.55 -18.92 -2.60
O6 MAN H . 59.61 -20.07 -4.95
C1 MAN H . 64.28 -24.41 -1.99
C2 MAN H . 64.95 -23.15 -1.44
C3 MAN H . 65.11 -22.15 -2.60
C4 MAN H . 65.82 -22.75 -3.80
C5 MAN H . 65.27 -24.12 -4.21
C6 MAN H . 66.34 -24.71 -5.18
O2 MAN H . 66.22 -23.39 -0.83
O3 MAN H . 65.89 -21.04 -2.16
O4 MAN H . 65.59 -21.83 -4.87
O5 MAN H . 65.12 -24.95 -3.04
O6 MAN H . 65.90 -25.79 -6.03
C1 MAN H . 66.14 -23.96 0.52
C2 MAN H . 67.36 -23.47 1.32
C3 MAN H . 68.64 -24.23 0.89
C4 MAN H . 68.45 -25.74 0.59
C5 MAN H . 67.16 -26.02 -0.17
C6 MAN H . 66.92 -27.52 -0.38
O2 MAN H . 67.08 -23.50 2.74
O3 MAN H . 69.61 -24.12 1.93
O4 MAN H . 69.50 -26.17 -0.31
O5 MAN H . 66.08 -25.41 0.56
O6 MAN H . 66.41 -27.76 -1.70
C1 NAG I . 31.56 10.68 -5.24
C2 NAG I . 31.94 12.12 -4.91
C3 NAG I . 33.33 12.45 -5.41
C4 NAG I . 34.31 11.33 -4.98
C5 NAG I . 33.77 9.92 -5.32
C6 NAG I . 34.65 8.77 -4.80
C7 NAG I . 30.02 13.64 -4.71
C8 NAG I . 29.12 14.58 -5.49
N2 NAG I . 30.95 13.03 -5.44
O3 NAG I . 33.75 13.69 -4.86
O4 NAG I . 35.53 11.44 -5.75
O5 NAG I . 32.50 9.75 -4.75
O6 NAG I . 34.88 8.94 -3.39
O7 NAG I . 29.89 13.52 -3.50
C1 NAG I . 36.64 11.70 -4.90
C2 NAG I . 37.95 11.42 -5.65
C3 NAG I . 39.06 11.68 -4.65
C4 NAG I . 38.96 13.09 -4.03
C5 NAG I . 37.59 13.29 -3.38
C6 NAG I . 37.42 14.73 -2.91
C7 NAG I . 37.56 9.47 -7.31
C8 NAG I . 37.67 7.97 -7.38
N2 NAG I . 37.94 10.02 -6.10
O3 NAG I . 40.32 11.57 -5.28
O4 NAG I . 39.99 13.27 -3.02
O5 NAG I . 36.57 13.02 -4.34
O6 NAG I . 37.18 15.54 -4.07
O7 NAG I . 37.17 10.09 -8.31
C1 BMA I . 41.04 14.20 -3.36
C2 BMA I . 41.44 15.00 -2.12
C3 BMA I . 42.74 15.80 -2.32
C4 BMA I . 43.80 14.90 -2.98
C5 BMA I . 43.24 14.32 -4.29
C6 BMA I . 44.28 13.57 -5.14
O2 BMA I . 41.53 14.14 -0.97
O3 BMA I . 43.22 16.36 -1.08
O4 BMA I . 45.03 15.58 -3.20
O5 BMA I . 42.14 13.47 -3.90
O6 BMA I . 43.88 12.20 -5.45
C1 MAN I . 44.51 11.69 -6.65
C2 MAN I . 43.58 11.96 -7.86
C3 MAN I . 42.55 10.83 -8.06
C4 MAN I . 43.19 9.42 -7.95
C5 MAN I . 44.01 9.27 -6.66
C6 MAN I . 44.73 7.91 -6.69
O2 MAN I . 44.39 12.20 -9.02
O3 MAN I . 41.86 10.98 -9.32
O4 MAN I . 42.14 8.44 -7.95
O5 MAN I . 44.99 10.32 -6.66
O6 MAN I . 45.19 7.51 -5.39
C1 NAG J . 38.20 10.23 10.47
C2 NAG J . 38.51 11.73 10.38
C3 NAG J . 37.56 12.46 9.44
C4 NAG J . 37.29 11.65 8.16
C5 NAG J . 37.04 10.18 8.43
C6 NAG J . 36.97 9.37 7.17
C7 NAG J . 39.51 12.89 12.29
C8 NAG J . 39.23 13.45 13.68
N2 NAG J . 38.44 12.33 11.71
O3 NAG J . 38.20 13.72 9.12
O4 NAG J . 36.08 12.13 7.53
O5 NAG J . 38.11 9.64 9.18
O6 NAG J . 38.21 9.52 6.46
O7 NAG J . 40.62 12.91 11.72
C1 NAG J . 36.25 13.47 7.00
C2 NAG J . 35.31 13.71 5.84
C3 NAG J . 35.33 15.18 5.37
C4 NAG J . 35.24 16.12 6.56
C5 NAG J . 36.28 15.73 7.63
C6 NAG J . 36.34 16.58 8.87
C7 NAG J . 34.85 11.88 4.30
C8 NAG J . 35.24 11.18 3.03
N2 NAG J . 35.61 12.90 4.68
O3 NAG J . 34.19 15.45 4.58
O4 NAG J . 35.48 17.40 5.99
O5 NAG J . 35.98 14.39 8.06
O6 NAG J . 35.02 16.68 9.30
O7 NAG J . 33.90 11.46 4.95
C1 BMA J . 34.65 18.46 6.58
C2 BMA J . 35.53 19.69 6.67
C3 BMA J . 34.76 20.93 7.11
C4 BMA J . 33.51 21.05 6.25
C5 BMA J . 32.69 19.78 6.22
C6 BMA J . 31.56 19.90 5.20
O2 BMA J . 36.07 19.86 5.35
O3 BMA J . 35.52 22.11 6.87
O4 BMA J . 32.72 22.11 6.76
O5 BMA J . 33.56 18.74 5.75
O6 BMA J . 32.16 19.93 3.89
C1 MAN J . 35.98 22.81 8.04
C2 MAN J . 36.57 24.16 7.59
C3 MAN J . 37.73 23.91 6.64
C4 MAN J . 38.81 23.07 7.34
C5 MAN J . 38.16 21.84 7.96
C6 MAN J . 39.09 21.04 8.86
O2 MAN J . 37.14 24.89 8.66
O3 MAN J . 38.24 25.14 6.14
O4 MAN J . 39.74 22.69 6.31
O5 MAN J . 37.02 22.15 8.77
O6 MAN J . 38.48 19.76 9.10
C1 MAN J . 36.17 25.53 9.51
C2 MAN J . 36.90 26.64 10.28
C3 MAN J . 37.89 25.96 11.26
C4 MAN J . 37.08 25.06 12.23
C5 MAN J . 36.31 24.00 11.42
C6 MAN J . 35.48 23.06 12.32
O2 MAN J . 36.06 27.53 11.05
O3 MAN J . 38.74 26.93 11.88
O4 MAN J . 37.93 24.44 13.19
O5 MAN J . 35.47 24.68 10.45
O6 MAN J . 34.28 22.62 11.66
C1 MAN J . 35.27 28.45 10.27
C2 MAN J . 34.81 29.61 11.18
C3 MAN J . 33.77 29.12 12.22
C4 MAN J . 32.64 28.34 11.51
C5 MAN J . 33.22 27.24 10.61
C6 MAN J . 32.12 26.43 9.91
O2 MAN J . 34.32 30.69 10.37
O3 MAN J . 33.27 30.20 13.04
O4 MAN J . 31.74 27.74 12.43
O5 MAN J . 34.11 27.86 9.65
O6 MAN J . 32.63 25.82 8.72
C1 MAN J . 31.30 20.38 2.82
C2 MAN J . 31.95 20.24 1.45
C3 MAN J . 33.09 21.24 1.19
C4 MAN J . 32.53 22.67 1.46
C5 MAN J . 31.93 22.70 2.88
C6 MAN J . 31.43 24.04 3.38
O2 MAN J . 30.93 20.51 0.51
O3 MAN J . 33.71 21.06 -0.11
O4 MAN J . 33.56 23.64 1.31
O5 MAN J . 30.84 21.73 2.96
O6 MAN J . 30.39 24.46 2.48
C1 MAN J . 29.83 25.73 2.86
C2 MAN J . 28.71 26.12 1.90
C3 MAN J . 29.32 26.24 0.49
C4 MAN J . 30.39 27.31 0.49
C5 MAN J . 31.42 27.05 1.59
C6 MAN J . 32.24 28.31 1.83
O2 MAN J . 28.09 27.38 2.27
O3 MAN J . 28.36 26.51 -0.53
O4 MAN J . 31.02 27.27 -0.79
O5 MAN J . 30.76 26.81 2.83
O6 MAN J . 33.41 27.93 2.57
C1 MAN J . 27.50 27.46 3.60
C2 MAN J . 26.20 28.24 3.58
C3 MAN J . 26.44 29.71 3.26
C4 MAN J . 27.44 30.30 4.25
C5 MAN J . 28.72 29.45 4.28
C6 MAN J . 29.72 29.99 5.32
O2 MAN J . 25.54 28.11 4.86
O3 MAN J . 25.17 30.37 3.34
O4 MAN J . 27.76 31.66 3.98
O5 MAN J . 28.33 28.09 4.60
O6 MAN J . 30.80 29.05 5.47
C1 NAG K . 18.50 22.35 23.64
C2 NAG K . 19.60 23.38 23.73
C3 NAG K . 19.00 24.75 24.11
C4 NAG K . 17.96 25.16 23.06
C5 NAG K . 16.86 24.10 23.01
C6 NAG K . 15.89 24.43 21.88
C7 NAG K . 21.85 22.80 24.51
C8 NAG K . 22.71 22.34 25.65
N2 NAG K . 20.55 22.95 24.75
O3 NAG K . 20.02 25.73 24.20
O4 NAG K . 17.39 26.41 23.41
O5 NAG K . 17.47 22.82 22.75
O6 NAG K . 14.69 23.68 21.99
O7 NAG K . 22.33 23.03 23.43
C1 NAG K . 17.73 27.55 22.58
C2 NAG K . 16.72 28.63 22.99
C3 NAG K . 17.19 30.02 22.56
C4 NAG K . 18.66 30.25 22.89
C5 NAG K . 19.50 29.12 22.25
C6 NAG K . 21.01 29.28 22.46
C7 NAG K . 14.28 28.07 22.96
C8 NAG K . 13.06 27.83 22.08
N2 NAG K . 15.43 28.39 22.33
O3 NAG K . 16.39 30.98 23.26
O4 NAG K . 19.03 31.56 22.47
O5 NAG K . 19.09 27.90 22.85
O6 NAG K . 21.29 29.35 23.86
O7 NAG K . 14.19 27.99 24.17
C1 NAG L . -3.75 55.14 12.97
C2 NAG L . -4.56 55.37 14.23
C3 NAG L . -3.72 55.12 15.48
C4 NAG L . -3.00 53.78 15.41
C5 NAG L . -2.25 53.65 14.07
C6 NAG L . -1.54 52.31 13.89
C7 NAG L . -6.42 57.04 14.26
C8 NAG L . -6.73 58.53 14.33
N2 NAG L . -5.11 56.73 14.27
O3 NAG L . -4.66 55.20 16.58
O4 NAG L . -2.00 53.70 16.44
O5 NAG L . -3.15 53.84 12.98
O6 NAG L . -2.54 51.30 13.98
O7 NAG L . -7.32 56.21 14.19
C1 NAG L . -2.40 52.87 17.50
C2 NAG L . -1.21 52.65 18.41
C3 NAG L . -1.63 51.74 19.57
C4 NAG L . -2.79 52.39 20.32
C5 NAG L . -3.93 52.72 19.36
C6 NAG L . -5.06 53.46 20.08
C7 NAG L . 1.14 52.54 17.73
C8 NAG L . 2.17 51.79 16.91
N2 NAG L . -0.10 52.07 17.69
O3 NAG L . -0.49 51.57 20.44
O4 NAG L . -3.40 51.45 21.19
O5 NAG L . -3.45 53.49 18.24
O6 NAG L . -4.54 54.62 20.76
O7 NAG L . 1.44 53.52 18.40
C1 BMA L . -2.77 51.24 22.44
C2 BMA L . -3.90 50.75 23.34
C3 BMA L . -3.36 50.36 24.71
C4 BMA L . -2.24 49.34 24.51
C5 BMA L . -1.16 49.96 23.62
C6 BMA L . 0.06 49.06 23.46
O2 BMA L . -4.54 49.62 22.71
O3 BMA L . -4.38 49.79 25.54
O4 BMA L . -1.70 48.96 25.77
O5 BMA L . -1.79 50.21 22.37
O6 BMA L . 1.09 49.51 24.34
C1 MAN L . -5.35 50.76 25.98
C2 MAN L . -5.83 50.24 27.33
C3 MAN L . -6.74 49.01 27.12
C4 MAN L . -7.85 49.25 26.09
C5 MAN L . -7.24 49.78 24.79
C6 MAN L . -8.33 50.04 23.75
O2 MAN L . -6.48 51.35 27.97
O3 MAN L . -7.42 48.64 28.32
O4 MAN L . -8.54 48.02 25.86
O5 MAN L . -6.49 50.98 25.12
O6 MAN L . -8.13 51.33 23.15
C1 NAG M . 3.87 58.72 -24.35
C2 NAG M . 2.40 58.84 -23.96
C3 NAG M . 1.57 58.44 -25.16
C4 NAG M . 1.85 59.46 -26.27
C5 NAG M . 3.33 59.40 -26.66
C6 NAG M . 3.72 60.44 -27.72
C7 NAG M . 2.04 58.40 -21.52
C8 NAG M . 1.59 57.36 -20.55
N2 NAG M . 2.04 58.02 -22.82
O3 NAG M . 0.18 58.39 -24.83
O4 NAG M . 1.04 59.18 -27.42
O5 NAG M . 4.09 59.61 -25.46
O6 NAG M . 3.37 61.74 -27.20
O7 NAG M . 2.40 59.50 -21.14
C1 NAG M . 0.22 60.30 -27.79
C2 NAG M . -0.24 60.13 -29.22
C3 NAG M . -1.12 61.29 -29.63
C4 NAG M . -2.25 61.51 -28.65
C5 NAG M . -1.73 61.56 -27.22
C6 NAG M . -2.84 61.55 -26.16
C7 NAG M . 1.41 58.90 -30.52
C8 NAG M . 2.68 58.93 -31.35
N2 NAG M . 0.94 60.05 -30.05
O3 NAG M . -1.67 60.98 -30.92
O4 NAG M . -2.77 62.81 -28.93
O5 NAG M . -0.92 60.42 -26.96
O6 NAG M . -2.35 62.11 -24.94
O7 NAG M . 0.80 57.86 -30.30
C1 BMA M . -3.76 62.93 -29.98
C2 BMA M . -4.81 63.82 -29.39
C3 BMA M . -5.96 63.98 -30.37
C4 BMA M . -5.49 64.35 -31.76
C5 BMA M . -4.29 63.58 -32.23
C6 BMA M . -3.74 64.23 -33.49
O2 BMA M . -4.18 65.07 -29.07
O3 BMA M . -6.76 65.07 -29.93
O4 BMA M . -6.55 63.96 -32.61
O5 BMA M . -3.32 63.60 -31.17
O6 BMA M . -2.70 63.39 -34.04
C1 MAN M . -7.99 64.74 -29.22
C2 MAN M . -9.02 65.84 -29.51
C3 MAN M . -8.74 67.11 -28.65
C4 MAN M . -8.53 66.75 -27.18
C5 MAN M . -7.42 65.71 -27.08
C6 MAN M . -7.08 65.37 -25.62
O2 MAN M . -10.27 65.19 -29.28
O3 MAN M . -9.76 68.13 -28.73
O4 MAN M . -8.21 67.93 -26.45
O5 MAN M . -7.87 64.55 -27.80
O6 MAN M . -6.10 64.30 -25.59
C1 MAN M . -11.36 65.78 -29.99
C2 MAN M . -12.64 65.30 -29.28
C3 MAN M . -12.89 63.82 -29.66
C4 MAN M . -12.95 63.71 -31.19
C5 MAN M . -11.61 64.15 -31.78
C6 MAN M . -11.69 63.95 -33.31
O2 MAN M . -13.69 66.25 -29.55
O3 MAN M . -14.07 63.23 -29.07
O4 MAN M . -13.32 62.39 -31.62
O5 MAN M . -11.42 65.52 -31.41
O6 MAN M . -10.61 64.53 -34.03
C1 NAG N . 6.90 65.36 4.22
C2 NAG N . 7.93 64.74 5.14
C3 NAG N . 9.29 65.35 4.89
C4 NAG N . 9.67 65.15 3.42
C5 NAG N . 8.57 65.68 2.52
C6 NAG N . 8.89 65.42 1.03
C7 NAG N . 7.17 64.02 7.35
C8 NAG N . 6.71 64.46 8.71
N2 NAG N . 7.47 64.98 6.47
O3 NAG N . 10.24 64.78 5.82
O4 NAG N . 10.88 65.83 3.06
O5 NAG N . 7.33 65.10 2.88
O6 NAG N . 7.97 66.02 0.08
O7 NAG N . 7.29 62.86 7.09
C1 NAG N . 12.07 65.16 3.48
C2 NAG N . 13.06 65.42 2.37
C3 NAG N . 14.47 65.09 2.78
C4 NAG N . 14.87 65.54 4.17
C5 NAG N . 13.75 65.06 5.14
C6 NAG N . 14.02 65.30 6.63
C7 NAG N . 12.42 64.92 0.06
C8 NAG N . 12.27 63.72 -0.85
N2 NAG N . 12.83 64.53 1.26
O3 NAG N . 15.32 65.74 1.86
O4 NAG N . 16.12 64.88 4.34
O5 NAG N . 12.51 65.68 4.73
O6 NAG N . 13.76 66.68 6.91
O7 NAG N . 12.19 66.11 -0.27
C1 BMA N . 17.31 65.64 4.01
C2 BMA N . 18.15 65.83 5.27
C3 BMA N . 19.27 66.84 4.96
C4 BMA N . 20.04 66.40 3.69
C5 BMA N . 19.16 65.92 2.51
C6 BMA N . 19.94 65.12 1.43
O2 BMA N . 18.65 64.55 5.74
O3 BMA N . 20.19 66.93 6.08
O4 BMA N . 20.75 67.57 3.24
O5 BMA N . 18.15 65.03 3.02
O6 BMA N . 20.29 65.88 0.26
C1 MAN N . 19.65 67.46 7.34
C2 MAN N . 20.73 68.23 8.15
C3 MAN N . 21.57 67.29 9.05
C4 MAN N . 20.73 66.26 9.81
C5 MAN N . 19.81 65.54 8.81
C6 MAN N . 19.01 64.40 9.45
O2 MAN N . 20.16 69.30 8.91
O3 MAN N . 22.33 68.09 9.97
O4 MAN N . 21.57 65.34 10.52
O5 MAN N . 18.96 66.53 8.22
O6 MAN N . 19.87 63.28 9.60
C1 NAG O . 0.57 72.06 2.08
C2 NAG O . 1.55 73.05 1.41
C3 NAG O . 2.31 72.27 0.35
C4 NAG O . 2.92 70.95 0.88
C5 NAG O . 1.90 70.13 1.63
C6 NAG O . 2.50 68.89 2.30
C7 NAG O . 0.67 75.39 1.52
C8 NAG O . -0.14 76.42 0.76
N2 NAG O . 0.85 74.23 0.87
O3 NAG O . 3.37 73.13 -0.07
O4 NAG O . 3.31 70.08 -0.19
O5 NAG O . 1.29 70.93 2.62
O6 NAG O . 3.53 69.20 3.26
O7 NAG O . 1.10 75.64 2.64
C1 NAG O . 4.60 70.37 -0.72
C2 NAG O . 4.95 69.12 -1.48
C3 NAG O . 6.17 69.27 -2.35
C4 NAG O . 6.07 70.57 -3.15
C5 NAG O . 5.76 71.74 -2.23
C6 NAG O . 5.69 73.11 -2.95
C7 NAG O . 4.34 67.02 -0.39
C8 NAG O . 4.66 66.08 0.72
N2 NAG O . 5.13 68.10 -0.47
O3 NAG O . 6.21 68.13 -3.21
O4 NAG O . 7.36 70.80 -3.72
O5 NAG O . 4.52 71.48 -1.59
O6 NAG O . 5.29 74.13 -2.03
O7 NAG O . 3.44 66.82 -1.20
C1 BMA O . 7.35 70.79 -5.12
C2 BMA O . 8.70 71.33 -5.56
C3 BMA O . 8.73 71.34 -7.08
C4 BMA O . 8.35 70.02 -7.65
C5 BMA O . 7.04 69.52 -7.08
C6 BMA O . 6.72 68.10 -7.52
O2 BMA O . 9.76 70.53 -5.04
O3 BMA O . 10.08 71.66 -7.46
O4 BMA O . 8.27 70.12 -9.07
O5 BMA O . 7.17 69.49 -5.66
O6 BMA O . 7.89 67.29 -7.24
C1 MAN O . 7.71 65.91 -7.58
C2 MAN O . 9.03 65.19 -7.38
C3 MAN O . 10.03 65.61 -8.45
C4 MAN O . 9.45 65.39 -9.81
C5 MAN O . 8.16 66.16 -9.92
C6 MAN O . 7.52 65.97 -11.29
O2 MAN O . 8.84 63.76 -7.42
O3 MAN O . 11.16 64.77 -8.38
O4 MAN O . 10.35 65.88 -10.79
O5 MAN O . 7.26 65.66 -8.91
O6 MAN O . 6.48 66.93 -11.32
C1 MAN O . 12.38 65.56 -8.34
C2 MAN O . 13.63 64.67 -8.37
C3 MAN O . 13.66 63.87 -7.04
C4 MAN O . 13.77 64.85 -5.86
C5 MAN O . 12.52 65.77 -5.90
C6 MAN O . 12.37 66.71 -4.68
O2 MAN O . 14.87 65.45 -8.41
O3 MAN O . 14.70 62.92 -6.99
O4 MAN O . 13.88 64.19 -4.61
O5 MAN O . 12.49 66.44 -7.19
O6 MAN O . 13.38 67.73 -4.58
C1 MAN O . 15.23 66.23 -9.59
C2 MAN O . 16.75 66.54 -9.53
C3 MAN O . 17.11 67.54 -8.42
C4 MAN O . 16.26 68.83 -8.56
C5 MAN O . 14.78 68.41 -8.62
C6 MAN O . 13.81 69.59 -8.72
O2 MAN O . 17.22 67.05 -10.81
O3 MAN O . 18.50 67.85 -8.46
O4 MAN O . 16.52 69.75 -7.48
O5 MAN O . 14.56 67.49 -9.73
O6 MAN O . 12.58 69.25 -8.04
C1 MAN O . 5.73 66.84 -12.51
C2 MAN O . 5.05 68.19 -12.61
C3 MAN O . 4.12 68.40 -11.40
C4 MAN O . 3.10 67.25 -11.24
C5 MAN O . 3.87 65.91 -11.29
C6 MAN O . 2.92 64.74 -11.45
O2 MAN O . 4.22 68.29 -13.74
O3 MAN O . 3.47 69.66 -11.59
O4 MAN O . 2.39 67.34 -9.97
O5 MAN O . 4.72 65.82 -12.45
O6 MAN O . 3.55 63.58 -10.89
C1 MAN O . 4.90 68.26 -14.99
C2 MAN O . 3.97 68.89 -15.99
C3 MAN O . 2.79 67.97 -16.28
C4 MAN O . 3.24 66.62 -16.75
C5 MAN O . 4.23 66.04 -15.74
C6 MAN O . 4.84 64.82 -16.46
O2 MAN O . 4.74 69.12 -17.16
O3 MAN O . 2.01 68.45 -17.36
O4 MAN O . 2.12 65.76 -17.06
O5 MAN O . 5.26 66.98 -15.52
O6 MAN O . 5.98 64.33 -15.77
C1 MAN O . 10.15 72.93 -8.17
C2 MAN O . 11.47 72.91 -8.95
C3 MAN O . 12.63 73.05 -7.95
C4 MAN O . 12.45 74.25 -7.01
C5 MAN O . 11.07 74.26 -6.37
C6 MAN O . 10.82 75.56 -5.59
O2 MAN O . 11.53 73.93 -9.97
O3 MAN O . 13.84 73.13 -8.71
O4 MAN O . 13.46 74.25 -5.98
O5 MAN O . 10.08 74.15 -7.42
O6 MAN O . 9.98 75.33 -4.44
C1 MAN O . 10.51 73.80 -11.00
C2 MAN O . 11.15 73.88 -12.40
C3 MAN O . 11.54 75.34 -12.75
C4 MAN O . 10.58 76.42 -12.16
C5 MAN O . 10.00 76.13 -10.77
C6 MAN O . 8.91 77.15 -10.38
O2 MAN O . 10.32 73.22 -13.40
O3 MAN O . 11.53 75.42 -14.18
O4 MAN O . 11.33 77.63 -11.99
O5 MAN O . 9.46 74.79 -10.81
O6 MAN O . 8.44 76.99 -9.03
C1 NAG P . 23.15 26.77 -2.99
C2 NAG P . 24.51 26.30 -3.51
C3 NAG P . 25.58 27.34 -3.19
C4 NAG P . 25.17 28.72 -3.70
C5 NAG P . 23.77 29.07 -3.18
C6 NAG P . 23.27 30.37 -3.83
C7 NAG P . 24.68 23.83 -3.37
C8 NAG P . 25.08 22.72 -2.42
N2 NAG P . 24.83 25.05 -2.85
O3 NAG P . 26.77 27.01 -3.90
O4 NAG P . 26.12 29.71 -3.25
O5 NAG P . 22.85 28.04 -3.51
O6 NAG P . 23.39 30.32 -5.28
O7 NAG P . 24.24 23.59 -4.49
C1 NAG P . 26.87 30.36 -4.31
C2 NAG P . 27.67 31.56 -3.75
C3 NAG P . 28.52 32.18 -4.86
C4 NAG P . 29.38 31.11 -5.56
C5 NAG P . 28.47 29.97 -6.02
C6 NAG P . 29.19 28.86 -6.78
C7 NAG P . 26.18 32.39 -1.91
C8 NAG P . 25.22 33.46 -1.51
N2 NAG P . 26.73 32.52 -3.14
O3 NAG P . 29.43 33.18 -4.40
O4 NAG P . 30.03 31.68 -6.71
O5 NAG P . 27.75 29.42 -4.91
O6 NAG P . 30.06 28.15 -5.90
O7 NAG P . 26.40 31.45 -1.15
C1 BMA P . 31.42 32.05 -6.64
C2 BMA P . 31.90 32.09 -8.09
C3 BMA P . 33.40 32.35 -8.20
C4 BMA P . 33.71 33.66 -7.43
C5 BMA P . 33.09 33.67 -6.02
C6 BMA P . 33.25 35.07 -5.39
O2 BMA P . 31.17 33.15 -8.75
O3 BMA P . 33.72 32.38 -9.62
O4 BMA P . 35.12 33.78 -7.29
O5 BMA P . 31.69 33.35 -6.08
O6 BMA P . 32.40 35.24 -4.24
C1 BMA P . 34.91 31.76 -10.21
C2 BMA P . 35.88 30.88 -9.38
C3 BMA P . 37.10 30.46 -10.21
C4 BMA P . 36.66 29.78 -11.51
C5 BMA P . 35.64 30.69 -12.25
C6 BMA P . 35.11 30.17 -13.60
O2 BMA P . 35.26 29.67 -8.93
O3 BMA P . 37.93 29.53 -9.51
O4 BMA P . 37.84 29.51 -12.29
O5 BMA P . 34.53 30.97 -11.35
O6 BMA P . 35.21 28.75 -13.79
C1 MAN P . 32.36 36.59 -3.71
C2 MAN P . 32.03 36.55 -2.20
C3 MAN P . 30.60 36.01 -1.99
C4 MAN P . 29.61 36.93 -2.71
C5 MAN P . 30.02 37.07 -4.19
C6 MAN P . 29.07 38.02 -4.97
O2 MAN P . 32.19 37.87 -1.63
O3 MAN P . 30.24 35.80 -0.61
O4 MAN P . 28.31 36.34 -2.61
O5 MAN P . 31.40 37.48 -4.29
O6 MAN P . 28.84 39.30 -4.36
C1 NAG Q . 23.95 31.30 -19.31
C2 NAG Q . 25.37 30.75 -19.47
C3 NAG Q . 25.66 29.64 -18.46
C4 NAG Q . 25.18 29.99 -17.05
C5 NAG Q . 23.76 30.56 -17.08
C6 NAG Q . 23.18 30.99 -15.75
C7 NAG Q . 26.60 30.61 -21.58
C8 NAG Q . 26.74 29.83 -22.87
N2 NAG Q . 25.62 30.17 -20.79
O3 NAG Q . 27.11 29.45 -18.51
O4 NAG Q . 25.08 28.81 -16.26
O5 NAG Q . 23.75 31.69 -17.93
O6 NAG Q . 24.13 31.85 -15.14
O7 NAG Q . 27.33 31.55 -21.24
C1 NAG Q . 26.31 28.17 -15.91
C2 NAG Q . 26.10 27.33 -14.66
C3 NAG Q . 27.35 26.58 -14.29
C4 NAG Q . 27.98 25.90 -15.48
C5 NAG Q . 28.09 26.85 -16.69
C6 NAG Q . 28.63 26.26 -17.96
C7 NAG Q . 24.44 28.01 -13.02
C8 NAG Q . 24.26 28.87 -11.83
N2 NAG Q . 25.68 28.09 -13.52
O3 NAG Q . 27.01 25.60 -13.29
O4 NAG Q . 29.31 25.56 -15.07
O5 NAG Q . 26.78 27.34 -16.99
O6 NAG Q . 27.70 25.27 -18.43
O7 NAG Q . 23.53 27.33 -13.49
C1 BMA Q . 29.67 24.22 -15.47
C2 BMA Q . 31.18 24.27 -15.68
C3 BMA Q . 31.66 22.91 -16.19
C4 BMA Q . 31.18 21.83 -15.21
C5 BMA Q . 29.68 21.91 -14.95
C6 BMA Q . 29.28 20.95 -13.82
O2 BMA Q . 31.76 24.57 -14.42
O3 BMA Q . 33.10 22.97 -16.32
O4 BMA Q . 31.43 20.53 -15.75
O5 BMA Q . 29.34 23.25 -14.52
O6 BMA Q . 29.83 21.39 -12.56
C1 MAN Q . 33.60 22.93 -17.70
C2 MAN Q . 35.09 22.60 -17.67
C3 MAN Q . 35.84 23.67 -16.87
C4 MAN Q . 35.63 25.04 -17.54
C5 MAN Q . 34.13 25.28 -17.76
C6 MAN Q . 33.81 26.58 -18.50
O2 MAN Q . 35.58 22.72 -19.02
O3 MAN Q . 37.21 23.35 -16.80
O4 MAN Q . 36.21 26.03 -16.68
O5 MAN Q . 33.51 24.16 -18.44
O6 MAN Q . 32.41 26.87 -18.38
C1 MAN Q . 35.54 21.50 -19.78
C2 MAN Q . 36.57 21.66 -20.90
C3 MAN Q . 36.02 22.65 -21.93
C4 MAN Q . 34.69 22.13 -22.50
C5 MAN Q . 33.72 22.02 -21.31
C6 MAN Q . 32.32 21.58 -21.72
O2 MAN Q . 36.83 20.35 -21.47
O3 MAN Q . 36.91 22.95 -23.01
O4 MAN Q . 34.23 22.92 -23.63
O5 MAN Q . 34.28 21.10 -20.37
O6 MAN Q . 31.96 20.36 -21.04
C1 MAN Q . 37.70 19.45 -20.72
C2 MAN Q . 38.30 18.40 -21.70
C3 MAN Q . 37.20 17.47 -22.24
C4 MAN Q . 36.46 16.85 -21.03
C5 MAN Q . 35.95 17.97 -20.10
C6 MAN Q . 35.19 17.52 -18.86
O2 MAN Q . 39.32 17.66 -21.02
O3 MAN Q . 37.71 16.48 -23.15
O4 MAN Q . 35.43 15.99 -21.55
O5 MAN Q . 37.07 18.74 -19.65
O6 MAN Q . 34.63 18.68 -18.20
C1 MAN Q . 29.93 20.38 -11.54
C2 MAN Q . 30.29 21.11 -10.26
C3 MAN Q . 31.77 21.54 -10.41
C4 MAN Q . 32.69 20.36 -10.62
C5 MAN Q . 32.27 19.78 -11.96
C6 MAN Q . 33.23 18.71 -12.50
O2 MAN Q . 30.00 20.25 -9.14
O3 MAN Q . 32.28 22.32 -9.35
O4 MAN Q . 34.04 20.82 -10.63
O5 MAN Q . 30.90 19.34 -11.75
O6 MAN Q . 33.14 17.60 -11.61
C1 MAN Q . 33.91 16.43 -11.97
C2 MAN Q . 33.65 15.36 -10.89
C3 MAN Q . 34.29 15.80 -9.56
C4 MAN Q . 35.76 16.18 -9.74
C5 MAN Q . 35.92 17.18 -10.88
C6 MAN Q . 37.37 17.53 -11.21
O2 MAN Q . 34.19 14.09 -11.23
O3 MAN Q . 34.18 14.79 -8.53
O4 MAN Q . 36.14 16.78 -8.50
O5 MAN Q . 35.32 16.63 -12.06
O6 MAN Q . 37.96 16.47 -11.97
C1 MAN Q . 33.67 13.56 -12.46
C2 MAN Q . 33.48 12.04 -12.36
C3 MAN Q . 34.83 11.38 -11.99
C4 MAN Q . 35.88 11.80 -13.04
C5 MAN Q . 35.89 13.33 -13.33
C6 MAN Q . 36.76 13.58 -14.59
O2 MAN Q . 32.97 11.49 -13.58
O3 MAN Q . 34.67 9.95 -11.94
O4 MAN Q . 37.19 11.40 -12.57
O5 MAN Q . 34.55 13.83 -13.55
O6 MAN Q . 36.61 14.90 -15.14
C1 MAN Q . 32.25 23.75 -9.59
C2 MAN Q . 33.58 24.31 -9.08
C3 MAN Q . 33.65 24.02 -7.56
C4 MAN Q . 32.33 24.35 -6.84
C5 MAN Q . 31.04 23.93 -7.60
C6 MAN Q . 29.75 24.45 -6.96
O2 MAN Q . 33.70 25.70 -9.42
O3 MAN Q . 34.75 24.74 -6.97
O4 MAN Q . 32.33 23.56 -5.65
O5 MAN Q . 31.11 24.38 -8.96
O6 MAN Q . 29.16 23.38 -6.22
C1 NAG R . 21.94 7.09 -30.35
C2 NAG R . 23.36 7.47 -30.74
C3 NAG R . 24.19 6.24 -31.14
C4 NAG R . 24.15 5.22 -30.00
C5 NAG R . 22.70 4.84 -29.71
C6 NAG R . 22.56 3.96 -28.45
C7 NAG R . 23.67 9.50 -32.08
C8 NAG R . 23.38 10.09 -33.43
N2 NAG R . 23.20 8.27 -31.91
O3 NAG R . 25.53 6.66 -31.50
O4 NAG R . 24.85 4.02 -30.36
O5 NAG R . 21.96 6.01 -29.39
O6 NAG R . 21.31 3.24 -28.42
O7 NAG R . 24.29 10.10 -31.25
C1 NAG R . 26.27 3.93 -30.08
C2 NAG R . 26.68 2.48 -29.78
C3 NAG R . 28.11 2.50 -29.27
C4 NAG R . 29.02 2.98 -30.39
C5 NAG R . 28.52 4.33 -30.96
C6 NAG R . 29.12 4.66 -32.34
C7 NAG R . 24.77 0.93 -29.51
C8 NAG R . 23.79 0.25 -28.59
N2 NAG R . 25.69 1.75 -28.96
O3 NAG R . 28.50 1.18 -29.00
O4 NAG R . 30.37 3.03 -29.85
O5 NAG R . 27.09 4.31 -31.20
O6 NAG R . 30.18 5.62 -32.21
O7 NAG R . 24.68 0.71 -30.72
C1 NAG S . -39.62 16.40 -29.72
C2 NAG S . -39.13 16.65 -31.15
C3 NAG S . -39.28 15.36 -31.93
C4 NAG S . -38.58 14.21 -31.25
C5 NAG S . -39.00 14.09 -29.79
C6 NAG S . -38.18 13.03 -29.05
C7 NAG S . -39.49 18.91 -32.17
C8 NAG S . -40.53 19.83 -32.75
N2 NAG S . -39.92 17.71 -31.77
O3 NAG S . -38.71 15.58 -33.20
O4 NAG S . -39.02 12.99 -31.85
O5 NAG S . -38.89 15.33 -29.10
O6 NAG S . -36.78 13.01 -29.47
O7 NAG S . -38.33 19.27 -32.10
C1 NAG S . -38.01 12.41 -32.69
C2 NAG S . -38.41 10.97 -33.01
C3 NAG S . -37.38 10.27 -33.87
C4 NAG S . -37.09 11.17 -35.07
C5 NAG S . -36.75 12.60 -34.65
C6 NAG S . -36.47 13.52 -35.82
C7 NAG S . -39.70 9.45 -31.66
C8 NAG S . -39.77 8.61 -30.42
N2 NAG S . -38.57 10.15 -31.82
O3 NAG S . -37.96 8.99 -34.27
O4 NAG S . -35.89 10.69 -35.68
O5 NAG S . -37.84 13.15 -33.88
O6 NAG S . -37.53 13.30 -36.76
O7 NAG S . -40.60 9.47 -32.48
C1 BMA S . -36.15 9.79 -36.78
C2 BMA S . -34.94 9.78 -37.71
C3 BMA S . -35.21 8.76 -38.81
C4 BMA S . -35.66 7.39 -38.24
C5 BMA S . -36.89 7.59 -37.34
C6 BMA S . -37.47 6.28 -36.76
O2 BMA S . -33.73 9.51 -37.00
O3 BMA S . -34.05 8.60 -39.64
O4 BMA S . -36.00 6.43 -39.24
O5 BMA S . -36.43 8.47 -36.30
O6 BMA S . -36.40 5.34 -36.63
C1 MAN S . -34.14 9.30 -40.90
C2 MAN S . -33.20 8.60 -41.91
C3 MAN S . -31.75 8.78 -41.42
C4 MAN S . -31.47 10.28 -41.26
C5 MAN S . -32.48 10.92 -40.30
C6 MAN S . -32.24 12.41 -40.19
O2 MAN S . -33.31 9.17 -43.23
O3 MAN S . -30.84 8.15 -42.33
O4 MAN S . -30.17 10.52 -40.75
O5 MAN S . -33.81 10.69 -40.82
O6 MAN S . -33.24 12.98 -39.33
C1 MAN S . -34.42 8.71 -44.05
C2 MAN S . -34.05 9.03 -45.53
C3 MAN S . -33.92 10.55 -45.68
C4 MAN S . -35.21 11.23 -45.23
C5 MAN S . -35.62 10.78 -43.82
C6 MAN S . -36.98 11.37 -43.41
O2 MAN S . -35.08 8.69 -46.48
O3 MAN S . -33.62 10.92 -47.03
O4 MAN S . -34.91 12.61 -45.22
O5 MAN S . -35.68 9.35 -43.75
O6 MAN S . -38.07 10.63 -43.98
C1 MAN S . -35.23 7.33 -46.88
C2 MAN S . -36.00 7.34 -48.22
C3 MAN S . -37.49 7.75 -48.04
C4 MAN S . -38.14 6.80 -47.03
C5 MAN S . -37.32 6.83 -45.72
C6 MAN S . -37.91 5.93 -44.63
O2 MAN S . -35.80 6.02 -48.73
O3 MAN S . -38.27 7.83 -49.25
O4 MAN S . -39.50 7.18 -46.78
O5 MAN S . -35.96 6.45 -46.00
O6 MAN S . -37.02 5.81 -43.50
C1 MAN S . -36.62 4.14 -35.85
C2 MAN S . -35.24 3.76 -35.29
C3 MAN S . -34.35 3.25 -36.46
C4 MAN S . -35.06 2.17 -37.28
C5 MAN S . -36.47 2.62 -37.73
C6 MAN S . -37.23 1.59 -38.61
O2 MAN S . -35.36 2.85 -34.17
O3 MAN S . -33.07 2.76 -35.99
O4 MAN S . -34.21 1.91 -38.42
O5 MAN S . -37.21 3.00 -36.55
O6 MAN S . -37.81 0.46 -37.94
C1 MAN S . -31.91 3.38 -36.63
C2 MAN S . -30.66 2.60 -36.17
C3 MAN S . -30.43 2.91 -34.67
C4 MAN S . -30.30 4.43 -34.44
C5 MAN S . -31.56 5.14 -34.99
C6 MAN S . -31.60 6.67 -34.82
O2 MAN S . -29.47 2.97 -36.90
O3 MAN S . -29.28 2.23 -34.15
O4 MAN S . -30.14 4.63 -33.02
O5 MAN S . -31.70 4.79 -36.38
O6 MAN S . -30.42 7.35 -35.26
C1 MAN S . -29.31 2.53 -38.28
C2 MAN S . -27.80 2.51 -38.60
C3 MAN S . -27.25 3.97 -38.60
C4 MAN S . -28.07 4.88 -39.53
C5 MAN S . -29.57 4.75 -39.25
C6 MAN S . -30.39 5.56 -40.25
O2 MAN S . -27.57 1.85 -39.86
O3 MAN S . -25.88 4.05 -38.99
O4 MAN S . -27.65 6.23 -39.32
O5 MAN S . -29.94 3.34 -39.29
O6 MAN S . -31.78 5.55 -39.89
C1 NAG T . -50.86 26.52 5.57
C2 NAG T . -50.12 27.57 4.74
C3 NAG T . -49.50 28.58 5.67
C4 NAG T . -50.65 29.17 6.53
C5 NAG T . -51.40 28.06 7.31
C6 NAG T . -52.65 28.50 8.04
C7 NAG T . -49.16 26.77 2.58
C8 NAG T . -47.90 26.27 1.96
N2 NAG T . -49.07 27.06 3.91
O3 NAG T . -48.86 29.59 4.88
O4 NAG T . -50.13 30.11 7.43
O5 NAG T . -51.87 27.15 6.36
O6 NAG T . -53.39 29.49 7.29
O7 NAG T . -50.13 26.88 1.85
C1 NAG T . -50.59 31.45 7.20
C2 NAG T . -50.34 32.29 8.44
C3 NAG T . -50.85 33.69 8.31
C4 NAG T . -50.32 34.31 7.00
C5 NAG T . -50.49 33.35 5.82
C6 NAG T . -49.83 33.86 4.54
C7 NAG T . -50.23 30.90 10.41
C8 NAG T . -50.98 30.22 11.54
N2 NAG T . -50.94 31.60 9.56
O3 NAG T . -50.40 34.40 9.50
O4 NAG T . -51.05 35.52 6.66
O5 NAG T . -49.91 32.07 6.12
O6 NAG T . -50.37 33.06 3.49
O7 NAG T . -49.02 30.84 10.27
C1 BMA T . -50.71 36.69 7.43
C2 BMA T . -51.02 37.84 6.48
C3 BMA T . -50.77 39.16 7.18
C4 BMA T . -51.38 39.25 8.56
C5 BMA T . -51.02 38.05 9.44
C6 BMA T . -51.58 38.16 10.88
O2 BMA T . -52.35 37.67 5.99
O3 BMA T . -51.28 40.22 6.39
O4 BMA T . -50.82 40.45 9.12
O5 BMA T . -51.42 36.89 8.68
O6 BMA T . -52.88 37.54 11.04
C1 MAN T . -50.25 40.95 5.69
C2 MAN T . -50.82 42.25 5.13
C3 MAN T . -51.79 41.95 3.98
C4 MAN T . -51.08 41.10 2.93
C5 MAN T . -50.54 39.83 3.62
C6 MAN T . -49.91 38.76 2.73
O2 MAN T . -49.74 43.11 4.66
O3 MAN T . -52.26 43.17 3.41
O4 MAN T . -52.03 40.78 1.92
O5 MAN T . -49.61 40.25 4.62
O6 MAN T . -48.74 39.31 2.15
C1 MAN T . -49.82 44.47 5.18
C2 MAN T . -48.66 45.30 4.59
C3 MAN T . -47.31 44.85 5.16
C4 MAN T . -47.39 44.94 6.68
C5 MAN T . -48.61 44.14 7.20
C6 MAN T . -48.74 44.15 8.73
O2 MAN T . -48.84 46.68 5.00
O3 MAN T . -46.23 45.68 4.69
O4 MAN T . -46.16 44.52 7.23
O5 MAN T . -49.82 44.65 6.61
O6 MAN T . -48.48 45.44 9.25
C1 MAN T . -49.44 47.54 4.04
C2 MAN T . -49.04 48.99 4.35
C3 MAN T . -49.71 49.41 5.72
C4 MAN T . -51.20 49.06 5.74
C5 MAN T . -51.44 47.61 5.32
C6 MAN T . -52.91 47.16 5.32
O2 MAN T . -49.34 49.76 3.15
O3 MAN T . -49.55 50.81 6.07
O4 MAN T . -51.72 49.21 7.08
O5 MAN T . -50.86 47.42 4.02
O6 MAN T . -53.61 47.62 4.16
C1 GLC T . -48.73 51.24 7.21
C2 GLC T . -48.80 52.80 7.39
C3 GLC T . -47.80 53.64 6.56
C4 GLC T . -46.43 52.94 6.38
C5 GLC T . -46.65 51.45 6.06
C6 GLC T . -45.36 50.69 5.72
O2 GLC T . -50.10 53.29 7.05
O3 GLC T . -47.61 54.95 7.13
O4 GLC T . -45.68 53.56 5.32
O5 GLC T . -47.35 50.83 7.17
O6 GLC T . -45.35 50.43 4.31
C1 MAN T . -54.01 38.18 11.73
C2 MAN T . -55.36 37.98 10.94
C3 MAN T . -55.65 39.10 9.91
C4 MAN T . -55.56 40.47 10.61
C5 MAN T . -54.16 40.61 11.25
C6 MAN T . -54.00 41.99 11.90
O2 MAN T . -56.51 37.80 11.79
O3 MAN T . -56.92 38.95 9.22
O4 MAN T . -55.84 41.52 9.65
O5 MAN T . -53.97 39.55 12.23
O6 MAN T . -53.00 41.97 12.92
C1 NAG U . -54.97 15.91 -21.71
C2 NAG U . -54.94 14.45 -22.14
C3 NAG U . -56.23 13.78 -21.71
C4 NAG U . -56.34 13.91 -20.19
C5 NAG U . -56.27 15.37 -19.77
C6 NAG U . -56.19 15.52 -18.24
C7 NAG U . -53.65 13.92 -24.19
C8 NAG U . -53.55 14.10 -25.68
N2 NAG U . -54.69 14.49 -23.59
O3 NAG U . -56.27 12.42 -22.14
O4 NAG U . -57.59 13.46 -19.67
O5 NAG U . -55.09 15.94 -20.28
O6 NAG U . -56.62 16.82 -17.83
O7 NAG U . -52.83 13.24 -23.61
C1 NAG U . -57.83 12.07 -19.67
C2 NAG U . -58.86 11.92 -18.56
C3 NAG U . -59.42 10.50 -18.57
C4 NAG U . -60.02 10.17 -19.95
C5 NAG U . -59.01 10.42 -21.07
C6 NAG U . -59.76 10.39 -22.43
C7 NAG U . -58.57 13.30 -16.52
C8 NAG U . -57.75 13.43 -15.26
N2 NAG U . -58.23 12.25 -17.29
O3 NAG U . -60.43 10.44 -17.56
O4 NAG U . -60.35 8.78 -20.09
O5 NAG U . -58.41 11.72 -20.93
O6 NAG U . -60.65 11.52 -22.57
O7 NAG U . -59.46 14.13 -16.75
C1 BMA U . -61.69 8.43 -19.70
C2 BMA U . -62.16 7.27 -20.57
C3 BMA U . -63.61 6.89 -20.19
C4 BMA U . -63.72 6.69 -18.68
C5 BMA U . -63.12 7.87 -17.88
C6 BMA U . -63.13 7.66 -16.35
O2 BMA U . -61.22 6.20 -20.42
O3 BMA U . -64.04 5.66 -20.79
O4 BMA U . -65.11 6.52 -18.37
O5 BMA U . -61.77 8.05 -18.32
O6 BMA U . -62.77 6.31 -16.02
C1 MAN U . -64.80 5.80 -22.01
C2 MAN U . -65.51 4.49 -22.36
C3 MAN U . -64.47 3.46 -22.84
C4 MAN U . -63.46 4.02 -23.86
C5 MAN U . -62.89 5.36 -23.41
C6 MAN U . -62.02 6.07 -24.44
O2 MAN U . -66.60 4.69 -23.28
O3 MAN U . -65.18 2.38 -23.44
O4 MAN U . -62.39 3.09 -23.99
O5 MAN U . -63.99 6.23 -23.12
O6 MAN U . -60.81 5.35 -24.66
C1 MAN U . -62.34 6.08 -14.68
C2 MAN U . -60.80 5.95 -14.59
C3 MAN U . -60.28 4.59 -15.15
C4 MAN U . -61.07 3.41 -14.59
C5 MAN U . -62.59 3.67 -14.76
C6 MAN U . -63.40 2.50 -14.17
O2 MAN U . -60.41 6.18 -13.25
O3 MAN U . -58.88 4.35 -14.86
O4 MAN U . -60.57 2.22 -15.25
O5 MAN U . -62.94 4.91 -14.09
O6 MAN U . -64.71 2.91 -13.72
C1 NAG V . -57.36 25.02 -23.61
C2 NAG V . -58.75 24.89 -23.02
C3 NAG V . -58.68 24.33 -21.63
C4 NAG V . -57.84 23.04 -21.58
C5 NAG V . -56.53 23.24 -22.34
C6 NAG V . -55.68 21.98 -22.45
C7 NAG V . -60.30 26.61 -23.96
C8 NAG V . -60.94 27.95 -23.64
N2 NAG V . -59.51 26.15 -22.98
O3 NAG V . -60.03 24.11 -21.31
O4 NAG V . -57.45 22.74 -20.22
O5 NAG V . -56.77 23.71 -23.66
O6 NAG V . -56.53 20.86 -22.76
O7 NAG V . -60.46 26.01 -25.02
C1 NAG V . -58.42 22.11 -19.39
C2 NAG V . -57.65 21.44 -18.27
C3 NAG V . -58.49 20.84 -17.16
C4 NAG V . -59.57 21.83 -16.75
C5 NAG V . -60.30 22.37 -17.99
C6 NAG V . -61.46 23.33 -17.75
C7 NAG V . -55.47 20.43 -18.74
C8 NAG V . -54.75 19.26 -19.36
N2 NAG V . -56.80 20.39 -18.79
O3 NAG V . -57.57 20.54 -16.08
O4 NAG V . -60.49 21.11 -15.96
O5 NAG V . -59.33 23.05 -18.82
O6 NAG V . -62.12 23.48 -19.01
O7 NAG V . -54.86 21.37 -18.23
C1 BMA V . -60.71 21.74 -14.72
C2 BMA V . -61.89 21.06 -14.06
C3 BMA V . -62.14 21.64 -12.69
C4 BMA V . -60.86 21.57 -11.87
C5 BMA V . -59.72 22.19 -12.65
C6 BMA V . -58.43 21.94 -11.89
O2 BMA V . -61.57 19.68 -13.99
O3 BMA V . -63.12 20.86 -11.98
O4 BMA V . -61.03 22.21 -10.59
O5 BMA V . -59.59 21.53 -13.91
O6 BMA V . -58.36 20.53 -11.57
C1 MAN V . -57.09 20.19 -11.03
C2 MAN V . -57.13 18.73 -10.64
C3 MAN V . -58.03 18.52 -9.41
C4 MAN V . -57.58 19.40 -8.25
C5 MAN V . -57.52 20.84 -8.73
C6 MAN V . -57.03 21.76 -7.63
O2 MAN V . -55.81 18.37 -10.34
O3 MAN V . -57.97 17.18 -8.95
O4 MAN V . -58.53 19.27 -7.21
O5 MAN V . -56.65 20.95 -9.88
O6 MAN V . -57.59 23.03 -7.99
C1 MAN V . -57.09 24.14 -7.28
C2 MAN V . -57.88 25.36 -7.77
C3 MAN V . -57.49 25.69 -9.21
C4 MAN V . -55.98 25.90 -9.33
C5 MAN V . -55.27 24.67 -8.79
C6 MAN V . -53.76 24.95 -8.70
O2 MAN V . -57.62 26.47 -6.95
O3 MAN V . -58.11 26.89 -9.62
O4 MAN V . -55.64 26.17 -10.68
O5 MAN V . -55.71 24.43 -7.45
O6 MAN V . -53.11 23.68 -8.50
C1 MAN V . -58.28 26.42 -5.63
C2 MAN V . -58.52 27.85 -5.10
C3 MAN V . -57.16 28.51 -4.87
C4 MAN V . -56.31 27.67 -3.93
C5 MAN V . -56.25 26.22 -4.39
C6 MAN V . -55.59 25.42 -3.30
O2 MAN V . -59.28 27.85 -3.86
O3 MAN V . -57.42 29.75 -4.25
O4 MAN V . -54.98 28.21 -3.81
O5 MAN V . -57.57 25.70 -4.61
O6 MAN V . -55.66 24.06 -3.65
C1 MAN V . -59.28 16.59 -8.74
C2 MAN V . -59.12 15.20 -8.12
C3 MAN V . -58.33 14.34 -9.14
C4 MAN V . -59.13 14.23 -10.45
C5 MAN V . -59.43 15.63 -10.96
C6 MAN V . -60.36 15.57 -12.16
O2 MAN V . -60.42 14.66 -7.77
O3 MAN V . -57.99 13.07 -8.63
O4 MAN V . -58.35 13.57 -11.43
O5 MAN V . -60.06 16.41 -9.94
O6 MAN V . -59.65 16.21 -13.24
C1 MAN V . -64.30 21.65 -11.69
C2 MAN V . -65.10 20.97 -10.58
C3 MAN V . -65.72 19.66 -11.11
C4 MAN V . -66.49 19.90 -12.39
C5 MAN V . -65.64 20.63 -13.41
C6 MAN V . -66.35 20.90 -14.76
O2 MAN V . -66.03 21.95 -10.03
O3 MAN V . -66.50 18.99 -10.12
O4 MAN V . -66.78 18.60 -12.91
O5 MAN V . -65.20 21.86 -12.80
O6 MAN V . -65.46 21.56 -15.67
C1 MAN V . -65.38 22.59 -8.90
C2 MAN V . -66.02 22.13 -7.59
C3 MAN V . -67.31 22.95 -7.28
C4 MAN V . -67.03 24.47 -7.38
C5 MAN V . -66.46 24.78 -8.77
C6 MAN V . -66.16 26.29 -8.94
O2 MAN V . -65.00 22.15 -6.55
O3 MAN V . -67.88 22.60 -6.01
O4 MAN V . -68.20 25.27 -7.10
O5 MAN V . -65.24 24.03 -8.92
O6 MAN V . -65.10 26.53 -9.88
C1 NAG W . -31.61 -11.78 0.78
C2 NAG W . -32.01 -13.04 1.57
C3 NAG W . -33.38 -13.51 1.12
C4 NAG W . -34.38 -12.34 1.03
C5 NAG W . -33.85 -11.18 0.21
C6 NAG W . -34.81 -9.98 0.13
C7 NAG W . -30.00 -14.42 2.23
C8 NAG W . -29.26 -15.66 1.79
N2 NAG W . -31.05 -14.14 1.43
O3 NAG W . -33.85 -14.41 2.12
O4 NAG W . -35.55 -12.81 0.43
O5 NAG W . -32.64 -10.77 0.82
O6 NAG W . -35.06 -9.41 1.41
O7 NAG W . -29.64 -13.81 3.23
C1 NAG W . -36.69 -12.55 1.23
C2 NAG W . -37.94 -12.62 0.35
C3 NAG W . -39.15 -12.45 1.26
C4 NAG W . -39.13 -13.46 2.43
C5 NAG W . -37.84 -13.24 3.20
C6 NAG W . -37.69 -14.11 4.44
C7 NAG W . -37.60 -11.77 -2.00
C8 NAG W . -37.67 -10.50 -2.83
N2 NAG W . -37.94 -11.60 -0.70
O3 NAG W . -40.29 -12.64 0.43
O4 NAG W . -40.30 -13.36 3.29
O5 NAG W . -36.75 -13.48 2.31
O6 NAG W . -37.48 -15.45 4.00
O7 NAG W . -37.24 -12.80 -2.54
C1 BMA W . -41.46 -14.13 2.85
C2 BMA W . -41.88 -15.07 3.98
C3 BMA W . -43.07 -15.92 3.49
C4 BMA W . -44.23 -15.01 3.08
C5 BMA W . -43.73 -14.07 1.98
C6 BMA W . -44.83 -13.11 1.45
O2 BMA W . -42.20 -14.31 5.15
O3 BMA W . -43.51 -16.89 4.46
O4 BMA W . -45.34 -15.82 2.68
O5 BMA W . -42.61 -13.32 2.49
O6 BMA W . -44.49 -12.63 0.14
C1 NAG X . -37.90 -4.24 14.43
C2 NAG X . -38.34 -5.53 15.12
C3 NAG X . -37.42 -6.64 14.69
C4 NAG X . -37.12 -6.60 13.15
C5 NAG X . -36.78 -5.20 12.63
C6 NAG X . -36.76 -5.09 11.12
C7 NAG X . -39.27 -5.70 17.46
C8 NAG X . -38.93 -5.55 18.92
N2 NAG X . -38.28 -5.41 16.58
O3 NAG X . -38.14 -7.81 15.11
O4 NAG X . -35.97 -7.35 12.74
O5 NAG X . -37.83 -4.34 13.02
O6 NAG X . -38.05 -5.47 10.55
O7 NAG X . -40.38 -6.10 17.19
C1 NAG X . -36.10 -8.73 12.94
C2 NAG X . -35.16 -9.44 11.97
C3 NAG X . -35.22 -10.94 12.22
C4 NAG X . -35.05 -11.26 13.70
C5 NAG X . -35.99 -10.41 14.56
C6 NAG X . -35.96 -10.69 16.08
C7 NAG X . -34.69 -8.56 9.68
C8 NAG X . -35.14 -8.57 8.24
N2 NAG X . -35.45 -9.27 10.55
O3 NAG X . -34.19 -11.59 11.48
O4 NAG X . -35.37 -12.64 13.73
O5 NAG X . -35.73 -9.01 14.29
O6 NAG X . -34.69 -10.45 16.70
O7 NAG X . -33.67 -7.93 9.98
C1 BMA X . -34.54 -13.45 14.65
C2 BMA X . -35.34 -14.66 15.15
C3 BMA X . -34.57 -15.45 16.21
C4 BMA X . -33.23 -15.86 15.62
C5 BMA X . -32.49 -14.68 14.98
C6 BMA X . -31.33 -15.20 14.12
O2 BMA X . -35.70 -15.53 14.07
O3 BMA X . -35.30 -16.63 16.58
O4 BMA X . -32.45 -16.43 16.67
O5 BMA X . -33.37 -13.99 14.07
O6 BMA X . -31.97 -16.05 13.15
C1 MAN X . -31.06 -16.85 12.39
C2 MAN X . -31.64 -17.20 11.01
C3 MAN X . -32.82 -18.18 11.15
C4 MAN X . -32.41 -19.37 12.02
C5 MAN X . -31.92 -18.83 13.38
C6 MAN X . -31.52 -19.86 14.43
O2 MAN X . -30.59 -17.74 10.25
O3 MAN X . -33.32 -18.57 9.88
O4 MAN X . -33.47 -20.30 12.22
O5 MAN X . -30.75 -18.03 13.14
O6 MAN X . -30.37 -20.55 13.91
C1 MAN X . -29.85 -21.57 14.78
C2 MAN X . -28.63 -22.22 14.06
C3 MAN X . -29.14 -23.11 12.91
C4 MAN X . -30.24 -24.06 13.38
C5 MAN X . -31.36 -23.27 14.08
C6 MAN X . -32.55 -24.13 14.54
O2 MAN X . -27.73 -23.04 14.81
O3 MAN X . -28.06 -23.86 12.38
O4 MAN X . -30.76 -24.73 12.22
O5 MAN X . -30.80 -22.57 15.21
O6 MAN X . -32.32 -24.50 15.90
C1 MAN X . -27.37 -22.52 16.07
C2 MAN X . -25.99 -23.10 16.42
C3 MAN X . -26.09 -24.62 16.62
C4 MAN X . -27.23 -24.95 17.57
C5 MAN X . -28.56 -24.24 17.23
C6 MAN X . -29.63 -24.54 18.30
O2 MAN X . -25.50 -22.43 17.59
O3 MAN X . -24.86 -25.12 17.14
O4 MAN X . -27.48 -26.34 17.45
O5 MAN X . -28.33 -22.82 17.10
O6 MAN X . -29.97 -23.38 19.05
C1 MAN X . -35.73 -16.61 17.93
C2 MAN X . -36.41 -17.96 18.26
C3 MAN X . -37.72 -18.09 17.48
C4 MAN X . -38.63 -16.91 17.82
C5 MAN X . -37.88 -15.59 17.58
C6 MAN X . -38.69 -14.38 18.03
O2 MAN X . -36.63 -18.05 19.68
O3 MAN X . -38.41 -19.32 17.75
O4 MAN X . -39.79 -17.02 16.97
O5 MAN X . -36.65 -15.56 18.31
O6 MAN X . -38.40 -13.25 17.20
C1 MAN X . -35.53 -18.58 20.50
C2 MAN X . -36.19 -19.04 21.80
C3 MAN X . -36.83 -17.76 22.39
C4 MAN X . -35.73 -16.73 22.72
C5 MAN X . -34.91 -16.43 21.44
C6 MAN X . -33.75 -15.45 21.75
O2 MAN X . -35.18 -19.69 22.63
O3 MAN X . -37.68 -18.02 23.50
O4 MAN X . -36.29 -15.54 23.30
O5 MAN X . -34.45 -17.68 20.86
O6 MAN X . -32.51 -15.72 21.04
C1 NAG Y . -10.59 -8.06 31.17
C2 NAG Y . -9.80 -6.84 31.65
C3 NAG Y . -8.37 -7.23 32.00
C4 NAG Y . -8.30 -8.46 32.92
C5 NAG Y . -9.11 -9.59 32.27
C6 NAG Y . -9.14 -10.93 33.01
C7 NAG Y . -10.66 -4.80 30.56
C8 NAG Y . -10.51 -3.89 29.36
N2 NAG Y . -9.81 -5.83 30.60
O3 NAG Y . -7.82 -6.08 32.64
O4 NAG Y . -6.92 -8.85 33.04
O5 NAG Y . -10.45 -9.14 32.08
O6 NAG Y . -9.91 -10.88 34.21
O7 NAG Y . -11.52 -4.60 31.42
C1 NAG Y . -6.30 -8.86 34.35
C2 NAG Y . -5.15 -9.86 34.24
C3 NAG Y . -4.48 -9.93 35.62
C4 NAG Y . -3.89 -8.56 35.99
C5 NAG Y . -5.02 -7.52 35.98
C6 NAG Y . -4.38 -6.13 36.16
C7 NAG Y . -5.18 -11.60 32.43
C8 NAG Y . -5.61 -13.00 32.05
N2 NAG Y . -5.50 -11.19 33.69
O3 NAG Y . -3.44 -10.90 35.58
O4 NAG Y . -3.18 -8.59 37.25
O5 NAG Y . -5.76 -7.58 34.73
O6 NAG Y . -5.28 -5.06 35.85
O7 NAG Y . -4.56 -10.92 31.61
C1 NAG Z . -17.74 -9.26 31.13
C2 NAG Z . -18.80 -9.97 31.96
C3 NAG Z . -18.20 -11.06 32.85
C4 NAG Z . -17.22 -11.97 32.06
C5 NAG Z . -16.15 -11.11 31.34
C6 NAG Z . -15.12 -11.93 30.52
C7 NAG Z . -20.92 -8.88 32.67
C8 NAG Z . -21.50 -7.86 33.60
N2 NAG Z . -19.58 -9.02 32.77
O3 NAG Z . -19.36 -11.77 33.27
O4 NAG Z . -16.59 -12.95 32.91
O5 NAG Z . -16.88 -10.23 30.48
O6 NAG Z . -14.08 -11.19 29.85
O7 NAG Z . -21.66 -9.49 31.89
C1 NAG Z . -16.99 -14.34 32.73
C2 NAG Z . -15.83 -15.20 33.27
C3 NAG Z . -16.24 -16.68 33.33
C4 NAG Z . -17.45 -16.78 34.27
C5 NAG Z . -18.58 -15.98 33.61
C6 NAG Z . -19.86 -16.00 34.46
C7 NAG Z . -13.50 -14.45 32.94
C8 NAG Z . -12.32 -14.45 32.01
N2 NAG Z . -14.59 -15.10 32.50
O3 NAG Z . -15.10 -17.44 33.77
O4 NAG Z . -17.79 -18.14 34.65
O5 NAG Z . -18.17 -14.60 33.48
O6 NAG Z . -19.68 -15.18 35.63
O7 NAG Z . -13.49 -13.88 34.02
C1 BMA Z . -17.42 -18.46 36.03
C2 BMA Z . -18.56 -19.14 36.80
C3 BMA Z . -18.17 -19.21 38.30
C4 BMA Z . -16.79 -19.88 38.50
C5 BMA Z . -15.73 -19.23 37.59
C6 BMA Z . -14.34 -19.88 37.71
O2 BMA Z . -18.86 -20.42 36.25
O3 BMA Z . -19.19 -19.91 39.02
O4 BMA Z . -16.36 -19.70 39.86
O5 BMA Z . -16.23 -19.26 36.23
O6 BMA Z . -14.36 -21.29 37.42
C1 NAG AA . 4.14 -43.35 36.47
C2 NAG AA . 5.04 -42.87 37.58
C3 NAG AA . 4.24 -42.12 38.64
C4 NAG AA . 3.47 -40.98 37.98
C5 NAG AA . 2.63 -41.55 36.82
C6 NAG AA . 1.96 -40.44 36.03
C7 NAG AA . 6.88 -44.33 38.31
C8 NAG AA . 7.18 -45.63 39.01
N2 NAG AA . 5.59 -44.06 38.19
O3 NAG AA . 5.17 -41.64 39.63
O4 NAG AA . 2.48 -40.40 38.83
O5 NAG AA . 3.45 -42.24 35.91
O6 NAG AA . 2.98 -39.50 35.68
O7 NAG AA . 7.78 -43.61 37.94
C1 NAG AA . 2.92 -39.23 39.51
C2 NAG AA . 1.73 -38.56 40.20
C3 NAG AA . 2.18 -37.24 40.77
C4 NAG AA . 3.36 -37.47 41.70
C5 NAG AA . 4.48 -38.25 41.03
C6 NAG AA . 5.64 -38.57 41.99
C7 NAG AA . -0.57 -38.89 39.40
C8 NAG AA . -1.52 -38.59 38.30
N2 NAG AA . 0.65 -38.35 39.25
O3 NAG AA . 1.02 -36.77 41.46
O4 NAG AA . 3.97 -36.24 42.02
O5 NAG AA . 3.97 -39.46 40.48
O6 NAG AA . 5.22 -39.57 42.93
O7 NAG AA . -0.89 -39.57 40.37
C1 BMA AA . 3.26 -35.45 42.97
C2 BMA AA . 4.32 -34.66 43.71
C3 BMA AA . 3.66 -33.78 44.76
C4 BMA AA . 2.49 -33.00 44.14
C5 BMA AA . 1.53 -33.87 43.30
C6 BMA AA . 0.42 -33.08 42.55
O2 BMA AA . 5.06 -33.87 42.79
O3 BMA AA . 4.66 -32.84 45.20
O4 BMA AA . 1.74 -32.41 45.22
O5 BMA AA . 2.32 -34.56 42.35
O6 BMA AA . 0.68 -31.65 42.45
C1 MAN AA . 5.57 -33.35 46.19
C2 MAN AA . 6.02 -32.14 47.01
C3 MAN AA . 7.14 -31.37 46.31
C4 MAN AA . 8.26 -32.25 45.76
C5 MAN AA . 7.69 -33.42 44.94
C6 MAN AA . 8.79 -34.40 44.50
O2 MAN AA . 6.43 -32.57 48.32
O3 MAN AA . 7.77 -30.46 47.20
O4 MAN AA . 9.12 -31.42 44.98
O5 MAN AA . 6.74 -34.10 45.78
O6 MAN AA . 8.50 -35.08 43.26
C1 MAN AA . 5.36 -32.85 49.26
C2 MAN AA . 4.79 -31.57 49.93
C3 MAN AA . 5.84 -30.96 50.88
C4 MAN AA . 6.54 -32.02 51.75
C5 MAN AA . 6.99 -33.23 50.92
C6 MAN AA . 7.65 -34.30 51.77
O2 MAN AA . 3.52 -31.79 50.59
O3 MAN AA . 5.19 -29.96 51.70
O4 MAN AA . 7.71 -31.47 52.35
O5 MAN AA . 5.83 -33.78 50.23
O6 MAN AA . 7.81 -35.46 50.96
C1 MAN AA . 0.63 -30.96 41.16
C2 MAN AA . 1.85 -30.03 40.99
C3 MAN AA . 1.79 -28.89 42.02
C4 MAN AA . 0.43 -28.20 41.98
C5 MAN AA . -0.72 -29.22 42.07
C6 MAN AA . -2.10 -28.57 41.91
O2 MAN AA . 1.98 -29.51 39.65
O3 MAN AA . 2.83 -27.95 41.75
O4 MAN AA . 0.33 -27.28 43.07
O5 MAN AA . -0.55 -30.18 41.01
O6 MAN AA . -2.51 -27.88 43.09
C1 NAG BA . -3.70 -63.40 4.82
C2 NAG BA . -2.23 -63.33 5.18
C3 NAG BA . -1.38 -63.61 3.97
C4 NAG BA . -1.76 -64.96 3.44
C5 NAG BA . -3.25 -64.96 3.13
C6 NAG BA . -3.75 -66.24 2.51
C7 NAG BA . -1.83 -61.68 6.90
C8 NAG BA . -1.39 -60.28 7.23
N2 NAG BA . -1.84 -62.01 5.64
O3 NAG BA . 0.01 -63.48 4.32
O4 NAG BA . -1.08 -65.25 2.21
O5 NAG BA . -3.98 -64.68 4.34
O6 NAG BA . -3.26 -67.27 3.35
O7 NAG BA . -2.18 -62.46 7.74
C1 NAG BA . -0.17 -66.36 2.42
C2 NAG BA . 0.32 -66.90 1.09
C3 NAG BA . 1.20 -68.10 1.28
C4 NAG BA . 2.33 -67.71 2.20
C5 NAG BA . 1.82 -67.04 3.49
C6 NAG BA . 2.95 -66.45 4.34
C7 NAG BA . -1.27 -66.32 -0.63
C8 NAG BA . -2.49 -66.75 -1.42
N2 NAG BA . -0.81 -67.21 0.25
O3 NAG BA . 1.72 -68.38 -0.03
O4 NAG BA . 3.04 -68.90 2.58
O5 NAG BA . 0.95 -65.96 3.18
O6 NAG BA . 2.64 -66.73 5.72
O7 NAG BA . -0.73 -65.23 -0.74
C1 BMA BA . 3.89 -69.49 1.58
C2 BMA BA . 4.90 -70.26 2.39
C3 BMA BA . 5.87 -70.92 1.45
C4 BMA BA . 5.20 -71.65 0.29
C5 BMA BA . 4.14 -70.77 -0.38
C6 BMA BA . 3.35 -71.41 -1.55
O2 BMA BA . 4.26 -71.22 3.18
O3 BMA BA . 6.65 -71.82 2.26
O4 BMA BA . 6.27 -71.89 -0.63
O5 BMA BA . 3.25 -70.37 0.64
O6 BMA BA . 2.42 -72.39 -1.08
C1 MAN BA . 7.99 -71.34 2.46
C2 MAN BA . 8.99 -72.45 2.87
C3 MAN BA . 8.79 -72.87 4.34
C4 MAN BA . 8.81 -71.63 5.25
C5 MAN BA . 7.75 -70.60 4.77
C6 MAN BA . 7.70 -69.38 5.72
O2 MAN BA . 10.33 -71.95 2.70
O3 MAN BA . 9.80 -73.80 4.75
O4 MAN BA . 8.57 -71.99 6.63
O5 MAN BA . 8.06 -70.25 3.39
O6 MAN BA . 6.62 -68.46 5.40
C1 MAN BA . 11.24 -72.85 2.06
C2 MAN BA . 12.66 -72.33 2.33
C3 MAN BA . 12.87 -71.06 1.51
C4 MAN BA . 12.67 -71.42 0.04
C5 MAN BA . 11.21 -71.89 -0.12
C6 MAN BA . 10.83 -72.17 -1.56
O2 MAN BA . 13.67 -73.27 1.90
O3 MAN BA . 14.14 -70.46 1.78
O4 MAN BA . 13.04 -70.33 -0.80
O5 MAN BA . 11.01 -73.08 0.65
O6 MAN BA . 11.38 -73.41 -2.01
C1 MAN BA . 14.48 -73.95 2.90
C2 MAN BA . 15.79 -74.43 2.27
C3 MAN BA . 15.43 -75.45 1.16
C4 MAN BA . 14.55 -76.57 1.67
C5 MAN BA . 13.38 -76.01 2.45
C6 MAN BA . 12.59 -77.12 3.11
O2 MAN BA . 16.68 -74.92 3.31
O3 MAN BA . 16.58 -75.99 0.49
O4 MAN BA . 14.01 -77.25 0.52
O5 MAN BA . 13.84 -75.11 3.45
O6 MAN BA . 11.92 -77.78 2.04
C1 GLC BA . 16.82 -75.48 -0.87
C2 GLC BA . 16.68 -76.61 -1.90
C3 GLC BA . 17.78 -77.67 -1.63
C4 GLC BA . 19.15 -76.96 -1.68
C5 GLC BA . 19.15 -75.81 -0.65
C6 GLC BA . 20.45 -75.05 -0.42
O2 GLC BA . 15.36 -77.17 -1.86
O3 GLC BA . 17.72 -78.77 -2.55
O4 GLC BA . 20.23 -77.88 -1.45
O5 GLC BA . 18.11 -74.89 -1.04
O6 GLC BA . 20.36 -74.46 0.89
C1 MAN BA . 2.21 -73.57 -1.94
C2 MAN BA . 1.09 -74.47 -1.34
C3 MAN BA . 1.61 -75.41 -0.21
C4 MAN BA . 2.88 -76.18 -0.62
C5 MAN BA . 3.92 -75.22 -1.22
C6 MAN BA . 5.16 -76.03 -1.65
O2 MAN BA . 0.41 -75.19 -2.37
O3 MAN BA . 0.61 -76.36 0.20
O4 MAN BA . 3.45 -76.88 0.51
O5 MAN BA . 3.31 -74.46 -2.30
O6 MAN BA . 5.92 -75.40 -2.68
C1 NAG CA . -6.51 -56.40 33.30
C2 NAG CA . -7.50 -55.42 33.89
C3 NAG CA . -8.86 -56.02 34.00
C4 NAG CA . -9.25 -56.46 32.60
C5 NAG CA . -8.22 -57.41 31.99
C6 NAG CA . -8.60 -57.86 30.57
C7 NAG CA . -6.63 -53.70 35.45
C8 NAG CA . -6.01 -53.45 36.79
N2 NAG CA . -6.93 -54.98 35.14
O3 NAG CA . -9.79 -55.04 34.50
O4 NAG CA . -10.46 -57.20 32.66
O5 NAG CA . -6.95 -56.76 32.00
O6 NAG CA . -7.58 -58.69 29.96
O7 NAG CA . -6.87 -52.76 34.72
C1 NAG CA . -11.69 -56.47 32.66
C2 NAG CA . -12.64 -57.34 31.87
C3 NAG CA . -14.04 -56.82 32.04
C4 NAG CA . -14.36 -56.58 33.48
C5 NAG CA . -13.35 -55.71 34.17
C6 NAG CA . -13.65 -55.70 35.65
C7 NAG CA . -11.97 -58.29 29.63
C8 NAG CA . -11.85 -57.78 28.22
N2 NAG CA . -12.36 -57.28 30.44
O3 NAG CA . -14.95 -57.78 31.52
O4 NAG CA . -15.59 -55.86 33.53
O5 NAG CA . -12.08 -56.28 34.00
O6 NAG CA . -12.55 -55.02 36.29
O7 NAG CA . -11.72 -59.49 29.94
C1 BMA CA . -16.70 -56.64 34.01
C2 BMA CA . -17.47 -55.67 34.89
C3 BMA CA . -18.74 -56.36 35.42
C4 BMA CA . -19.53 -57.04 34.29
C5 BMA CA . -18.67 -57.90 33.35
C6 BMA CA . -19.49 -58.32 32.08
O2 BMA CA . -17.67 -54.52 34.07
O3 BMA CA . -19.60 -55.49 36.20
O4 BMA CA . -20.40 -57.92 35.00
O5 BMA CA . -17.54 -57.09 32.94
O6 BMA CA . -19.44 -59.72 31.71
C1 MAN CA . -20.18 -54.25 35.65
C2 MAN CA . -19.44 -53.03 36.23
C3 MAN CA . -19.71 -52.92 37.73
C4 MAN CA . -21.22 -52.85 38.02
C5 MAN CA . -21.92 -54.04 37.33
C6 MAN CA . -23.44 -53.98 37.52
O2 MAN CA . -19.83 -51.83 35.52
O3 MAN CA . -19.00 -51.79 38.25
O4 MAN CA . -21.50 -52.89 39.43
O5 MAN CA . -21.60 -54.03 35.92
O6 MAN CA . -23.77 -54.16 38.90
C1 NAG DA . -0.08 -63.33 34.49
C2 NAG DA . -1.10 -64.47 34.31
C3 NAG DA . -1.89 -64.32 33.04
C4 NAG DA . -2.46 -62.90 32.94
C5 NAG DA . -1.39 -61.85 33.18
C6 NAG DA . -1.90 -60.41 33.15
C7 NAG DA . -0.25 -66.48 35.46
C8 NAG DA . 0.41 -67.83 35.21
N2 NAG DA . -0.47 -65.78 34.32
O3 NAG DA . -2.86 -65.37 33.03
O4 NAG DA . -2.77 -62.67 31.59
O5 NAG DA . -0.76 -62.08 34.42
O6 NAG DA . -2.98 -60.27 34.08
O7 NAG DA . -0.51 -66.08 36.60
C1 NAG DA . -4.07 -63.10 31.19
C2 NAG DA . -4.44 -62.30 29.92
C3 NAG DA . -5.67 -62.80 29.19
C4 NAG DA . -5.64 -64.33 29.07
C5 NAG DA . -5.33 -64.95 30.44
C6 NAG DA . -5.39 -66.48 30.49
C7 NAG DA . -3.93 -59.91 30.01
C8 NAG DA . -4.28 -58.58 30.64
N2 NAG DA . -4.65 -60.96 30.40
O3 NAG DA . -5.84 -62.15 27.90
O4 NAG DA . -6.97 -64.75 28.70
O5 NAG DA . -4.04 -64.49 30.94
O6 NAG DA . -4.72 -66.85 31.70
O7 NAG DA . -3.03 -60.00 29.19
C1 BMA DA . -6.91 -65.51 27.48
C2 BMA DA . -8.26 -66.19 27.33
C3 BMA DA . -8.37 -66.88 25.96
C4 BMA DA . -7.98 -65.90 24.87
C5 BMA DA . -6.60 -65.26 25.14
C6 BMA DA . -6.39 -64.15 24.14
O2 BMA DA . -9.28 -65.22 27.53
O3 BMA DA . -9.72 -67.33 25.67
O4 BMA DA . -7.97 -66.56 23.61
O5 BMA DA . -6.64 -64.62 26.40
O6 BMA DA . -7.55 -63.27 24.06
C1 MAN DA . -7.35 -62.18 23.12
C2 MAN DA . -8.68 -61.45 23.04
C3 MAN DA . -9.68 -62.24 22.18
C4 MAN DA . -9.09 -62.65 20.86
C5 MAN DA . -7.77 -63.34 21.09
C6 MAN DA . -7.14 -63.87 19.80
O2 MAN DA . -8.51 -60.13 22.54
O3 MAN DA . -10.85 -61.45 21.94
O4 MAN DA . -10.00 -63.59 20.28
O5 MAN DA . -6.87 -62.45 21.78
O6 MAN DA . -6.17 -64.83 20.23
C1 MAN DA . -12.02 -62.20 22.34
C2 MAN DA . -13.30 -61.42 22.01
C3 MAN DA . -13.24 -60.09 22.76
C4 MAN DA . -13.13 -60.29 24.27
C5 MAN DA . -11.92 -61.24 24.53
C6 MAN DA . -11.73 -61.61 25.98
O2 MAN DA . -14.49 -62.12 22.41
O3 MAN DA . -14.39 -59.29 22.50
O4 MAN DA . -12.98 -58.95 24.84
O5 MAN DA . -12.03 -62.45 23.75
O6 MAN DA . -12.79 -62.47 26.36
C1 MAN DA . -14.89 -63.18 21.53
C2 MAN DA . -16.40 -63.47 21.62
C3 MAN DA . -16.78 -64.00 23.00
C4 MAN DA . -15.93 -65.22 23.34
C5 MAN DA . -14.43 -64.90 23.12
C6 MAN DA . -13.52 -66.14 23.31
O2 MAN DA . -16.79 -64.45 20.64
O3 MAN DA . -18.16 -64.35 23.04
O4 MAN DA . -16.21 -65.56 24.71
O5 MAN DA . -14.21 -64.40 21.79
O6 MAN DA . -12.12 -65.78 23.35
C1 MAN DA . -5.26 -65.22 19.20
C2 MAN DA . -4.52 -66.50 19.65
C3 MAN DA . -3.59 -66.15 20.84
C4 MAN DA . -2.60 -65.00 20.44
C5 MAN DA . -3.43 -63.82 19.92
C6 MAN DA . -2.62 -62.64 19.40
O2 MAN DA . -3.76 -67.03 18.54
O3 MAN DA . -2.88 -67.35 21.23
O4 MAN DA . -1.74 -64.61 21.53
O5 MAN DA . -4.25 -64.27 18.84
O6 MAN DA . -3.51 -61.58 18.99
C1 MAN DA . -4.58 -67.58 17.48
C2 MAN DA . -3.70 -68.62 16.76
C3 MAN DA . -2.45 -67.97 16.14
C4 MAN DA . -2.90 -66.85 15.19
C5 MAN DA . -3.91 -65.93 15.88
C6 MAN DA . -4.49 -65.06 14.79
O2 MAN DA . -4.48 -69.30 15.75
O3 MAN DA . -1.73 -69.00 15.44
O4 MAN DA . -1.78 -66.09 14.71
O5 MAN DA . -5.00 -66.67 16.45
O6 MAN DA . -5.65 -64.44 15.31
C1 MAN DA . -9.90 -68.76 25.57
C2 MAN DA . -11.27 -69.03 24.89
C3 MAN DA . -12.43 -68.74 25.82
C4 MAN DA . -12.24 -69.43 27.16
C5 MAN DA . -10.85 -69.13 27.73
C6 MAN DA . -10.59 -69.85 29.07
O2 MAN DA . -11.40 -70.35 24.39
O3 MAN DA . -13.67 -69.14 25.22
O4 MAN DA . -13.25 -68.84 27.95
O5 MAN DA . -9.83 -69.53 26.78
O6 MAN DA . -9.63 -69.13 29.85
C1 MAN DA . -10.68 -70.46 23.13
C2 MAN DA . -11.46 -71.36 22.16
C3 MAN DA . -11.39 -72.83 22.65
C4 MAN DA . -10.00 -73.23 23.18
C5 MAN DA . -9.31 -72.16 24.04
C6 MAN DA . -7.85 -72.44 24.37
O2 MAN DA . -10.95 -71.11 20.84
O3 MAN DA . -11.72 -73.71 21.57
O4 MAN DA . -10.20 -74.39 24.01
O5 MAN DA . -9.34 -70.95 23.29
O6 MAN DA . -7.74 -73.20 25.58
C1 NAG EA . -22.91 -25.04 9.54
C2 NAG EA . -24.36 -24.86 9.07
C3 NAG EA . -25.35 -25.64 9.96
C4 NAG EA . -24.83 -27.05 10.18
C5 NAG EA . -23.41 -27.06 10.72
C6 NAG EA . -22.84 -28.46 10.90
C7 NAG EA . -24.55 -22.60 7.99
C8 NAG EA . -25.02 -21.19 8.19
N2 NAG EA . -24.73 -23.44 9.04
O3 NAG EA . -26.61 -25.80 9.30
O4 NAG EA . -25.69 -27.70 11.10
O5 NAG EA . -22.60 -26.41 9.76
O6 NAG EA . -23.05 -29.21 9.70
O7 NAG EA . -24.03 -22.93 6.92
C1 NAG EA . -26.29 -28.90 10.59
C2 NAG EA . -26.83 -29.71 11.77
C3 NAG EA . -27.56 -30.91 11.22
C4 NAG EA . -28.66 -30.44 10.25
C5 NAG EA . -27.99 -29.68 9.11
C6 NAG EA . -28.95 -29.18 8.04
C7 NAG EA . -25.25 -29.57 13.70
C8 NAG EA . -24.05 -30.29 14.28
N2 NAG EA . -25.73 -30.18 12.58
O3 NAG EA . -28.02 -31.67 12.32
O4 NAG EA . -29.42 -31.51 9.70
O5 NAG EA . -27.30 -28.56 9.66
O6 NAG EA . -29.75 -28.14 8.58
O7 NAG EA . -25.72 -28.55 14.21
C1 BMA EA . -30.42 -32.06 10.59
C2 BMA EA . -31.79 -32.11 9.87
C3 BMA EA . -32.82 -32.48 10.93
C4 BMA EA . -32.45 -33.82 11.61
C5 BMA EA . -31.03 -33.76 12.16
C6 BMA EA . -30.59 -35.11 12.79
O2 BMA EA . -31.83 -33.08 8.79
O3 BMA EA . -34.12 -32.46 10.31
O4 BMA EA . -33.32 -34.09 12.70
O5 BMA EA . -30.12 -33.36 11.11
O6 BMA EA . -30.28 -34.93 14.18
C1 NAG FA . -24.09 -36.65 -2.83
C2 NAG FA . -25.54 -36.32 -3.09
C3 NAG FA . -25.80 -34.87 -2.79
C4 NAG FA . -25.27 -34.48 -1.44
C5 NAG FA . -23.84 -34.97 -1.26
C6 NAG FA . -23.27 -34.71 0.13
C7 NAG FA . -26.97 -37.10 -4.95
C8 NAG FA . -27.13 -37.10 -6.44
N2 NAG FA . -25.86 -36.45 -4.51
O3 NAG FA . -27.22 -34.72 -2.96
O4 NAG FA . -25.13 -33.06 -1.33
O5 NAG FA . -23.75 -36.35 -1.49
O6 NAG FA . -24.14 -35.10 1.21
O7 NAG FA . -27.78 -37.65 -4.22
C1 NAG FA . -26.34 -32.31 -1.19
C2 NAG FA . -26.08 -31.01 -0.53
C3 NAG FA . -27.31 -30.17 -0.50
C4 NAG FA . -27.99 -30.03 -1.86
C5 NAG FA . -28.15 -31.43 -2.45
C6 NAG FA . -28.77 -31.52 -3.84
C7 NAG FA . -24.47 -30.82 1.28
C8 NAG FA . -24.20 -31.05 2.73
N2 NAG FA . -25.67 -31.18 0.84
O3 NAG FA . -26.94 -28.90 -0.03
O4 NAG FA . -29.28 -29.50 -1.57
O5 NAG FA . -26.86 -32.00 -2.49
O6 NAG FA . -27.98 -30.78 -4.77
O7 NAG FA . -23.63 -30.33 0.53
C1 BMA FA . -29.76 -28.57 -2.54
C2 BMA FA . -31.25 -28.74 -2.63
C3 BMA FA . -31.80 -27.76 -3.67
C4 BMA FA . -31.33 -26.36 -3.35
C5 BMA FA . -29.81 -26.30 -3.17
C6 BMA FA . -29.39 -24.91 -2.69
O2 BMA FA . -31.86 -28.55 -1.37
O3 BMA FA . -33.21 -27.87 -3.62
O4 BMA FA . -31.66 -25.45 -4.38
O5 BMA FA . -29.47 -27.24 -2.15
O6 BMA FA . -29.80 -24.82 -1.33
C1 MAN FA . -29.88 -23.49 -0.81
C2 MAN FA . -30.17 -23.53 0.71
C3 MAN FA . -31.61 -23.96 0.99
C4 MAN FA . -32.58 -23.10 0.14
C5 MAN FA . -32.20 -23.17 -1.35
C6 MAN FA . -33.07 -22.34 -2.29
O2 MAN FA . -29.93 -22.24 1.28
O3 MAN FA . -31.87 -23.93 2.40
O4 MAN FA . -33.91 -23.59 0.30
O5 MAN FA . -30.86 -22.68 -1.50
O6 MAN FA . -33.01 -20.97 -1.87
C1 MAN FA . -33.76 -20.08 -2.73
C2 MAN FA . -33.61 -18.62 -2.22
C3 MAN FA . -34.36 -18.50 -0.88
C4 MAN FA . -35.79 -19.04 -0.97
C5 MAN FA . -35.84 -20.43 -1.60
C6 MAN FA . -37.28 -20.90 -1.81
O2 MAN FA . -34.04 -17.56 -3.14
O3 MAN FA . -34.45 -17.17 -0.38
O4 MAN FA . -36.23 -19.18 0.36
O5 MAN FA . -35.16 -20.40 -2.86
O6 MAN FA . -37.50 -21.28 -3.17
C1 MAN FA . -33.76 -17.73 -4.54
C2 MAN FA . -33.63 -16.40 -5.31
C3 MAN FA . -34.99 -15.65 -5.36
C4 MAN FA . -36.02 -16.60 -5.97
C5 MAN FA . -36.07 -17.87 -5.08
C6 MAN FA . -37.13 -18.89 -5.44
O2 MAN FA . -33.19 -16.60 -6.67
O3 MAN FA . -34.88 -14.42 -6.10
O4 MAN FA . -37.27 -15.94 -6.21
O5 MAN FA . -34.77 -18.51 -5.15
O6 MAN FA . -36.55 -20.02 -6.10
C1 MAN FA . -33.79 -28.32 -4.86
C2 MAN FA . -35.32 -28.05 -4.78
C3 MAN FA . -35.93 -29.01 -3.76
C4 MAN FA . -35.56 -30.46 -4.09
C5 MAN FA . -34.04 -30.61 -4.18
C6 MAN FA . -33.54 -32.03 -4.48
O2 MAN FA . -36.04 -28.10 -6.05
O3 MAN FA . -37.33 -28.82 -3.75
O4 MAN FA . -36.09 -31.33 -3.08
O5 MAN FA . -33.54 -29.70 -5.20
O6 MAN FA . -32.15 -32.16 -4.14
C1 MAN FA . -35.53 -27.10 -7.01
C2 MAN FA . -36.62 -26.30 -7.77
C3 MAN FA . -37.39 -27.21 -8.72
C4 MAN FA . -36.49 -28.25 -9.41
C5 MAN FA . -35.38 -28.83 -8.55
C6 MAN FA . -34.38 -29.70 -9.33
O2 MAN FA . -36.06 -25.16 -8.46
O3 MAN FA . -38.00 -26.37 -9.72
O4 MAN FA . -37.30 -29.37 -9.73
O5 MAN FA . -34.67 -27.74 -7.95
O6 MAN FA . -33.35 -30.14 -8.44
C1 NAG GA . -4.59 15.53 4.58
C2 NAG GA . -5.60 14.74 5.44
C3 NAG GA . -6.70 14.25 4.51
C4 NAG GA . -7.34 15.42 3.80
C5 NAG GA . -6.33 16.27 3.05
C6 NAG GA . -7.04 17.57 2.67
C7 NAG GA . -4.83 13.57 7.58
C8 NAG GA . -4.30 12.27 8.15
N2 NAG GA . -5.05 13.60 6.23
O3 NAG GA . -7.72 13.63 5.29
O4 NAG GA . -8.27 14.90 2.85
O5 NAG GA . -5.24 16.62 3.91
O6 NAG GA . -7.46 18.32 3.83
O7 NAG GA . -5.01 14.53 8.33
C1 NAG HA . 27.63 25.62 15.17
C2 NAG HA . 27.72 27.14 15.10
C3 NAG HA . 29.15 27.65 15.29
C4 NAG HA . 29.77 27.11 16.61
C5 NAG HA . 29.64 25.56 16.60
C6 NAG HA . 30.21 24.91 17.88
C7 NAG HA . 26.04 27.87 13.53
C8 NAG HA . 25.81 28.31 12.11
N2 NAG HA . 27.28 27.57 13.78
O3 NAG HA . 29.07 29.10 15.24
O4 NAG HA . 31.13 27.58 16.80
O5 NAG HA . 28.25 25.19 16.41
O6 NAG HA . 30.21 23.47 17.81
O7 NAG HA . 25.19 27.80 14.39
C1 NAG IA . 11.12 21.50 24.24
C2 NAG IA . 10.18 20.58 25.03
C3 NAG IA . 8.75 21.13 25.21
C4 NAG IA . 8.78 22.54 25.79
C5 NAG IA . 9.73 23.38 24.93
C6 NAG IA . 9.90 24.81 25.46
C7 NAG IA . 10.94 18.27 24.83
C8 NAG IA . 10.89 17.04 23.96
N2 NAG IA . 10.23 19.29 24.35
O3 NAG IA . 8.01 20.33 26.14
O4 NAG IA . 7.44 23.08 25.87
O5 NAG IA . 11.04 22.78 24.88
O6 NAG IA . 10.78 25.51 24.58
O7 NAG IA . 11.58 18.32 25.88
C1 NAG JA . 54.51 -24.53 -24.63
C2 NAG JA . 55.41 -23.66 -23.78
C3 NAG JA . 55.44 -22.21 -24.29
C4 NAG JA . 55.92 -22.11 -25.72
C5 NAG JA . 55.03 -23.06 -26.55
C6 NAG JA . 55.57 -23.23 -27.96
C7 NAG JA . 55.42 -24.09 -21.36
C8 NAG JA . 54.57 -24.08 -20.14
N2 NAG JA . 54.80 -23.73 -22.46
O3 NAG JA . 56.28 -21.38 -23.51
O4 NAG JA . 55.75 -20.76 -26.19
O5 NAG JA . 55.00 -24.38 -25.95
O6 NAG JA . 54.67 -24.15 -28.60
O7 NAG JA . 56.59 -24.40 -21.36
C1 NAG KA . 54.99 -40.93 9.77
C2 NAG KA . 56.11 -40.62 10.78
C3 NAG KA . 56.40 -41.83 11.69
C4 NAG KA . 55.13 -42.50 12.20
C5 NAG KA . 54.06 -42.67 11.13
C6 NAG KA . 52.76 -42.99 11.85
C7 NAG KA . 58.11 -39.15 10.34
C8 NAG KA . 59.39 -39.02 9.57
N2 NAG KA . 57.37 -40.28 10.10
O3 NAG KA . 57.18 -41.43 12.85
O4 NAG KA . 55.55 -43.82 12.54
O5 NAG KA . 53.83 -41.48 10.41
O6 NAG KA . 51.84 -43.54 10.88
O7 NAG KA . 57.80 -38.27 11.14
C2 BGC LA . 38.21 -11.36 -1.22
C3 BGC LA . 37.20 -12.51 -0.99
C4 BGC LA . 36.28 -12.69 -2.21
C5 BGC LA . 37.15 -12.95 -3.46
C6 BGC LA . 36.38 -13.18 -4.75
C1 BGC LA . 38.93 -11.49 -2.61
O1 BGC LA . 39.65 -10.30 -3.03
O2 BGC LA . 39.12 -11.27 -0.09
O3 BGC LA . 36.42 -12.30 0.18
O4 BGC LA . 35.31 -13.74 -1.94
O5 BGC LA . 37.96 -11.76 -3.64
O6 BGC LA . 36.20 -11.91 -5.44
C1 MAN MA . -6.14 51.07 30.34
C2 MAN MA . -4.92 50.29 30.83
C3 MAN MA . -5.40 49.19 31.79
C4 MAN MA . -6.61 49.57 32.70
C5 MAN MA . -7.69 50.36 31.95
C6 MAN MA . -8.84 50.83 32.84
O2 MAN MA . -3.90 51.18 31.32
O3 MAN MA . -4.27 48.81 32.58
O4 MAN MA . -7.25 48.39 33.22
O5 MAN MA . -7.04 51.49 31.37
O6 MAN MA . -8.86 50.10 34.07
C1 NAG NA . 30.56 13.15 -23.58
C2 NAG NA . 32.00 12.74 -23.43
C3 NAG NA . 32.91 13.87 -23.96
C4 NAG NA . 32.63 14.18 -25.44
C5 NAG NA . 31.16 14.57 -25.52
C6 NAG NA . 30.73 14.99 -26.94
C7 NAG NA . 32.04 11.29 -21.46
C8 NAG NA . 32.57 11.20 -20.08
N2 NAG NA . 32.34 12.44 -22.06
O3 NAG NA . 34.29 13.58 -23.75
O4 NAG NA . 33.50 15.21 -25.96
O5 NAG NA . 30.35 13.47 -24.99
O6 NAG NA . 30.41 16.39 -26.96
O7 NAG NA . 31.40 10.41 -21.97
C1 NAG OA . 9.90 33.49 -45.50
C2 NAG OA . 9.18 33.83 -46.81
C3 NAG OA . 9.39 32.65 -47.77
C4 NAG OA . 10.90 32.44 -47.99
C5 NAG OA . 11.63 32.20 -46.65
C6 NAG OA . 13.15 32.08 -46.85
C7 NAG OA . 7.08 35.11 -47.18
C8 NAG OA . 5.64 35.25 -46.76
N2 NAG OA . 7.78 34.13 -46.58
O3 NAG OA . 8.72 32.96 -48.99
O4 NAG OA . 11.14 31.32 -48.88
O5 NAG OA . 11.31 33.29 -45.76
O6 NAG OA . 13.94 32.21 -45.65
O7 NAG OA . 7.54 35.86 -48.03
C1 NAG PA . -9.71 73.21 -17.07
C2 NAG PA . -8.96 74.19 -17.96
C3 NAG PA . -9.96 75.07 -18.70
C4 NAG PA . -10.97 74.23 -19.50
C5 NAG PA . -11.68 73.33 -18.51
C6 NAG PA . -12.66 72.42 -19.19
C7 NAG PA . -6.85 75.40 -17.61
C8 NAG PA . -6.13 76.38 -16.74
N2 NAG PA . -8.09 75.08 -17.22
O3 NAG PA . -9.30 76.02 -19.56
O4 NAG PA . -11.87 75.09 -20.23
O5 NAG PA . -10.73 72.52 -17.82
O6 NAG PA . -13.41 71.85 -18.12
O7 NAG PA . -6.30 74.93 -18.63
C2 BGC QA . 7.73 43.98 -6.03
C3 BGC QA . 6.19 43.68 -5.97
C4 BGC QA . 5.76 43.14 -4.60
C5 BGC QA . 6.26 44.11 -3.48
C6 BGC QA . 5.86 43.70 -2.03
C1 BGC QA . 8.24 44.75 -4.78
O1 BGC QA . 9.68 44.70 -4.64
O2 BGC QA . 8.05 44.74 -7.22
O3 BGC QA . 5.73 42.76 -6.99
O4 BGC QA . 4.34 42.93 -4.62
O5 BGC QA . 7.70 44.23 -3.55
O6 BGC QA . 6.95 43.17 -1.23
C1 NAG RA . 4.82 -11.87 10.71
C2 NAG RA . 6.30 -11.48 10.76
C3 NAG RA . 7.04 -11.88 9.47
C4 NAG RA . 6.63 -13.27 8.92
C5 NAG RA . 5.10 -13.44 8.88
C6 NAG RA . 4.60 -14.78 8.28
C7 NAG RA . 6.77 -9.43 12.08
C8 NAG RA . 6.90 -7.92 12.03
N2 NAG RA . 6.45 -10.03 10.93
O3 NAG RA . 8.42 -11.90 9.85
O4 NAG RA . 7.21 -13.47 7.61
O5 NAG RA . 4.66 -13.23 10.24
O6 NAG RA . 3.17 -14.87 8.09
O7 NAG RA . 6.95 -10.05 13.12
C1 NAG SA . -26.91 -15.91 25.61
C2 NAG SA . -26.96 -17.34 26.15
C3 NAG SA . -28.25 -17.67 26.92
C4 NAG SA . -28.64 -16.63 28.00
C5 NAG SA . -28.73 -15.31 27.20
C6 NAG SA . -29.33 -14.13 27.96
C7 NAG SA . -25.56 -18.85 24.82
C8 NAG SA . -25.57 -19.92 23.78
N2 NAG SA . -26.77 -18.34 25.10
O3 NAG SA . -28.00 -18.89 27.61
O4 NAG SA . -29.79 -17.00 28.81
O5 NAG SA . -27.38 -15.05 26.68
O6 NAG SA . -29.43 -12.96 27.10
O7 NAG SA . -24.51 -18.49 25.33
C1 NAG TA . -33.99 19.51 33.50
C2 NAG TA . -34.19 20.46 34.68
C3 NAG TA . -32.94 20.41 35.59
C4 NAG TA . -32.48 18.97 35.87
C5 NAG TA . -32.42 18.10 34.59
C6 NAG TA . -32.09 16.62 34.84
C7 NAG TA . -35.50 22.55 34.29
C8 NAG TA . -35.51 23.90 33.60
N2 NAG TA . -34.40 21.80 34.12
O3 NAG TA . -33.24 21.05 36.83
O4 NAG TA . -31.17 19.04 36.47
O5 NAG TA . -33.68 18.16 33.89
O6 NAG TA . -32.48 15.80 33.72
O7 NAG TA . -36.46 22.20 34.97
C2 BGC UA . -38.30 9.47 -5.98
C3 BGC UA . -37.28 10.56 -6.43
C4 BGC UA . -36.48 10.11 -7.68
C5 BGC UA . -37.48 9.75 -8.81
C6 BGC UA . -36.80 9.24 -10.08
C1 BGC UA . -39.13 8.88 -7.19
O1 BGC UA . -39.63 7.54 -6.98
O2 BGC UA . -39.17 10.02 -4.94
O3 BGC UA . -36.34 10.95 -5.41
O4 BGC UA . -35.52 11.11 -8.09
O5 BGC UA . -38.31 8.67 -8.36
O6 BGC UA . -36.37 7.89 -9.83
C1 NAG VA . -30.76 -20.64 -14.51
C2 NAG VA . -31.45 -21.89 -15.02
C3 NAG VA . -32.86 -21.62 -15.54
C4 NAG VA . -33.70 -20.71 -14.62
C5 NAG VA . -32.85 -19.54 -14.10
C6 NAG VA . -33.60 -18.80 -12.98
C7 NAG VA . -30.25 -23.64 -16.28
C8 NAG VA . -29.37 -23.90 -17.49
N2 NAG VA . -30.60 -22.37 -16.10
O3 NAG VA . -33.46 -22.92 -15.64
O4 NAG VA . -34.92 -20.18 -15.26
O5 NAG VA . -31.61 -20.00 -13.56
O6 NAG VA . -33.74 -19.62 -11.79
O7 NAG VA . -30.63 -24.52 -15.51
C1 NAG WA . -17.41 -14.80 -25.80
C2 NAG WA . -15.98 -14.72 -26.38
C3 NAG WA . -15.64 -13.31 -26.89
C4 NAG WA . -16.70 -12.82 -27.86
C5 NAG WA . -18.08 -12.97 -27.22
C6 NAG WA . -19.18 -12.57 -28.20
C7 NAG WA . -14.37 -16.26 -25.28
C8 NAG WA . -13.42 -16.39 -24.13
N2 NAG WA . -15.01 -15.09 -25.35
O3 NAG WA . -14.41 -13.29 -27.61
O4 NAG WA . -16.39 -11.46 -28.20
O5 NAG WA . -18.28 -14.35 -26.83
O6 NAG WA . -20.45 -13.05 -27.72
O7 NAG WA . -14.56 -17.17 -26.09
C1 NAG XA . -22.27 -19.81 -23.62
C2 NAG XA . -23.65 -20.46 -23.71
C3 NAG XA . -24.66 -19.63 -24.57
C4 NAG XA . -24.72 -18.15 -24.10
C5 NAG XA . -23.26 -17.63 -24.11
C6 NAG XA . -23.15 -16.18 -23.65
C7 NAG XA . -23.99 -22.89 -23.89
C8 NAG XA . -23.65 -24.09 -24.74
N2 NAG XA . -23.45 -21.77 -24.32
O3 NAG XA . -25.96 -20.19 -24.41
O4 NAG XA . -25.72 -17.33 -24.80
O5 NAG XA . -22.43 -18.44 -23.24
O6 NAG XA . -21.79 -15.87 -23.32
O7 NAG XA . -24.72 -22.96 -22.92
C1 NAG YA . -7.13 -50.90 43.17
C2 NAG YA . -8.44 -51.37 42.60
C3 NAG YA . -9.28 -50.21 42.10
C4 NAG YA . -9.56 -49.22 43.18
C5 NAG YA . -8.22 -48.79 43.72
C6 NAG YA . -8.37 -47.75 44.85
C7 NAG YA . -8.42 -53.58 41.45
C8 NAG YA . -8.04 -54.23 40.15
N2 NAG YA . -8.17 -52.27 41.49
O3 NAG YA . -10.50 -50.74 41.63
O4 NAG YA . -10.32 -48.17 42.56
O5 NAG YA . -7.46 -49.92 44.16
O6 NAG YA . -9.23 -48.19 45.90
O7 NAG YA . -8.95 -54.20 42.36
C1 NAG ZA . 9.94 -72.75 17.44
C2 NAG ZA . 9.52 -74.02 16.62
C3 NAG ZA . 10.76 -74.89 16.30
C4 NAG ZA . 11.81 -74.04 15.56
C5 NAG ZA . 12.21 -72.86 16.48
C6 NAG ZA . 13.23 -71.88 15.90
C7 NAG ZA . 7.22 -74.97 17.06
C8 NAG ZA . 6.51 -75.99 17.92
N2 NAG ZA . 8.55 -74.88 17.30
O3 NAG ZA . 10.42 -76.05 15.52
O4 NAG ZA . 12.91 -74.86 15.12
O5 NAG ZA . 11.02 -72.10 16.73
O6 NAG ZA . 13.28 -70.68 16.69
O7 NAG ZA . 6.60 -74.31 16.23
C2 BGC AB . -7.22 -41.82 14.50
C3 BGC AB . -5.71 -41.53 14.43
C4 BGC AB . -5.27 -40.49 15.47
C5 BGC AB . -5.78 -40.88 16.90
C6 BGC AB . -5.52 -39.78 17.93
C1 BGC AB . -7.73 -42.02 15.95
O1 BGC AB . -9.13 -41.76 16.00
O2 BGC AB . -7.56 -42.96 13.68
O3 BGC AB . -5.34 -40.97 13.17
O4 BGC AB . -3.85 -40.31 15.38
O5 BGC AB . -7.21 -41.06 16.88
O6 BGC AB . -6.60 -38.81 17.93
#